data_5VIT
#
_entry.id   5VIT
#
_cell.length_a   93.510
_cell.length_b   161.450
_cell.length_c   102.720
_cell.angle_alpha   90.80
_cell.angle_beta   93.76
_cell.angle_gamma   90.11
#
_symmetry.space_group_name_H-M   'P 1'
#
loop_
_entity.id
_entity.type
_entity.pdbx_description
1 polymer MdcA
2 polymer MdcC
3 polymer MdcD
4 polymer MdcE
5 non-polymer 'MALONATE ION'
6 water water
#
loop_
_entity_poly.entity_id
_entity_poly.type
_entity_poly.pdbx_seq_one_letter_code
_entity_poly.pdbx_strand_id
1 'polypeptide(L)'
;MTTPISPPPQWSRRRQEKQRRLERVRGLADGAVLPREGLVAALEALIAPGDRVVLEGNNQKQADFLSRSLARVDPGKLHD
LHMIMPSVGRPEHLDLFELGIARKLDFSFSGPQSLRIGQLLEDGLLEIGAIHTYIELYARLVVDLIPNVALVAGFVADRE
GNVYTGPSTEDTPALVEPTAFSDGIVIVQVNRIVDDPRDLPRVDIPASWVDFVVEADQPFYIEPLFTRDPRHIKPVHVLM
AMMAIRGIYQRHNVQSLNHGIGFNTAAIELILPTYGESLGLKGKICRHWTLNPHPTLIPAIESGWVESVHCFGTELGMEG
YIAQRPDVFFTGRDGSLRSNRMFCQLAGQYAVDLFIGATLQVDGDGHSSTVTRGRLAGFGGAPNMGHDPRGRRHSTPAWL
DMRGEPEALLERGRKLVVQMVETFQDGGKPTFVERLDALEVARQTGMPLAPVMIYGDDVTHVLTEEGIAYLYKARSLEER
QAMIAAVAGISPIGLRHDPRETQRMRREGLIALPEDLGIRRTDASRELLAAKSIAELVEWSGGLYQPPARFRSW
;
A,P,I,V
2 'polypeptide(L)'
;METLSFEFPAGQPGRGRALVGCVGSGDLEVLLEPGQPGKLSIQVQTSVNGSASRWQHLFERLFDGQTPPALLIDIHDFGA
TPGVVRLRLEQGFEEIGHD
;
C,R,K,X
3 'polypeptide(L)'
;MTDVARLLALRSFTELGARQRARALLDAGSFRELLDPFAGVQSPWLERQGIVPQADDGVVVARGLLDGQPAVLAAIEGAF
QGGSLGEVSGAKIAGALELAAEDNRNGVPTRALLLLETGGVRLQEANLGLAAIAEIQAAIVDLQRYQPVVAVIAGPVGCF
GGMSIAAGLCSYVLVTREARLGLNGPQVIEQEAGIAEYDSRDRPFIWSLTGGEQRFASGLADAYLADDLDEVRTSVLAYF
AKGLPARPRCRRAEDYLRRLGDLDTAEQPDAAGVRRLYQGLGQGDAT
;
D,S,L,Y
4 'polypeptide(L)'
;MGSSHHHHHHSQDPNSMSQPFASRGLAWFQALAGSLAPRPGDPASLRVADAELDGYPVRFLAVVPDPDNPFPRARQGEVG
LLEGWGLAAAVDEALEADREAPRKRALLAIVDVPSQAYGRREEALGIHQALAGAVDAYARARLAGHPLIGLLVGKAMSGA
FLAHGYQANRLIALHDPGVMVHAMGKAAAARITLRSVEELEALAAKVPPMAYDIDSYASLGLLWRTLPVETVEVPSTADL
VRVRTCLGEALADILGGPRDLGGRLGAANREASARVRRLLREQW
;
E,T,M,Z
#
# COMPACT_ATOMS: atom_id res chain seq x y z
N PRO A 7 33.92 29.91 -24.46
CA PRO A 7 33.31 29.90 -23.11
C PRO A 7 32.51 31.17 -22.80
N PRO A 8 31.27 31.00 -22.29
CA PRO A 8 30.32 32.08 -22.01
C PRO A 8 30.85 33.13 -21.04
N PRO A 9 30.50 34.41 -21.28
CA PRO A 9 30.98 35.57 -20.51
C PRO A 9 30.75 35.47 -18.99
N GLN A 10 29.55 35.04 -18.58
CA GLN A 10 29.19 35.03 -17.17
C GLN A 10 29.87 33.88 -16.44
N TRP A 11 30.49 32.98 -17.20
CA TRP A 11 31.24 31.90 -16.60
C TRP A 11 32.75 32.13 -16.73
N SER A 12 33.15 33.28 -17.25
CA SER A 12 34.58 33.54 -17.42
C SER A 12 35.01 34.92 -16.94
N ARG A 13 34.40 35.40 -15.86
CA ARG A 13 34.73 36.69 -15.28
C ARG A 13 36.17 36.78 -14.76
N ARG A 14 36.70 35.70 -14.19
CA ARG A 14 38.08 35.70 -13.69
C ARG A 14 39.06 35.85 -14.84
N ARG A 15 38.80 35.12 -15.92
CA ARG A 15 39.67 35.17 -17.08
C ARG A 15 39.58 36.55 -17.70
N GLN A 16 38.40 37.17 -17.64
CA GLN A 16 38.24 38.51 -18.20
C GLN A 16 38.98 39.52 -17.32
N GLU A 17 38.84 39.40 -16.00
CA GLU A 17 39.54 40.29 -15.06
C GLU A 17 41.05 40.18 -15.23
N LYS A 18 41.57 38.97 -15.41
CA LYS A 18 42.99 38.80 -15.69
C LYS A 18 43.38 39.52 -16.99
N GLN A 19 42.55 39.37 -18.00
CA GLN A 19 42.82 39.97 -19.30
C GLN A 19 42.96 41.50 -19.20
N ARG A 20 42.10 42.12 -18.41
CA ARG A 20 42.12 43.57 -18.22
C ARG A 20 43.35 44.03 -17.42
N ARG A 21 43.78 43.23 -16.46
CA ARG A 21 44.98 43.57 -15.70
C ARG A 21 46.22 43.51 -16.60
N LEU A 22 46.28 42.46 -17.43
CA LEU A 22 47.41 42.23 -18.32
C LEU A 22 47.60 43.38 -19.32
N GLU A 23 46.50 43.97 -19.78
CA GLU A 23 46.60 45.04 -20.77
C GLU A 23 47.02 46.36 -20.13
N ARG A 24 46.81 46.50 -18.82
CA ARG A 24 47.27 47.71 -18.13
C ARG A 24 48.78 47.74 -17.94
N VAL A 25 49.48 46.67 -18.34
CA VAL A 25 50.93 46.68 -18.33
C VAL A 25 51.52 46.31 -19.67
N ARG A 26 50.68 46.13 -20.69
CA ARG A 26 51.15 45.63 -22.00
C ARG A 26 52.19 46.56 -22.62
N GLY A 27 52.02 47.86 -22.41
CA GLY A 27 53.01 48.82 -22.88
C GLY A 27 54.25 48.78 -22.01
N LEU A 28 54.02 48.73 -20.70
CA LEU A 28 55.09 48.72 -19.71
C LEU A 28 56.00 47.49 -19.79
N ALA A 29 55.50 46.43 -20.43
CA ALA A 29 56.22 45.15 -20.44
C ALA A 29 56.61 44.71 -21.84
N ASP A 30 57.65 43.86 -21.90
CA ASP A 30 58.16 43.31 -23.17
C ASP A 30 57.90 41.80 -23.24
N GLY A 31 56.67 41.45 -23.58
CA GLY A 31 56.26 40.06 -23.57
C GLY A 31 56.10 39.64 -22.13
N ALA A 32 56.84 38.61 -21.72
CA ALA A 32 56.76 38.10 -20.35
C ALA A 32 57.72 38.83 -19.42
N VAL A 33 58.58 39.67 -19.98
CA VAL A 33 59.63 40.31 -19.18
C VAL A 33 59.23 41.71 -18.73
N LEU A 34 59.32 41.93 -17.42
CA LEU A 34 59.07 43.25 -16.85
C LEU A 34 60.36 43.99 -16.59
N PRO A 35 60.37 45.28 -16.91
CA PRO A 35 61.52 46.14 -16.60
C PRO A 35 61.64 46.36 -15.09
N ARG A 36 62.84 46.14 -14.57
CA ARG A 36 63.11 46.34 -13.15
C ARG A 36 62.79 47.78 -12.70
N GLU A 37 62.82 48.72 -13.63
CA GLU A 37 62.57 50.13 -13.32
C GLU A 37 61.10 50.43 -13.05
N GLY A 38 60.21 49.75 -13.76
CA GLY A 38 58.78 50.02 -13.61
C GLY A 38 58.04 48.94 -12.83
N LEU A 39 58.75 48.16 -12.01
CA LEU A 39 58.11 47.05 -11.30
C LEU A 39 57.05 47.57 -10.34
N VAL A 40 57.35 48.66 -9.64
CA VAL A 40 56.41 49.25 -8.70
C VAL A 40 55.13 49.71 -9.42
N ALA A 41 55.30 50.25 -10.62
CA ALA A 41 54.16 50.64 -11.44
C ALA A 41 53.41 49.39 -11.89
N ALA A 42 54.15 48.35 -12.26
CA ALA A 42 53.54 47.10 -12.66
C ALA A 42 52.72 46.50 -11.52
N LEU A 43 53.24 46.55 -10.31
CA LEU A 43 52.57 45.94 -9.17
C LEU A 43 51.26 46.67 -8.84
N GLU A 44 51.21 47.97 -9.06
CA GLU A 44 49.99 48.76 -8.83
C GLU A 44 48.97 48.57 -9.96
N ALA A 45 49.43 48.12 -11.12
CA ALA A 45 48.53 47.74 -12.20
C ALA A 45 47.98 46.32 -12.05
N LEU A 46 48.86 45.37 -11.73
CA LEU A 46 48.50 43.95 -11.76
C LEU A 46 47.73 43.47 -10.52
N ILE A 47 47.94 44.14 -9.40
CA ILE A 47 47.25 43.80 -8.16
C ILE A 47 46.14 44.80 -7.93
N ALA A 48 45.03 44.34 -7.35
CA ALA A 48 43.94 45.25 -7.01
C ALA A 48 43.78 45.29 -5.50
N PRO A 49 43.22 46.39 -4.96
CA PRO A 49 42.92 46.39 -3.52
C PRO A 49 42.02 45.20 -3.13
N GLY A 50 42.32 44.58 -1.98
CA GLY A 50 41.54 43.45 -1.52
C GLY A 50 42.10 42.11 -1.98
N ASP A 51 43.03 42.15 -2.92
CA ASP A 51 43.61 40.94 -3.47
C ASP A 51 44.21 40.03 -2.41
N ARG A 52 44.04 38.73 -2.63
CA ARG A 52 44.76 37.71 -1.91
C ARG A 52 46.11 37.54 -2.58
N VAL A 53 47.17 37.89 -1.87
CA VAL A 53 48.50 37.88 -2.50
C VAL A 53 49.43 36.93 -1.80
N VAL A 54 49.86 35.91 -2.53
CA VAL A 54 50.86 34.99 -2.04
C VAL A 54 52.23 35.63 -2.28
N LEU A 55 53.05 35.69 -1.22
CA LEU A 55 54.34 36.38 -1.27
C LEU A 55 55.41 35.54 -0.61
N GLU A 56 56.45 35.19 -1.36
CA GLU A 56 57.39 34.23 -0.86
C GLU A 56 58.27 34.83 0.19
N GLY A 57 57.76 34.58 1.39
CA GLY A 57 58.52 34.27 2.55
C GLY A 57 58.30 32.76 2.62
N ASN A 58 59.22 32.05 2.01
CA ASN A 58 59.39 30.63 2.28
C ASN A 58 60.30 30.57 3.51
N ASN A 59 60.55 29.37 4.03
CA ASN A 59 61.46 29.25 5.16
C ASN A 59 62.84 29.81 4.84
N GLN A 60 63.31 29.57 3.62
CA GLN A 60 64.66 29.99 3.25
C GLN A 60 64.64 31.03 2.11
N LYS A 61 64.10 30.64 0.97
CA LYS A 61 63.97 31.51 -0.20
C LYS A 61 63.06 32.74 0.07
N GLN A 62 63.57 33.95 -0.17
CA GLN A 62 62.74 35.15 -0.10
C GLN A 62 62.68 35.83 -1.46
N ALA A 63 61.48 36.16 -1.92
CA ALA A 63 61.33 37.04 -3.09
C ALA A 63 61.43 38.50 -2.64
N ASP A 64 62.63 38.87 -2.16
CA ASP A 64 62.79 40.12 -1.43
C ASP A 64 62.80 41.36 -2.33
N PHE A 65 63.12 41.18 -3.61
CA PHE A 65 62.98 42.30 -4.54
C PHE A 65 61.50 42.64 -4.70
N LEU A 66 60.68 41.62 -4.98
CA LEU A 66 59.23 41.77 -5.05
C LEU A 66 58.68 42.29 -3.72
N SER A 67 59.21 41.77 -2.63
CA SER A 67 58.79 42.17 -1.31
C SER A 67 59.11 43.66 -1.02
N ARG A 68 60.32 44.09 -1.34
CA ARG A 68 60.68 45.50 -1.14
C ARG A 68 59.94 46.41 -2.10
N SER A 69 59.72 45.92 -3.33
CA SER A 69 59.02 46.71 -4.34
C SER A 69 57.55 46.90 -3.99
N LEU A 70 56.93 45.88 -3.39
CA LEU A 70 55.53 45.98 -2.95
C LEU A 70 55.39 47.03 -1.84
N ALA A 71 56.41 47.11 -0.98
CA ALA A 71 56.35 48.03 0.15
C ALA A 71 56.51 49.50 -0.29
N ARG A 72 56.90 49.71 -1.55
CA ARG A 72 57.09 51.05 -2.09
C ARG A 72 55.89 51.48 -2.92
N VAL A 73 54.77 50.79 -2.70
CA VAL A 73 53.56 51.02 -3.48
C VAL A 73 52.71 52.10 -2.82
N ASP A 74 51.97 52.85 -3.65
CA ASP A 74 51.05 53.87 -3.16
C ASP A 74 49.85 53.24 -2.44
N PRO A 75 49.79 53.39 -1.10
CA PRO A 75 48.73 52.79 -0.29
C PRO A 75 47.33 53.29 -0.67
N GLY A 76 47.27 54.33 -1.48
CA GLY A 76 45.99 54.84 -1.94
C GLY A 76 45.54 54.08 -3.16
N LYS A 77 46.45 53.26 -3.70
CA LYS A 77 46.17 52.44 -4.87
C LYS A 77 46.06 50.97 -4.47
N LEU A 78 46.97 50.55 -3.59
CA LEU A 78 46.91 49.21 -3.06
C LEU A 78 46.80 49.26 -1.55
N HIS A 79 45.66 48.76 -1.06
CA HIS A 79 45.38 48.73 0.36
C HIS A 79 44.50 47.52 0.60
N ASP A 80 44.39 47.11 1.86
CA ASP A 80 43.48 46.02 2.21
C ASP A 80 43.86 44.70 1.52
N LEU A 81 45.14 44.53 1.24
CA LEU A 81 45.63 43.28 0.67
C LEU A 81 45.59 42.14 1.69
N HIS A 82 45.16 40.97 1.23
CA HIS A 82 45.13 39.78 2.07
C HIS A 82 46.41 38.99 1.78
N MET A 83 47.36 39.03 2.70
CA MET A 83 48.66 38.38 2.53
C MET A 83 48.62 36.92 2.97
N ILE A 84 49.09 36.06 2.09
CA ILE A 84 49.26 34.64 2.39
C ILE A 84 50.73 34.28 2.29
N MET A 85 51.35 34.08 3.46
CA MET A 85 52.78 33.86 3.51
C MET A 85 53.12 32.63 4.34
N PRO A 86 53.88 31.69 3.77
CA PRO A 86 54.35 30.55 4.57
C PRO A 86 55.18 31.02 5.76
N SER A 87 56.14 31.90 5.49
CA SER A 87 57.02 32.43 6.51
C SER A 87 57.03 33.96 6.46
N VAL A 88 56.79 34.62 7.59
CA VAL A 88 56.74 36.09 7.65
C VAL A 88 57.93 36.61 8.42
N GLY A 89 59.11 36.57 7.81
CA GLY A 89 60.35 36.88 8.51
C GLY A 89 60.99 38.23 8.26
N ARG A 90 60.76 38.79 7.07
CA ARG A 90 61.45 40.00 6.64
C ARG A 90 60.73 41.30 7.03
N PRO A 91 61.49 42.36 7.38
CA PRO A 91 60.90 43.65 7.79
C PRO A 91 59.87 44.25 6.82
N GLU A 92 60.09 44.13 5.51
CA GLU A 92 59.13 44.67 4.53
C GLU A 92 57.79 43.96 4.57
N HIS A 93 57.80 42.72 5.07
CA HIS A 93 56.60 41.92 5.15
C HIS A 93 55.58 42.60 6.07
N LEU A 94 56.05 43.00 7.24
CA LEU A 94 55.16 43.67 8.18
C LEU A 94 55.08 45.17 7.92
N ASP A 95 56.07 45.72 7.21
CA ASP A 95 55.97 47.09 6.73
C ASP A 95 54.65 47.31 5.98
N LEU A 96 54.26 46.32 5.16
CA LEU A 96 53.03 46.35 4.39
C LEU A 96 51.79 46.71 5.23
N PHE A 97 51.80 46.25 6.48
CA PHE A 97 50.65 46.43 7.36
C PHE A 97 50.71 47.79 8.02
N GLU A 98 51.90 48.17 8.46
CA GLU A 98 52.13 49.46 9.07
C GLU A 98 51.84 50.58 8.06
N LEU A 99 52.25 50.37 6.82
CA LEU A 99 52.07 51.37 5.79
C LEU A 99 50.62 51.45 5.31
N GLY A 100 49.80 50.49 5.71
CA GLY A 100 48.41 50.44 5.28
C GLY A 100 48.17 49.83 3.90
N ILE A 101 49.17 49.10 3.40
CA ILE A 101 49.04 48.38 2.13
C ILE A 101 48.30 47.05 2.32
N ALA A 102 48.60 46.39 3.44
CA ALA A 102 48.01 45.10 3.77
C ALA A 102 47.18 45.20 5.04
N ARG A 103 46.16 44.35 5.14
CA ARG A 103 45.30 44.32 6.31
C ARG A 103 45.26 42.93 6.95
N LYS A 104 45.04 41.91 6.12
CA LYS A 104 44.90 40.55 6.64
C LYS A 104 46.08 39.66 6.29
N LEU A 105 46.32 38.72 7.20
CA LEU A 105 47.46 37.83 7.11
C LEU A 105 47.09 36.40 7.47
N ASP A 106 47.30 35.47 6.54
CA ASP A 106 47.34 34.06 6.90
C ASP A 106 48.76 33.55 6.69
N PHE A 107 49.29 32.85 7.67
CA PHE A 107 50.69 32.48 7.65
C PHE A 107 50.94 31.24 8.47
N SER A 108 52.13 30.68 8.34
CA SER A 108 52.49 29.48 9.10
C SER A 108 53.62 29.72 10.09
N PHE A 109 54.65 30.41 9.61
CA PHE A 109 55.82 30.60 10.46
C PHE A 109 56.23 32.06 10.59
N SER A 110 56.64 32.39 11.79
CA SER A 110 57.25 33.68 12.08
C SER A 110 58.35 33.35 13.05
N GLY A 111 59.44 34.09 12.98
CA GLY A 111 60.55 33.84 13.88
C GLY A 111 60.82 35.07 14.68
N PRO A 112 61.60 36.01 14.11
CA PRO A 112 61.97 37.28 14.75
C PRO A 112 60.77 38.23 14.94
N GLN A 113 60.00 38.42 13.88
CA GLN A 113 58.87 39.34 13.87
C GLN A 113 57.72 38.97 14.83
N SER A 114 57.95 37.99 15.72
CA SER A 114 56.92 37.49 16.64
C SER A 114 56.33 38.61 17.49
N LEU A 115 57.20 39.47 18.01
CA LEU A 115 56.78 40.65 18.76
C LEU A 115 56.03 41.65 17.88
N ARG A 116 56.57 41.93 16.70
CA ARG A 116 55.99 42.93 15.83
C ARG A 116 54.57 42.58 15.36
N ILE A 117 54.34 41.29 15.07
CA ILE A 117 53.01 40.84 14.63
C ILE A 117 51.99 41.07 15.72
N GLY A 118 52.34 40.72 16.96
CA GLY A 118 51.51 41.03 18.10
C GLY A 118 51.27 42.52 18.25
N GLN A 119 52.33 43.31 18.09
CA GLN A 119 52.23 44.76 18.13
C GLN A 119 51.27 45.32 17.08
N LEU A 120 51.45 44.92 15.82
CA LEU A 120 50.58 45.37 14.75
C LEU A 120 49.15 44.91 14.94
N LEU A 121 48.97 43.78 15.63
CA LEU A 121 47.64 43.24 15.86
C LEU A 121 46.87 44.09 16.89
N GLU A 122 47.53 44.49 17.98
CA GLU A 122 46.89 45.33 19.00
C GLU A 122 46.50 46.69 18.44
N ASP A 123 47.38 47.26 17.62
CA ASP A 123 47.13 48.56 16.99
C ASP A 123 46.09 48.49 15.87
N GLY A 124 45.61 47.28 15.55
CA GLY A 124 44.61 47.12 14.51
C GLY A 124 45.12 47.27 13.08
N LEU A 125 46.44 47.21 12.91
CA LEU A 125 47.06 47.34 11.59
C LEU A 125 47.16 45.98 10.88
N LEU A 126 47.02 44.91 11.64
CA LEU A 126 47.09 43.57 11.08
C LEU A 126 46.01 42.67 11.70
N GLU A 127 45.28 41.95 10.85
CA GLU A 127 44.33 40.92 11.33
C GLU A 127 44.81 39.52 10.93
N ILE A 128 44.86 38.63 11.91
CA ILE A 128 45.24 37.24 11.64
C ILE A 128 44.03 36.39 11.29
N GLY A 129 44.00 35.84 10.08
CA GLY A 129 43.04 34.81 9.74
C GLY A 129 43.29 33.61 10.63
N ALA A 130 44.37 32.87 10.34
CA ALA A 130 44.83 31.83 11.25
C ALA A 130 46.32 31.56 11.14
N ILE A 131 46.90 31.02 12.21
CA ILE A 131 48.24 30.43 12.15
C ILE A 131 48.10 28.97 11.64
N HIS A 132 48.82 28.65 10.56
CA HIS A 132 48.72 27.33 9.91
C HIS A 132 50.01 26.54 10.04
N THR A 133 49.96 25.28 9.60
CA THR A 133 51.17 24.57 9.24
C THR A 133 51.26 24.64 7.70
N TYR A 134 52.49 24.64 7.17
CA TYR A 134 52.73 24.94 5.74
C TYR A 134 51.75 24.25 4.78
N ILE A 135 51.70 22.92 4.86
CA ILE A 135 50.98 22.15 3.86
C ILE A 135 49.47 22.35 4.04
N GLU A 136 49.04 22.69 5.25
CA GLU A 136 47.66 23.09 5.49
C GLU A 136 47.36 24.39 4.73
N LEU A 137 48.31 25.33 4.77
CA LEU A 137 48.17 26.60 4.05
C LEU A 137 48.09 26.38 2.53
N TYR A 138 48.98 25.55 1.98
CA TYR A 138 48.89 25.24 0.55
C TYR A 138 47.50 24.68 0.23
N ALA A 139 47.02 23.75 1.06
CA ALA A 139 45.72 23.14 0.85
C ALA A 139 44.58 24.18 0.64
N ARG A 140 44.53 25.23 1.47
CA ARG A 140 43.45 26.24 1.37
C ARG A 140 43.46 26.94 0.01
N LEU A 141 44.63 26.99 -0.63
CA LEU A 141 44.79 27.75 -1.86
C LEU A 141 43.94 27.23 -3.03
N VAL A 142 43.36 26.03 -2.92
CA VAL A 142 42.48 25.54 -3.99
C VAL A 142 41.06 25.33 -3.47
N VAL A 143 40.81 25.79 -2.26
CA VAL A 143 39.50 25.70 -1.66
C VAL A 143 39.05 27.09 -1.24
N ASP A 144 39.69 27.49 -0.14
CA ASP A 144 39.31 28.55 0.78
C ASP A 144 39.99 29.88 0.53
N LEU A 145 41.22 29.80 0.04
CA LEU A 145 42.05 30.97 -0.13
C LEU A 145 42.67 30.94 -1.51
N ILE A 146 41.86 30.63 -2.53
CA ILE A 146 42.32 30.78 -3.90
C ILE A 146 42.95 32.14 -4.00
N PRO A 147 44.21 32.20 -4.43
CA PRO A 147 44.80 33.54 -4.42
C PRO A 147 44.61 34.29 -5.75
N ASN A 148 44.75 35.61 -5.71
CA ASN A 148 44.67 36.42 -6.92
C ASN A 148 46.04 36.58 -7.59
N VAL A 149 47.07 36.74 -6.76
CA VAL A 149 48.44 37.02 -7.24
C VAL A 149 49.47 36.16 -6.50
N ALA A 150 50.48 35.67 -7.22
CA ALA A 150 51.64 35.08 -6.54
C ALA A 150 52.92 35.85 -6.88
N LEU A 151 53.67 36.22 -5.83
CA LEU A 151 54.95 36.89 -5.95
C LEU A 151 56.06 35.95 -5.49
N VAL A 152 56.76 35.33 -6.44
CA VAL A 152 57.69 34.27 -6.07
C VAL A 152 59.04 34.47 -6.74
N ALA A 153 60.00 33.62 -6.42
CA ALA A 153 61.38 33.85 -6.83
C ALA A 153 62.03 32.61 -7.44
N GLY A 154 62.93 32.83 -8.38
CA GLY A 154 63.70 31.76 -8.99
C GLY A 154 65.14 32.19 -9.25
N PHE A 155 66.01 31.25 -9.59
CA PHE A 155 67.37 31.59 -10.00
C PHE A 155 67.43 32.12 -11.44
N VAL A 156 66.85 31.37 -12.39
CA VAL A 156 66.99 31.69 -13.80
C VAL A 156 65.65 31.57 -14.53
N ALA A 157 65.37 32.52 -15.43
CA ALA A 157 64.26 32.40 -16.37
C ALA A 157 64.73 32.58 -17.81
N ASP A 158 64.03 31.97 -18.77
CA ASP A 158 64.21 32.37 -20.16
C ASP A 158 63.16 33.43 -20.52
N ARG A 159 63.23 33.96 -21.74
CA ARG A 159 62.38 35.09 -22.13
C ARG A 159 60.90 34.71 -22.15
N GLU A 160 60.61 33.41 -22.27
CA GLU A 160 59.23 32.91 -22.38
C GLU A 160 58.57 32.57 -21.06
N GLY A 161 59.34 32.55 -19.98
CA GLY A 161 58.75 32.35 -18.66
C GLY A 161 59.09 31.05 -17.93
N ASN A 162 59.81 30.14 -18.57
CA ASN A 162 60.26 28.95 -17.87
C ASN A 162 61.23 29.40 -16.79
N VAL A 163 61.10 28.81 -15.60
CA VAL A 163 61.87 29.22 -14.44
C VAL A 163 62.59 28.03 -13.83
N TYR A 164 63.87 28.24 -13.54
CA TYR A 164 64.66 27.30 -12.78
C TYR A 164 64.75 27.77 -11.33
N THR A 165 64.35 26.91 -10.40
CA THR A 165 64.40 27.25 -8.98
C THR A 165 65.41 26.41 -8.23
N GLY A 166 65.84 25.30 -8.80
CA GLY A 166 66.90 24.48 -8.24
C GLY A 166 66.73 24.03 -6.79
N PRO A 167 67.82 24.13 -5.99
CA PRO A 167 67.83 23.74 -4.58
C PRO A 167 66.85 24.54 -3.74
N SER A 168 66.46 25.71 -4.23
CA SER A 168 65.54 26.59 -3.51
C SER A 168 64.11 26.49 -4.07
N THR A 169 63.77 25.39 -4.72
CA THR A 169 62.40 25.17 -5.21
C THR A 169 61.36 25.38 -4.10
N GLU A 170 61.55 24.71 -2.96
CA GLU A 170 60.79 24.96 -1.75
C GLU A 170 59.26 25.00 -1.96
N ASP A 171 58.63 26.12 -1.63
CA ASP A 171 57.17 26.19 -1.64
C ASP A 171 56.60 26.55 -3.00
N THR A 172 57.47 27.00 -3.90
CA THR A 172 57.06 27.67 -5.13
C THR A 172 56.03 26.88 -5.97
N PRO A 173 56.29 25.59 -6.28
CA PRO A 173 55.27 24.91 -7.10
C PRO A 173 53.92 24.78 -6.39
N ALA A 174 53.94 24.66 -5.07
CA ALA A 174 52.70 24.64 -4.30
C ALA A 174 51.98 26.01 -4.33
N LEU A 175 52.73 27.09 -4.46
CA LEU A 175 52.16 28.43 -4.40
C LEU A 175 51.67 28.87 -5.77
N VAL A 176 52.41 28.47 -6.79
CA VAL A 176 52.14 28.93 -8.13
C VAL A 176 50.98 28.15 -8.79
N GLU A 177 50.92 26.84 -8.57
CA GLU A 177 49.90 26.05 -9.27
C GLU A 177 48.47 26.54 -8.97
N PRO A 178 48.12 26.78 -7.68
CA PRO A 178 46.75 27.28 -7.51
C PRO A 178 46.51 28.68 -8.10
N THR A 179 47.55 29.49 -8.26
CA THR A 179 47.40 30.85 -8.79
C THR A 179 47.33 30.83 -10.31
N ALA A 180 48.26 30.11 -10.92
CA ALA A 180 48.30 30.01 -12.38
C ALA A 180 47.02 29.40 -12.94
N PHE A 181 46.44 28.43 -12.25
CA PHE A 181 45.31 27.71 -12.83
C PHE A 181 43.96 28.19 -12.33
N SER A 182 43.93 29.36 -11.67
CA SER A 182 42.66 30.01 -11.35
C SER A 182 42.59 31.43 -11.92
N ASP A 183 43.18 31.62 -13.09
CA ASP A 183 43.22 32.93 -13.76
C ASP A 183 43.84 34.00 -12.87
N GLY A 184 44.67 33.57 -11.90
CA GLY A 184 45.37 34.52 -11.04
C GLY A 184 46.62 35.01 -11.75
N ILE A 185 47.37 35.90 -11.13
CA ILE A 185 48.57 36.45 -11.78
C ILE A 185 49.88 36.04 -11.09
N VAL A 186 50.80 35.44 -11.86
CA VAL A 186 52.07 34.94 -11.32
C VAL A 186 53.30 35.75 -11.75
N ILE A 187 53.92 36.43 -10.79
CA ILE A 187 55.12 37.22 -11.05
C ILE A 187 56.32 36.58 -10.37
N VAL A 188 57.35 36.30 -11.16
CA VAL A 188 58.56 35.64 -10.68
C VAL A 188 59.78 36.58 -10.80
N GLN A 189 60.47 36.84 -9.69
CA GLN A 189 61.75 37.52 -9.80
C GLN A 189 62.82 36.46 -9.97
N VAL A 190 63.71 36.68 -10.93
CA VAL A 190 64.83 35.77 -11.14
C VAL A 190 66.15 36.52 -11.05
N ASN A 191 67.21 35.77 -10.76
CA ASN A 191 68.51 36.38 -10.60
C ASN A 191 69.08 36.82 -11.95
N ARG A 192 68.74 36.07 -13.00
CA ARG A 192 69.13 36.43 -14.36
C ARG A 192 68.23 35.77 -15.40
N ILE A 193 68.01 36.51 -16.49
CA ILE A 193 67.20 36.05 -17.60
C ILE A 193 68.16 35.67 -18.73
N VAL A 194 68.09 34.44 -19.20
CA VAL A 194 68.96 33.95 -20.27
C VAL A 194 68.28 34.15 -21.62
N ASP A 195 69.06 34.52 -22.64
CA ASP A 195 68.49 34.74 -23.97
C ASP A 195 68.30 33.41 -24.68
N ASP A 196 69.26 32.52 -24.50
CA ASP A 196 69.14 31.17 -25.04
C ASP A 196 68.33 30.31 -24.07
N PRO A 197 67.16 29.83 -24.49
CA PRO A 197 66.36 29.00 -23.60
C PRO A 197 67.05 27.68 -23.22
N ARG A 198 68.11 27.32 -23.95
CA ARG A 198 68.87 26.12 -23.65
C ARG A 198 69.79 26.30 -22.45
N ASP A 199 70.09 27.53 -22.09
CA ASP A 199 70.97 27.81 -20.95
C ASP A 199 70.25 27.71 -19.60
N LEU A 200 68.94 27.47 -19.66
CA LEU A 200 68.17 27.18 -18.45
C LEU A 200 68.55 25.79 -17.96
N PRO A 201 69.09 25.70 -16.73
CA PRO A 201 69.65 24.42 -16.30
C PRO A 201 68.58 23.34 -16.13
N ARG A 202 67.36 23.73 -15.80
CA ARG A 202 66.24 22.81 -15.69
C ARG A 202 64.96 23.64 -15.65
N VAL A 203 63.84 23.07 -16.07
CA VAL A 203 62.57 23.74 -15.83
C VAL A 203 61.93 23.22 -14.54
N ASP A 204 61.64 24.11 -13.60
CA ASP A 204 60.93 23.73 -12.38
C ASP A 204 59.48 24.20 -12.44
N ILE A 205 59.29 25.42 -12.95
CA ILE A 205 57.97 25.99 -13.19
C ILE A 205 57.87 26.33 -14.69
N PRO A 206 56.98 25.61 -15.41
CA PRO A 206 56.84 25.80 -16.86
C PRO A 206 56.32 27.20 -17.22
N ALA A 207 56.65 27.69 -18.41
CA ALA A 207 56.28 29.03 -18.86
C ALA A 207 54.78 29.28 -18.79
N SER A 208 53.99 28.23 -19.05
CA SER A 208 52.52 28.27 -19.03
C SER A 208 51.96 28.79 -17.71
N TRP A 209 52.63 28.46 -16.61
CA TRP A 209 52.18 28.84 -15.28
C TRP A 209 52.54 30.27 -14.91
N VAL A 210 53.44 30.88 -15.69
CA VAL A 210 54.04 32.15 -15.32
C VAL A 210 53.53 33.29 -16.21
N ASP A 211 53.24 34.44 -15.62
CA ASP A 211 52.75 35.57 -16.41
C ASP A 211 53.86 36.59 -16.66
N PHE A 212 54.66 36.89 -15.64
CA PHE A 212 55.76 37.83 -15.82
C PHE A 212 57.02 37.37 -15.10
N VAL A 213 58.17 37.67 -15.70
CA VAL A 213 59.45 37.55 -15.01
C VAL A 213 60.14 38.91 -14.91
N VAL A 214 60.95 39.08 -13.86
CA VAL A 214 61.71 40.30 -13.63
C VAL A 214 63.11 39.93 -13.18
N GLU A 215 64.12 40.50 -13.83
CA GLU A 215 65.48 40.37 -13.31
C GLU A 215 65.56 41.17 -12.01
N ALA A 216 65.95 40.51 -10.93
CA ALA A 216 65.96 41.18 -9.64
C ALA A 216 67.15 42.13 -9.54
N ASP A 217 67.03 43.15 -8.68
CA ASP A 217 68.11 44.11 -8.49
C ASP A 217 69.33 43.43 -7.85
N GLN A 218 69.12 42.30 -7.19
CA GLN A 218 70.22 41.49 -6.66
C GLN A 218 69.72 40.06 -6.41
N PRO A 219 70.64 39.10 -6.19
CA PRO A 219 70.19 37.72 -5.93
C PRO A 219 69.18 37.66 -4.78
N PHE A 220 68.19 36.78 -4.93
CA PHE A 220 67.11 36.73 -3.94
C PHE A 220 67.71 36.27 -2.63
N TYR A 221 67.23 36.85 -1.54
CA TYR A 221 67.76 36.59 -0.23
C TYR A 221 67.49 35.13 0.17
N ILE A 222 68.50 34.47 0.73
CA ILE A 222 68.31 33.12 1.24
C ILE A 222 68.65 33.10 2.72
N GLU A 223 67.70 32.66 3.54
CA GLU A 223 67.93 32.50 4.96
C GLU A 223 68.37 31.06 5.28
N PRO A 224 69.50 30.90 5.97
CA PRO A 224 69.91 29.55 6.38
C PRO A 224 69.18 29.11 7.67
N LEU A 225 67.88 28.89 7.58
CA LEU A 225 67.02 28.81 8.75
C LEU A 225 67.37 27.66 9.71
N PHE A 226 67.73 26.51 9.15
CA PHE A 226 67.91 25.30 9.94
C PHE A 226 69.37 25.00 10.27
N THR A 227 70.29 25.80 9.71
CA THR A 227 71.71 25.65 10.02
C THR A 227 72.01 25.98 11.48
N ARG A 228 72.66 25.05 12.17
CA ARG A 228 72.99 25.24 13.56
C ARG A 228 74.50 25.14 13.74
N ASP A 229 75.05 26.11 14.46
CA ASP A 229 76.48 26.18 14.79
C ASP A 229 76.82 25.17 15.89
N PRO A 230 77.57 24.11 15.56
CA PRO A 230 77.86 23.09 16.58
C PRO A 230 78.60 23.64 17.82
N ARG A 231 79.18 24.82 17.69
CA ARG A 231 79.83 25.47 18.82
C ARG A 231 78.83 25.69 19.97
N HIS A 232 77.56 25.88 19.65
CA HIS A 232 76.60 26.19 20.71
C HIS A 232 75.97 24.97 21.36
N ILE A 233 76.38 23.77 20.96
CA ILE A 233 75.84 22.57 21.57
C ILE A 233 76.55 22.28 22.88
N LYS A 234 75.77 22.11 23.95
CA LYS A 234 76.27 21.88 25.30
C LYS A 234 76.06 20.44 25.75
N PRO A 235 76.79 20.02 26.80
CA PRO A 235 76.62 18.67 27.35
C PRO A 235 75.16 18.25 27.64
N VAL A 236 74.32 19.16 28.13
CA VAL A 236 72.91 18.81 28.40
C VAL A 236 72.17 18.40 27.10
N HIS A 237 72.49 19.06 25.98
CA HIS A 237 71.94 18.65 24.69
C HIS A 237 72.36 17.22 24.35
N VAL A 238 73.64 16.98 24.49
CA VAL A 238 74.22 15.68 24.17
C VAL A 238 73.57 14.58 25.00
N LEU A 239 73.31 14.88 26.27
CA LEU A 239 72.62 13.94 27.16
C LEU A 239 71.22 13.60 26.63
N MET A 240 70.42 14.61 26.30
CA MET A 240 69.10 14.36 25.73
C MET A 240 69.22 13.58 24.41
N ALA A 241 70.19 13.98 23.58
CA ALA A 241 70.45 13.33 22.31
C ALA A 241 70.82 11.85 22.46
N MET A 242 71.61 11.52 23.49
CA MET A 242 71.96 10.14 23.78
C MET A 242 70.71 9.31 24.12
N MET A 243 69.84 9.91 24.93
CA MET A 243 68.63 9.20 25.36
C MET A 243 67.63 9.06 24.21
N ALA A 244 67.61 10.02 23.30
CA ALA A 244 66.77 9.88 22.11
C ALA A 244 67.22 8.65 21.28
N ILE A 245 68.51 8.54 21.05
CA ILE A 245 69.03 7.50 20.18
C ILE A 245 68.82 6.13 20.82
N ARG A 246 69.14 6.03 22.09
CA ARG A 246 69.08 4.77 22.80
C ARG A 246 67.67 4.42 23.24
N GLY A 247 67.00 5.36 23.90
CA GLY A 247 65.71 5.11 24.51
C GLY A 247 64.52 5.29 23.58
N ILE A 248 64.77 5.83 22.38
CA ILE A 248 63.71 6.02 21.41
C ILE A 248 63.99 5.40 20.03
N TYR A 249 65.03 5.85 19.34
CA TYR A 249 65.31 5.36 18.01
C TYR A 249 65.58 3.86 18.05
N GLN A 250 66.48 3.44 18.94
CA GLN A 250 66.83 2.02 19.04
C GLN A 250 65.70 1.23 19.65
N ARG A 251 65.13 1.74 20.73
CA ARG A 251 64.03 1.05 21.42
C ARG A 251 62.89 0.65 20.49
N HIS A 252 62.52 1.56 19.60
CA HIS A 252 61.36 1.33 18.75
C HIS A 252 61.77 0.99 17.33
N ASN A 253 63.07 0.80 17.11
CA ASN A 253 63.59 0.42 15.79
C ASN A 253 63.15 1.42 14.72
N VAL A 254 63.52 2.67 14.91
CA VAL A 254 63.10 3.74 14.02
C VAL A 254 63.93 3.78 12.74
N GLN A 255 63.28 3.61 11.60
CA GLN A 255 63.97 3.60 10.30
C GLN A 255 63.94 4.94 9.56
N SER A 256 62.91 5.74 9.81
CA SER A 256 62.72 7.01 9.08
C SER A 256 62.16 8.09 9.99
N LEU A 257 62.47 9.34 9.68
CA LEU A 257 62.16 10.42 10.63
C LEU A 257 62.33 11.81 10.07
N ASN A 258 61.81 12.77 10.82
CA ASN A 258 62.10 14.18 10.62
C ASN A 258 62.62 14.72 11.95
N HIS A 259 63.65 15.55 11.88
CA HIS A 259 64.11 16.35 13.03
C HIS A 259 63.52 17.75 12.90
N GLY A 260 62.79 18.19 13.92
CA GLY A 260 62.40 19.58 14.01
C GLY A 260 63.63 20.46 14.15
N ILE A 261 63.49 21.75 13.88
CA ILE A 261 64.62 22.67 13.94
C ILE A 261 65.27 22.74 15.33
N GLY A 262 66.57 23.06 15.38
CA GLY A 262 67.17 23.37 16.66
C GLY A 262 68.42 22.62 17.10
N PHE A 263 68.97 23.06 18.24
CA PHE A 263 70.21 22.51 18.75
C PHE A 263 70.02 21.11 19.28
N ASN A 264 68.87 20.88 19.91
CA ASN A 264 68.54 19.56 20.46
C ASN A 264 68.66 18.46 19.42
N THR A 265 68.08 18.69 18.24
CA THR A 265 68.10 17.66 17.19
C THR A 265 69.45 17.64 16.49
N ALA A 266 70.06 18.83 16.38
CA ALA A 266 71.39 18.93 15.79
C ALA A 266 72.37 18.02 16.56
N ALA A 267 72.22 17.99 17.89
CA ALA A 267 73.04 17.13 18.75
C ALA A 267 72.87 15.64 18.46
N ILE A 268 71.64 15.21 18.23
CA ILE A 268 71.40 13.84 17.81
C ILE A 268 72.20 13.54 16.53
N GLU A 269 72.04 14.40 15.52
CA GLU A 269 72.72 14.23 14.24
C GLU A 269 74.24 14.10 14.42
N LEU A 270 74.82 14.96 15.26
CA LEU A 270 76.27 15.00 15.45
C LEU A 270 76.83 13.86 16.29
N ILE A 271 75.99 13.10 17.01
CA ILE A 271 76.56 11.98 17.75
C ILE A 271 76.14 10.60 17.26
N LEU A 272 75.38 10.53 16.16
CA LEU A 272 75.16 9.24 15.51
C LEU A 272 76.48 8.52 15.15
N PRO A 273 77.46 9.25 14.55
CA PRO A 273 78.68 8.51 14.19
C PRO A 273 79.66 8.28 15.35
N THR A 274 79.30 8.72 16.56
CA THR A 274 80.10 8.41 17.73
C THR A 274 79.31 7.53 18.69
N TYR A 275 78.38 8.16 19.41
CA TYR A 275 77.54 7.42 20.33
C TYR A 275 76.72 6.32 19.61
N GLY A 276 76.08 6.67 18.51
CA GLY A 276 75.30 5.69 17.76
C GLY A 276 76.16 4.53 17.30
N GLU A 277 77.34 4.86 16.78
CA GLU A 277 78.33 3.87 16.38
C GLU A 277 78.63 2.90 17.52
N SER A 278 78.83 3.44 18.73
CA SER A 278 79.13 2.64 19.91
C SER A 278 78.00 1.69 20.27
N LEU A 279 76.80 1.97 19.79
CA LEU A 279 75.69 1.09 20.08
C LEU A 279 75.55 0.06 18.98
N GLY A 280 76.34 0.22 17.92
CA GLY A 280 76.35 -0.73 16.81
C GLY A 280 75.16 -0.57 15.88
N LEU A 281 74.65 0.66 15.77
CA LEU A 281 73.36 0.86 15.12
C LEU A 281 73.43 1.36 13.67
N LYS A 282 74.64 1.50 13.11
CA LYS A 282 74.75 2.02 11.74
C LYS A 282 74.06 1.08 10.77
N GLY A 283 73.21 1.64 9.90
CA GLY A 283 72.38 0.83 9.02
C GLY A 283 71.13 0.24 9.66
N LYS A 284 71.03 0.30 10.99
CA LYS A 284 69.89 -0.32 11.66
C LYS A 284 68.76 0.68 11.96
N ILE A 285 69.11 1.96 12.06
CA ILE A 285 68.14 3.00 12.34
C ILE A 285 68.39 4.20 11.46
N CYS A 286 67.40 5.11 11.42
CA CYS A 286 67.57 6.44 10.80
C CYS A 286 68.15 6.39 9.40
N ARG A 287 67.62 5.52 8.56
CA ARG A 287 68.09 5.38 7.20
C ARG A 287 67.49 6.42 6.23
N HIS A 288 66.21 6.71 6.38
CA HIS A 288 65.52 7.57 5.43
C HIS A 288 65.06 8.84 6.10
N TRP A 289 65.37 9.98 5.47
CA TRP A 289 65.07 11.25 6.10
C TRP A 289 64.16 12.12 5.25
N THR A 290 63.23 12.81 5.92
CA THR A 290 62.60 14.01 5.38
C THR A 290 63.22 15.15 6.18
N LEU A 291 64.08 15.92 5.55
CA LEU A 291 64.87 16.90 6.26
C LEU A 291 65.45 17.93 5.31
N ASN A 292 65.53 19.17 5.77
CA ASN A 292 66.40 20.13 5.08
C ASN A 292 67.84 19.62 5.10
N PRO A 293 68.67 20.09 4.17
CA PRO A 293 69.99 19.44 4.22
C PRO A 293 70.85 20.10 5.30
N HIS A 294 70.60 19.72 6.55
CA HIS A 294 71.31 20.29 7.70
C HIS A 294 72.81 20.09 7.53
N PRO A 295 73.60 21.17 7.61
CA PRO A 295 75.04 20.94 7.63
C PRO A 295 75.44 19.98 8.78
N THR A 296 74.65 19.94 9.85
CA THR A 296 74.97 19.09 10.99
C THR A 296 74.75 17.59 10.71
N LEU A 297 74.16 17.29 9.55
CA LEU A 297 73.95 15.90 9.16
C LEU A 297 75.12 15.37 8.32
N ILE A 298 75.99 16.27 7.88
CA ILE A 298 77.14 15.88 7.05
C ILE A 298 77.95 14.71 7.63
N PRO A 299 78.31 14.77 8.93
CA PRO A 299 79.08 13.59 9.34
C PRO A 299 78.26 12.29 9.41
N ALA A 300 76.96 12.34 9.66
CA ALA A 300 76.17 11.12 9.57
C ALA A 300 76.17 10.55 8.13
N ILE A 301 76.05 11.44 7.15
CA ILE A 301 76.09 11.04 5.74
C ILE A 301 77.44 10.40 5.33
N GLU A 302 78.55 11.07 5.63
CA GLU A 302 79.90 10.59 5.31
C GLU A 302 80.22 9.25 5.97
N SER A 303 79.68 9.06 7.17
CA SER A 303 79.90 7.84 7.95
C SER A 303 79.07 6.69 7.45
N GLY A 304 78.08 6.99 6.61
CA GLY A 304 77.27 5.95 5.99
C GLY A 304 75.99 5.59 6.73
N TRP A 305 75.50 6.49 7.57
CA TRP A 305 74.22 6.29 8.29
C TRP A 305 73.02 6.62 7.41
N VAL A 306 73.18 7.61 6.57
CA VAL A 306 72.05 8.22 5.86
C VAL A 306 71.89 7.65 4.46
N GLU A 307 70.84 6.88 4.24
CA GLU A 307 70.62 6.26 2.94
C GLU A 307 69.88 7.17 1.95
N SER A 308 68.96 8.00 2.46
CA SER A 308 68.23 8.92 1.59
C SER A 308 67.73 10.13 2.38
N VAL A 309 67.74 11.29 1.73
CA VAL A 309 67.15 12.49 2.31
C VAL A 309 66.28 13.14 1.24
N HIS A 310 65.00 13.31 1.53
CA HIS A 310 64.20 14.21 0.70
C HIS A 310 64.04 15.54 1.43
N CYS A 311 64.21 16.64 0.71
CA CYS A 311 64.37 17.97 1.32
C CYS A 311 63.19 18.94 1.14
N PHE A 312 62.82 19.63 2.21
CA PHE A 312 61.76 20.64 2.12
C PHE A 312 62.27 21.81 1.30
N GLY A 313 63.52 22.19 1.58
CA GLY A 313 64.16 23.30 0.91
C GLY A 313 65.66 23.08 0.95
N THR A 314 66.42 24.17 0.99
CA THR A 314 67.85 24.05 1.04
C THR A 314 68.47 24.98 2.07
N GLU A 315 69.64 24.58 2.54
CA GLU A 315 70.39 25.36 3.49
C GLU A 315 71.59 25.97 2.78
N LEU A 316 71.63 27.30 2.73
CA LEU A 316 72.63 28.03 1.97
C LEU A 316 74.03 27.52 2.21
N GLY A 317 74.68 27.14 1.12
CA GLY A 317 76.05 26.65 1.17
C GLY A 317 76.16 25.16 1.06
N MET A 318 75.03 24.47 1.15
CA MET A 318 75.05 23.01 1.04
C MET A 318 74.93 22.53 -0.41
N GLU A 319 74.58 23.46 -1.32
CA GLU A 319 74.24 23.12 -2.72
C GLU A 319 75.31 22.27 -3.40
N GLY A 320 76.55 22.76 -3.34
CA GLY A 320 77.67 22.05 -3.96
C GLY A 320 77.90 20.69 -3.35
N TYR A 321 77.69 20.56 -2.05
CA TYR A 321 77.90 19.28 -1.38
C TYR A 321 76.82 18.28 -1.80
N ILE A 322 75.56 18.74 -1.78
CA ILE A 322 74.45 17.93 -2.24
C ILE A 322 74.66 17.38 -3.68
N ALA A 323 75.17 18.23 -4.56
CA ALA A 323 75.41 17.86 -5.96
C ALA A 323 76.43 16.73 -6.09
N GLN A 324 77.22 16.52 -5.05
CA GLN A 324 78.19 15.44 -5.01
C GLN A 324 77.68 14.24 -4.22
N ARG A 325 76.44 14.31 -3.78
CA ARG A 325 75.83 13.17 -3.09
C ARG A 325 74.50 12.72 -3.73
N PRO A 326 74.50 12.45 -5.05
CA PRO A 326 73.23 12.14 -5.71
C PRO A 326 72.60 10.80 -5.28
N ASP A 327 73.38 9.86 -4.74
CA ASP A 327 72.79 8.62 -4.23
C ASP A 327 71.94 8.91 -3.01
N VAL A 328 72.22 10.01 -2.31
CA VAL A 328 71.49 10.32 -1.08
C VAL A 328 70.36 11.32 -1.33
N PHE A 329 70.65 12.37 -2.10
CA PHE A 329 69.66 13.41 -2.30
C PHE A 329 68.90 13.26 -3.62
N PHE A 330 67.79 13.99 -3.74
CA PHE A 330 67.01 14.05 -4.96
C PHE A 330 67.54 15.18 -5.86
N THR A 331 68.11 14.79 -7.00
CA THR A 331 68.76 15.76 -7.89
C THR A 331 68.21 15.63 -9.30
N GLY A 332 68.22 16.73 -10.04
CA GLY A 332 67.70 16.75 -11.39
C GLY A 332 68.81 16.52 -12.39
N ARG A 333 68.46 16.49 -13.68
CA ARG A 333 69.42 16.15 -14.73
C ARG A 333 70.59 17.13 -14.80
N ASP A 334 70.37 18.36 -14.37
CA ASP A 334 71.45 19.34 -14.28
C ASP A 334 72.39 19.00 -13.12
N GLY A 335 71.93 18.15 -12.21
CA GLY A 335 72.75 17.70 -11.10
C GLY A 335 72.49 18.38 -9.76
N SER A 336 71.66 19.42 -9.75
CA SER A 336 71.38 20.13 -8.50
C SER A 336 70.13 19.56 -7.77
N LEU A 337 70.08 19.85 -6.47
CA LEU A 337 68.97 19.48 -5.60
C LEU A 337 67.62 19.91 -6.17
N ARG A 338 66.61 19.05 -6.03
CA ARG A 338 65.22 19.46 -6.19
C ARG A 338 64.47 19.29 -4.87
N SER A 339 64.40 20.37 -4.11
CA SER A 339 63.61 20.40 -2.90
C SER A 339 62.16 20.52 -3.28
N ASN A 340 61.27 20.29 -2.33
CA ASN A 340 59.83 20.45 -2.55
C ASN A 340 59.14 20.45 -1.20
N ARG A 341 58.72 21.61 -0.73
CA ARG A 341 58.29 21.71 0.66
C ARG A 341 56.99 20.94 0.85
N MET A 342 56.06 21.16 -0.06
CA MET A 342 54.81 20.39 -0.07
C MET A 342 55.03 18.87 -0.09
N PHE A 343 55.87 18.39 -1.00
CA PHE A 343 56.01 16.95 -1.14
C PHE A 343 56.72 16.40 0.10
N CYS A 344 57.71 17.13 0.59
CA CYS A 344 58.47 16.68 1.76
C CYS A 344 57.61 16.69 3.02
N GLN A 345 56.79 17.72 3.17
CA GLN A 345 55.87 17.80 4.30
C GLN A 345 54.86 16.64 4.25
N LEU A 346 54.37 16.34 3.06
CA LEU A 346 53.50 15.18 2.89
C LEU A 346 54.20 13.91 3.37
N ALA A 347 55.48 13.78 3.00
CA ALA A 347 56.22 12.58 3.33
C ALA A 347 56.47 12.54 4.83
N GLY A 348 56.77 13.71 5.40
CA GLY A 348 56.96 13.85 6.85
C GLY A 348 55.73 13.44 7.65
N GLN A 349 54.55 13.72 7.10
CA GLN A 349 53.32 13.25 7.75
C GLN A 349 53.12 11.72 7.59
N TYR A 350 53.11 11.25 6.35
CA TYR A 350 52.51 9.95 6.06
C TYR A 350 53.48 8.78 5.96
N ALA A 351 54.74 9.08 5.68
CA ALA A 351 55.70 8.07 5.23
C ALA A 351 56.89 7.87 6.19
N VAL A 352 56.83 8.52 7.35
CA VAL A 352 57.97 8.53 8.26
C VAL A 352 57.58 8.02 9.67
N ASP A 353 58.47 7.26 10.33
CA ASP A 353 58.16 6.66 11.65
C ASP A 353 57.96 7.68 12.77
N LEU A 354 58.66 8.79 12.69
CA LEU A 354 58.84 9.61 13.89
C LEU A 354 59.07 11.10 13.59
N PHE A 355 58.51 11.94 14.45
CA PHE A 355 58.89 13.34 14.49
C PHE A 355 59.49 13.63 15.85
N ILE A 356 60.54 14.44 15.88
CA ILE A 356 61.08 14.87 17.16
C ILE A 356 61.45 16.33 17.07
N GLY A 357 60.95 17.13 18.01
CA GLY A 357 61.24 18.54 18.02
C GLY A 357 61.24 19.15 19.42
N ALA A 358 61.71 20.40 19.49
CA ALA A 358 61.68 21.16 20.72
C ALA A 358 60.49 22.11 20.73
N THR A 359 60.36 22.86 21.81
CA THR A 359 59.25 23.75 22.03
C THR A 359 59.67 24.73 23.12
N LEU A 360 58.86 25.77 23.35
CA LEU A 360 59.16 26.75 24.39
C LEU A 360 58.37 26.51 25.67
N GLN A 361 57.15 25.98 25.55
CA GLN A 361 56.31 25.72 26.70
C GLN A 361 55.51 24.43 26.53
N VAL A 362 55.44 23.67 27.62
CA VAL A 362 54.64 22.46 27.70
C VAL A 362 53.83 22.59 28.97
N ASP A 363 52.55 22.23 28.95
CA ASP A 363 51.80 22.26 30.20
C ASP A 363 51.67 20.86 30.79
N GLY A 364 50.92 20.73 31.88
CA GLY A 364 50.84 19.46 32.59
C GLY A 364 50.13 18.36 31.83
N ASP A 365 49.45 18.71 30.75
CA ASP A 365 48.76 17.72 29.93
C ASP A 365 49.56 17.36 28.69
N GLY A 366 50.73 17.98 28.53
CA GLY A 366 51.54 17.76 27.35
C GLY A 366 51.28 18.72 26.20
N HIS A 367 50.33 19.63 26.35
CA HIS A 367 50.07 20.56 25.27
C HIS A 367 51.33 21.42 25.11
N SER A 368 51.74 21.64 23.87
CA SER A 368 53.01 22.28 23.59
C SER A 368 52.83 23.50 22.72
N SER A 369 53.57 24.56 22.98
CA SER A 369 53.46 25.76 22.14
C SER A 369 54.73 26.62 22.10
N THR A 370 54.91 27.37 21.02
CA THR A 370 55.96 28.37 20.94
C THR A 370 55.38 29.78 21.12
N VAL A 371 54.05 29.87 21.18
CA VAL A 371 53.39 31.15 21.39
C VAL A 371 53.48 31.58 22.83
N THR A 372 54.26 32.61 23.11
CA THR A 372 54.37 33.15 24.46
C THR A 372 53.85 34.57 24.47
N ARG A 373 53.69 35.14 25.66
CA ARG A 373 53.01 36.44 25.82
C ARG A 373 53.58 37.53 24.89
N GLY A 374 52.67 38.17 24.15
CA GLY A 374 53.03 39.21 23.21
C GLY A 374 53.71 38.71 21.95
N ARG A 375 54.05 37.42 21.94
CA ARG A 375 54.83 36.86 20.83
C ARG A 375 54.06 35.77 20.08
N LEU A 376 53.46 36.17 18.97
CA LEU A 376 52.71 35.26 18.11
C LEU A 376 53.65 34.56 17.15
N ALA A 377 54.36 33.56 17.67
CA ALA A 377 55.21 32.73 16.86
C ALA A 377 54.34 31.75 16.05
N GLY A 378 54.72 31.52 14.80
CA GLY A 378 54.01 30.57 13.98
C GLY A 378 54.40 29.14 14.32
N PHE A 379 53.56 28.19 13.94
CA PHE A 379 53.81 26.79 14.21
C PHE A 379 54.79 26.18 13.23
N GLY A 380 54.83 26.71 12.01
CA GLY A 380 55.70 26.12 11.00
C GLY A 380 55.24 24.71 10.66
N GLY A 381 56.20 23.78 10.54
CA GLY A 381 55.89 22.41 10.17
C GLY A 381 55.51 21.50 11.32
N ALA A 382 55.69 21.97 12.54
CA ALA A 382 55.51 21.11 13.71
C ALA A 382 54.10 20.49 13.83
N PRO A 383 53.03 21.22 13.50
CA PRO A 383 51.73 20.51 13.62
C PRO A 383 51.56 19.39 12.60
N ASN A 384 52.00 19.60 11.36
CA ASN A 384 51.87 18.58 10.35
C ASN A 384 52.66 17.32 10.72
N MET A 385 53.86 17.49 11.26
CA MET A 385 54.65 16.30 11.56
C MET A 385 54.56 15.79 12.98
N GLY A 386 54.14 16.62 13.93
CA GLY A 386 53.94 16.20 15.31
C GLY A 386 52.48 15.89 15.65
N HIS A 387 51.88 15.00 14.87
CA HIS A 387 50.56 14.46 15.20
C HIS A 387 50.49 13.04 14.64
N ASP A 388 49.57 12.23 15.15
CA ASP A 388 49.38 10.88 14.66
C ASP A 388 48.49 10.93 13.43
N PRO A 389 49.06 10.61 12.25
CA PRO A 389 48.31 10.79 11.00
C PRO A 389 47.27 9.69 10.89
N ARG A 390 46.01 10.07 11.04
CA ARG A 390 44.94 9.09 11.25
C ARG A 390 44.39 8.51 9.95
N GLY A 391 44.87 9.03 8.82
CA GLY A 391 44.57 8.44 7.53
C GLY A 391 45.58 7.38 7.12
N ARG A 392 46.68 7.27 7.88
CA ARG A 392 47.73 6.30 7.55
C ARG A 392 47.26 4.85 7.79
N ARG A 393 47.59 3.95 6.86
CA ARG A 393 47.20 2.55 6.99
C ARG A 393 48.39 1.58 6.86
N HIS A 394 49.48 1.99 6.22
CA HIS A 394 50.61 1.08 6.01
C HIS A 394 51.41 0.94 7.29
N SER A 395 51.71 -0.31 7.64
CA SER A 395 52.45 -0.58 8.84
C SER A 395 53.95 -0.44 8.62
N THR A 396 54.65 -0.16 9.70
CA THR A 396 56.09 -0.14 9.68
C THR A 396 56.44 -0.60 11.11
N PRO A 397 57.60 -1.24 11.34
CA PRO A 397 57.85 -1.83 12.67
C PRO A 397 57.74 -0.83 13.83
N ALA A 398 58.30 0.38 13.71
CA ALA A 398 58.20 1.38 14.77
C ALA A 398 56.75 1.79 15.04
N TRP A 399 56.00 1.99 13.96
CA TRP A 399 54.61 2.42 14.02
C TRP A 399 53.73 1.35 14.68
N LEU A 400 54.04 0.09 14.41
CA LEU A 400 53.36 -1.03 15.08
C LEU A 400 53.78 -1.16 16.54
N ASP A 401 55.01 -0.76 16.86
CA ASP A 401 55.56 -0.94 18.22
C ASP A 401 54.78 -0.18 19.28
N MET A 402 53.98 0.78 18.83
CA MET A 402 53.23 1.62 19.74
C MET A 402 51.94 0.96 20.24
N ARG A 403 51.57 -0.19 19.68
CA ARG A 403 50.31 -0.83 20.10
C ARG A 403 50.50 -1.51 21.46
N GLY A 404 49.52 -1.35 22.33
CA GLY A 404 49.53 -2.00 23.63
C GLY A 404 49.23 -3.49 23.51
N GLU A 405 48.47 -3.85 22.48
CA GLU A 405 48.12 -5.25 22.26
C GLU A 405 48.29 -5.65 20.80
N PRO A 406 49.48 -6.19 20.46
CA PRO A 406 49.86 -6.51 19.08
C PRO A 406 49.07 -7.66 18.43
N GLU A 407 48.14 -8.25 19.16
CA GLU A 407 47.28 -9.28 18.58
C GLU A 407 45.85 -8.77 18.39
N ALA A 408 45.59 -7.57 18.90
CA ALA A 408 44.33 -6.89 18.64
C ALA A 408 44.34 -6.31 17.22
N LEU A 409 43.57 -6.93 16.34
CA LEU A 409 43.59 -6.59 14.92
C LEU A 409 42.96 -5.23 14.63
N LEU A 410 42.10 -4.79 15.54
CA LEU A 410 41.44 -3.49 15.39
C LEU A 410 42.21 -2.32 16.01
N GLU A 411 43.27 -2.60 16.78
CA GLU A 411 44.10 -1.52 17.33
C GLU A 411 45.11 -1.02 16.31
N ARG A 412 45.05 0.26 15.96
CA ARG A 412 45.95 0.77 14.94
C ARG A 412 47.28 1.21 15.53
N GLY A 413 48.30 1.32 14.69
CA GLY A 413 49.60 1.80 15.12
C GLY A 413 49.56 3.30 15.31
N ARG A 414 50.69 3.87 15.73
CA ARG A 414 50.81 5.31 15.92
C ARG A 414 52.18 5.77 15.46
N LYS A 415 52.23 6.96 14.89
CA LYS A 415 53.49 7.62 14.61
C LYS A 415 54.13 8.06 15.92
N LEU A 416 55.44 7.97 15.99
CA LEU A 416 56.17 8.50 17.13
C LEU A 416 56.27 10.02 17.04
N VAL A 417 55.81 10.69 18.10
CA VAL A 417 55.86 12.14 18.18
C VAL A 417 56.54 12.53 19.51
N VAL A 418 57.77 13.01 19.40
CA VAL A 418 58.61 13.31 20.55
C VAL A 418 58.81 14.79 20.76
N GLN A 419 58.61 15.21 22.00
CA GLN A 419 58.86 16.57 22.38
C GLN A 419 60.12 16.54 23.22
N MET A 420 61.20 17.11 22.66
CA MET A 420 62.53 17.01 23.25
C MET A 420 62.96 18.39 23.73
N VAL A 421 63.04 18.57 25.03
CA VAL A 421 63.27 19.90 25.53
C VAL A 421 63.81 19.83 26.96
N GLU A 422 64.65 20.81 27.29
CA GLU A 422 65.17 20.97 28.64
C GLU A 422 64.03 21.41 29.58
N THR A 423 64.12 21.02 30.86
CA THR A 423 63.06 21.37 31.80
C THR A 423 62.92 22.88 31.98
N PHE A 424 63.99 23.61 31.71
CA PHE A 424 64.00 25.06 31.76
C PHE A 424 64.57 25.64 30.49
N GLN A 425 64.07 26.82 30.15
CA GLN A 425 64.51 27.58 29.00
C GLN A 425 65.68 28.46 29.42
N ASP A 426 66.59 28.70 28.48
CA ASP A 426 67.78 29.53 28.69
C ASP A 426 67.60 30.78 29.60
N GLY A 427 66.53 31.54 29.38
CA GLY A 427 66.29 32.77 30.12
C GLY A 427 65.81 32.64 31.57
N GLY A 428 65.67 31.41 32.09
CA GLY A 428 65.30 31.23 33.48
C GLY A 428 63.85 30.85 33.74
N LYS A 429 63.06 30.88 32.68
CA LYS A 429 61.67 30.46 32.78
C LYS A 429 61.61 28.94 32.69
N PRO A 430 60.71 28.32 33.46
CA PRO A 430 60.56 26.86 33.31
C PRO A 430 59.92 26.52 31.96
N THR A 431 60.23 25.34 31.41
CA THR A 431 59.56 24.89 30.19
C THR A 431 58.17 24.33 30.52
N PHE A 432 58.07 23.64 31.64
CA PHE A 432 56.81 22.98 31.96
C PHE A 432 56.01 23.83 32.94
N VAL A 433 54.88 24.35 32.45
CA VAL A 433 54.09 25.34 33.18
C VAL A 433 52.69 24.81 33.49
N GLU A 434 52.06 25.40 34.51
CA GLU A 434 50.68 25.04 34.86
C GLU A 434 49.66 25.49 33.80
N ARG A 435 49.98 26.56 33.07
CA ARG A 435 49.14 27.08 31.98
C ARG A 435 49.99 27.69 30.88
N LEU A 436 49.73 27.26 29.64
CA LEU A 436 50.38 27.83 28.47
C LEU A 436 50.08 29.32 28.36
N ASP A 437 51.10 30.11 28.06
CA ASP A 437 50.91 31.49 27.67
C ASP A 437 49.83 31.61 26.59
N ALA A 438 49.75 30.59 25.74
CA ALA A 438 48.84 30.60 24.59
C ALA A 438 47.37 30.86 24.95
N LEU A 439 46.97 30.49 26.16
CA LEU A 439 45.58 30.70 26.59
C LEU A 439 45.24 32.17 26.66
N GLU A 440 46.07 32.95 27.35
CA GLU A 440 45.90 34.41 27.44
C GLU A 440 46.11 35.11 26.12
N VAL A 441 47.03 34.63 25.30
CA VAL A 441 47.20 35.19 23.98
C VAL A 441 45.90 35.07 23.16
N ALA A 442 45.24 33.94 23.28
CA ALA A 442 44.00 33.74 22.54
C ALA A 442 42.94 34.73 23.01
N ARG A 443 42.84 34.90 24.33
CA ARG A 443 41.86 35.82 24.89
C ARG A 443 42.17 37.26 24.45
N GLN A 444 43.44 37.65 24.46
CA GLN A 444 43.83 39.00 24.06
C GLN A 444 43.68 39.25 22.56
N THR A 445 43.81 38.18 21.77
CA THR A 445 43.83 38.29 20.31
C THR A 445 42.44 37.96 19.71
N GLY A 446 41.56 37.42 20.54
CA GLY A 446 40.23 37.04 20.08
C GLY A 446 40.21 35.75 19.26
N MET A 447 41.23 34.91 19.42
CA MET A 447 41.28 33.61 18.76
C MET A 447 40.31 32.66 19.43
N PRO A 448 39.53 31.91 18.63
CA PRO A 448 38.53 30.97 19.17
C PRO A 448 39.17 29.82 19.99
N LEU A 449 40.43 29.50 19.70
CA LEU A 449 41.13 28.53 20.52
C LEU A 449 42.59 28.91 20.72
N ALA A 450 43.16 28.39 21.81
CA ALA A 450 44.55 28.62 22.12
C ALA A 450 45.41 28.08 21.01
N PRO A 451 46.33 28.91 20.50
CA PRO A 451 47.28 28.47 19.47
C PRO A 451 48.27 27.46 20.06
N VAL A 452 47.86 26.20 20.04
CA VAL A 452 48.69 25.07 20.46
C VAL A 452 49.44 24.49 19.26
N MET A 453 50.75 24.32 19.42
CA MET A 453 51.57 23.76 18.37
C MET A 453 51.32 22.26 18.20
N ILE A 454 51.47 21.54 19.29
CA ILE A 454 51.25 20.10 19.29
C ILE A 454 50.44 19.77 20.54
N TYR A 455 49.33 19.06 20.36
CA TYR A 455 48.47 18.72 21.51
C TYR A 455 49.01 17.53 22.30
N GLY A 456 48.83 17.58 23.61
CA GLY A 456 49.34 16.55 24.49
C GLY A 456 48.90 15.13 24.18
N ASP A 457 47.75 14.97 23.54
CA ASP A 457 47.26 13.63 23.23
C ASP A 457 47.92 13.08 21.95
N ASP A 458 48.74 13.89 21.31
CA ASP A 458 49.50 13.46 20.15
C ASP A 458 50.91 13.01 20.49
N VAL A 459 51.33 13.30 21.72
CA VAL A 459 52.72 13.11 22.07
C VAL A 459 52.91 11.69 22.60
N THR A 460 53.84 10.95 21.98
CA THR A 460 54.20 9.59 22.42
C THR A 460 55.38 9.58 23.40
N HIS A 461 56.24 10.60 23.32
CA HIS A 461 57.44 10.65 24.16
C HIS A 461 57.75 12.06 24.57
N VAL A 462 57.92 12.28 25.87
CA VAL A 462 58.50 13.53 26.32
C VAL A 462 59.92 13.24 26.76
N LEU A 463 60.86 13.92 26.15
CA LEU A 463 62.27 13.69 26.41
C LEU A 463 62.87 14.96 26.96
N THR A 464 63.53 14.81 28.10
CA THR A 464 64.02 15.90 28.91
C THR A 464 65.44 15.54 29.40
N GLU A 465 66.25 16.47 29.90
CA GLU A 465 67.53 16.08 30.50
C GLU A 465 67.37 15.12 31.71
N GLU A 466 66.17 15.06 32.28
CA GLU A 466 65.83 14.14 33.38
C GLU A 466 65.56 12.71 32.92
N GLY A 467 64.98 12.57 31.72
CA GLY A 467 64.59 11.26 31.24
C GLY A 467 63.49 11.29 30.21
N ILE A 468 62.99 10.10 29.88
CA ILE A 468 61.95 9.95 28.89
C ILE A 468 60.67 9.54 29.59
N ALA A 469 59.57 10.24 29.31
CA ALA A 469 58.26 9.77 29.68
C ALA A 469 57.63 9.12 28.46
N TYR A 470 57.29 7.83 28.56
CA TYR A 470 56.68 7.08 27.44
C TYR A 470 55.17 7.22 27.43
N LEU A 471 54.69 8.40 27.04
CA LEU A 471 53.30 8.78 27.14
C LEU A 471 52.36 7.84 26.36
N TYR A 472 52.88 7.20 25.32
CA TYR A 472 52.00 6.37 24.52
C TYR A 472 51.46 5.21 25.33
N LYS A 473 52.11 4.93 26.46
CA LYS A 473 51.67 3.86 27.36
C LYS A 473 50.59 4.32 28.34
N ALA A 474 50.41 5.62 28.49
CA ALA A 474 49.39 6.15 29.41
C ALA A 474 47.98 5.69 29.07
N ARG A 475 47.27 5.17 30.07
CA ARG A 475 45.92 4.64 29.87
C ARG A 475 44.83 5.61 30.34
N SER A 476 45.23 6.75 30.90
CA SER A 476 44.30 7.83 31.23
C SER A 476 45.04 9.16 31.24
N LEU A 477 44.30 10.26 31.24
CA LEU A 477 44.91 11.58 31.28
C LEU A 477 45.75 11.78 32.54
N GLU A 478 45.21 11.30 33.66
CA GLU A 478 45.86 11.39 34.96
C GLU A 478 47.21 10.67 34.97
N GLU A 479 47.31 9.55 34.26
CA GLU A 479 48.56 8.80 34.24
C GLU A 479 49.60 9.52 33.40
N ARG A 480 49.13 10.09 32.28
CA ARG A 480 49.95 10.92 31.41
C ARG A 480 50.52 12.14 32.15
N GLN A 481 49.69 12.80 32.95
CA GLN A 481 50.14 13.90 33.80
C GLN A 481 51.24 13.43 34.76
N ALA A 482 51.04 12.25 35.35
CA ALA A 482 52.01 11.75 36.32
C ALA A 482 53.35 11.53 35.62
N MET A 483 53.29 10.98 34.41
CA MET A 483 54.51 10.68 33.67
C MET A 483 55.24 11.96 33.29
N ILE A 484 54.50 12.96 32.83
CA ILE A 484 55.11 14.24 32.46
C ILE A 484 55.78 14.86 33.69
N ALA A 485 55.06 14.87 34.80
CA ALA A 485 55.61 15.44 36.04
C ALA A 485 56.90 14.71 36.47
N ALA A 486 56.95 13.39 36.29
CA ALA A 486 58.17 12.62 36.64
C ALA A 486 59.42 13.03 35.86
N VAL A 487 59.28 13.66 34.71
CA VAL A 487 60.49 14.07 33.99
C VAL A 487 60.57 15.58 33.83
N ALA A 488 59.75 16.31 34.56
CA ALA A 488 59.66 17.77 34.38
C ALA A 488 60.60 18.52 35.32
N GLY A 489 61.41 17.79 36.07
CA GLY A 489 62.40 18.39 36.96
C GLY A 489 61.82 19.21 38.12
N ILE A 490 62.39 20.39 38.35
CA ILE A 490 61.94 21.24 39.43
C ILE A 490 61.15 22.44 38.89
N SER A 491 60.60 22.26 37.69
CA SER A 491 59.59 23.16 37.12
C SER A 491 58.31 23.07 37.95
N PRO A 492 57.40 24.05 37.81
CA PRO A 492 56.16 23.93 38.59
C PRO A 492 55.43 22.59 38.35
N ILE A 493 55.40 22.10 37.12
CA ILE A 493 54.88 20.78 36.82
C ILE A 493 55.72 19.65 37.50
N GLY A 494 57.03 19.74 37.42
CA GLY A 494 57.89 18.74 38.05
C GLY A 494 57.78 18.69 39.56
N LEU A 495 57.46 19.83 40.19
CA LEU A 495 57.34 19.86 41.65
C LEU A 495 56.08 19.12 42.14
N ARG A 496 55.17 18.78 41.22
CA ARG A 496 53.98 17.99 41.59
C ARG A 496 54.30 16.51 41.78
N HIS A 497 55.47 16.08 41.30
CA HIS A 497 55.87 14.68 41.40
C HIS A 497 56.45 14.29 42.76
N ASP A 498 55.91 13.22 43.32
CA ASP A 498 56.43 12.58 44.52
C ASP A 498 57.57 11.63 44.15
N PRO A 499 58.80 11.99 44.56
CA PRO A 499 59.97 11.22 44.12
C PRO A 499 59.94 9.76 44.56
N ARG A 500 59.17 9.39 45.59
CA ARG A 500 59.08 7.99 45.98
C ARG A 500 58.28 7.17 44.98
N GLU A 501 57.66 7.86 44.01
CA GLU A 501 56.91 7.19 42.95
C GLU A 501 57.79 6.89 41.74
N THR A 502 58.96 7.51 41.68
CA THR A 502 59.83 7.34 40.50
C THR A 502 60.23 5.88 40.24
N GLN A 503 60.57 5.15 41.31
CA GLN A 503 61.08 3.78 41.15
C GLN A 503 60.06 2.88 40.44
N ARG A 504 58.82 2.96 40.88
CA ARG A 504 57.73 2.22 40.27
C ARG A 504 57.55 2.56 38.79
N MET A 505 57.61 3.85 38.47
CA MET A 505 57.42 4.27 37.08
C MET A 505 58.56 3.76 36.23
N ARG A 506 59.77 3.74 36.80
CA ARG A 506 60.94 3.18 36.12
C ARG A 506 60.77 1.70 35.81
N ARG A 507 60.46 0.95 36.86
CA ARG A 507 60.26 -0.47 36.80
C ARG A 507 59.14 -0.88 35.83
N GLU A 508 58.04 -0.13 35.83
CA GLU A 508 56.93 -0.42 34.91
C GLU A 508 57.17 0.05 33.48
N GLY A 509 58.30 0.72 33.25
CA GLY A 509 58.61 1.20 31.91
C GLY A 509 57.87 2.45 31.48
N LEU A 510 57.21 3.13 32.42
CA LEU A 510 56.48 4.38 32.13
C LEU A 510 57.45 5.51 31.84
N ILE A 511 58.55 5.51 32.58
CA ILE A 511 59.64 6.44 32.32
C ILE A 511 60.94 5.67 32.29
N ALA A 512 61.93 6.25 31.62
CA ALA A 512 63.29 5.74 31.67
C ALA A 512 64.20 6.87 32.07
N LEU A 513 65.00 6.67 33.11
CA LEU A 513 66.06 7.62 33.42
C LEU A 513 67.25 7.19 32.58
N PRO A 514 68.25 8.08 32.39
CA PRO A 514 69.44 7.67 31.62
C PRO A 514 70.02 6.34 32.08
N GLU A 515 70.05 6.08 33.39
CA GLU A 515 70.69 4.86 33.88
C GLU A 515 69.82 3.63 33.60
N ASP A 516 68.54 3.84 33.30
CA ASP A 516 67.72 2.73 32.78
C ASP A 516 68.12 2.36 31.36
N LEU A 517 68.89 3.23 30.72
CA LEU A 517 69.18 3.09 29.31
C LEU A 517 70.63 2.71 29.13
N GLY A 518 71.31 2.49 30.25
CA GLY A 518 72.73 2.21 30.24
C GLY A 518 73.58 3.44 30.02
N ILE A 519 73.02 4.61 30.34
CA ILE A 519 73.71 5.86 30.11
C ILE A 519 74.11 6.49 31.43
N ARG A 520 75.39 6.85 31.58
CA ARG A 520 75.83 7.59 32.75
C ARG A 520 75.80 9.08 32.43
N ARG A 521 75.06 9.86 33.21
CA ARG A 521 74.86 11.28 32.90
C ARG A 521 76.16 12.03 32.60
N THR A 522 77.17 11.81 33.43
CA THR A 522 78.46 12.49 33.28
C THR A 522 79.21 12.11 32.01
N ASP A 523 78.79 11.04 31.33
CA ASP A 523 79.39 10.70 30.04
C ASP A 523 79.00 11.70 28.93
N ALA A 524 77.92 12.44 29.13
CA ALA A 524 77.48 13.42 28.12
C ALA A 524 78.45 14.57 28.03
N SER A 525 79.09 14.74 26.87
CA SER A 525 79.94 15.89 26.63
C SER A 525 80.15 16.17 25.16
N ARG A 526 80.73 17.33 24.88
CA ARG A 526 81.04 17.74 23.52
C ARG A 526 81.98 16.76 22.80
N GLU A 527 82.75 15.98 23.55
CA GLU A 527 83.67 15.03 22.92
C GLU A 527 82.92 14.01 22.05
N LEU A 528 81.65 13.75 22.35
CA LEU A 528 80.82 12.89 21.50
C LEU A 528 80.42 13.52 20.16
N LEU A 529 80.52 14.85 20.06
CA LEU A 529 80.16 15.52 18.80
C LEU A 529 81.18 15.17 17.71
N ALA A 530 80.69 14.58 16.63
CA ALA A 530 81.51 14.20 15.49
C ALA A 530 82.20 15.39 14.85
N ALA A 531 81.52 16.54 14.87
CA ALA A 531 82.15 17.80 14.48
C ALA A 531 81.87 18.85 15.56
N LYS A 532 82.88 19.63 15.92
CA LYS A 532 82.78 20.58 17.05
C LYS A 532 82.45 22.01 16.64
N SER A 533 82.47 22.27 15.33
CA SER A 533 82.42 23.64 14.81
C SER A 533 82.01 23.62 13.35
N ILE A 534 81.63 24.79 12.84
CA ILE A 534 81.38 24.94 11.41
C ILE A 534 82.58 24.52 10.56
N ALA A 535 83.78 24.97 10.94
CA ALA A 535 85.00 24.61 10.20
C ALA A 535 85.17 23.08 10.13
N GLU A 536 84.78 22.37 11.18
CA GLU A 536 84.90 20.91 11.17
C GLU A 536 83.82 20.27 10.30
N LEU A 537 82.67 20.95 10.20
CA LEU A 537 81.63 20.52 9.28
C LEU A 537 82.16 20.65 7.84
N VAL A 538 82.86 21.74 7.53
CA VAL A 538 83.38 21.93 6.17
C VAL A 538 84.38 20.82 5.86
N GLU A 539 85.20 20.49 6.85
CA GLU A 539 86.18 19.42 6.74
C GLU A 539 85.55 18.08 6.43
N TRP A 540 84.52 17.74 7.19
CA TRP A 540 83.78 16.50 6.99
C TRP A 540 83.21 16.45 5.57
N SER A 541 82.90 17.61 5.02
CA SER A 541 82.30 17.74 3.70
C SER A 541 83.37 17.78 2.60
N GLY A 542 84.64 17.61 2.99
CA GLY A 542 85.72 17.64 2.03
C GLY A 542 85.82 18.98 1.34
N GLY A 543 85.45 20.02 2.06
CA GLY A 543 85.48 21.37 1.53
C GLY A 543 84.27 21.78 0.70
N LEU A 544 83.32 20.87 0.48
CA LEU A 544 82.18 21.18 -0.37
C LEU A 544 81.19 22.15 0.26
N TYR A 545 80.97 22.04 1.57
CA TYR A 545 80.07 22.95 2.26
C TYR A 545 80.67 24.35 2.33
N GLN A 546 79.90 25.33 1.88
CA GLN A 546 80.31 26.72 1.86
C GLN A 546 79.47 27.52 2.85
N PRO A 547 79.93 27.65 4.10
CA PRO A 547 79.03 28.31 5.07
C PRO A 547 78.73 29.76 4.70
N PRO A 548 77.48 30.21 4.93
CA PRO A 548 77.18 31.63 4.74
C PRO A 548 78.00 32.49 5.68
N ALA A 549 78.17 33.75 5.33
CA ALA A 549 79.02 34.69 6.04
C ALA A 549 78.85 34.62 7.57
N ARG A 550 77.60 34.67 7.98
CA ARG A 550 77.13 34.51 9.35
C ARG A 550 77.90 33.46 10.18
N PHE A 551 78.25 32.36 9.53
CA PHE A 551 78.86 31.22 10.18
C PHE A 551 80.33 31.07 9.89
N ARG A 552 80.93 32.09 9.25
CA ARG A 552 82.32 32.01 8.85
C ARG A 552 83.28 32.51 9.93
N SER A 553 84.42 31.84 10.04
CA SER A 553 85.50 32.28 10.92
C SER A 553 86.80 32.31 10.12
N TRP A 554 86.73 32.86 8.92
CA TRP A 554 87.87 32.93 8.00
C TRP A 554 87.52 33.76 6.80
N MET B 1 71.99 40.04 41.67
CA MET B 1 72.82 38.97 42.20
C MET B 1 72.53 38.70 43.67
N GLU B 2 72.52 37.43 44.07
CA GLU B 2 72.51 37.16 45.49
C GLU B 2 73.45 36.05 45.89
N THR B 3 73.68 35.99 47.21
CA THR B 3 74.55 34.98 47.78
C THR B 3 73.70 34.16 48.73
N LEU B 4 73.78 32.85 48.57
CA LEU B 4 72.90 31.93 49.27
C LEU B 4 73.76 30.86 49.91
N SER B 5 73.30 30.35 51.05
CA SER B 5 74.02 29.31 51.77
C SER B 5 73.11 28.14 52.02
N PHE B 6 73.64 26.94 51.88
CA PHE B 6 72.85 25.75 52.11
C PHE B 6 73.67 24.78 52.93
N GLU B 7 72.98 23.91 53.64
CA GLU B 7 73.67 22.91 54.43
C GLU B 7 72.88 21.61 54.47
N PHE B 8 73.60 20.51 54.38
CA PHE B 8 72.96 19.22 54.27
C PHE B 8 73.71 18.21 55.09
N PRO B 9 73.00 17.17 55.55
CA PRO B 9 73.64 16.05 56.25
C PRO B 9 74.56 15.31 55.29
N ALA B 10 75.78 15.02 55.73
CA ALA B 10 76.73 14.31 54.87
C ALA B 10 77.50 13.26 55.68
N GLY B 11 78.36 12.50 54.99
CA GLY B 11 79.12 11.45 55.63
C GLY B 11 80.51 11.94 55.98
N GLN B 12 81.50 11.13 55.63
CA GLN B 12 82.89 11.43 55.93
C GLN B 12 83.43 12.43 54.91
N PRO B 13 84.44 13.22 55.28
CA PRO B 13 84.95 14.18 54.29
C PRO B 13 85.43 13.50 53.01
N GLY B 14 85.01 14.05 51.86
CA GLY B 14 85.60 13.66 50.59
C GLY B 14 87.07 13.96 50.71
N ARG B 15 87.91 13.43 49.84
CA ARG B 15 89.32 13.65 50.11
C ARG B 15 90.11 14.23 48.94
N GLY B 16 89.50 14.29 47.76
CA GLY B 16 90.11 15.05 46.69
C GLY B 16 89.56 16.46 46.63
N ARG B 17 89.99 17.22 45.63
CA ARG B 17 89.41 18.53 45.32
C ARG B 17 89.02 18.54 43.84
N ALA B 18 88.05 19.37 43.46
CA ALA B 18 87.74 19.51 42.04
C ALA B 18 87.18 20.86 41.66
N LEU B 19 87.47 21.28 40.45
CA LEU B 19 86.87 22.46 39.87
C LEU B 19 86.22 22.10 38.54
N VAL B 20 84.95 22.42 38.39
CA VAL B 20 84.26 22.11 37.13
C VAL B 20 83.57 23.37 36.64
N GLY B 21 83.55 23.58 35.33
CA GLY B 21 82.74 24.65 34.78
C GLY B 21 83.45 25.97 34.62
N CYS B 22 82.65 26.99 34.41
CA CYS B 22 83.16 28.30 34.04
C CYS B 22 82.04 29.33 34.26
N VAL B 23 82.40 30.56 34.62
CA VAL B 23 81.37 31.55 34.85
C VAL B 23 81.06 32.29 33.53
N GLY B 24 80.72 31.53 32.51
CA GLY B 24 80.23 32.09 31.26
C GLY B 24 78.74 32.26 31.39
N SER B 25 78.12 33.14 30.60
CA SER B 25 76.67 33.33 30.68
C SER B 25 75.96 32.03 30.37
N GLY B 26 74.98 31.68 31.19
CA GLY B 26 74.25 30.44 31.01
C GLY B 26 75.02 29.24 31.53
N ASP B 27 76.04 29.51 32.32
CA ASP B 27 76.89 28.45 32.86
C ASP B 27 77.30 28.77 34.30
N LEU B 28 78.01 27.84 34.94
CA LEU B 28 78.49 28.04 36.31
C LEU B 28 79.80 27.30 36.51
N GLU B 29 80.59 27.72 37.50
CA GLU B 29 81.70 26.89 37.96
C GLU B 29 81.37 26.35 39.34
N VAL B 30 81.94 25.20 39.68
CA VAL B 30 81.72 24.62 40.98
C VAL B 30 83.07 24.20 41.57
N LEU B 31 83.39 24.71 42.76
CA LEU B 31 84.57 24.31 43.50
C LEU B 31 84.16 23.28 44.53
N LEU B 32 84.85 22.16 44.61
CA LEU B 32 84.53 21.15 45.60
C LEU B 32 85.78 20.75 46.37
N GLU B 33 85.73 20.93 47.69
CA GLU B 33 86.87 20.66 48.59
C GLU B 33 86.42 19.87 49.82
N PRO B 34 87.35 19.13 50.43
CA PRO B 34 86.93 18.33 51.59
C PRO B 34 86.31 19.18 52.69
N GLY B 35 85.24 18.68 53.32
CA GLY B 35 84.53 19.41 54.34
C GLY B 35 84.63 18.84 55.76
N GLN B 36 83.71 19.27 56.62
CA GLN B 36 83.62 18.81 58.01
C GLN B 36 82.62 17.67 58.14
N PRO B 37 83.06 16.53 58.73
CA PRO B 37 82.29 15.28 58.77
C PRO B 37 80.83 15.48 59.23
N GLY B 38 79.90 14.75 58.60
CA GLY B 38 78.49 14.90 58.87
C GLY B 38 77.81 16.08 58.19
N LYS B 39 78.59 16.94 57.54
CA LYS B 39 78.07 18.20 57.02
C LYS B 39 78.53 18.56 55.60
N LEU B 40 77.59 19.02 54.78
CA LEU B 40 77.91 19.51 53.45
C LEU B 40 77.48 20.96 53.37
N SER B 41 78.46 21.87 53.23
CA SER B 41 78.18 23.30 53.19
C SER B 41 78.28 23.83 51.77
N ILE B 42 77.24 24.49 51.30
CA ILE B 42 77.20 24.99 49.94
C ILE B 42 76.94 26.48 49.92
N GLN B 43 77.82 27.20 49.24
CA GLN B 43 77.66 28.62 48.99
C GLN B 43 77.35 28.83 47.52
N VAL B 44 76.30 29.58 47.21
CA VAL B 44 75.94 29.88 45.83
C VAL B 44 75.94 31.38 45.60
N GLN B 45 76.65 31.81 44.58
CA GLN B 45 76.54 33.17 44.09
C GLN B 45 75.96 33.09 42.69
N THR B 46 74.83 33.75 42.49
CA THR B 46 74.10 33.59 41.23
C THR B 46 73.63 34.95 40.72
N SER B 47 73.62 35.11 39.41
CA SER B 47 73.12 36.33 38.77
C SER B 47 71.60 36.44 38.81
N VAL B 48 70.93 35.30 39.00
CA VAL B 48 69.48 35.24 39.00
C VAL B 48 68.88 35.50 40.39
N ASN B 49 68.14 36.61 40.51
CA ASN B 49 67.53 36.99 41.79
C ASN B 49 66.29 36.17 42.09
N GLY B 50 66.04 35.94 43.38
CA GLY B 50 64.85 35.24 43.81
C GLY B 50 64.81 33.76 43.47
N SER B 51 65.98 33.12 43.37
CA SER B 51 66.01 31.72 42.94
C SER B 51 66.38 30.79 44.08
N ALA B 52 66.32 31.28 45.30
CA ALA B 52 66.74 30.49 46.45
C ALA B 52 66.00 29.14 46.55
N SER B 53 64.68 29.14 46.38
CA SER B 53 63.92 27.91 46.61
C SER B 53 64.14 26.93 45.45
N ARG B 54 64.44 27.48 44.28
CA ARG B 54 64.87 26.68 43.14
C ARG B 54 66.15 25.90 43.51
N TRP B 55 67.17 26.59 44.02
CA TRP B 55 68.42 25.95 44.39
C TRP B 55 68.19 24.93 45.52
N GLN B 56 67.30 25.25 46.44
CA GLN B 56 66.93 24.34 47.52
C GLN B 56 66.36 23.01 46.97
N HIS B 57 65.42 23.13 46.04
CA HIS B 57 64.84 21.94 45.43
C HIS B 57 65.87 21.09 44.72
N LEU B 58 66.73 21.76 43.95
CA LEU B 58 67.77 21.10 43.17
C LEU B 58 68.65 20.20 44.05
N PHE B 59 69.18 20.79 45.13
CA PHE B 59 70.01 20.06 46.09
C PHE B 59 69.23 18.97 46.83
N GLU B 60 67.99 19.25 47.16
CA GLU B 60 67.16 18.28 47.85
C GLU B 60 67.07 17.00 47.04
N ARG B 61 66.86 17.14 45.74
CA ARG B 61 66.72 15.98 44.85
C ARG B 61 68.02 15.28 44.63
N LEU B 62 69.06 16.08 44.49
CA LEU B 62 70.40 15.55 44.31
C LEU B 62 70.79 14.65 45.50
N PHE B 63 70.44 15.07 46.72
CA PHE B 63 70.89 14.35 47.92
C PHE B 63 69.81 13.47 48.58
N ASP B 64 68.69 13.27 47.88
CA ASP B 64 67.57 12.47 48.37
C ASP B 64 67.95 11.00 48.58
N GLY B 65 68.07 10.59 49.83
CA GLY B 65 68.32 9.20 50.18
C GLY B 65 69.73 8.74 49.83
N GLN B 66 70.64 9.70 49.68
CA GLN B 66 72.02 9.35 49.38
C GLN B 66 72.95 10.35 49.98
N THR B 67 73.62 9.92 51.04
CA THR B 67 74.52 10.76 51.82
C THR B 67 75.78 11.04 51.00
N PRO B 68 75.95 12.29 50.55
CA PRO B 68 77.15 12.67 49.82
C PRO B 68 78.35 12.73 50.77
N PRO B 69 79.57 12.81 50.22
CA PRO B 69 80.72 13.07 51.08
C PRO B 69 80.61 14.46 51.70
N ALA B 70 81.19 14.64 52.88
CA ALA B 70 81.23 15.95 53.50
C ALA B 70 82.18 16.83 52.71
N LEU B 71 81.64 17.87 52.10
CA LEU B 71 82.42 18.73 51.22
C LEU B 71 82.13 20.19 51.51
N LEU B 72 83.03 21.03 51.03
CA LEU B 72 82.82 22.46 50.95
C LEU B 72 82.60 22.77 49.49
N ILE B 73 81.44 23.31 49.16
CA ILE B 73 81.11 23.53 47.76
C ILE B 73 80.86 25.00 47.56
N ASP B 74 81.60 25.57 46.63
CA ASP B 74 81.43 26.96 46.27
C ASP B 74 80.98 27.05 44.80
N ILE B 75 79.85 27.71 44.58
CA ILE B 75 79.26 27.79 43.26
C ILE B 75 79.21 29.24 42.81
N HIS B 76 79.65 29.48 41.57
CA HIS B 76 79.51 30.79 40.95
C HIS B 76 78.72 30.61 39.68
N ASP B 77 77.46 31.02 39.73
CA ASP B 77 76.53 30.81 38.63
C ASP B 77 76.14 32.09 37.88
N PHE B 78 76.21 32.02 36.57
CA PHE B 78 75.82 33.12 35.68
C PHE B 78 74.57 32.66 34.88
N GLY B 79 73.54 32.23 35.60
CA GLY B 79 72.27 31.93 34.96
C GLY B 79 72.13 30.60 34.21
N ALA B 80 72.85 29.58 34.67
CA ALA B 80 72.69 28.25 34.12
C ALA B 80 71.27 27.72 34.37
N THR B 81 70.74 26.91 33.46
CA THR B 81 69.49 26.22 33.73
C THR B 81 69.72 25.18 34.85
N PRO B 82 68.64 24.79 35.55
CA PRO B 82 68.75 23.75 36.58
C PRO B 82 69.33 22.46 36.01
N GLY B 83 68.99 22.18 34.75
CA GLY B 83 69.57 21.05 34.04
C GLY B 83 71.08 21.12 33.92
N VAL B 84 71.61 22.27 33.49
CA VAL B 84 73.06 22.45 33.41
C VAL B 84 73.68 22.39 34.81
N VAL B 85 73.05 23.06 35.78
CA VAL B 85 73.53 23.04 37.16
C VAL B 85 73.65 21.61 37.71
N ARG B 86 72.58 20.84 37.59
CA ARG B 86 72.59 19.45 38.04
C ARG B 86 73.73 18.64 37.40
N LEU B 87 73.86 18.75 36.07
CA LEU B 87 74.89 18.01 35.34
C LEU B 87 76.31 18.32 35.82
N ARG B 88 76.60 19.61 36.01
CA ARG B 88 77.91 20.03 36.52
C ARG B 88 78.21 19.59 37.94
N LEU B 89 77.19 19.65 38.79
CA LEU B 89 77.35 19.20 40.16
C LEU B 89 77.68 17.72 40.17
N GLU B 90 77.05 16.96 39.27
CA GLU B 90 77.32 15.53 39.18
C GLU B 90 78.72 15.30 38.62
N GLN B 91 79.14 16.11 37.65
CA GLN B 91 80.52 16.08 37.15
C GLN B 91 81.56 16.35 38.25
N GLY B 92 81.27 17.35 39.08
CA GLY B 92 82.12 17.68 40.21
C GLY B 92 82.24 16.54 41.22
N PHE B 93 81.11 15.99 41.64
CA PHE B 93 81.09 14.88 42.60
C PHE B 93 81.81 13.65 42.05
N GLU B 94 81.69 13.45 40.74
CA GLU B 94 82.39 12.37 40.03
C GLU B 94 83.92 12.45 40.16
N GLU B 95 84.47 13.63 39.88
CA GLU B 95 85.92 13.85 39.99
C GLU B 95 86.46 13.69 41.41
N ILE B 96 85.73 14.21 42.38
CA ILE B 96 86.11 14.17 43.79
C ILE B 96 86.31 12.74 44.31
N GLY B 97 85.60 11.78 43.71
CA GLY B 97 85.73 10.37 44.07
C GLY B 97 86.56 9.56 43.08
N ASP C 3 59.11 -57.58 41.03
CA ASP C 3 58.68 -56.25 40.66
C ASP C 3 59.86 -55.42 40.13
N VAL C 4 60.59 -56.05 39.21
CA VAL C 4 61.66 -55.39 38.48
C VAL C 4 61.09 -54.22 37.68
N ALA C 5 59.91 -54.45 37.10
CA ALA C 5 59.22 -53.44 36.29
C ALA C 5 59.09 -52.12 37.05
N ARG C 6 58.64 -52.19 38.29
CA ARG C 6 58.54 -50.99 39.12
C ARG C 6 59.89 -50.30 39.33
N LEU C 7 60.91 -51.08 39.68
CA LEU C 7 62.23 -50.55 39.94
C LEU C 7 62.86 -49.93 38.69
N LEU C 8 62.54 -50.49 37.53
CA LEU C 8 63.02 -49.95 36.25
C LEU C 8 62.24 -48.71 35.83
N ALA C 9 61.11 -48.45 36.49
CA ALA C 9 60.23 -47.36 36.12
C ALA C 9 60.27 -46.18 37.11
N LEU C 10 61.15 -46.25 38.10
CA LEU C 10 61.34 -45.15 39.04
C LEU C 10 61.54 -43.81 38.32
N ARG C 11 60.71 -42.83 38.66
CA ARG C 11 60.85 -41.48 38.15
C ARG C 11 61.12 -40.51 39.28
N SER C 12 62.39 -40.43 39.66
CA SER C 12 62.84 -39.60 40.78
C SER C 12 62.67 -38.11 40.51
N PHE C 13 62.22 -37.38 41.52
CA PHE C 13 62.15 -35.94 41.40
C PHE C 13 63.54 -35.31 41.57
N THR C 14 64.35 -35.82 42.50
CA THR C 14 65.65 -35.21 42.77
C THR C 14 66.65 -35.42 41.61
N GLU C 15 66.37 -36.38 40.72
CA GLU C 15 67.16 -36.59 39.51
C GLU C 15 67.18 -35.39 38.58
N LEU C 16 66.10 -34.63 38.58
CA LEU C 16 65.92 -33.58 37.60
C LEU C 16 66.73 -32.33 37.96
N GLY C 17 67.24 -31.64 36.95
CA GLY C 17 67.79 -30.31 37.14
C GLY C 17 66.66 -29.33 37.38
N ALA C 18 67.01 -28.09 37.76
CA ALA C 18 66.02 -27.09 38.13
C ALA C 18 65.01 -26.80 37.01
N ARG C 19 65.50 -26.57 35.81
CA ARG C 19 64.62 -26.26 34.68
C ARG C 19 63.68 -27.44 34.45
N GLN C 20 64.22 -28.65 34.53
CA GLN C 20 63.43 -29.89 34.42
C GLN C 20 62.36 -30.02 35.50
N ARG C 21 62.72 -29.70 36.74
CA ARG C 21 61.76 -29.73 37.84
C ARG C 21 60.65 -28.72 37.59
N ALA C 22 61.02 -27.54 37.08
CA ALA C 22 60.04 -26.47 36.86
C ALA C 22 59.10 -26.83 35.72
N ARG C 23 59.63 -27.41 34.65
CA ARG C 23 58.81 -27.80 33.52
C ARG C 23 57.86 -28.93 33.93
N ALA C 24 58.32 -29.82 34.79
CA ALA C 24 57.52 -30.97 35.22
C ALA C 24 56.36 -30.58 36.14
N LEU C 25 56.58 -29.65 37.07
CA LEU C 25 55.56 -29.31 38.05
C LEU C 25 54.43 -28.44 37.48
N LEU C 26 54.77 -27.51 36.60
CA LEU C 26 53.75 -26.69 35.92
C LEU C 26 52.87 -27.53 34.99
N ASP C 27 51.66 -27.04 34.72
CA ASP C 27 50.74 -27.74 33.83
C ASP C 27 51.42 -28.00 32.48
N ALA C 28 51.27 -29.22 31.97
CA ALA C 28 51.83 -29.59 30.68
C ALA C 28 51.53 -28.52 29.64
N GLY C 29 52.56 -28.06 28.95
CA GLY C 29 52.38 -27.02 27.96
C GLY C 29 52.47 -25.58 28.44
N SER C 30 52.27 -25.33 29.75
CA SER C 30 52.16 -23.95 30.20
C SER C 30 53.51 -23.29 30.48
N PHE C 31 54.58 -24.07 30.57
CA PHE C 31 55.90 -23.56 30.96
C PHE C 31 56.41 -22.42 30.06
N ARG C 32 56.69 -21.26 30.64
CA ARG C 32 57.26 -20.15 29.87
C ARG C 32 58.28 -19.37 30.70
N GLU C 33 59.55 -19.49 30.32
CA GLU C 33 60.62 -18.97 31.16
C GLU C 33 60.84 -17.47 30.97
N LEU C 34 61.04 -16.77 32.08
CA LEU C 34 61.40 -15.36 32.03
C LEU C 34 62.89 -15.23 32.26
N LEU C 35 63.53 -14.35 31.49
CA LEU C 35 64.95 -14.10 31.61
C LEU C 35 65.71 -15.42 31.42
N ASP C 36 65.37 -16.12 30.35
CA ASP C 36 65.93 -17.42 30.07
C ASP C 36 67.41 -17.26 29.66
N PRO C 37 68.15 -18.38 29.56
CA PRO C 37 69.59 -18.23 29.32
C PRO C 37 69.98 -17.44 28.07
N PHE C 38 69.11 -17.34 27.07
CA PHE C 38 69.45 -16.59 25.86
C PHE C 38 69.34 -15.08 26.06
N ALA C 39 68.65 -14.66 27.12
CA ALA C 39 68.61 -13.25 27.49
C ALA C 39 69.98 -12.77 27.99
N GLY C 40 70.88 -13.69 28.29
CA GLY C 40 72.22 -13.31 28.75
C GLY C 40 72.31 -12.51 30.04
N VAL C 41 71.26 -12.54 30.87
CA VAL C 41 71.25 -11.76 32.12
C VAL C 41 71.92 -12.57 33.23
N GLN C 42 73.24 -12.46 33.30
CA GLN C 42 74.11 -13.24 34.17
C GLN C 42 74.66 -12.37 35.29
N SER C 43 75.42 -12.95 36.20
CA SER C 43 76.07 -12.15 37.23
C SER C 43 77.01 -11.10 36.64
N PRO C 44 76.89 -9.85 37.08
CA PRO C 44 77.85 -8.82 36.68
C PRO C 44 79.12 -8.85 37.52
N TRP C 45 79.17 -9.75 38.48
CA TRP C 45 80.25 -9.75 39.46
C TRP C 45 81.23 -10.91 39.34
N LEU C 46 80.83 -12.01 38.71
CA LEU C 46 81.63 -13.24 38.82
C LEU C 46 82.92 -13.23 37.99
N GLU C 47 82.86 -12.68 36.77
CA GLU C 47 84.00 -12.69 35.83
C GLU C 47 85.25 -12.00 36.36
N ARG C 48 85.10 -10.77 36.84
CA ARG C 48 86.20 -9.98 37.39
C ARG C 48 86.90 -10.71 38.54
N GLN C 49 86.17 -11.63 39.14
CA GLN C 49 86.65 -12.56 40.15
C GLN C 49 87.19 -13.90 39.64
N GLY C 50 87.15 -14.14 38.33
CA GLY C 50 87.76 -15.35 37.82
C GLY C 50 86.86 -16.56 37.94
N ILE C 51 85.56 -16.29 38.02
CA ILE C 51 84.59 -17.36 38.11
C ILE C 51 83.70 -17.32 36.88
N VAL C 52 83.51 -18.46 36.25
CA VAL C 52 82.71 -18.53 35.06
C VAL C 52 81.22 -18.41 35.38
N PRO C 53 80.52 -17.46 34.74
CA PRO C 53 79.09 -17.28 35.03
C PRO C 53 78.17 -18.29 34.33
N GLN C 54 77.00 -18.53 34.91
CA GLN C 54 75.94 -19.24 34.22
C GLN C 54 74.95 -18.21 33.67
N ALA C 55 74.37 -18.48 32.50
CA ALA C 55 73.62 -17.43 31.78
C ALA C 55 72.30 -17.06 32.45
N ASP C 56 71.69 -18.02 33.18
CA ASP C 56 70.50 -17.72 33.97
C ASP C 56 70.83 -17.40 35.44
N ASP C 57 72.12 -17.31 35.73
CA ASP C 57 72.70 -17.09 37.08
C ASP C 57 72.23 -18.13 38.11
N GLY C 58 71.75 -19.27 37.64
CA GLY C 58 71.50 -20.40 38.52
C GLY C 58 70.10 -20.41 39.12
N VAL C 59 69.19 -19.65 38.50
CA VAL C 59 67.77 -19.67 38.87
C VAL C 59 66.91 -19.73 37.61
N VAL C 60 65.91 -20.59 37.62
CA VAL C 60 64.91 -20.66 36.57
C VAL C 60 63.62 -19.99 37.04
N VAL C 61 63.18 -18.93 36.37
CA VAL C 61 61.87 -18.34 36.68
C VAL C 61 60.92 -18.57 35.51
N ALA C 62 59.80 -19.24 35.77
CA ALA C 62 58.85 -19.51 34.70
C ALA C 62 57.44 -19.14 35.12
N ARG C 63 56.71 -18.59 34.17
CA ARG C 63 55.27 -18.44 34.28
C ARG C 63 54.64 -19.74 33.80
N GLY C 64 53.40 -19.96 34.17
CA GLY C 64 52.65 -21.10 33.66
C GLY C 64 51.34 -21.21 34.39
N LEU C 65 50.79 -22.42 34.38
CA LEU C 65 49.57 -22.73 35.10
C LEU C 65 49.80 -23.83 36.13
N LEU C 66 49.15 -23.69 37.28
CA LEU C 66 49.03 -24.77 38.25
C LEU C 66 47.55 -25.11 38.43
N ASP C 67 47.12 -26.21 37.81
CA ASP C 67 45.72 -26.60 37.74
C ASP C 67 44.83 -25.52 37.14
N GLY C 68 45.20 -25.02 35.97
CA GLY C 68 44.45 -23.98 35.29
C GLY C 68 44.74 -22.55 35.76
N GLN C 69 45.17 -22.42 37.01
CA GLN C 69 45.36 -21.13 37.67
C GLN C 69 46.69 -20.48 37.32
N PRO C 70 46.72 -19.12 37.28
CA PRO C 70 47.96 -18.39 36.97
C PRO C 70 49.05 -18.66 37.99
N ALA C 71 50.27 -18.88 37.53
CA ALA C 71 51.36 -19.20 38.45
C ALA C 71 52.73 -18.71 37.98
N VAL C 72 53.62 -18.57 38.94
CA VAL C 72 55.01 -18.30 38.67
C VAL C 72 55.80 -19.29 39.53
N LEU C 73 56.90 -19.78 38.99
CA LEU C 73 57.71 -20.78 39.66
C LEU C 73 59.17 -20.32 39.62
N ALA C 74 59.81 -20.22 40.79
CA ALA C 74 61.26 -19.97 40.82
C ALA C 74 61.96 -21.24 41.32
N ALA C 75 62.97 -21.71 40.59
CA ALA C 75 63.71 -22.91 40.96
C ALA C 75 65.22 -22.65 40.95
N ILE C 76 65.88 -22.92 42.06
CA ILE C 76 67.30 -22.65 42.15
C ILE C 76 68.07 -23.87 41.65
N GLU C 77 69.05 -23.63 40.78
CA GLU C 77 69.91 -24.72 40.28
C GLU C 77 71.05 -24.94 41.26
N GLY C 78 70.93 -25.99 42.06
CA GLY C 78 71.91 -26.31 43.08
C GLY C 78 73.29 -26.63 42.53
N ALA C 79 73.37 -26.99 41.25
CA ALA C 79 74.64 -27.34 40.61
C ALA C 79 75.53 -26.11 40.33
N PHE C 80 74.94 -24.92 40.27
CA PHE C 80 75.73 -23.72 40.05
C PHE C 80 75.96 -22.96 41.34
N GLN C 81 77.22 -22.78 41.69
CA GLN C 81 77.58 -22.06 42.93
C GLN C 81 76.90 -22.66 44.17
N GLY C 82 76.52 -23.93 44.08
CA GLY C 82 75.86 -24.61 45.18
C GLY C 82 74.51 -24.00 45.48
N GLY C 83 73.91 -23.37 44.47
CA GLY C 83 72.62 -22.72 44.62
C GLY C 83 72.64 -21.45 45.46
N SER C 84 73.83 -20.98 45.84
CA SER C 84 73.95 -19.77 46.61
C SER C 84 73.55 -18.56 45.77
N LEU C 85 72.73 -17.69 46.35
CA LEU C 85 72.08 -16.63 45.57
C LEU C 85 72.93 -15.36 45.41
N GLY C 86 72.98 -14.88 44.17
CA GLY C 86 73.69 -13.67 43.84
C GLY C 86 72.74 -12.52 43.55
N GLU C 87 73.27 -11.44 43.01
CA GLU C 87 72.44 -10.25 42.79
C GLU C 87 71.32 -10.56 41.81
N VAL C 88 71.66 -11.20 40.69
CA VAL C 88 70.70 -11.44 39.64
C VAL C 88 69.73 -12.57 40.00
N SER C 89 70.27 -13.72 40.42
CA SER C 89 69.43 -14.83 40.83
C SER C 89 68.47 -14.42 41.96
N GLY C 90 68.98 -13.69 42.96
CA GLY C 90 68.13 -13.15 44.02
C GLY C 90 67.03 -12.21 43.53
N ALA C 91 67.37 -11.37 42.54
CA ALA C 91 66.41 -10.39 42.05
C ALA C 91 65.36 -11.06 41.18
N LYS C 92 65.76 -12.08 40.42
CA LYS C 92 64.80 -12.87 39.67
C LYS C 92 63.71 -13.45 40.59
N ILE C 93 64.11 -14.02 41.73
CA ILE C 93 63.12 -14.64 42.63
C ILE C 93 62.25 -13.55 43.29
N ALA C 94 62.90 -12.51 43.83
CA ALA C 94 62.19 -11.44 44.52
C ALA C 94 61.22 -10.68 43.58
N GLY C 95 61.73 -10.32 42.40
CA GLY C 95 60.97 -9.61 41.38
C GLY C 95 59.73 -10.37 40.95
N ALA C 96 59.85 -11.70 40.83
CA ALA C 96 58.72 -12.53 40.42
C ALA C 96 57.64 -12.60 41.50
N LEU C 97 58.08 -12.77 42.74
CA LEU C 97 57.17 -12.77 43.88
C LEU C 97 56.44 -11.43 43.96
N GLU C 98 57.19 -10.34 43.78
CA GLU C 98 56.63 -9.00 43.74
C GLU C 98 55.53 -8.83 42.67
N LEU C 99 55.74 -9.38 41.47
CA LEU C 99 54.74 -9.23 40.41
C LEU C 99 53.52 -10.09 40.71
N ALA C 100 53.73 -11.20 41.39
CA ALA C 100 52.61 -12.07 41.76
C ALA C 100 51.67 -11.34 42.76
N ALA C 101 52.24 -10.67 43.76
CA ALA C 101 51.45 -9.87 44.70
C ALA C 101 50.66 -8.82 43.92
N GLU C 102 51.33 -8.16 42.98
CA GLU C 102 50.67 -7.11 42.22
C GLU C 102 49.58 -7.66 41.30
N ASP C 103 49.80 -8.84 40.71
CA ASP C 103 48.75 -9.53 40.00
C ASP C 103 47.50 -9.66 40.87
N ASN C 104 47.71 -10.10 42.11
CA ASN C 104 46.61 -10.34 43.01
C ASN C 104 45.85 -9.06 43.39
N ARG C 105 46.55 -7.93 43.48
CA ARG C 105 45.88 -6.66 43.75
C ARG C 105 45.10 -6.15 42.52
N ASN C 106 45.34 -6.76 41.37
CA ASN C 106 44.61 -6.43 40.16
C ASN C 106 43.66 -7.52 39.73
N GLY C 107 43.21 -8.33 40.68
CA GLY C 107 42.20 -9.35 40.42
C GLY C 107 42.70 -10.72 40.03
N VAL C 108 43.97 -10.82 39.65
CA VAL C 108 44.53 -12.07 39.15
C VAL C 108 45.25 -12.86 40.24
N PRO C 109 44.68 -14.02 40.62
CA PRO C 109 45.10 -14.89 41.71
C PRO C 109 46.38 -15.70 41.43
N THR C 110 47.43 -15.03 40.97
CA THR C 110 48.72 -15.66 40.73
C THR C 110 49.36 -16.23 42.01
N ARG C 111 49.73 -17.51 41.95
CA ARG C 111 50.43 -18.21 43.04
C ARG C 111 51.91 -18.39 42.73
N ALA C 112 52.75 -18.42 43.75
CA ALA C 112 54.16 -18.72 43.54
C ALA C 112 54.59 -20.09 44.10
N LEU C 113 55.36 -20.82 43.29
CA LEU C 113 55.99 -22.06 43.71
C LEU C 113 57.51 -21.86 43.81
N LEU C 114 58.09 -22.16 44.97
CA LEU C 114 59.52 -21.98 45.17
C LEU C 114 60.21 -23.33 45.32
N LEU C 115 61.16 -23.64 44.43
CA LEU C 115 61.95 -24.88 44.52
C LEU C 115 63.34 -24.53 45.03
N LEU C 116 63.55 -24.81 46.31
CA LEU C 116 64.69 -24.27 47.02
C LEU C 116 65.81 -25.30 47.19
N GLU C 117 66.73 -25.29 46.23
CA GLU C 117 68.01 -25.99 46.30
C GLU C 117 69.11 -24.98 46.53
N THR C 118 69.48 -24.70 47.77
CA THR C 118 70.35 -23.55 47.97
C THR C 118 71.17 -23.63 49.23
N GLY C 119 72.43 -23.23 49.13
CA GLY C 119 73.31 -23.19 50.28
C GLY C 119 73.45 -21.81 50.86
N GLY C 120 72.47 -20.93 50.58
CA GLY C 120 72.39 -19.61 51.18
C GLY C 120 72.77 -18.42 50.30
N VAL C 121 73.72 -17.63 50.80
CA VAL C 121 74.22 -16.43 50.13
C VAL C 121 75.58 -16.71 49.47
N ARG C 122 75.78 -16.11 48.30
CA ARG C 122 77.00 -16.24 47.51
C ARG C 122 78.07 -15.25 47.96
N LEU C 123 79.20 -15.73 48.48
CA LEU C 123 80.18 -14.83 49.10
C LEU C 123 80.77 -13.80 48.14
N GLN C 124 80.96 -14.18 46.89
CA GLN C 124 81.53 -13.27 45.91
C GLN C 124 80.55 -12.13 45.58
N GLU C 125 79.29 -12.27 45.98
CA GLU C 125 78.33 -11.17 45.84
C GLU C 125 77.58 -10.93 47.16
N ALA C 126 78.29 -11.20 48.26
CA ALA C 126 77.71 -11.35 49.61
C ALA C 126 76.55 -10.41 49.95
N ASN C 127 76.83 -9.11 49.97
CA ASN C 127 75.85 -8.17 50.48
C ASN C 127 74.71 -7.93 49.53
N LEU C 128 74.93 -8.22 48.24
CA LEU C 128 73.84 -8.16 47.27
C LEU C 128 72.96 -9.40 47.37
N GLY C 129 73.56 -10.55 47.63
CA GLY C 129 72.81 -11.77 47.86
C GLY C 129 71.92 -11.67 49.09
N LEU C 130 72.47 -11.11 50.17
CA LEU C 130 71.74 -10.91 51.41
C LEU C 130 70.64 -9.84 51.24
N ALA C 131 70.95 -8.74 50.56
CA ALA C 131 69.92 -7.74 50.30
C ALA C 131 68.75 -8.35 49.50
N ALA C 132 69.06 -9.17 48.50
CA ALA C 132 68.02 -9.81 47.68
C ALA C 132 67.12 -10.71 48.51
N ILE C 133 67.74 -11.48 49.40
CA ILE C 133 67.03 -12.41 50.26
C ILE C 133 66.01 -11.66 51.14
N ALA C 134 66.43 -10.50 51.66
CA ALA C 134 65.52 -9.61 52.36
C ALA C 134 64.31 -9.23 51.52
N GLU C 135 64.53 -8.96 50.23
CA GLU C 135 63.44 -8.63 49.32
C GLU C 135 62.63 -9.88 48.96
N ILE C 136 63.29 -11.02 48.87
CA ILE C 136 62.57 -12.27 48.67
C ILE C 136 61.58 -12.51 49.83
N GLN C 137 62.09 -12.35 51.04
CA GLN C 137 61.30 -12.54 52.24
C GLN C 137 60.14 -11.54 52.30
N ALA C 138 60.41 -10.27 52.04
CA ALA C 138 59.34 -9.27 52.04
C ALA C 138 58.27 -9.66 51.04
N ALA C 139 58.70 -10.16 49.89
CA ALA C 139 57.78 -10.40 48.80
C ALA C 139 56.89 -11.60 49.13
N ILE C 140 57.44 -12.56 49.86
CA ILE C 140 56.66 -13.72 50.29
C ILE C 140 55.54 -13.27 51.25
N VAL C 141 55.89 -12.46 52.23
CA VAL C 141 54.89 -11.96 53.20
C VAL C 141 53.81 -11.15 52.49
N ASP C 142 54.20 -10.22 51.62
CA ASP C 142 53.25 -9.47 50.80
C ASP C 142 52.32 -10.41 50.04
N LEU C 143 52.89 -11.28 49.20
CA LEU C 143 52.09 -12.21 48.40
C LEU C 143 51.13 -13.07 49.24
N GLN C 144 51.53 -13.40 50.46
CA GLN C 144 50.73 -14.31 51.26
C GLN C 144 49.57 -13.61 52.00
N ARG C 145 49.34 -12.35 51.66
CA ARG C 145 48.06 -11.73 52.01
C ARG C 145 46.99 -12.18 51.00
N TYR C 146 47.39 -12.76 49.87
CA TYR C 146 46.43 -13.17 48.84
C TYR C 146 46.51 -14.67 48.51
N GLN C 147 47.72 -15.19 48.35
CA GLN C 147 47.91 -16.58 47.94
C GLN C 147 49.03 -17.22 48.76
N PRO C 148 48.81 -18.49 49.16
CA PRO C 148 49.87 -19.23 49.85
C PRO C 148 51.06 -19.46 48.93
N VAL C 149 52.27 -19.28 49.46
CA VAL C 149 53.46 -19.69 48.72
C VAL C 149 53.85 -21.11 49.16
N VAL C 150 53.97 -22.02 48.19
CA VAL C 150 54.45 -23.37 48.47
C VAL C 150 55.95 -23.47 48.23
N ALA C 151 56.70 -23.87 49.25
CA ALA C 151 58.13 -24.10 49.08
C ALA C 151 58.38 -25.61 49.03
N VAL C 152 59.04 -26.07 47.97
CA VAL C 152 59.41 -27.48 47.83
C VAL C 152 60.90 -27.67 48.12
N ILE C 153 61.21 -28.50 49.10
CA ILE C 153 62.60 -28.81 49.43
C ILE C 153 62.83 -30.30 49.20
N ALA C 154 63.69 -30.63 48.24
CA ALA C 154 63.75 -32.01 47.75
C ALA C 154 65.14 -32.63 47.86
N GLY C 155 66.18 -31.80 47.86
CA GLY C 155 67.55 -32.28 47.80
C GLY C 155 68.04 -32.31 46.36
N PRO C 156 69.33 -32.63 46.15
CA PRO C 156 70.31 -33.09 47.15
C PRO C 156 70.92 -32.01 48.03
N VAL C 157 70.93 -30.77 47.58
CA VAL C 157 71.56 -29.70 48.36
C VAL C 157 70.78 -29.42 49.64
N GLY C 158 69.45 -29.43 49.52
CA GLY C 158 68.58 -28.99 50.59
C GLY C 158 68.49 -27.48 50.60
N CYS C 159 68.11 -26.91 51.74
CA CYS C 159 67.89 -25.47 51.85
C CYS C 159 68.54 -24.92 53.10
N PHE C 160 69.49 -24.00 52.95
CA PHE C 160 70.20 -23.43 54.09
C PHE C 160 70.28 -21.92 54.03
N GLY C 161 70.75 -21.34 55.14
CA GLY C 161 71.04 -19.92 55.20
C GLY C 161 69.80 -19.03 55.13
N GLY C 162 69.98 -17.85 54.53
CA GLY C 162 68.93 -16.87 54.40
C GLY C 162 67.65 -17.45 53.83
N MET C 163 67.79 -18.39 52.91
CA MET C 163 66.62 -18.96 52.25
C MET C 163 65.91 -20.02 53.09
N SER C 164 66.55 -20.49 54.17
CA SER C 164 65.80 -21.36 55.08
C SER C 164 64.82 -20.48 55.85
N ILE C 165 65.22 -19.24 56.17
CA ILE C 165 64.31 -18.30 56.79
C ILE C 165 63.17 -17.96 55.84
N ALA C 166 63.48 -17.88 54.56
CA ALA C 166 62.45 -17.61 53.57
C ALA C 166 61.48 -18.79 53.54
N ALA C 167 62.04 -19.99 53.67
CA ALA C 167 61.23 -21.20 53.64
C ALA C 167 60.27 -21.21 54.84
N GLY C 168 60.76 -20.76 55.99
CA GLY C 168 59.95 -20.69 57.19
C GLY C 168 58.77 -19.72 57.07
N LEU C 169 58.86 -18.80 56.12
CA LEU C 169 57.83 -17.80 55.92
C LEU C 169 56.67 -18.36 55.11
N CYS C 170 56.98 -19.38 54.32
CA CYS C 170 56.00 -19.89 53.36
C CYS C 170 54.80 -20.58 54.02
N SER C 171 53.62 -20.34 53.46
CA SER C 171 52.39 -20.99 53.89
C SER C 171 52.56 -22.48 54.08
N TYR C 172 53.18 -23.12 53.10
CA TYR C 172 53.35 -24.58 53.11
C TYR C 172 54.76 -25.01 52.67
N VAL C 173 55.40 -25.81 53.52
CA VAL C 173 56.72 -26.37 53.23
C VAL C 173 56.61 -27.89 52.97
N LEU C 174 56.86 -28.32 51.73
CA LEU C 174 56.81 -29.74 51.38
C LEU C 174 58.22 -30.28 51.25
N VAL C 175 58.50 -31.42 51.90
CA VAL C 175 59.84 -32.00 51.91
C VAL C 175 59.92 -33.49 51.57
N THR C 176 61.11 -33.88 51.12
CA THR C 176 61.45 -35.27 50.89
C THR C 176 62.33 -35.73 52.02
N ARG C 177 62.59 -37.03 52.07
CA ARG C 177 63.47 -37.59 53.07
C ARG C 177 64.89 -37.07 52.85
N GLU C 178 65.27 -36.87 51.59
CA GLU C 178 66.62 -36.38 51.32
C GLU C 178 66.73 -34.86 51.56
N ALA C 179 65.63 -34.15 51.77
CA ALA C 179 65.75 -32.73 52.06
C ALA C 179 66.41 -32.49 53.41
N ARG C 180 67.31 -31.50 53.45
CA ARG C 180 67.70 -30.90 54.71
C ARG C 180 67.19 -29.46 54.69
N LEU C 181 66.70 -29.01 55.84
CA LEU C 181 66.26 -27.64 56.00
C LEU C 181 66.85 -27.17 57.32
N GLY C 182 67.72 -26.16 57.26
CA GLY C 182 68.38 -25.66 58.45
C GLY C 182 68.98 -24.29 58.19
N LEU C 183 69.28 -23.55 59.25
CA LEU C 183 69.86 -22.22 59.10
C LEU C 183 71.34 -22.28 58.76
N ASN C 184 72.16 -22.81 59.66
CA ASN C 184 73.58 -22.92 59.39
C ASN C 184 73.91 -24.29 58.83
N GLY C 185 74.85 -24.35 57.88
CA GLY C 185 75.38 -25.62 57.41
C GLY C 185 76.22 -26.30 58.49
N PRO C 186 76.27 -27.64 58.47
CA PRO C 186 77.00 -28.44 59.48
C PRO C 186 78.46 -28.00 59.73
N GLN C 187 79.22 -27.78 58.67
CA GLN C 187 80.65 -27.45 58.81
C GLN C 187 80.89 -26.15 59.55
N VAL C 188 80.07 -25.13 59.26
CA VAL C 188 80.17 -23.84 59.93
C VAL C 188 79.87 -23.93 61.43
N ILE C 189 78.82 -24.67 61.81
CA ILE C 189 78.51 -24.85 63.23
C ILE C 189 79.65 -25.57 63.92
N GLU C 190 80.18 -26.60 63.25
CA GLU C 190 81.33 -27.29 63.79
C GLU C 190 82.46 -26.33 64.06
N GLN C 191 82.69 -25.34 63.19
CA GLN C 191 83.95 -24.63 63.35
C GLN C 191 83.74 -23.40 64.21
N GLU C 192 82.48 -23.09 64.48
CA GLU C 192 82.14 -21.96 65.34
C GLU C 192 81.94 -22.43 66.77
N ALA C 193 81.38 -23.64 66.91
CA ALA C 193 80.95 -24.11 68.22
C ALA C 193 81.69 -25.37 68.68
N GLY C 194 82.53 -25.93 67.81
CA GLY C 194 83.32 -27.09 68.17
C GLY C 194 82.70 -28.40 67.72
N ILE C 195 83.56 -29.39 67.52
CA ILE C 195 83.16 -30.72 67.07
C ILE C 195 82.16 -31.40 68.03
N ALA C 196 82.27 -31.06 69.32
CA ALA C 196 81.34 -31.57 70.33
C ALA C 196 79.90 -31.09 70.10
N GLU C 197 79.75 -29.82 69.70
CA GLU C 197 78.43 -29.27 69.38
C GLU C 197 77.81 -29.98 68.20
N TYR C 198 78.62 -30.20 67.17
CA TYR C 198 78.10 -30.57 65.87
C TYR C 198 79.20 -31.23 65.04
N ASP C 199 78.98 -32.47 64.63
CA ASP C 199 79.98 -33.18 63.85
C ASP C 199 79.56 -33.25 62.39
N SER C 200 80.30 -32.54 61.55
CA SER C 200 79.91 -32.31 60.17
C SER C 200 80.10 -33.51 59.28
N ARG C 201 80.75 -34.53 59.81
CA ARG C 201 81.02 -35.73 59.02
C ARG C 201 80.02 -36.83 59.35
N ASP C 202 79.22 -36.60 60.39
CA ASP C 202 78.20 -37.56 60.78
C ASP C 202 76.90 -37.28 60.03
N ARG C 203 76.81 -37.79 58.82
CA ARG C 203 75.62 -37.59 58.00
C ARG C 203 74.33 -38.14 58.63
N PRO C 204 74.35 -39.36 59.21
CA PRO C 204 73.08 -39.77 59.86
C PRO C 204 72.62 -38.87 61.02
N PHE C 205 73.56 -38.34 61.80
CA PHE C 205 73.27 -37.36 62.85
C PHE C 205 72.60 -36.11 62.27
N ILE C 206 73.25 -35.52 61.27
CA ILE C 206 72.76 -34.33 60.59
C ILE C 206 71.33 -34.49 60.11
N TRP C 207 71.06 -35.61 59.46
CA TRP C 207 69.73 -35.85 58.90
C TRP C 207 68.73 -36.07 60.03
N SER C 208 69.22 -36.53 61.18
CA SER C 208 68.33 -36.86 62.29
C SER C 208 67.73 -35.58 62.84
N LEU C 209 68.50 -34.49 62.79
CA LEU C 209 68.02 -33.21 63.28
C LEU C 209 67.40 -32.32 62.19
N THR C 210 67.98 -32.31 61.00
CA THR C 210 67.61 -31.30 60.01
C THR C 210 66.99 -31.90 58.75
N GLY C 211 66.89 -33.23 58.70
CA GLY C 211 66.33 -33.90 57.54
C GLY C 211 64.84 -33.70 57.39
N GLY C 212 64.33 -33.94 56.18
CA GLY C 212 62.92 -33.79 55.89
C GLY C 212 62.02 -34.57 56.84
N GLU C 213 62.38 -35.84 57.09
CA GLU C 213 61.54 -36.71 57.90
C GLU C 213 61.30 -36.13 59.28
N GLN C 214 62.37 -35.69 59.92
CA GLN C 214 62.32 -35.08 61.23
C GLN C 214 61.55 -33.76 61.22
N ARG C 215 61.81 -32.89 60.25
CA ARG C 215 61.13 -31.60 60.16
C ARG C 215 59.61 -31.78 60.06
N PHE C 216 59.18 -32.69 59.20
CA PHE C 216 57.77 -33.01 59.11
C PHE C 216 57.23 -33.54 60.44
N ALA C 217 57.93 -34.52 61.03
CA ALA C 217 57.46 -35.15 62.25
C ALA C 217 57.38 -34.15 63.41
N SER C 218 58.24 -33.15 63.39
CA SER C 218 58.27 -32.12 64.44
C SER C 218 57.42 -30.89 64.06
N GLY C 219 56.64 -31.01 62.99
CA GLY C 219 55.80 -29.93 62.50
C GLY C 219 56.48 -28.69 61.91
N LEU C 220 57.76 -28.79 61.60
CA LEU C 220 58.44 -27.69 60.93
C LEU C 220 58.28 -27.81 59.41
N ALA C 221 57.60 -28.87 58.97
CA ALA C 221 57.23 -29.02 57.57
C ALA C 221 55.80 -29.57 57.50
N ASP C 222 55.10 -29.30 56.40
CA ASP C 222 53.67 -29.60 56.34
C ASP C 222 53.36 -30.89 55.62
N ALA C 223 54.27 -31.32 54.74
CA ALA C 223 54.08 -32.55 53.97
C ALA C 223 55.41 -33.31 53.79
N TYR C 224 55.33 -34.63 53.75
CA TYR C 224 56.52 -35.48 53.66
C TYR C 224 56.36 -36.42 52.48
N LEU C 225 57.03 -36.10 51.38
CA LEU C 225 56.75 -36.74 50.08
C LEU C 225 57.80 -37.74 49.66
N ALA C 226 57.34 -38.76 48.95
CA ALA C 226 58.24 -39.65 48.24
C ALA C 226 58.95 -38.87 47.14
N ASP C 227 60.20 -39.23 46.89
CA ASP C 227 60.99 -38.63 45.82
C ASP C 227 60.50 -39.10 44.48
N ASP C 228 59.32 -38.63 44.13
CA ASP C 228 58.61 -39.11 42.95
C ASP C 228 57.88 -37.94 42.31
N LEU C 229 58.16 -37.74 41.02
CA LEU C 229 57.66 -36.59 40.28
C LEU C 229 56.14 -36.39 40.41
N ASP C 230 55.38 -37.44 40.11
CA ASP C 230 53.92 -37.37 40.19
C ASP C 230 53.42 -36.99 41.59
N GLU C 231 53.96 -37.67 42.59
CA GLU C 231 53.58 -37.43 43.98
C GLU C 231 53.90 -35.99 44.42
N VAL C 232 54.99 -35.44 43.91
CA VAL C 232 55.36 -34.10 44.30
C VAL C 232 54.44 -33.07 43.63
N ARG C 233 54.12 -33.28 42.35
CA ARG C 233 53.20 -32.37 41.69
C ARG C 233 51.84 -32.47 42.37
N THR C 234 51.43 -33.67 42.74
CA THR C 234 50.12 -33.86 43.34
C THR C 234 50.02 -33.14 44.66
N SER C 235 51.05 -33.26 45.49
CA SER C 235 51.05 -32.58 46.76
C SER C 235 51.07 -31.06 46.56
N VAL C 236 51.82 -30.58 45.57
CA VAL C 236 51.86 -29.16 45.29
C VAL C 236 50.49 -28.63 44.91
N LEU C 237 49.83 -29.29 43.96
CA LEU C 237 48.49 -28.89 43.51
C LEU C 237 47.47 -28.91 44.65
N ALA C 238 47.57 -29.90 45.53
CA ALA C 238 46.67 -30.01 46.67
C ALA C 238 46.82 -28.85 47.66
N TYR C 239 48.05 -28.44 47.95
CA TYR C 239 48.27 -27.40 48.95
C TYR C 239 47.90 -26.00 48.43
N PHE C 240 48.10 -25.74 47.14
CA PHE C 240 47.65 -24.48 46.55
C PHE C 240 46.14 -24.41 46.62
N ALA C 241 45.49 -25.55 46.43
CA ALA C 241 44.03 -25.63 46.44
C ALA C 241 43.48 -25.43 47.84
N LYS C 242 44.30 -25.64 48.87
CA LYS C 242 43.86 -25.41 50.25
C LYS C 242 43.75 -23.93 50.55
N GLY C 243 44.38 -23.09 49.73
CA GLY C 243 44.49 -21.68 50.02
C GLY C 243 45.33 -21.44 51.27
N LEU C 244 45.28 -20.20 51.76
CA LEU C 244 46.09 -19.77 52.91
C LEU C 244 45.72 -20.53 54.17
N PRO C 245 46.73 -20.99 54.92
CA PRO C 245 46.46 -21.68 56.18
C PRO C 245 45.80 -20.74 57.19
N ALA C 246 44.91 -21.27 58.02
CA ALA C 246 44.26 -20.46 59.03
C ALA C 246 45.28 -19.94 60.04
N ARG C 247 46.18 -20.83 60.47
CA ARG C 247 47.15 -20.52 61.52
C ARG C 247 48.56 -20.99 61.17
N PRO C 248 49.28 -20.25 60.31
CA PRO C 248 50.63 -20.66 59.89
C PRO C 248 51.66 -20.65 61.03
N ARG C 249 52.72 -21.45 60.87
CA ARG C 249 53.81 -21.56 61.85
C ARG C 249 54.30 -20.21 62.33
N CYS C 250 54.45 -19.27 61.40
CA CYS C 250 55.00 -17.96 61.71
C CYS C 250 54.24 -17.15 62.73
N ARG C 251 52.91 -17.31 62.74
CA ARG C 251 52.06 -16.58 63.66
C ARG C 251 51.90 -17.27 65.01
N ARG C 252 52.80 -18.20 65.35
CA ARG C 252 52.64 -18.99 66.57
C ARG C 252 53.76 -18.74 67.55
N ALA C 253 54.28 -17.51 67.57
CA ALA C 253 55.44 -17.16 68.40
C ALA C 253 55.20 -17.46 69.88
N GLU C 254 54.00 -17.15 70.35
CA GLU C 254 53.60 -17.36 71.73
C GLU C 254 53.74 -18.83 72.12
N ASP C 255 53.21 -19.70 71.27
CA ASP C 255 53.25 -21.15 71.50
C ASP C 255 54.65 -21.72 71.43
N TYR C 256 55.45 -21.26 70.47
CA TYR C 256 56.82 -21.75 70.39
C TYR C 256 57.59 -21.25 71.59
N LEU C 257 57.42 -19.99 71.96
CA LEU C 257 58.16 -19.42 73.09
C LEU C 257 57.86 -20.11 74.41
N ARG C 258 56.64 -20.64 74.52
CA ARG C 258 56.17 -21.30 75.73
C ARG C 258 56.74 -22.72 75.86
N ARG C 259 56.71 -23.46 74.75
CA ARG C 259 57.31 -24.79 74.74
C ARG C 259 58.82 -24.73 74.94
N LEU C 260 59.43 -23.70 74.39
CA LEU C 260 60.87 -23.51 74.53
C LEU C 260 61.23 -23.18 75.98
N GLY C 261 60.23 -22.65 76.72
CA GLY C 261 60.43 -22.31 78.11
C GLY C 261 60.45 -23.55 78.98
N ASP C 262 59.58 -24.51 78.63
CA ASP C 262 59.46 -25.77 79.36
C ASP C 262 60.65 -26.69 79.14
N LEU C 263 61.53 -26.33 78.21
CA LEU C 263 62.63 -27.19 77.86
C LEU C 263 63.77 -27.07 78.88
N ASP C 264 64.24 -28.21 79.36
CA ASP C 264 65.49 -28.23 80.09
C ASP C 264 66.59 -28.16 79.04
N THR C 265 67.26 -27.02 78.96
CA THR C 265 68.26 -26.81 77.92
C THR C 265 69.66 -27.20 78.39
N ALA C 266 69.73 -27.80 79.58
CA ALA C 266 71.01 -28.17 80.17
C ALA C 266 71.74 -29.23 79.32
N GLU C 267 70.98 -30.19 78.81
CA GLU C 267 71.55 -31.23 77.96
C GLU C 267 71.01 -31.13 76.51
N GLN C 268 71.83 -31.60 75.57
CA GLN C 268 71.48 -31.54 74.14
C GLN C 268 70.28 -32.40 73.78
N PRO C 269 69.24 -31.79 73.20
CA PRO C 269 68.07 -32.54 72.74
C PRO C 269 68.44 -33.46 71.59
N ASP C 270 67.58 -34.43 71.29
CA ASP C 270 67.76 -35.30 70.14
C ASP C 270 66.51 -35.26 69.31
N ALA C 271 66.46 -36.02 68.22
CA ALA C 271 65.32 -35.99 67.33
C ALA C 271 64.02 -36.31 68.07
N ALA C 272 64.10 -37.32 68.95
CA ALA C 272 62.94 -37.76 69.71
C ALA C 272 62.43 -36.66 70.65
N GLY C 273 63.35 -36.02 71.38
CA GLY C 273 62.99 -34.95 72.29
C GLY C 273 62.27 -33.81 71.60
N VAL C 274 62.79 -33.42 70.45
CA VAL C 274 62.21 -32.33 69.67
C VAL C 274 60.79 -32.69 69.25
N ARG C 275 60.59 -33.91 68.74
CA ARG C 275 59.25 -34.36 68.40
C ARG C 275 58.31 -34.32 69.62
N ARG C 276 58.86 -34.65 70.79
CA ARG C 276 58.09 -34.61 72.03
C ARG C 276 57.75 -33.17 72.43
N LEU C 277 58.77 -32.32 72.48
CA LEU C 277 58.62 -30.91 72.84
C LEU C 277 57.55 -30.18 72.03
N TYR C 278 57.45 -30.51 70.74
CA TYR C 278 56.45 -29.94 69.86
C TYR C 278 55.26 -30.89 69.68
N ALA D 22 78.21 -3.21 77.41
CA ALA D 22 78.02 -4.62 77.08
C ALA D 22 77.87 -4.84 75.57
N SER D 23 77.26 -3.86 74.90
CA SER D 23 77.11 -3.84 73.43
C SER D 23 76.62 -2.47 72.99
N ARG D 24 77.00 -2.09 71.77
CA ARG D 24 76.58 -0.81 71.23
C ARG D 24 75.07 -0.71 71.21
N GLY D 25 74.42 -1.81 70.83
CA GLY D 25 72.98 -1.88 70.79
C GLY D 25 72.37 -1.55 72.15
N LEU D 26 72.94 -2.12 73.21
CA LEU D 26 72.43 -1.88 74.55
C LEU D 26 72.61 -0.40 74.89
N ALA D 27 73.81 0.13 74.67
CA ALA D 27 74.07 1.53 74.95
C ALA D 27 73.07 2.45 74.24
N TRP D 28 72.80 2.16 72.97
CA TRP D 28 72.01 3.08 72.19
C TRP D 28 70.51 2.96 72.53
N PHE D 29 70.08 1.77 72.91
CA PHE D 29 68.71 1.58 73.39
C PHE D 29 68.47 2.46 74.62
N GLN D 30 69.44 2.42 75.53
CA GLN D 30 69.36 3.21 76.75
C GLN D 30 69.44 4.70 76.47
N ALA D 31 70.37 5.10 75.61
CA ALA D 31 70.48 6.49 75.19
C ALA D 31 69.20 7.01 74.51
N LEU D 32 68.50 6.16 73.77
CA LEU D 32 67.33 6.61 73.02
C LEU D 32 66.01 6.42 73.78
N ALA D 33 65.89 5.32 74.52
CA ALA D 33 64.63 5.04 75.22
C ALA D 33 64.67 5.42 76.70
N GLY D 34 65.86 5.68 77.24
CA GLY D 34 65.99 5.95 78.67
C GLY D 34 65.82 4.70 79.52
N SER D 35 64.69 4.01 79.35
CA SER D 35 64.47 2.68 79.92
C SER D 35 65.70 1.79 79.74
N LEU D 36 65.83 0.76 80.56
CA LEU D 36 66.99 -0.13 80.42
C LEU D 36 66.70 -1.56 80.90
N ALA D 37 65.84 -1.68 81.90
CA ALA D 37 65.38 -2.98 82.38
C ALA D 37 64.48 -3.66 81.34
N PRO D 38 64.71 -4.96 81.10
CA PRO D 38 63.87 -5.63 80.09
C PRO D 38 62.45 -5.79 80.59
N ARG D 39 61.51 -5.80 79.67
CA ARG D 39 60.12 -6.04 80.05
C ARG D 39 60.03 -7.45 80.62
N PRO D 40 59.28 -7.61 81.72
CA PRO D 40 58.91 -8.97 82.09
C PRO D 40 58.06 -9.56 80.97
N GLY D 41 58.34 -10.81 80.61
CA GLY D 41 57.65 -11.44 79.51
C GLY D 41 58.52 -11.64 78.29
N ASP D 42 59.48 -10.74 78.08
CA ASP D 42 60.43 -10.85 76.98
C ASP D 42 61.59 -11.73 77.40
N PRO D 43 62.28 -12.34 76.42
CA PRO D 43 63.63 -12.87 76.66
C PRO D 43 64.54 -11.78 77.21
N ALA D 44 65.59 -12.15 77.94
CA ALA D 44 66.50 -11.17 78.53
C ALA D 44 67.46 -10.61 77.48
N SER D 45 67.36 -11.15 76.28
CA SER D 45 68.20 -10.71 75.16
C SER D 45 67.54 -9.57 74.36
N LEU D 46 66.27 -9.31 74.64
CA LEU D 46 65.50 -8.25 73.98
C LEU D 46 65.28 -7.03 74.88
N ARG D 47 65.43 -5.83 74.30
CA ARG D 47 65.01 -4.60 74.97
C ARG D 47 63.90 -3.95 74.17
N VAL D 48 62.75 -3.78 74.79
CA VAL D 48 61.61 -3.14 74.14
C VAL D 48 61.14 -1.98 75.01
N ALA D 49 60.75 -0.88 74.37
CA ALA D 49 60.23 0.29 75.07
C ALA D 49 59.40 1.13 74.12
N ASP D 50 58.22 1.54 74.58
CA ASP D 50 57.40 2.46 73.81
C ASP D 50 57.65 3.88 74.29
N ALA D 51 57.64 4.83 73.36
CA ALA D 51 57.78 6.24 73.67
C ALA D 51 57.20 7.09 72.54
N GLU D 52 57.74 8.29 72.36
CA GLU D 52 57.35 9.16 71.27
C GLU D 52 58.58 9.79 70.64
N LEU D 53 58.45 10.15 69.37
CA LEU D 53 59.48 10.86 68.63
C LEU D 53 58.78 11.97 67.90
N ASP D 54 59.08 13.22 68.26
CA ASP D 54 58.33 14.37 67.76
C ASP D 54 56.83 14.18 67.98
N GLY D 55 56.46 13.53 69.08
CA GLY D 55 55.06 13.30 69.39
C GLY D 55 54.42 12.18 68.59
N TYR D 56 55.23 11.43 67.84
CA TYR D 56 54.72 10.26 67.14
C TYR D 56 55.06 9.01 67.94
N PRO D 57 54.05 8.14 68.20
CA PRO D 57 54.31 6.91 68.95
C PRO D 57 55.40 6.05 68.31
N VAL D 58 56.31 5.59 69.14
CA VAL D 58 57.46 4.81 68.69
C VAL D 58 57.67 3.61 69.61
N ARG D 59 58.03 2.47 69.04
CA ARG D 59 58.53 1.35 69.84
C ARG D 59 59.97 1.03 69.44
N PHE D 60 60.87 1.13 70.40
CA PHE D 60 62.26 0.70 70.22
C PHE D 60 62.41 -0.82 70.36
N LEU D 61 63.30 -1.40 69.58
CA LEU D 61 63.57 -2.83 69.65
C LEU D 61 65.04 -3.09 69.46
N ALA D 62 65.69 -3.74 70.43
CA ALA D 62 67.10 -4.05 70.32
C ALA D 62 67.44 -5.43 70.86
N VAL D 63 68.13 -6.23 70.06
CA VAL D 63 68.71 -7.48 70.55
C VAL D 63 70.04 -7.13 71.22
N VAL D 64 70.28 -7.72 72.38
CA VAL D 64 71.47 -7.43 73.18
C VAL D 64 71.94 -8.71 73.84
N PRO D 65 73.22 -8.76 74.27
CA PRO D 65 73.73 -10.00 74.88
C PRO D 65 73.02 -10.36 76.19
N ASP D 66 72.71 -11.64 76.34
CA ASP D 66 72.18 -12.21 77.59
C ASP D 66 73.06 -13.39 77.98
N PRO D 67 74.03 -13.16 78.88
CA PRO D 67 75.03 -14.19 79.22
C PRO D 67 74.42 -15.36 79.99
N ASP D 68 73.16 -15.21 80.42
CA ASP D 68 72.42 -16.29 81.07
C ASP D 68 71.33 -16.85 80.17
N ASN D 69 71.52 -16.74 78.86
CA ASN D 69 70.53 -17.25 77.94
C ASN D 69 70.32 -18.73 78.20
N PRO D 70 69.05 -19.15 78.32
CA PRO D 70 68.71 -20.58 78.43
C PRO D 70 69.46 -21.41 77.39
N PHE D 71 69.74 -20.83 76.22
CA PHE D 71 70.54 -21.51 75.19
C PHE D 71 71.98 -20.98 75.20
N PRO D 72 72.94 -21.85 75.54
CA PRO D 72 74.37 -21.58 75.73
C PRO D 72 75.06 -21.01 74.51
N ARG D 73 74.52 -21.29 73.32
CA ARG D 73 75.18 -20.85 72.10
C ARG D 73 74.76 -19.43 71.72
N ALA D 74 73.72 -18.95 72.38
CA ALA D 74 73.19 -17.61 72.12
C ALA D 74 73.46 -16.67 73.29
N ARG D 75 74.70 -16.64 73.76
CA ARG D 75 75.00 -15.86 74.97
C ARG D 75 75.96 -14.68 74.75
N GLN D 76 76.38 -14.45 73.51
CA GLN D 76 77.21 -13.29 73.23
C GLN D 76 76.54 -12.32 72.25
N GLY D 77 75.21 -12.19 72.36
CA GLY D 77 74.46 -11.25 71.55
C GLY D 77 73.84 -11.80 70.27
N GLU D 78 74.00 -13.10 70.03
CA GLU D 78 73.47 -13.71 68.81
C GLU D 78 71.95 -13.69 68.79
N VAL D 79 71.39 -13.79 67.60
CA VAL D 79 69.96 -13.95 67.41
C VAL D 79 69.68 -15.44 67.30
N GLY D 80 69.12 -16.03 68.37
CA GLY D 80 68.84 -17.45 68.41
C GLY D 80 67.34 -17.67 68.51
N LEU D 81 66.96 -18.84 69.03
CA LEU D 81 65.55 -19.25 69.08
C LEU D 81 64.66 -18.25 69.80
N LEU D 82 65.10 -17.82 70.97
CA LEU D 82 64.30 -16.94 71.82
C LEU D 82 64.29 -15.53 71.25
N GLU D 83 65.37 -15.15 70.59
CA GLU D 83 65.47 -13.81 70.05
C GLU D 83 64.49 -13.69 68.88
N GLY D 84 64.50 -14.68 67.99
CA GLY D 84 63.64 -14.64 66.82
C GLY D 84 62.17 -14.63 67.18
N TRP D 85 61.77 -15.57 68.02
CA TRP D 85 60.37 -15.70 68.41
C TRP D 85 59.91 -14.55 69.27
N GLY D 86 60.84 -14.03 70.07
CA GLY D 86 60.54 -12.93 70.98
C GLY D 86 60.26 -11.67 70.19
N LEU D 87 61.09 -11.43 69.19
CA LEU D 87 60.92 -10.26 68.33
C LEU D 87 59.58 -10.34 67.63
N ALA D 88 59.28 -11.52 67.08
CA ALA D 88 57.97 -11.78 66.48
C ALA D 88 56.84 -11.37 67.42
N ALA D 89 56.98 -11.70 68.71
CA ALA D 89 55.91 -11.48 69.69
C ALA D 89 55.79 -9.99 70.00
N ALA D 90 56.93 -9.33 70.23
CA ALA D 90 56.93 -7.90 70.52
C ALA D 90 56.34 -7.09 69.36
N VAL D 91 56.66 -7.49 68.13
CA VAL D 91 56.19 -6.74 66.97
C VAL D 91 54.71 -7.02 66.77
N ASP D 92 54.31 -8.28 66.92
CA ASP D 92 52.89 -8.66 66.83
C ASP D 92 52.04 -7.92 67.86
N GLU D 93 52.63 -7.70 69.02
CA GLU D 93 51.98 -6.98 70.12
C GLU D 93 51.62 -5.54 69.68
N ALA D 94 52.60 -4.82 69.13
CA ALA D 94 52.36 -3.47 68.62
C ALA D 94 51.40 -3.45 67.42
N LEU D 95 51.55 -4.42 66.53
CA LEU D 95 50.70 -4.52 65.36
C LEU D 95 49.23 -4.65 65.77
N GLU D 96 48.97 -5.50 66.77
CA GLU D 96 47.59 -5.75 67.21
C GLU D 96 47.01 -4.58 68.00
N ALA D 97 47.82 -4.06 68.93
CA ALA D 97 47.44 -2.92 69.74
C ALA D 97 47.05 -1.71 68.89
N ASP D 98 47.65 -1.58 67.70
CA ASP D 98 47.43 -0.38 66.88
C ASP D 98 46.51 -0.59 65.70
N ARG D 99 45.88 -1.76 65.64
CA ARG D 99 45.02 -2.11 64.51
C ARG D 99 43.95 -1.05 64.17
N GLU D 100 43.48 -0.32 65.18
CA GLU D 100 42.49 0.73 64.96
C GLU D 100 42.99 2.12 65.39
N ALA D 101 44.16 2.17 66.02
CA ALA D 101 44.76 3.43 66.45
C ALA D 101 44.81 4.44 65.31
N PRO D 102 44.74 5.74 65.65
CA PRO D 102 44.78 6.78 64.60
C PRO D 102 46.13 6.79 63.87
N ARG D 103 47.19 6.41 64.57
CA ARG D 103 48.53 6.32 63.99
C ARG D 103 49.17 4.96 64.35
N LYS D 104 49.58 4.20 63.34
CA LYS D 104 50.35 3.00 63.60
C LYS D 104 51.72 3.44 64.15
N ARG D 105 52.18 2.81 65.22
CA ARG D 105 53.43 3.29 65.83
C ARG D 105 54.68 2.87 65.04
N ALA D 106 55.65 3.78 64.99
CA ALA D 106 56.95 3.47 64.41
C ALA D 106 57.66 2.35 65.16
N LEU D 107 58.35 1.49 64.41
CA LEU D 107 59.20 0.45 64.99
C LEU D 107 60.65 0.79 64.68
N LEU D 108 61.41 1.13 65.72
CA LEU D 108 62.81 1.47 65.54
C LEU D 108 63.69 0.31 65.97
N ALA D 109 64.21 -0.43 65.00
CA ALA D 109 65.12 -1.50 65.31
C ALA D 109 66.53 -0.93 65.47
N ILE D 110 67.07 -1.11 66.67
CA ILE D 110 68.43 -0.70 66.95
C ILE D 110 69.26 -1.93 66.69
N VAL D 111 69.99 -1.91 65.59
CA VAL D 111 70.64 -3.13 65.11
C VAL D 111 72.10 -3.21 65.52
N ASP D 112 72.41 -4.28 66.24
CA ASP D 112 73.79 -4.60 66.63
C ASP D 112 73.83 -6.08 67.00
N VAL D 113 73.99 -6.91 65.98
CA VAL D 113 73.92 -8.35 66.14
C VAL D 113 75.13 -8.97 65.45
N PRO D 114 75.93 -9.73 66.22
CA PRO D 114 77.17 -10.27 65.67
C PRO D 114 76.87 -11.37 64.67
N SER D 115 75.80 -12.12 64.91
CA SER D 115 75.42 -13.22 64.04
C SER D 115 74.19 -13.94 64.50
N GLN D 116 73.73 -14.82 63.63
CA GLN D 116 73.03 -16.05 63.98
C GLN D 116 73.68 -16.92 65.06
N ALA D 117 72.85 -17.54 65.89
CA ALA D 117 73.35 -18.47 66.90
C ALA D 117 73.69 -19.78 66.21
N TYR D 118 74.91 -20.26 66.43
CA TYR D 118 75.34 -21.55 65.89
C TYR D 118 75.28 -22.65 66.94
N GLY D 119 74.46 -23.68 66.71
CA GLY D 119 74.38 -24.75 67.69
C GLY D 119 73.42 -25.87 67.36
N ARG D 120 73.52 -26.95 68.13
CA ARG D 120 72.71 -28.13 67.91
C ARG D 120 71.27 -27.91 68.33
N ARG D 121 71.09 -27.28 69.49
CA ARG D 121 69.74 -26.94 69.93
C ARG D 121 69.07 -26.11 68.84
N GLU D 122 69.80 -25.11 68.36
CA GLU D 122 69.30 -24.16 67.38
C GLU D 122 68.77 -24.85 66.14
N GLU D 123 69.60 -25.72 65.55
CA GLU D 123 69.16 -26.43 64.35
C GLU D 123 68.09 -27.45 64.64
N ALA D 124 68.26 -28.20 65.73
CA ALA D 124 67.29 -29.24 66.11
C ALA D 124 65.89 -28.65 66.37
N LEU D 125 65.85 -27.47 66.99
CA LEU D 125 64.59 -26.83 67.35
C LEU D 125 64.07 -25.88 66.25
N GLY D 126 64.86 -25.75 65.19
CA GLY D 126 64.43 -24.97 64.04
C GLY D 126 64.65 -23.49 64.23
N ILE D 127 65.90 -23.09 64.44
CA ILE D 127 66.23 -21.68 64.54
C ILE D 127 65.83 -20.93 63.25
N HIS D 128 65.85 -21.61 62.10
CA HIS D 128 65.46 -20.94 60.86
C HIS D 128 64.01 -20.46 60.95
N GLN D 129 63.20 -21.25 61.66
CA GLN D 129 61.77 -20.99 61.73
C GLN D 129 61.47 -19.84 62.68
N ALA D 130 62.27 -19.74 63.73
CA ALA D 130 62.15 -18.67 64.72
C ALA D 130 62.53 -17.33 64.11
N LEU D 131 63.54 -17.35 63.26
CA LEU D 131 64.00 -16.11 62.65
C LEU D 131 62.95 -15.69 61.64
N ALA D 132 62.31 -16.67 61.01
CA ALA D 132 61.22 -16.38 60.09
C ALA D 132 60.07 -15.69 60.79
N GLY D 133 59.81 -16.07 62.04
CA GLY D 133 58.72 -15.47 62.81
C GLY D 133 58.95 -13.97 62.96
N ALA D 134 60.20 -13.62 63.26
CA ALA D 134 60.61 -12.24 63.35
C ALA D 134 60.39 -11.50 62.03
N VAL D 135 60.93 -12.04 60.94
CA VAL D 135 60.82 -11.38 59.64
C VAL D 135 59.35 -11.18 59.28
N ASP D 136 58.54 -12.21 59.53
CA ASP D 136 57.14 -12.18 59.18
C ASP D 136 56.39 -11.07 59.91
N ALA D 137 56.66 -10.98 61.21
CA ALA D 137 56.06 -9.96 62.05
C ALA D 137 56.41 -8.55 61.54
N TYR D 138 57.70 -8.29 61.43
CA TYR D 138 58.18 -7.02 60.90
C TYR D 138 57.55 -6.62 59.57
N ALA D 139 57.59 -7.53 58.60
CA ALA D 139 57.08 -7.26 57.24
C ALA D 139 55.58 -7.02 57.27
N ARG D 140 54.85 -7.80 58.07
CA ARG D 140 53.42 -7.59 58.23
C ARG D 140 53.15 -6.21 58.87
N ALA D 141 53.98 -5.81 59.82
CA ALA D 141 53.87 -4.49 60.44
C ALA D 141 54.08 -3.38 59.41
N ARG D 142 55.12 -3.53 58.59
CA ARG D 142 55.43 -2.52 57.57
C ARG D 142 54.29 -2.41 56.57
N LEU D 143 53.76 -3.56 56.15
CA LEU D 143 52.69 -3.56 55.15
C LEU D 143 51.43 -2.91 55.69
N ALA D 144 51.24 -2.98 56.99
CA ALA D 144 50.01 -2.49 57.60
C ALA D 144 50.09 -0.98 57.83
N GLY D 145 51.27 -0.40 57.60
CA GLY D 145 51.44 1.03 57.67
C GLY D 145 52.30 1.48 58.81
N HIS D 146 52.84 0.53 59.57
CA HIS D 146 53.82 0.89 60.57
C HIS D 146 55.10 1.32 59.86
N PRO D 147 55.63 2.48 60.25
CA PRO D 147 56.94 2.87 59.72
C PRO D 147 58.08 2.15 60.45
N LEU D 148 58.86 1.37 59.71
CA LEU D 148 60.06 0.72 60.27
C LEU D 148 61.34 1.44 59.90
N ILE D 149 62.19 1.65 60.90
CA ILE D 149 63.49 2.26 60.69
C ILE D 149 64.53 1.38 61.34
N GLY D 150 65.54 0.95 60.59
CA GLY D 150 66.63 0.18 61.15
C GLY D 150 67.78 1.12 61.40
N LEU D 151 68.25 1.19 62.65
CA LEU D 151 69.40 2.03 62.99
C LEU D 151 70.60 1.15 63.31
N LEU D 152 71.55 1.12 62.39
CA LEU D 152 72.70 0.24 62.48
C LEU D 152 73.78 0.89 63.31
N VAL D 153 73.93 0.45 64.55
CA VAL D 153 74.89 1.07 65.46
C VAL D 153 76.16 0.22 65.58
N GLY D 154 76.08 -1.02 65.09
CA GLY D 154 77.21 -1.92 65.13
C GLY D 154 77.06 -3.00 64.08
N LYS D 155 77.32 -4.25 64.44
CA LYS D 155 77.24 -5.34 63.49
C LYS D 155 75.83 -5.60 62.99
N ALA D 156 75.72 -5.83 61.69
CA ALA D 156 74.44 -6.24 61.14
C ALA D 156 74.74 -7.40 60.21
N MET D 157 74.75 -8.60 60.79
CA MET D 157 75.26 -9.77 60.11
C MET D 157 74.20 -10.80 59.77
N SER D 158 74.20 -11.19 58.50
CA SER D 158 73.55 -12.43 58.08
C SER D 158 72.07 -12.51 58.51
N GLY D 159 71.62 -13.70 58.89
CA GLY D 159 70.24 -13.93 59.25
C GLY D 159 69.80 -13.16 60.49
N ALA D 160 70.76 -12.77 61.33
CA ALA D 160 70.45 -11.96 62.51
C ALA D 160 69.91 -10.61 62.03
N PHE D 161 70.59 -10.04 61.02
CA PHE D 161 70.14 -8.78 60.43
C PHE D 161 68.83 -9.01 59.67
N LEU D 162 68.73 -10.10 58.91
CA LEU D 162 67.48 -10.41 58.22
C LEU D 162 66.31 -10.42 59.21
N ALA D 163 66.47 -11.07 60.36
CA ALA D 163 65.37 -11.17 61.31
C ALA D 163 65.17 -9.86 62.07
N HIS D 164 66.26 -9.15 62.34
CA HIS D 164 66.18 -7.91 63.09
C HIS D 164 66.79 -6.72 62.32
N GLY D 165 65.93 -5.98 61.61
CA GLY D 165 66.36 -4.80 60.89
C GLY D 165 66.09 -4.79 59.40
N TYR D 166 66.31 -5.91 58.70
CA TYR D 166 66.42 -5.79 57.24
C TYR D 166 65.08 -5.59 56.55
N GLN D 167 63.96 -5.69 57.28
CA GLN D 167 62.68 -5.38 56.66
C GLN D 167 62.31 -3.91 56.75
N ALA D 168 63.24 -3.04 57.17
CA ALA D 168 62.91 -1.63 57.41
C ALA D 168 62.56 -0.84 56.15
N ASN D 169 61.58 0.06 56.26
CA ASN D 169 61.32 1.05 55.20
C ASN D 169 62.59 1.86 54.89
N ARG D 170 63.30 2.24 55.95
CA ARG D 170 64.51 3.05 55.82
C ARG D 170 65.63 2.54 56.73
N LEU D 171 66.83 2.40 56.20
CA LEU D 171 68.01 1.98 56.98
C LEU D 171 68.93 3.18 57.20
N ILE D 172 69.34 3.38 58.44
CA ILE D 172 70.31 4.43 58.78
C ILE D 172 71.49 3.79 59.48
N ALA D 173 72.70 4.09 59.03
CA ALA D 173 73.89 3.52 59.65
C ALA D 173 74.72 4.64 60.28
N LEU D 174 75.29 4.36 61.46
CA LEU D 174 76.28 5.28 62.03
C LEU D 174 77.56 5.14 61.22
N HIS D 175 78.14 6.25 60.78
CA HIS D 175 79.34 6.13 59.95
C HIS D 175 80.58 5.86 60.81
N ASP D 176 80.77 4.59 61.14
CA ASP D 176 81.82 4.18 62.07
C ASP D 176 82.40 2.84 61.62
N PRO D 177 83.73 2.65 61.75
CA PRO D 177 84.38 1.39 61.34
C PRO D 177 83.86 0.15 62.05
N GLY D 178 83.19 0.33 63.19
CA GLY D 178 82.58 -0.79 63.89
C GLY D 178 81.23 -1.17 63.30
N VAL D 179 80.70 -0.32 62.44
CA VAL D 179 79.43 -0.62 61.80
C VAL D 179 79.73 -1.43 60.54
N MET D 180 79.16 -2.63 60.47
CA MET D 180 79.49 -3.57 59.41
C MET D 180 78.31 -4.42 59.02
N VAL D 181 78.02 -4.44 57.72
CA VAL D 181 76.99 -5.31 57.15
C VAL D 181 77.64 -6.36 56.27
N HIS D 182 77.21 -7.61 56.41
CA HIS D 182 77.78 -8.71 55.60
C HIS D 182 77.02 -10.01 55.84
N ALA D 183 77.39 -11.04 55.08
CA ALA D 183 76.73 -12.34 55.17
C ALA D 183 77.54 -13.29 56.03
N MET D 184 78.83 -13.01 56.23
CA MET D 184 79.62 -13.81 57.18
C MET D 184 80.78 -13.02 57.76
N GLY D 185 81.26 -13.46 58.92
CA GLY D 185 82.34 -12.77 59.60
C GLY D 185 83.63 -12.81 58.81
N LYS D 186 84.47 -11.78 58.99
CA LYS D 186 85.77 -11.68 58.31
C LYS D 186 86.61 -12.95 58.50
N ALA D 187 86.60 -13.50 59.72
CA ALA D 187 87.31 -14.74 60.02
C ALA D 187 86.89 -15.88 59.10
N ALA D 188 85.59 -16.17 59.10
CA ALA D 188 85.02 -17.24 58.29
C ALA D 188 85.29 -17.05 56.79
N ALA D 189 85.13 -15.83 56.31
CA ALA D 189 85.37 -15.52 54.90
C ALA D 189 86.82 -15.78 54.53
N ALA D 190 87.73 -15.27 55.35
CA ALA D 190 89.17 -15.38 55.09
C ALA D 190 89.68 -16.81 55.26
N ARG D 191 88.95 -17.62 56.04
CA ARG D 191 89.33 -18.99 56.31
C ARG D 191 88.91 -19.89 55.14
N ILE D 192 87.78 -19.56 54.53
CA ILE D 192 87.32 -20.23 53.32
C ILE D 192 88.04 -19.58 52.12
N THR D 193 89.12 -18.86 52.41
CA THR D 193 89.93 -18.19 51.40
C THR D 193 91.39 -18.06 51.86
N GLU D 201 94.14 -10.22 52.31
CA GLU D 201 93.12 -10.29 53.36
C GLU D 201 91.79 -9.63 52.90
N ALA D 202 91.69 -8.32 53.08
CA ALA D 202 90.53 -7.57 52.60
C ALA D 202 90.72 -7.16 51.15
N LEU D 203 90.95 -8.16 50.29
CA LEU D 203 91.01 -7.97 48.84
C LEU D 203 89.63 -7.62 48.30
N ALA D 204 88.63 -7.82 49.15
CA ALA D 204 87.25 -7.54 48.83
C ALA D 204 86.96 -6.03 48.68
N ALA D 205 87.98 -5.19 48.82
CA ALA D 205 87.78 -3.76 48.59
C ALA D 205 87.70 -3.51 47.09
N LYS D 206 88.04 -4.56 46.33
CA LYS D 206 87.91 -4.54 44.88
C LYS D 206 86.46 -4.67 44.45
N VAL D 207 85.68 -5.40 45.25
CA VAL D 207 84.31 -5.75 44.89
C VAL D 207 83.32 -5.29 45.97
N PRO D 208 82.62 -4.18 45.70
CA PRO D 208 81.71 -3.55 46.66
C PRO D 208 80.74 -4.51 47.38
N PRO D 209 80.08 -5.45 46.68
CA PRO D 209 79.23 -6.35 47.47
C PRO D 209 79.97 -7.27 48.44
N MET D 210 81.29 -7.36 48.31
CA MET D 210 82.10 -8.26 49.14
C MET D 210 82.73 -7.54 50.32
N ALA D 211 82.76 -6.22 50.25
CA ALA D 211 83.49 -5.45 51.26
C ALA D 211 82.69 -5.34 52.55
N TYR D 212 83.41 -5.02 53.64
CA TYR D 212 82.82 -4.99 54.97
C TYR D 212 82.51 -3.57 55.43
N ASP D 213 83.20 -2.59 54.87
CA ASP D 213 83.09 -1.22 55.37
C ASP D 213 81.75 -0.61 55.00
N ILE D 214 81.29 0.31 55.83
CA ILE D 214 79.98 0.90 55.61
C ILE D 214 79.92 1.76 54.34
N ASP D 215 81.05 2.30 53.90
CA ASP D 215 81.07 3.10 52.67
C ASP D 215 80.73 2.24 51.46
N SER D 216 81.28 1.03 51.42
CA SER D 216 81.01 0.10 50.34
C SER D 216 79.53 -0.26 50.36
N TYR D 217 79.03 -0.57 51.55
CA TYR D 217 77.62 -0.93 51.68
C TYR D 217 76.73 0.21 51.20
N ALA D 218 77.08 1.43 51.59
CA ALA D 218 76.36 2.62 51.16
C ALA D 218 76.30 2.70 49.63
N SER D 219 77.38 2.30 48.98
CA SER D 219 77.48 2.42 47.53
C SER D 219 76.52 1.47 46.82
N LEU D 220 75.92 0.56 47.58
CA LEU D 220 74.92 -0.36 47.02
C LEU D 220 73.52 0.27 47.00
N GLY D 221 73.42 1.51 47.47
CA GLY D 221 72.16 2.23 47.54
C GLY D 221 71.13 1.76 48.57
N LEU D 222 71.58 1.00 49.57
CA LEU D 222 70.66 0.36 50.54
C LEU D 222 70.41 1.20 51.79
N LEU D 223 71.21 2.24 52.02
CA LEU D 223 71.02 3.11 53.18
C LEU D 223 70.36 4.43 52.78
N TRP D 224 69.44 4.90 53.61
CA TRP D 224 68.77 6.17 53.38
C TRP D 224 69.68 7.32 53.86
N ARG D 225 70.40 7.06 54.96
CA ARG D 225 71.40 7.99 55.43
C ARG D 225 72.51 7.29 56.23
N THR D 226 73.70 7.86 56.17
CA THR D 226 74.74 7.54 57.13
C THR D 226 75.02 8.79 57.97
N LEU D 227 75.39 8.59 59.22
CA LEU D 227 75.75 9.75 60.00
C LEU D 227 76.85 9.42 60.99
N PRO D 228 77.95 10.17 60.88
CA PRO D 228 79.08 10.04 61.82
C PRO D 228 78.70 10.61 63.18
N VAL D 229 79.22 9.97 64.22
CA VAL D 229 78.99 10.44 65.57
C VAL D 229 80.30 10.83 66.24
N GLU D 230 80.17 11.47 67.40
CA GLU D 230 81.32 11.89 68.17
C GLU D 230 81.94 10.69 68.88
N THR D 231 81.14 10.04 69.72
CA THR D 231 81.60 8.95 70.55
C THR D 231 80.64 7.76 70.44
N VAL D 232 80.96 6.82 69.54
CA VAL D 232 80.00 5.80 69.11
C VAL D 232 79.58 4.86 70.22
N GLU D 233 80.48 4.57 71.17
CA GLU D 233 80.16 3.60 72.19
C GLU D 233 79.19 4.15 73.22
N VAL D 234 79.33 5.43 73.55
CA VAL D 234 78.37 6.08 74.44
C VAL D 234 78.01 7.43 73.84
N PRO D 235 76.88 7.49 73.12
CA PRO D 235 76.50 8.69 72.37
C PRO D 235 76.57 9.96 73.22
N SER D 236 77.13 11.02 72.65
CA SER D 236 77.18 12.31 73.32
C SER D 236 75.82 12.99 73.24
N THR D 237 75.69 14.14 73.90
CA THR D 237 74.41 14.83 73.88
C THR D 237 74.15 15.37 72.47
N ALA D 238 75.23 15.82 71.81
CA ALA D 238 75.15 16.30 70.44
C ALA D 238 74.85 15.18 69.42
N ASP D 239 75.35 13.97 69.71
CA ASP D 239 75.05 12.80 68.91
C ASP D 239 73.57 12.45 68.97
N LEU D 240 73.01 12.43 70.18
CA LEU D 240 71.62 12.06 70.36
C LEU D 240 70.72 13.04 69.64
N VAL D 241 71.13 14.30 69.64
CA VAL D 241 70.38 15.36 68.98
C VAL D 241 70.32 15.09 67.47
N ARG D 242 71.47 14.76 66.88
CA ARG D 242 71.52 14.47 65.43
C ARG D 242 70.77 13.19 65.10
N VAL D 243 71.08 12.11 65.80
CA VAL D 243 70.38 10.85 65.56
C VAL D 243 68.85 10.99 65.68
N ARG D 244 68.38 11.62 66.76
CA ARG D 244 66.93 11.79 66.93
C ARG D 244 66.32 12.63 65.82
N THR D 245 67.04 13.66 65.40
CA THR D 245 66.58 14.49 64.29
C THR D 245 66.48 13.67 63.01
N CYS D 246 67.49 12.84 62.77
CA CYS D 246 67.52 11.98 61.61
C CYS D 246 66.35 11.01 61.61
N LEU D 247 66.10 10.40 62.75
CA LEU D 247 65.04 9.40 62.85
C LEU D 247 63.72 10.08 62.59
N GLY D 248 63.62 11.33 63.05
CA GLY D 248 62.42 12.13 62.82
C GLY D 248 62.18 12.35 61.33
N GLU D 249 63.24 12.67 60.60
CA GLU D 249 63.14 12.92 59.17
C GLU D 249 62.82 11.64 58.41
N ALA D 250 63.40 10.54 58.85
CA ALA D 250 63.11 9.24 58.23
C ALA D 250 61.64 8.91 58.40
N LEU D 251 61.16 9.11 59.62
CA LEU D 251 59.76 8.85 59.89
C LEU D 251 58.89 9.68 58.94
N ALA D 252 59.20 10.97 58.83
CA ALA D 252 58.48 11.86 57.92
C ALA D 252 58.58 11.40 56.48
N ASP D 253 59.76 10.90 56.10
CA ASP D 253 59.98 10.46 54.72
C ASP D 253 59.19 9.22 54.36
N ILE D 254 58.89 8.41 55.38
CA ILE D 254 58.10 7.19 55.21
C ILE D 254 56.61 7.47 55.07
N LEU D 255 56.05 8.17 56.06
CA LEU D 255 54.60 8.36 56.17
C LEU D 255 53.95 8.81 54.87
N GLY D 256 52.83 8.18 54.53
CA GLY D 256 52.11 8.57 53.35
C GLY D 256 52.69 8.11 52.02
N GLY D 257 53.86 7.47 52.05
CA GLY D 257 54.48 7.01 50.82
C GLY D 257 54.32 5.51 50.64
N PRO D 258 54.93 4.96 49.60
CA PRO D 258 54.92 3.51 49.35
C PRO D 258 55.52 2.75 50.53
N ARG D 259 54.93 1.60 50.84
CA ARG D 259 55.33 0.82 52.03
C ARG D 259 56.34 -0.28 51.68
N ASP D 260 56.66 -0.40 50.40
CA ASP D 260 57.57 -1.46 49.99
C ASP D 260 59.01 -1.04 50.14
N LEU D 261 59.88 -1.84 49.55
CA LEU D 261 61.30 -1.67 49.72
C LEU D 261 61.95 -1.21 48.42
N GLY D 262 61.15 -0.60 47.53
CA GLY D 262 61.63 -0.16 46.23
C GLY D 262 62.65 0.96 46.27
N GLY D 263 62.68 1.69 47.39
CA GLY D 263 63.67 2.74 47.60
C GLY D 263 65.09 2.23 47.67
N ARG D 264 65.27 0.91 47.75
CA ARG D 264 66.61 0.32 47.83
C ARG D 264 67.25 0.00 46.45
N LEU D 265 66.57 0.37 45.36
CA LEU D 265 67.03 0.04 44.00
C LEU D 265 67.60 1.19 43.17
N GLY D 266 68.04 2.26 43.83
CA GLY D 266 68.52 3.44 43.13
C GLY D 266 69.99 3.56 42.70
N ALA D 267 70.88 2.78 43.29
CA ALA D 267 72.32 2.97 43.03
C ALA D 267 72.81 2.26 41.75
N ALA D 268 73.88 2.80 41.17
CA ALA D 268 74.51 2.18 39.99
C ALA D 268 74.98 0.75 40.28
N ASN D 269 75.51 0.50 41.49
CA ASN D 269 76.01 -0.84 41.80
C ASN D 269 74.89 -1.88 41.89
N ARG D 270 73.63 -1.44 42.00
CA ARG D 270 72.54 -2.40 41.95
C ARG D 270 71.76 -2.29 40.65
N GLU D 271 72.43 -1.77 39.62
CA GLU D 271 71.90 -1.71 38.26
C GLU D 271 71.14 -2.98 37.87
N ALA D 272 71.78 -4.13 38.10
CA ALA D 272 71.27 -5.39 37.62
C ALA D 272 69.98 -5.78 38.35
N SER D 273 69.87 -5.44 39.64
CA SER D 273 68.65 -5.68 40.39
C SER D 273 67.47 -4.93 39.78
N ALA D 274 67.72 -3.69 39.39
CA ALA D 274 66.67 -2.87 38.76
C ALA D 274 66.34 -3.40 37.36
N ARG D 275 67.36 -3.78 36.60
CA ARG D 275 67.15 -4.27 35.25
C ARG D 275 66.35 -5.57 35.25
N VAL D 276 66.68 -6.47 36.18
CA VAL D 276 65.94 -7.71 36.26
C VAL D 276 64.43 -7.46 36.45
N ARG D 277 64.08 -6.55 37.34
CA ARG D 277 62.67 -6.25 37.60
C ARG D 277 61.97 -5.64 36.38
N ARG D 278 62.68 -4.78 35.67
CA ARG D 278 62.19 -4.20 34.42
C ARG D 278 61.92 -5.30 33.39
N LEU D 279 62.86 -6.23 33.29
CA LEU D 279 62.74 -7.27 32.28
C LEU D 279 61.62 -8.24 32.68
N LEU D 280 61.48 -8.48 33.98
CA LEU D 280 60.41 -9.34 34.45
C LEU D 280 59.03 -8.79 34.11
N ARG D 281 58.79 -7.48 34.27
CA ARG D 281 57.46 -6.98 33.95
C ARG D 281 57.21 -6.95 32.45
N GLU D 282 58.24 -6.68 31.65
CA GLU D 282 58.07 -6.67 30.20
C GLU D 282 57.57 -8.03 29.72
N GLN D 283 58.05 -9.09 30.36
CA GLN D 283 57.79 -10.44 29.90
C GLN D 283 56.67 -11.14 30.66
N TRP D 284 56.16 -10.49 31.70
CA TRP D 284 55.28 -11.16 32.66
C TRP D 284 53.99 -11.67 32.04
N PRO E 7 80.35 14.29 -9.94
CA PRO E 7 80.22 13.56 -8.67
C PRO E 7 81.10 12.32 -8.60
N PRO E 8 81.65 12.01 -7.41
CA PRO E 8 82.43 10.79 -7.20
C PRO E 8 81.61 9.53 -7.46
N PRO E 9 82.29 8.43 -7.81
CA PRO E 9 81.67 7.12 -8.07
C PRO E 9 81.01 6.48 -6.84
N GLN E 10 81.67 6.56 -5.69
CA GLN E 10 81.15 5.99 -4.45
C GLN E 10 79.76 6.55 -4.13
N TRP E 11 79.51 7.78 -4.55
CA TRP E 11 78.28 8.48 -4.23
C TRP E 11 77.29 8.64 -5.38
N SER E 12 77.58 8.02 -6.52
CA SER E 12 76.69 8.13 -7.69
C SER E 12 76.40 6.77 -8.32
N ARG E 13 76.22 5.75 -7.50
CA ARG E 13 75.91 4.43 -8.00
C ARG E 13 74.58 4.43 -8.78
N ARG E 14 73.62 5.26 -8.37
CA ARG E 14 72.32 5.31 -9.05
C ARG E 14 72.44 5.96 -10.42
N ARG E 15 73.18 7.06 -10.50
CA ARG E 15 73.36 7.75 -11.77
C ARG E 15 74.11 6.85 -12.76
N GLN E 16 75.08 6.08 -12.26
CA GLN E 16 75.81 5.16 -13.13
C GLN E 16 74.90 4.06 -13.65
N GLU E 17 74.05 3.51 -12.78
CA GLU E 17 73.11 2.46 -13.19
C GLU E 17 72.09 2.98 -14.22
N LYS E 18 71.71 4.25 -14.09
CA LYS E 18 70.80 4.83 -15.06
C LYS E 18 71.48 4.92 -16.41
N GLN E 19 72.72 5.40 -16.42
CA GLN E 19 73.49 5.55 -17.64
C GLN E 19 73.64 4.21 -18.35
N ARG E 20 73.97 3.18 -17.58
CA ARG E 20 74.11 1.83 -18.09
C ARG E 20 72.81 1.37 -18.76
N ARG E 21 71.67 1.61 -18.12
CA ARG E 21 70.37 1.26 -18.71
C ARG E 21 70.11 2.05 -19.98
N LEU E 22 70.44 3.34 -19.97
CA LEU E 22 70.21 4.21 -21.12
C LEU E 22 71.06 3.79 -22.33
N GLU E 23 72.25 3.27 -22.07
CA GLU E 23 73.15 2.88 -23.14
C GLU E 23 72.59 1.65 -23.87
N ARG E 24 71.96 0.75 -23.12
CA ARG E 24 71.40 -0.47 -23.69
C ARG E 24 70.33 -0.23 -24.76
N VAL E 25 69.73 0.96 -24.77
CA VAL E 25 68.68 1.27 -25.74
C VAL E 25 69.08 2.39 -26.70
N ARG E 26 70.32 2.86 -26.63
CA ARG E 26 70.73 4.06 -27.37
C ARG E 26 70.52 3.86 -28.88
N GLY E 27 70.72 2.63 -29.33
CA GLY E 27 70.49 2.31 -30.73
C GLY E 27 69.01 2.22 -31.04
N LEU E 28 68.29 1.49 -30.19
CA LEU E 28 66.87 1.19 -30.36
C LEU E 28 66.00 2.46 -30.41
N ALA E 29 66.49 3.55 -29.84
CA ALA E 29 65.69 4.76 -29.70
C ALA E 29 66.23 5.92 -30.54
N ASP E 30 65.32 6.78 -30.99
CA ASP E 30 65.72 8.02 -31.64
C ASP E 30 65.58 9.19 -30.69
N GLY E 31 66.66 9.50 -29.98
CA GLY E 31 66.63 10.54 -28.96
C GLY E 31 65.77 10.07 -27.80
N ALA E 32 64.83 10.92 -27.37
CA ALA E 32 63.93 10.55 -26.29
C ALA E 32 62.74 9.72 -26.77
N VAL E 33 62.60 9.57 -28.09
CA VAL E 33 61.45 8.86 -28.66
C VAL E 33 61.72 7.38 -28.93
N LEU E 34 61.01 6.50 -28.24
CA LEU E 34 61.10 5.07 -28.49
C LEU E 34 60.13 4.61 -29.59
N PRO E 35 60.57 3.64 -30.40
CA PRO E 35 59.72 3.02 -31.41
C PRO E 35 58.65 2.16 -30.77
N ARG E 36 57.40 2.39 -31.17
CA ARG E 36 56.25 1.63 -30.67
C ARG E 36 56.45 0.12 -30.85
N GLU E 37 57.21 -0.25 -31.87
CA GLU E 37 57.42 -1.66 -32.24
C GLU E 37 58.50 -2.31 -31.37
N GLY E 38 59.51 -1.55 -31.01
CA GLY E 38 60.54 -2.04 -30.11
C GLY E 38 60.25 -1.86 -28.62
N LEU E 39 59.02 -1.48 -28.25
CA LEU E 39 58.76 -1.14 -26.85
C LEU E 39 59.09 -2.28 -25.88
N VAL E 40 58.68 -3.50 -26.22
CA VAL E 40 58.86 -4.64 -25.30
C VAL E 40 60.36 -4.90 -25.08
N ALA E 41 61.15 -4.72 -26.14
CA ALA E 41 62.60 -4.80 -26.03
C ALA E 41 63.13 -3.68 -25.14
N ALA E 42 62.65 -2.46 -25.38
CA ALA E 42 63.02 -1.29 -24.61
C ALA E 42 62.79 -1.49 -23.11
N LEU E 43 61.69 -2.15 -22.78
CA LEU E 43 61.30 -2.34 -21.40
C LEU E 43 62.21 -3.37 -20.74
N GLU E 44 62.57 -4.41 -21.49
CA GLU E 44 63.47 -5.44 -20.95
C GLU E 44 64.87 -4.87 -20.75
N ALA E 45 65.20 -3.80 -21.47
CA ALA E 45 66.48 -3.14 -21.30
C ALA E 45 66.46 -2.13 -20.15
N LEU E 46 65.39 -1.33 -20.09
CA LEU E 46 65.33 -0.22 -19.14
C LEU E 46 64.94 -0.66 -17.72
N ILE E 47 64.29 -1.82 -17.60
CA ILE E 47 63.86 -2.35 -16.32
C ILE E 47 64.72 -3.56 -15.92
N ALA E 48 64.94 -3.76 -14.63
CA ALA E 48 65.71 -4.92 -14.16
C ALA E 48 64.89 -5.71 -13.17
N PRO E 49 65.17 -7.02 -13.04
CA PRO E 49 64.38 -7.78 -12.07
C PRO E 49 64.57 -7.21 -10.66
N GLY E 50 63.49 -7.15 -9.89
CA GLY E 50 63.52 -6.60 -8.55
C GLY E 50 63.19 -5.12 -8.53
N ASP E 51 63.08 -4.52 -9.70
CA ASP E 51 62.81 -3.09 -9.77
C ASP E 51 61.48 -2.74 -9.09
N ARG E 52 61.46 -1.57 -8.43
CA ARG E 52 60.22 -0.92 -8.03
C ARG E 52 59.66 -0.13 -9.20
N VAL E 53 58.49 -0.55 -9.67
CA VAL E 53 57.94 0.07 -10.87
C VAL E 53 56.57 0.69 -10.62
N VAL E 54 56.49 2.00 -10.83
CA VAL E 54 55.24 2.73 -10.73
C VAL E 54 54.54 2.65 -12.08
N LEU E 55 53.30 2.17 -12.07
CA LEU E 55 52.54 1.98 -13.31
C LEU E 55 51.16 2.61 -13.17
N GLU E 56 50.82 3.49 -14.11
CA GLU E 56 49.56 4.21 -13.99
C GLU E 56 48.41 3.30 -14.33
N GLY E 57 47.91 2.72 -13.24
CA GLY E 57 46.53 2.61 -12.96
C GLY E 57 46.36 3.82 -12.03
N ASN E 58 45.89 4.90 -12.61
CA ASN E 58 45.35 5.99 -11.84
C ASN E 58 43.87 5.66 -11.71
N ASN E 59 43.11 6.46 -10.99
CA ASN E 59 41.69 6.21 -10.84
C ASN E 59 41.00 6.23 -12.21
N GLN E 60 41.37 7.19 -13.04
CA GLN E 60 40.74 7.32 -14.33
C GLN E 60 41.72 6.97 -15.47
N LYS E 61 42.89 7.61 -15.48
CA LYS E 61 43.91 7.40 -16.53
C LYS E 61 44.64 6.07 -16.46
N GLN E 62 44.71 5.33 -17.58
CA GLN E 62 45.53 4.11 -17.61
C GLN E 62 46.61 4.22 -18.69
N ALA E 63 47.87 3.97 -18.33
CA ALA E 63 48.91 3.82 -19.35
C ALA E 63 48.82 2.42 -19.92
N ASP E 64 47.69 2.12 -20.56
CA ASP E 64 47.33 0.75 -20.89
C ASP E 64 48.22 0.16 -22.01
N PHE E 65 48.76 1.00 -22.89
CA PHE E 65 49.73 0.50 -23.85
C PHE E 65 51.00 0.03 -23.13
N LEU E 66 51.54 0.85 -22.23
CA LEU E 66 52.66 0.45 -21.39
C LEU E 66 52.31 -0.78 -20.54
N SER E 67 51.11 -0.74 -19.98
CA SER E 67 50.59 -1.87 -19.23
C SER E 67 50.57 -3.17 -20.05
N ARG E 68 49.86 -3.17 -21.18
CA ARG E 68 49.78 -4.38 -22.00
C ARG E 68 51.15 -4.85 -22.48
N SER E 69 52.04 -3.92 -22.80
CA SER E 69 53.38 -4.27 -23.27
C SER E 69 54.22 -4.96 -22.19
N LEU E 70 54.19 -4.43 -20.97
CA LEU E 70 54.93 -4.99 -19.86
C LEU E 70 54.53 -6.46 -19.63
N ALA E 71 53.26 -6.77 -19.88
CA ALA E 71 52.72 -8.11 -19.71
C ALA E 71 53.21 -9.10 -20.77
N ARG E 72 53.76 -8.56 -21.86
CA ARG E 72 54.27 -9.38 -22.96
C ARG E 72 55.76 -9.69 -22.78
N VAL E 73 56.37 -9.06 -21.79
CA VAL E 73 57.80 -9.17 -21.55
C VAL E 73 58.20 -10.61 -21.14
N ASP E 74 59.41 -11.02 -21.49
CA ASP E 74 59.93 -12.32 -21.10
C ASP E 74 60.18 -12.41 -19.58
N PRO E 75 59.41 -13.25 -18.87
CA PRO E 75 59.55 -13.43 -17.41
C PRO E 75 60.95 -13.91 -16.99
N GLY E 76 61.70 -14.46 -17.93
CA GLY E 76 63.04 -14.91 -17.63
C GLY E 76 63.99 -13.72 -17.52
N LYS E 77 63.63 -12.63 -18.18
CA LYS E 77 64.41 -11.39 -18.14
C LYS E 77 63.90 -10.39 -17.08
N LEU E 78 62.58 -10.30 -16.95
CA LEU E 78 61.95 -9.42 -15.97
C LEU E 78 61.01 -10.21 -15.08
N HIS E 79 61.42 -10.35 -13.84
CA HIS E 79 60.69 -11.12 -12.85
C HIS E 79 60.86 -10.39 -11.53
N ASP E 80 60.03 -10.73 -10.54
CA ASP E 80 60.15 -10.15 -9.19
C ASP E 80 60.03 -8.61 -9.16
N LEU E 81 59.35 -8.04 -10.13
CA LEU E 81 59.10 -6.62 -10.13
C LEU E 81 58.18 -6.24 -8.95
N HIS E 82 58.48 -5.10 -8.32
CA HIS E 82 57.70 -4.61 -7.19
C HIS E 82 56.78 -3.49 -7.71
N MET E 83 55.49 -3.80 -7.88
CA MET E 83 54.55 -2.88 -8.51
C MET E 83 53.96 -1.92 -7.48
N ILE E 84 54.04 -0.63 -7.79
CA ILE E 84 53.46 0.44 -7.00
C ILE E 84 52.39 1.13 -7.83
N MET E 85 51.13 0.87 -7.50
CA MET E 85 50.03 1.35 -8.33
C MET E 85 48.91 1.98 -7.49
N PRO E 86 48.58 3.25 -7.75
CA PRO E 86 47.44 3.86 -7.06
C PRO E 86 46.18 3.01 -7.18
N SER E 87 45.85 2.62 -8.42
CA SER E 87 44.65 1.83 -8.72
C SER E 87 44.99 0.63 -9.60
N VAL E 88 44.61 -0.55 -9.16
CA VAL E 88 44.88 -1.80 -9.85
C VAL E 88 43.59 -2.35 -10.44
N GLY E 89 43.15 -1.81 -11.57
CA GLY E 89 41.85 -2.16 -12.12
C GLY E 89 41.80 -2.88 -13.46
N ARG E 90 42.94 -3.01 -14.12
CA ARG E 90 43.01 -3.62 -15.46
C ARG E 90 43.54 -5.06 -15.40
N PRO E 91 43.03 -5.95 -16.27
CA PRO E 91 43.49 -7.36 -16.30
C PRO E 91 45.01 -7.55 -16.46
N GLU E 92 45.66 -6.76 -17.31
CA GLU E 92 47.13 -6.86 -17.49
C GLU E 92 47.87 -6.63 -16.18
N HIS E 93 47.30 -5.80 -15.31
CA HIS E 93 47.93 -5.49 -14.05
C HIS E 93 48.20 -6.76 -13.26
N LEU E 94 47.15 -7.56 -13.09
CA LEU E 94 47.27 -8.80 -12.33
C LEU E 94 47.88 -9.93 -13.14
N ASP E 95 47.80 -9.84 -14.47
CA ASP E 95 48.50 -10.80 -15.33
C ASP E 95 50.00 -10.85 -14.99
N LEU E 96 50.56 -9.69 -14.67
CA LEU E 96 51.98 -9.57 -14.32
C LEU E 96 52.38 -10.56 -13.24
N PHE E 97 51.47 -10.76 -12.28
CA PHE E 97 51.72 -11.65 -11.15
C PHE E 97 51.46 -13.09 -11.55
N GLU E 98 50.40 -13.32 -12.32
CA GLU E 98 50.07 -14.66 -12.76
C GLU E 98 51.15 -15.20 -13.71
N LEU E 99 51.68 -14.33 -14.56
CA LEU E 99 52.76 -14.68 -15.49
C LEU E 99 54.16 -14.71 -14.83
N GLY E 100 54.24 -14.31 -13.56
CA GLY E 100 55.51 -14.32 -12.84
C GLY E 100 56.50 -13.23 -13.22
N ILE E 101 55.98 -12.15 -13.77
CA ILE E 101 56.79 -10.98 -14.09
C ILE E 101 56.94 -10.12 -12.81
N ALA E 102 55.87 -10.06 -12.02
CA ALA E 102 55.84 -9.23 -10.84
C ALA E 102 55.51 -10.08 -9.64
N ARG E 103 56.04 -9.74 -8.47
CA ARG E 103 55.73 -10.48 -7.26
C ARG E 103 55.14 -9.61 -6.12
N LYS E 104 55.69 -8.43 -5.89
CA LYS E 104 55.22 -7.55 -4.81
C LYS E 104 54.28 -6.46 -5.33
N LEU E 105 53.25 -6.14 -4.55
CA LEU E 105 52.33 -5.06 -4.89
C LEU E 105 52.06 -4.10 -3.73
N ASP E 106 52.28 -2.80 -3.95
CA ASP E 106 51.77 -1.78 -3.02
C ASP E 106 50.75 -0.92 -3.77
N PHE E 107 49.55 -0.79 -3.23
CA PHE E 107 48.45 -0.16 -3.97
C PHE E 107 47.47 0.53 -3.05
N SER E 108 46.58 1.33 -3.64
CA SER E 108 45.57 2.04 -2.86
C SER E 108 44.16 1.62 -3.23
N PHE E 109 43.88 1.47 -4.52
CA PHE E 109 42.52 1.15 -4.93
C PHE E 109 42.43 -0.09 -5.79
N SER E 110 41.39 -0.85 -5.53
CA SER E 110 41.03 -1.94 -6.41
C SER E 110 39.51 -1.95 -6.44
N GLY E 111 38.98 -2.08 -7.65
CA GLY E 111 37.55 -2.17 -7.81
C GLY E 111 37.20 -3.62 -8.07
N PRO E 112 37.14 -4.00 -9.36
CA PRO E 112 36.69 -5.30 -9.90
C PRO E 112 37.62 -6.46 -9.57
N GLN E 113 38.92 -6.21 -9.77
CA GLN E 113 39.98 -7.19 -9.54
C GLN E 113 39.98 -7.80 -8.15
N SER E 114 39.23 -7.18 -7.24
CA SER E 114 39.21 -7.50 -5.82
C SER E 114 39.22 -9.02 -5.50
N LEU E 115 38.37 -9.78 -6.20
CA LEU E 115 38.38 -11.23 -6.06
C LEU E 115 39.69 -11.86 -6.53
N ARG E 116 40.22 -11.38 -7.65
CA ARG E 116 41.43 -11.93 -8.25
C ARG E 116 42.70 -11.66 -7.44
N ILE E 117 42.76 -10.50 -6.78
CA ILE E 117 43.91 -10.17 -5.92
C ILE E 117 44.02 -11.19 -4.79
N GLY E 118 42.87 -11.49 -4.16
CA GLY E 118 42.85 -12.46 -3.08
C GLY E 118 43.33 -13.84 -3.53
N GLN E 119 42.82 -14.27 -4.68
CA GLN E 119 43.19 -15.58 -5.22
C GLN E 119 44.68 -15.66 -5.56
N LEU E 120 45.23 -14.63 -6.19
CA LEU E 120 46.66 -14.60 -6.48
C LEU E 120 47.52 -14.57 -5.21
N LEU E 121 47.02 -13.90 -4.17
CA LEU E 121 47.76 -13.81 -2.90
C LEU E 121 47.78 -15.18 -2.24
N GLU E 122 46.62 -15.83 -2.23
CA GLU E 122 46.49 -17.14 -1.59
C GLU E 122 47.25 -18.21 -2.39
N ASP E 123 47.49 -17.94 -3.67
CA ASP E 123 48.30 -18.85 -4.50
C ASP E 123 49.79 -18.54 -4.45
N GLY E 124 50.19 -17.56 -3.64
CA GLY E 124 51.61 -17.20 -3.53
C GLY E 124 52.19 -16.52 -4.76
N LEU E 125 51.32 -16.01 -5.63
CA LEU E 125 51.76 -15.33 -6.86
C LEU E 125 51.86 -13.80 -6.69
N LEU E 126 51.30 -13.30 -5.59
CA LEU E 126 51.25 -11.87 -5.31
C LEU E 126 51.48 -11.65 -3.81
N GLU E 127 52.42 -10.76 -3.47
CA GLU E 127 52.62 -10.35 -2.08
C GLU E 127 52.24 -8.87 -1.88
N ILE E 128 51.32 -8.61 -0.98
CA ILE E 128 50.93 -7.24 -0.67
C ILE E 128 51.84 -6.61 0.37
N GLY E 129 52.48 -5.49 0.03
CA GLY E 129 53.15 -4.67 1.03
C GLY E 129 52.10 -4.15 1.98
N ALA E 130 51.31 -3.19 1.50
CA ALA E 130 50.14 -2.73 2.25
C ALA E 130 49.11 -2.09 1.32
N ILE E 131 47.89 -2.00 1.82
CA ILE E 131 46.87 -1.16 1.21
C ILE E 131 47.00 0.27 1.75
N HIS E 132 47.13 1.23 0.85
CA HIS E 132 47.34 2.64 1.19
C HIS E 132 46.12 3.49 0.84
N THR E 133 46.14 4.73 1.31
CA THR E 133 45.37 5.77 0.65
C THR E 133 46.35 6.52 -0.28
N TYR E 134 45.85 7.03 -1.41
CA TYR E 134 46.71 7.53 -2.50
C TYR E 134 47.88 8.41 -2.07
N ILE E 135 47.59 9.42 -1.27
CA ILE E 135 48.58 10.44 -0.98
C ILE E 135 49.62 9.86 -0.01
N GLU E 136 49.20 8.84 0.75
CA GLU E 136 50.12 8.08 1.59
C GLU E 136 51.08 7.26 0.73
N LEU E 137 50.56 6.65 -0.34
CA LEU E 137 51.42 6.00 -1.33
C LEU E 137 52.45 6.96 -1.95
N TYR E 138 52.00 8.13 -2.40
CA TYR E 138 52.94 9.08 -3.02
C TYR E 138 54.01 9.48 -2.00
N ALA E 139 53.56 9.78 -0.78
CA ALA E 139 54.47 10.17 0.30
C ALA E 139 55.66 9.20 0.43
N ARG E 140 55.36 7.90 0.32
CA ARG E 140 56.37 6.85 0.49
C ARG E 140 57.41 6.83 -0.62
N LEU E 141 57.09 7.47 -1.75
CA LEU E 141 57.98 7.46 -2.91
C LEU E 141 59.24 8.33 -2.73
N VAL E 142 59.27 9.18 -1.70
CA VAL E 142 60.51 9.93 -1.42
C VAL E 142 61.14 9.47 -0.10
N VAL E 143 60.59 8.39 0.46
CA VAL E 143 61.13 7.84 1.70
C VAL E 143 61.44 6.34 1.57
N ASP E 144 60.36 5.59 1.68
CA ASP E 144 60.32 4.17 1.88
C ASP E 144 60.34 3.33 0.59
N LEU E 145 59.83 3.93 -0.48
CA LEU E 145 59.56 3.22 -1.74
C LEU E 145 60.01 4.03 -2.93
N ILE E 146 61.22 4.58 -2.88
CA ILE E 146 61.79 5.32 -3.99
C ILE E 146 61.73 4.38 -5.18
N PRO E 147 61.00 4.78 -6.24
CA PRO E 147 60.77 3.90 -7.39
C PRO E 147 61.95 3.88 -8.37
N ASN E 148 62.16 2.75 -9.04
CA ASN E 148 63.21 2.69 -10.05
C ASN E 148 62.69 3.17 -11.40
N VAL E 149 61.41 2.92 -11.68
CA VAL E 149 60.82 3.17 -12.99
C VAL E 149 59.38 3.63 -12.85
N ALA E 150 59.00 4.65 -13.63
CA ALA E 150 57.62 5.10 -13.71
C ALA E 150 57.04 4.95 -15.13
N LEU E 151 55.91 4.28 -15.25
CA LEU E 151 55.25 4.08 -16.55
C LEU E 151 53.94 4.84 -16.55
N VAL E 152 53.95 6.01 -17.18
CA VAL E 152 52.83 6.92 -17.10
C VAL E 152 52.33 7.31 -18.48
N ALA E 153 51.27 8.10 -18.51
CA ALA E 153 50.58 8.39 -19.76
C ALA E 153 50.20 9.84 -19.84
N GLY E 154 50.31 10.39 -21.04
CA GLY E 154 49.87 11.74 -21.30
C GLY E 154 49.16 11.79 -22.65
N PHE E 155 48.59 12.94 -22.98
CA PHE E 155 47.97 13.13 -24.28
C PHE E 155 48.99 13.36 -25.40
N VAL E 156 49.86 14.35 -25.20
CA VAL E 156 50.78 14.82 -26.24
C VAL E 156 52.19 15.06 -25.68
N ALA E 157 53.20 14.70 -26.47
CA ALA E 157 54.57 15.08 -26.16
C ALA E 157 55.27 15.71 -27.37
N ASP E 158 56.24 16.62 -27.15
CA ASP E 158 57.13 17.01 -28.24
C ASP E 158 58.34 16.05 -28.29
N ARG E 159 59.21 16.23 -29.28
CA ARG E 159 60.36 15.32 -29.43
C ARG E 159 61.31 15.46 -28.25
N GLU E 160 61.28 16.62 -27.60
CA GLU E 160 62.11 16.91 -26.42
C GLU E 160 61.77 16.02 -25.23
N GLY E 161 60.47 15.83 -24.99
CA GLY E 161 60.02 15.03 -23.87
C GLY E 161 59.00 15.75 -23.02
N ASN E 162 58.71 17.00 -23.35
CA ASN E 162 57.65 17.72 -22.67
C ASN E 162 56.33 17.01 -22.90
N VAL E 163 55.53 16.91 -21.84
CA VAL E 163 54.28 16.18 -21.91
C VAL E 163 53.09 17.03 -21.50
N TYR E 164 52.06 17.01 -22.33
CA TYR E 164 50.77 17.58 -21.98
C TYR E 164 49.88 16.48 -21.39
N THR E 165 49.35 16.69 -20.19
CA THR E 165 48.43 15.70 -19.62
C THR E 165 47.01 16.25 -19.38
N GLY E 166 46.86 17.57 -19.36
CA GLY E 166 45.54 18.18 -19.34
C GLY E 166 44.58 17.78 -18.22
N PRO E 167 43.32 17.49 -18.58
CA PRO E 167 42.28 17.04 -17.66
C PRO E 167 42.67 15.78 -16.90
N SER E 168 43.47 14.92 -17.53
CA SER E 168 43.87 13.63 -16.99
C SER E 168 45.24 13.69 -16.28
N THR E 169 45.59 14.85 -15.74
CA THR E 169 46.85 14.99 -15.02
C THR E 169 46.91 14.04 -13.83
N GLU E 170 45.89 14.05 -12.98
CA GLU E 170 45.71 13.05 -11.93
C GLU E 170 46.98 12.79 -11.08
N ASP E 171 47.41 11.53 -11.01
CA ASP E 171 48.55 11.09 -10.19
C ASP E 171 49.92 11.43 -10.77
N THR E 172 49.97 11.73 -12.06
CA THR E 172 51.24 11.73 -12.78
C THR E 172 52.36 12.64 -12.22
N PRO E 173 52.05 13.90 -11.86
CA PRO E 173 53.16 14.68 -11.29
C PRO E 173 53.69 14.10 -9.96
N ALA E 174 52.81 13.49 -9.19
CA ALA E 174 53.24 12.87 -7.94
C ALA E 174 54.08 11.61 -8.16
N LEU E 175 53.87 10.94 -9.28
CA LEU E 175 54.53 9.67 -9.54
C LEU E 175 55.87 9.89 -10.23
N VAL E 176 55.93 10.92 -11.04
CA VAL E 176 57.10 11.16 -11.88
C VAL E 176 58.21 11.85 -11.09
N GLU E 177 57.88 12.88 -10.30
CA GLU E 177 58.93 13.65 -9.61
C GLU E 177 59.87 12.80 -8.72
N PRO E 178 59.33 11.88 -7.91
CA PRO E 178 60.28 11.08 -7.13
C PRO E 178 61.10 10.08 -7.97
N THR E 179 60.55 9.59 -9.10
CA THR E 179 61.32 8.76 -10.03
C THR E 179 62.36 9.59 -10.81
N ALA E 180 61.93 10.72 -11.36
CA ALA E 180 62.81 11.57 -12.17
C ALA E 180 64.01 12.09 -11.40
N PHE E 181 63.79 12.45 -10.14
CA PHE E 181 64.82 13.13 -9.38
C PHE E 181 65.61 12.17 -8.48
N SER E 182 65.48 10.87 -8.72
CA SER E 182 66.27 9.88 -8.00
C SER E 182 67.01 8.95 -8.95
N ASP E 183 67.31 9.48 -10.15
CA ASP E 183 68.04 8.74 -11.18
C ASP E 183 67.24 7.52 -11.61
N GLY E 184 65.92 7.61 -11.47
CA GLY E 184 65.04 6.54 -11.93
C GLY E 184 64.69 6.81 -13.38
N ILE E 185 64.01 5.87 -14.02
CA ILE E 185 63.70 5.99 -15.45
C ILE E 185 62.22 6.25 -15.67
N VAL E 186 61.90 7.34 -16.36
CA VAL E 186 60.52 7.74 -16.60
C VAL E 186 60.14 7.57 -18.07
N ILE E 187 59.17 6.69 -18.32
CA ILE E 187 58.67 6.44 -19.67
C ILE E 187 57.21 6.84 -19.77
N VAL E 188 56.92 7.68 -20.77
CA VAL E 188 55.59 8.23 -20.97
C VAL E 188 55.00 7.79 -22.31
N GLN E 189 53.82 7.19 -22.28
CA GLN E 189 53.10 6.92 -23.51
C GLN E 189 52.20 8.12 -23.81
N VAL E 190 52.25 8.60 -25.05
CA VAL E 190 51.41 9.72 -25.44
C VAL E 190 50.55 9.36 -26.64
N ASN E 191 49.40 9.99 -26.75
CA ASN E 191 48.48 9.72 -27.84
C ASN E 191 49.11 10.19 -29.16
N ARG E 192 49.86 11.28 -29.10
CA ARG E 192 50.60 11.76 -30.26
C ARG E 192 51.83 12.55 -29.88
N ILE E 193 52.87 12.41 -30.70
CA ILE E 193 54.09 13.20 -30.61
C ILE E 193 54.07 14.32 -31.66
N VAL E 194 54.15 15.57 -31.23
CA VAL E 194 54.11 16.69 -32.17
C VAL E 194 55.52 17.17 -32.53
N ASP E 195 55.76 17.32 -33.83
CA ASP E 195 57.06 17.77 -34.30
C ASP E 195 57.31 19.22 -33.89
N ASP E 196 56.31 20.07 -34.06
CA ASP E 196 56.44 21.46 -33.62
C ASP E 196 56.08 21.58 -32.14
N PRO E 197 57.08 21.86 -31.28
CA PRO E 197 56.85 21.92 -29.84
C PRO E 197 55.85 22.98 -29.42
N ARG E 198 55.50 23.90 -30.30
CA ARG E 198 54.49 24.89 -29.96
C ARG E 198 53.08 24.35 -30.19
N ASP E 199 53.00 23.08 -30.61
CA ASP E 199 51.70 22.44 -30.74
C ASP E 199 51.28 21.70 -29.46
N LEU E 200 52.14 21.73 -28.45
CA LEU E 200 51.77 21.25 -27.12
C LEU E 200 50.79 22.27 -26.55
N PRO E 201 49.60 21.82 -26.11
CA PRO E 201 48.71 22.87 -25.58
C PRO E 201 49.27 23.50 -24.31
N ARG E 202 50.04 22.70 -23.56
CA ARG E 202 50.63 23.14 -22.32
C ARG E 202 51.66 22.11 -21.92
N VAL E 203 52.66 22.53 -21.15
CA VAL E 203 53.59 21.60 -20.54
C VAL E 203 53.17 21.26 -19.10
N ASP E 204 52.71 20.03 -18.88
CA ASP E 204 52.39 19.56 -17.52
C ASP E 204 53.57 18.84 -16.84
N ILE E 205 54.34 18.09 -17.62
CA ILE E 205 55.58 17.46 -17.12
C ILE E 205 56.73 17.88 -18.02
N PRO E 206 57.66 18.68 -17.48
CA PRO E 206 58.81 19.19 -18.23
C PRO E 206 59.68 18.07 -18.83
N ALA E 207 60.34 18.38 -19.94
CA ALA E 207 61.19 17.41 -20.63
C ALA E 207 62.32 16.89 -19.75
N SER E 208 62.82 17.75 -18.85
CA SER E 208 63.87 17.38 -17.88
C SER E 208 63.49 16.14 -17.05
N TRP E 209 62.21 16.01 -16.73
CA TRP E 209 61.73 14.92 -15.87
C TRP E 209 61.53 13.61 -16.64
N VAL E 210 61.50 13.70 -17.97
CA VAL E 210 61.14 12.56 -18.81
C VAL E 210 62.37 11.95 -19.52
N ASP E 211 62.44 10.63 -19.58
CA ASP E 211 63.55 9.98 -20.25
C ASP E 211 63.13 9.47 -21.62
N PHE E 212 61.92 8.92 -21.71
CA PHE E 212 61.40 8.43 -22.99
C PHE E 212 59.92 8.66 -23.17
N VAL E 213 59.53 9.01 -24.39
CA VAL E 213 58.14 9.06 -24.80
C VAL E 213 57.91 7.99 -25.89
N VAL E 214 56.70 7.44 -25.93
CA VAL E 214 56.31 6.50 -26.97
C VAL E 214 54.92 6.86 -27.44
N GLU E 215 54.73 6.91 -28.75
CA GLU E 215 53.38 7.08 -29.28
C GLU E 215 52.62 5.76 -29.13
N ALA E 216 51.49 5.80 -28.42
CA ALA E 216 50.71 4.60 -28.10
C ALA E 216 49.97 4.03 -29.30
N ASP E 217 49.73 2.71 -29.29
CA ASP E 217 48.99 2.05 -30.35
C ASP E 217 47.55 2.57 -30.49
N GLN E 218 47.04 3.23 -29.45
CA GLN E 218 45.68 3.79 -29.42
C GLN E 218 45.63 4.69 -28.19
N PRO E 219 44.66 5.63 -28.15
CA PRO E 219 44.62 6.55 -27.01
C PRO E 219 44.54 5.84 -25.65
N PHE E 220 45.28 6.36 -24.67
CA PHE E 220 45.30 5.75 -23.36
C PHE E 220 43.87 5.63 -22.82
N TYR E 221 43.62 4.51 -22.14
CA TYR E 221 42.33 4.20 -21.58
C TYR E 221 41.90 5.15 -20.44
N ILE E 222 40.68 5.66 -20.51
CA ILE E 222 40.14 6.47 -19.45
C ILE E 222 38.88 5.84 -18.86
N GLU E 223 38.94 5.49 -17.58
CA GLU E 223 37.78 4.95 -16.88
C GLU E 223 36.96 6.05 -16.20
N PRO E 224 35.66 6.15 -16.51
CA PRO E 224 34.82 7.13 -15.81
C PRO E 224 34.35 6.64 -14.42
N LEU E 225 35.29 6.56 -13.48
CA LEU E 225 35.10 5.83 -12.22
C LEU E 225 33.99 6.40 -11.35
N PHE E 226 33.95 7.73 -11.26
CA PHE E 226 33.01 8.41 -10.35
C PHE E 226 31.69 8.81 -11.00
N THR E 227 31.57 8.66 -12.33
CA THR E 227 30.29 8.95 -13.00
C THR E 227 29.22 7.97 -12.56
N ARG E 228 28.06 8.51 -12.20
CA ARG E 228 26.93 7.72 -11.72
C ARG E 228 25.69 8.08 -12.51
N ASP E 229 25.04 7.03 -13.05
CA ASP E 229 23.80 7.15 -13.82
C ASP E 229 22.63 7.50 -12.92
N PRO E 230 22.06 8.70 -13.08
CA PRO E 230 20.98 9.08 -12.15
C PRO E 230 19.75 8.18 -12.26
N ARG E 231 19.65 7.42 -13.35
CA ARG E 231 18.56 6.45 -13.50
C ARG E 231 18.55 5.41 -12.38
N HIS E 232 19.69 5.19 -11.73
CA HIS E 232 19.77 4.19 -10.68
C HIS E 232 19.54 4.72 -9.26
N ILE E 233 19.30 6.02 -9.10
CA ILE E 233 19.04 6.55 -7.77
C ILE E 233 17.61 6.22 -7.35
N LYS E 234 17.46 5.66 -6.15
CA LYS E 234 16.18 5.23 -5.60
C LYS E 234 15.70 6.23 -4.55
N PRO E 235 14.40 6.20 -4.23
CA PRO E 235 13.89 7.09 -3.17
C PRO E 235 14.61 6.93 -1.82
N VAL E 236 15.04 5.73 -1.46
CA VAL E 236 15.80 5.55 -0.23
C VAL E 236 17.11 6.39 -0.28
N HIS E 237 17.70 6.53 -1.47
CA HIS E 237 18.88 7.37 -1.62
C HIS E 237 18.50 8.83 -1.38
N VAL E 238 17.37 9.23 -1.94
CA VAL E 238 16.90 10.60 -1.83
C VAL E 238 16.64 10.93 -0.36
N LEU E 239 16.06 9.98 0.37
CA LEU E 239 15.75 10.19 1.78
C LEU E 239 17.02 10.44 2.59
N MET E 240 18.05 9.63 2.33
CA MET E 240 19.31 9.78 3.03
C MET E 240 19.96 11.12 2.62
N ALA E 241 19.89 11.46 1.35
CA ALA E 241 20.43 12.72 0.87
C ALA E 241 19.72 13.93 1.52
N MET E 242 18.41 13.82 1.72
CA MET E 242 17.65 14.90 2.36
C MET E 242 18.16 15.12 3.79
N MET E 243 18.35 14.02 4.51
CA MET E 243 18.85 14.12 5.88
C MET E 243 20.28 14.62 5.95
N ALA E 244 21.12 14.25 4.97
CA ALA E 244 22.49 14.77 4.93
C ALA E 244 22.49 16.30 4.82
N ILE E 245 21.63 16.83 3.95
CA ILE E 245 21.58 18.27 3.71
C ILE E 245 21.02 19.06 4.90
N ARG E 246 19.90 18.59 5.40
CA ARG E 246 19.22 19.25 6.49
C ARG E 246 19.88 18.97 7.85
N GLY E 247 20.11 17.69 8.13
CA GLY E 247 20.63 17.29 9.43
C GLY E 247 22.13 17.37 9.59
N ILE E 248 22.85 17.66 8.49
CA ILE E 248 24.31 17.73 8.57
C ILE E 248 24.88 19.01 7.94
N TYR E 249 24.68 19.20 6.64
CA TYR E 249 25.26 20.36 5.95
C TYR E 249 24.74 21.66 6.54
N GLN E 250 23.41 21.75 6.67
CA GLN E 250 22.80 22.97 7.19
C GLN E 250 23.01 23.05 8.69
N ARG E 251 22.83 21.92 9.37
CA ARG E 251 23.02 21.84 10.83
C ARG E 251 24.34 22.41 11.31
N HIS E 252 25.42 22.09 10.59
CA HIS E 252 26.76 22.48 11.03
C HIS E 252 27.35 23.60 10.17
N ASN E 253 26.53 24.14 9.26
CA ASN E 253 26.97 25.20 8.35
C ASN E 253 28.22 24.80 7.52
N VAL E 254 28.09 23.77 6.72
CA VAL E 254 29.20 23.22 5.94
C VAL E 254 29.47 24.03 4.65
N GLN E 255 30.65 24.66 4.57
CA GLN E 255 30.99 25.52 3.43
C GLN E 255 31.82 24.77 2.38
N SER E 256 32.52 23.73 2.80
CA SER E 256 33.40 23.00 1.89
C SER E 256 33.40 21.52 2.21
N LEU E 257 33.63 20.69 1.20
CA LEU E 257 33.43 19.27 1.37
C LEU E 257 34.04 18.44 0.25
N ASN E 258 34.16 17.14 0.53
CA ASN E 258 34.36 16.12 -0.48
C ASN E 258 33.20 15.13 -0.39
N HIS E 259 32.73 14.64 -1.54
CA HIS E 259 31.79 13.51 -1.58
C HIS E 259 32.60 12.28 -1.98
N GLY E 260 32.44 11.20 -1.22
CA GLY E 260 32.94 9.90 -1.64
C GLY E 260 32.15 9.41 -2.85
N ILE E 261 32.71 8.47 -3.59
CA ILE E 261 32.08 7.87 -4.76
C ILE E 261 30.75 7.21 -4.44
N GLY E 262 29.85 7.13 -5.44
CA GLY E 262 28.66 6.30 -5.26
C GLY E 262 27.32 7.01 -5.40
N PHE E 263 26.24 6.22 -5.38
CA PHE E 263 24.90 6.75 -5.60
C PHE E 263 24.38 7.57 -4.43
N ASN E 264 24.81 7.25 -3.20
CA ASN E 264 24.31 7.97 -2.02
C ASN E 264 24.66 9.45 -2.12
N THR E 265 25.92 9.74 -2.42
CA THR E 265 26.36 11.12 -2.54
C THR E 265 25.91 11.78 -3.85
N ALA E 266 25.81 11.04 -4.96
CA ALA E 266 25.27 11.66 -6.20
C ALA E 266 23.84 12.19 -5.96
N ALA E 267 23.09 11.50 -5.11
CA ALA E 267 21.75 11.91 -4.75
C ALA E 267 21.76 13.27 -4.06
N ILE E 268 22.75 13.48 -3.19
CA ILE E 268 22.91 14.79 -2.56
C ILE E 268 23.14 15.85 -3.65
N GLU E 269 24.07 15.55 -4.55
CA GLU E 269 24.43 16.52 -5.58
C GLU E 269 23.21 16.92 -6.39
N LEU E 270 22.35 15.93 -6.67
CA LEU E 270 21.21 16.08 -7.57
C LEU E 270 19.98 16.72 -6.93
N ILE E 271 19.87 16.72 -5.60
CA ILE E 271 18.71 17.37 -4.96
C ILE E 271 19.05 18.70 -4.29
N LEU E 272 20.29 19.17 -4.41
CA LEU E 272 20.64 20.50 -3.93
C LEU E 272 19.80 21.61 -4.64
N PRO E 273 19.67 21.56 -5.97
CA PRO E 273 18.90 22.67 -6.56
C PRO E 273 17.39 22.55 -6.40
N THR E 274 16.92 21.49 -5.75
CA THR E 274 15.49 21.29 -5.49
C THR E 274 15.21 21.31 -3.99
N TYR E 275 15.52 20.20 -3.32
CA TYR E 275 15.32 20.15 -1.88
C TYR E 275 16.15 21.22 -1.17
N GLY E 276 17.43 21.33 -1.56
CA GLY E 276 18.30 22.33 -0.97
C GLY E 276 17.73 23.73 -1.16
N GLU E 277 17.25 24.00 -2.38
CA GLU E 277 16.66 25.31 -2.69
C GLU E 277 15.48 25.63 -1.77
N SER E 278 14.68 24.61 -1.47
CA SER E 278 13.48 24.76 -0.67
C SER E 278 13.80 25.10 0.78
N LEU E 279 15.04 24.81 1.19
CA LEU E 279 15.48 25.16 2.53
C LEU E 279 16.12 26.54 2.53
N GLY E 280 16.26 27.11 1.33
CA GLY E 280 16.82 28.45 1.19
C GLY E 280 18.33 28.52 1.32
N LEU E 281 19.03 27.44 0.98
CA LEU E 281 20.46 27.35 1.30
C LEU E 281 21.45 27.71 0.17
N LYS E 282 20.97 28.06 -1.03
CA LYS E 282 21.90 28.43 -2.11
C LYS E 282 22.87 29.52 -1.65
N GLY E 283 24.17 29.30 -1.86
CA GLY E 283 25.18 30.23 -1.39
C GLY E 283 25.53 30.11 0.09
N LYS E 284 24.75 29.34 0.86
CA LYS E 284 25.00 29.27 2.30
C LYS E 284 25.77 28.02 2.71
N ILE E 285 25.70 26.98 1.89
CA ILE E 285 26.45 25.75 2.15
C ILE E 285 27.10 25.27 0.86
N CYS E 286 28.07 24.37 0.98
CA CYS E 286 28.64 23.69 -0.18
C CYS E 286 29.07 24.65 -1.30
N ARG E 287 29.89 25.64 -0.94
CA ARG E 287 30.40 26.57 -1.92
C ARG E 287 31.70 26.08 -2.56
N HIS E 288 32.56 25.43 -1.77
CA HIS E 288 33.85 24.99 -2.28
C HIS E 288 33.98 23.46 -2.24
N TRP E 289 34.44 22.87 -3.34
CA TRP E 289 34.48 21.42 -3.45
C TRP E 289 35.87 20.93 -3.81
N THR E 290 36.29 19.85 -3.15
CA THR E 290 37.38 19.02 -3.66
C THR E 290 36.70 17.77 -4.20
N LEU E 291 36.60 17.69 -5.52
CA LEU E 291 35.77 16.66 -6.15
C LEU E 291 36.21 16.38 -7.58
N ASN E 292 36.10 15.13 -8.00
CA ASN E 292 36.20 14.85 -9.43
C ASN E 292 35.05 15.59 -10.10
N PRO E 293 35.17 15.87 -11.41
CA PRO E 293 34.04 16.63 -11.98
C PRO E 293 32.84 15.73 -12.27
N HIS E 294 32.03 15.45 -11.25
CA HIS E 294 30.89 14.52 -11.38
C HIS E 294 29.89 15.09 -12.34
N PRO E 295 29.45 14.31 -13.33
CA PRO E 295 28.34 14.83 -14.16
C PRO E 295 27.09 15.10 -13.31
N THR E 296 26.95 14.36 -12.21
CA THR E 296 25.80 14.57 -11.32
C THR E 296 25.87 15.91 -10.57
N LEU E 297 27.01 16.60 -10.62
CA LEU E 297 27.14 17.93 -10.00
C LEU E 297 26.73 19.05 -10.96
N ILE E 298 26.54 18.73 -12.24
CA ILE E 298 26.20 19.75 -13.25
C ILE E 298 25.01 20.65 -12.85
N PRO E 299 23.88 20.06 -12.37
CA PRO E 299 22.79 20.98 -12.03
C PRO E 299 23.08 21.91 -10.87
N ALA E 300 23.81 21.43 -9.86
CA ALA E 300 24.25 22.30 -8.79
C ALA E 300 25.14 23.45 -9.31
N ILE E 301 26.02 23.15 -10.25
CA ILE E 301 26.89 24.18 -10.81
C ILE E 301 26.11 25.24 -11.59
N GLU E 302 25.27 24.77 -12.52
CA GLU E 302 24.43 25.64 -13.33
C GLU E 302 23.49 26.51 -12.49
N SER E 303 22.95 25.91 -11.42
CA SER E 303 22.07 26.61 -10.46
C SER E 303 22.77 27.69 -9.64
N GLY E 304 24.10 27.72 -9.66
CA GLY E 304 24.82 28.70 -8.85
C GLY E 304 25.19 28.29 -7.42
N TRP E 305 25.09 26.99 -7.11
CA TRP E 305 25.48 26.49 -5.79
C TRP E 305 26.99 26.40 -5.63
N VAL E 306 27.67 26.13 -6.72
CA VAL E 306 29.06 25.72 -6.67
C VAL E 306 29.99 26.85 -7.05
N GLU E 307 30.76 27.35 -6.09
CA GLU E 307 31.65 28.47 -6.37
C GLU E 307 33.01 28.03 -6.89
N SER E 308 33.54 26.93 -6.37
CA SER E 308 34.79 26.40 -6.88
C SER E 308 34.84 24.90 -6.76
N VAL E 309 35.53 24.26 -7.70
CA VAL E 309 35.82 22.84 -7.64
C VAL E 309 37.26 22.63 -7.99
N HIS E 310 38.02 22.04 -7.07
CA HIS E 310 39.33 21.53 -7.45
C HIS E 310 39.26 20.03 -7.62
N CYS E 311 39.87 19.53 -8.69
CA CYS E 311 39.64 18.18 -9.18
C CYS E 311 40.81 17.21 -8.99
N PHE E 312 40.54 16.02 -8.43
CA PHE E 312 41.52 14.95 -8.37
C PHE E 312 41.89 14.49 -9.79
N GLY E 313 40.87 14.33 -10.62
CA GLY E 313 41.04 13.84 -11.98
C GLY E 313 39.98 14.37 -12.91
N THR E 314 39.67 13.61 -13.95
CA THR E 314 38.63 14.02 -14.88
C THR E 314 37.65 12.86 -15.07
N GLU E 315 36.39 13.21 -15.32
CA GLU E 315 35.42 12.21 -15.68
C GLU E 315 35.19 12.29 -17.19
N LEU E 316 35.48 11.19 -17.87
CA LEU E 316 35.44 11.11 -19.32
C LEU E 316 34.21 11.78 -19.90
N GLY E 317 34.43 12.83 -20.69
CA GLY E 317 33.36 13.49 -21.40
C GLY E 317 33.01 14.81 -20.76
N MET E 318 33.53 15.07 -19.56
CA MET E 318 33.27 16.34 -18.87
C MET E 318 34.24 17.46 -19.32
N GLU E 319 35.23 17.12 -20.14
CA GLU E 319 36.30 18.07 -20.49
C GLU E 319 35.76 19.33 -21.16
N GLY E 320 34.89 19.16 -22.16
CA GLY E 320 34.32 20.30 -22.86
C GLY E 320 33.45 21.19 -22.01
N TYR E 321 32.71 20.60 -21.07
CA TYR E 321 31.89 21.36 -20.15
C TYR E 321 32.78 22.16 -19.18
N ILE E 322 33.80 21.52 -18.61
CA ILE E 322 34.71 22.19 -17.67
C ILE E 322 35.38 23.40 -18.34
N ALA E 323 35.85 23.22 -19.57
CA ALA E 323 36.50 24.30 -20.32
C ALA E 323 35.59 25.52 -20.44
N GLN E 324 34.29 25.29 -20.35
CA GLN E 324 33.28 26.33 -20.46
C GLN E 324 32.90 26.94 -19.13
N ARG E 325 33.44 26.39 -18.04
CA ARG E 325 33.19 26.95 -16.70
C ARG E 325 34.50 27.30 -15.97
N PRO E 326 35.33 28.17 -16.57
CA PRO E 326 36.63 28.45 -15.94
C PRO E 326 36.52 29.24 -14.66
N ASP E 327 35.38 29.88 -14.38
CA ASP E 327 35.21 30.56 -13.11
C ASP E 327 35.09 29.57 -11.96
N VAL E 328 34.63 28.35 -12.27
CA VAL E 328 34.42 27.34 -11.23
C VAL E 328 35.62 26.40 -11.07
N PHE E 329 36.15 25.94 -12.18
CA PHE E 329 37.23 24.94 -12.18
C PHE E 329 38.62 25.56 -12.35
N PHE E 330 39.65 24.74 -12.19
CA PHE E 330 41.02 25.15 -12.37
C PHE E 330 41.52 24.73 -13.76
N THR E 331 41.80 25.71 -14.61
CA THR E 331 42.15 25.47 -16.01
C THR E 331 43.47 26.14 -16.42
N GLY E 332 44.15 25.60 -17.42
CA GLY E 332 45.39 26.17 -17.92
C GLY E 332 45.17 27.29 -18.91
N ARG E 333 46.24 27.84 -19.46
CA ARG E 333 46.12 28.91 -20.44
C ARG E 333 45.43 28.40 -21.71
N ASP E 334 45.78 27.18 -22.10
CA ASP E 334 45.17 26.50 -23.23
C ASP E 334 43.66 26.30 -23.05
N GLY E 335 43.17 26.46 -21.82
CA GLY E 335 41.75 26.41 -21.56
C GLY E 335 41.23 25.17 -20.83
N SER E 336 42.00 24.10 -20.85
CA SER E 336 41.58 22.81 -20.29
C SER E 336 41.89 22.63 -18.79
N LEU E 337 41.12 21.74 -18.16
CA LEU E 337 41.28 21.39 -16.75
C LEU E 337 42.73 20.96 -16.39
N ARG E 338 43.22 21.46 -15.26
CA ARG E 338 44.41 20.88 -14.63
C ARG E 338 43.96 20.15 -13.37
N SER E 339 43.72 18.86 -13.48
CA SER E 339 43.46 18.07 -12.30
C SER E 339 44.80 17.84 -11.57
N ASN E 340 44.77 17.40 -10.33
CA ASN E 340 46.00 17.11 -9.57
C ASN E 340 45.65 16.30 -8.33
N ARG E 341 45.82 14.99 -8.41
CA ARG E 341 45.29 14.12 -7.38
C ARG E 341 45.98 14.38 -6.04
N MET E 342 47.30 14.50 -6.04
CA MET E 342 48.02 14.81 -4.82
C MET E 342 47.54 16.12 -4.19
N PHE E 343 47.45 17.19 -4.98
CA PHE E 343 47.09 18.49 -4.42
C PHE E 343 45.66 18.44 -3.89
N CYS E 344 44.79 17.82 -4.67
CA CYS E 344 43.38 17.75 -4.33
C CYS E 344 43.16 16.89 -3.09
N GLN E 345 43.85 15.75 -3.01
CA GLN E 345 43.78 14.90 -1.82
C GLN E 345 44.25 15.68 -0.59
N LEU E 346 45.30 16.48 -0.78
CA LEU E 346 45.79 17.31 0.32
C LEU E 346 44.73 18.32 0.77
N ALA E 347 44.04 18.91 -0.20
CA ALA E 347 42.97 19.85 0.12
C ALA E 347 41.82 19.13 0.81
N GLY E 348 41.54 17.91 0.34
CA GLY E 348 40.48 17.10 0.93
C GLY E 348 40.74 16.75 2.37
N GLN E 349 42.01 16.58 2.75
CA GLN E 349 42.35 16.37 4.16
C GLN E 349 42.26 17.66 4.97
N TYR E 350 43.02 18.67 4.54
CA TYR E 350 43.33 19.80 5.41
C TYR E 350 42.43 21.04 5.28
N ALA E 351 41.76 21.20 4.13
CA ALA E 351 41.10 22.48 3.82
C ALA E 351 39.58 22.44 3.67
N VAL E 352 38.94 21.29 3.86
CA VAL E 352 37.49 21.23 3.78
C VAL E 352 36.84 20.81 5.12
N ASP E 353 35.60 21.25 5.31
CA ASP E 353 34.84 20.99 6.52
C ASP E 353 34.50 19.51 6.72
N LEU E 354 34.28 18.80 5.62
CA LEU E 354 33.56 17.55 5.73
C LEU E 354 33.87 16.52 4.64
N PHE E 355 33.85 15.25 5.06
CA PHE E 355 33.85 14.11 4.16
C PHE E 355 32.58 13.31 4.37
N ILE E 356 32.01 12.83 3.28
CA ILE E 356 30.86 11.95 3.37
C ILE E 356 31.01 10.87 2.33
N GLY E 357 30.77 9.63 2.74
CA GLY E 357 30.93 8.51 1.84
C GLY E 357 30.21 7.27 2.33
N ALA E 358 30.16 6.27 1.45
CA ALA E 358 29.53 5.01 1.73
C ALA E 358 30.59 3.96 2.01
N THR E 359 30.11 2.76 2.32
CA THR E 359 30.97 1.67 2.72
C THR E 359 30.20 0.36 2.54
N LEU E 360 30.88 -0.76 2.69
CA LEU E 360 30.25 -2.07 2.55
C LEU E 360 29.86 -2.67 3.90
N GLN E 361 30.64 -2.38 4.93
CA GLN E 361 30.38 -2.92 6.27
C GLN E 361 30.78 -1.96 7.39
N VAL E 362 29.91 -1.85 8.38
CA VAL E 362 30.19 -1.12 9.63
C VAL E 362 29.99 -2.09 10.80
N ASP E 363 30.90 -2.11 11.79
CA ASP E 363 30.63 -2.93 12.96
C ASP E 363 30.02 -2.09 14.10
N GLY E 364 29.91 -2.67 15.29
CA GLY E 364 29.20 -2.04 16.38
C GLY E 364 29.93 -0.85 16.98
N ASP E 365 31.22 -0.74 16.71
CA ASP E 365 31.98 0.43 17.15
C ASP E 365 32.12 1.49 16.06
N GLY E 366 31.54 1.23 14.90
CA GLY E 366 31.61 2.18 13.80
C GLY E 366 32.78 2.01 12.86
N HIS E 367 33.63 1.00 13.08
CA HIS E 367 34.70 0.70 12.13
C HIS E 367 34.07 0.29 10.82
N SER E 368 34.63 0.80 9.74
CA SER E 368 34.01 0.73 8.44
C SER E 368 35.01 0.18 7.44
N SER E 369 34.58 -0.76 6.59
CA SER E 369 35.49 -1.34 5.60
C SER E 369 34.79 -1.78 4.32
N THR E 370 35.54 -1.73 3.22
CA THR E 370 35.11 -2.28 1.93
C THR E 370 35.64 -3.70 1.73
N VAL E 371 36.47 -4.15 2.67
CA VAL E 371 37.10 -5.47 2.59
C VAL E 371 36.17 -6.55 3.11
N THR E 372 35.76 -7.45 2.23
CA THR E 372 34.95 -8.59 2.63
C THR E 372 35.67 -9.87 2.24
N ARG E 373 35.16 -11.02 2.69
CA ARG E 373 35.87 -12.29 2.52
C ARG E 373 36.19 -12.58 1.04
N GLY E 374 37.43 -12.98 0.79
CA GLY E 374 37.91 -13.23 -0.56
C GLY E 374 38.18 -11.98 -1.40
N ARG E 375 37.83 -10.80 -0.89
CA ARG E 375 37.88 -9.57 -1.68
C ARG E 375 38.70 -8.46 -1.02
N LEU E 376 39.93 -8.31 -1.49
CA LEU E 376 40.84 -7.32 -0.95
C LEU E 376 40.62 -6.01 -1.71
N ALA E 377 39.57 -5.31 -1.33
CA ALA E 377 39.22 -4.05 -1.97
C ALA E 377 40.06 -2.92 -1.37
N GLY E 378 40.69 -2.13 -2.22
CA GLY E 378 41.53 -1.02 -1.78
C GLY E 378 40.74 0.05 -1.06
N PHE E 379 41.43 0.90 -0.31
CA PHE E 379 40.77 1.96 0.46
C PHE E 379 40.51 3.19 -0.40
N GLY E 380 41.34 3.40 -1.41
CA GLY E 380 41.20 4.61 -2.21
C GLY E 380 41.50 5.84 -1.37
N GLY E 381 40.73 6.90 -1.59
CA GLY E 381 40.97 8.16 -0.89
C GLY E 381 40.26 8.27 0.45
N ALA E 382 39.42 7.30 0.75
CA ALA E 382 38.59 7.35 1.95
C ALA E 382 39.38 7.52 3.28
N PRO E 383 40.48 6.77 3.50
CA PRO E 383 41.19 7.05 4.77
C PRO E 383 41.77 8.47 4.87
N ASN E 384 42.35 8.98 3.78
CA ASN E 384 42.87 10.34 3.79
C ASN E 384 41.78 11.38 4.11
N MET E 385 40.59 11.19 3.57
CA MET E 385 39.57 12.20 3.82
C MET E 385 38.61 11.86 4.94
N GLY E 386 38.47 10.57 5.27
CA GLY E 386 37.64 10.18 6.39
C GLY E 386 38.39 9.98 7.71
N HIS E 387 39.13 11.00 8.13
CA HIS E 387 39.68 11.08 9.48
C HIS E 387 39.75 12.53 9.91
N ASP E 388 39.85 12.76 11.22
CA ASP E 388 40.08 14.08 11.76
C ASP E 388 41.57 14.44 11.62
N PRO E 389 41.90 15.41 10.75
CA PRO E 389 43.33 15.68 10.54
C PRO E 389 43.89 16.44 11.74
N ARG E 390 44.70 15.74 12.54
CA ARG E 390 45.13 16.26 13.84
C ARG E 390 46.25 17.30 13.76
N GLY E 391 46.79 17.49 12.56
CA GLY E 391 47.72 18.59 12.34
C GLY E 391 47.01 19.89 11.95
N ARG E 392 45.68 19.86 11.84
CA ARG E 392 44.95 21.07 11.42
C ARG E 392 44.83 22.07 12.57
N ARG E 393 45.06 23.34 12.24
CA ARG E 393 45.06 24.40 13.24
C ARG E 393 44.07 25.51 12.89
N HIS E 394 43.73 25.67 11.61
CA HIS E 394 42.86 26.77 11.19
C HIS E 394 41.40 26.44 11.39
N SER E 395 40.67 27.41 11.91
CA SER E 395 39.28 27.18 12.21
C SER E 395 38.35 27.55 11.05
N THR E 396 37.15 27.04 11.15
CA THR E 396 36.13 27.21 10.14
C THR E 396 34.91 26.93 11.02
N PRO E 397 33.75 27.55 10.72
CA PRO E 397 32.61 27.39 11.66
C PRO E 397 32.13 25.95 11.88
N ALA E 398 32.04 25.16 10.82
CA ALA E 398 31.63 23.75 10.96
C ALA E 398 32.62 22.95 11.79
N TRP E 399 33.91 23.23 11.60
CA TRP E 399 35.00 22.56 12.32
C TRP E 399 34.92 22.89 13.81
N LEU E 400 34.60 24.14 14.11
CA LEU E 400 34.42 24.58 15.49
C LEU E 400 33.10 24.06 16.08
N ASP E 401 32.10 23.83 15.22
CA ASP E 401 30.80 23.39 15.72
C ASP E 401 30.80 22.01 16.40
N MET E 402 31.85 21.22 16.17
CA MET E 402 31.96 19.91 16.79
C MET E 402 32.38 19.99 18.27
N ARG E 403 32.83 21.15 18.75
CA ARG E 403 33.37 21.18 20.11
C ARG E 403 32.26 21.09 21.16
N GLY E 404 32.50 20.28 22.19
CA GLY E 404 31.55 20.11 23.28
C GLY E 404 31.37 21.41 24.07
N GLU E 405 32.43 22.19 24.18
CA GLU E 405 32.33 23.47 24.88
C GLU E 405 33.16 24.53 24.18
N PRO E 406 32.48 25.47 23.50
CA PRO E 406 33.12 26.53 22.69
C PRO E 406 33.94 27.55 23.50
N GLU E 407 33.90 27.49 24.83
CA GLU E 407 34.69 28.41 25.64
C GLU E 407 35.95 27.76 26.18
N ALA E 408 36.06 26.45 26.02
CA ALA E 408 37.29 25.75 26.42
C ALA E 408 38.36 25.93 25.32
N LEU E 409 39.33 26.81 25.58
CA LEU E 409 40.34 27.18 24.59
C LEU E 409 41.28 26.04 24.16
N LEU E 410 41.33 24.98 24.96
CA LEU E 410 42.22 23.87 24.65
C LEU E 410 41.52 22.73 23.91
N GLU E 411 40.19 22.82 23.79
CA GLU E 411 39.43 21.82 23.04
C GLU E 411 39.46 22.13 21.54
N ARG E 412 40.05 21.25 20.74
CA ARG E 412 40.11 21.54 19.31
C ARG E 412 38.83 21.23 18.58
N GLY E 413 38.77 21.72 17.35
CA GLY E 413 37.68 21.41 16.45
C GLY E 413 37.95 20.04 15.85
N ARG E 414 36.97 19.54 15.10
CA ARG E 414 37.08 18.27 14.38
C ARG E 414 36.48 18.45 13.00
N LYS E 415 37.12 17.83 12.02
CA LYS E 415 36.55 17.71 10.69
C LYS E 415 35.31 16.82 10.73
N LEU E 416 34.29 17.16 9.96
CA LEU E 416 33.12 16.29 9.91
C LEU E 416 33.44 15.08 9.05
N VAL E 417 33.12 13.90 9.57
CA VAL E 417 33.37 12.66 8.84
C VAL E 417 32.11 11.80 8.86
N VAL E 418 31.44 11.69 7.73
CA VAL E 418 30.14 11.04 7.72
C VAL E 418 30.25 9.73 7.00
N GLN E 419 29.61 8.72 7.57
CA GLN E 419 29.51 7.45 6.91
C GLN E 419 28.03 7.28 6.54
N MET E 420 27.77 7.28 5.24
CA MET E 420 26.39 7.35 4.76
C MET E 420 26.06 6.10 3.97
N VAL E 421 25.18 5.28 4.55
CA VAL E 421 24.96 3.95 4.00
C VAL E 421 23.59 3.41 4.42
N GLU E 422 22.95 2.64 3.55
CA GLU E 422 21.77 1.87 3.93
C GLU E 422 22.08 0.88 5.04
N THR E 423 21.07 0.51 5.82
CA THR E 423 21.28 -0.48 6.87
C THR E 423 21.56 -1.87 6.30
N PHE E 424 21.13 -2.12 5.07
CA PHE E 424 21.40 -3.36 4.35
C PHE E 424 21.98 -3.08 2.96
N GLN E 425 22.84 -3.99 2.52
CA GLN E 425 23.40 -3.95 1.18
C GLN E 425 22.42 -4.60 0.21
N ASP E 426 22.54 -4.26 -1.07
CA ASP E 426 21.68 -4.86 -2.08
C ASP E 426 21.62 -6.40 -1.95
N GLY E 427 22.78 -7.04 -1.86
CA GLY E 427 22.86 -8.48 -1.67
C GLY E 427 21.93 -9.12 -0.65
N GLY E 428 21.43 -8.37 0.31
CA GLY E 428 20.63 -8.96 1.38
C GLY E 428 21.43 -9.15 2.66
N LYS E 429 22.71 -8.83 2.56
CA LYS E 429 23.58 -8.81 3.72
C LYS E 429 23.35 -7.51 4.47
N PRO E 430 23.36 -7.56 5.81
CA PRO E 430 23.29 -6.28 6.53
C PRO E 430 24.58 -5.47 6.37
N THR E 431 24.47 -4.14 6.41
CA THR E 431 25.66 -3.29 6.42
C THR E 431 26.30 -3.29 7.81
N PHE E 432 25.46 -3.25 8.84
CA PHE E 432 25.96 -3.24 10.21
C PHE E 432 26.08 -4.66 10.76
N VAL E 433 27.31 -5.04 11.04
CA VAL E 433 27.63 -6.41 11.44
C VAL E 433 28.34 -6.48 12.79
N GLU E 434 28.25 -7.61 13.45
CA GLU E 434 28.88 -7.80 14.76
C GLU E 434 30.42 -7.87 14.65
N ARG E 435 30.91 -8.36 13.51
CA ARG E 435 32.34 -8.43 13.27
C ARG E 435 32.62 -8.14 11.80
N LEU E 436 33.59 -7.29 11.53
CA LEU E 436 33.94 -7.00 10.14
C LEU E 436 34.54 -8.25 9.50
N ASP E 437 34.24 -8.47 8.24
CA ASP E 437 34.91 -9.50 7.46
C ASP E 437 36.41 -9.31 7.52
N ALA E 438 36.83 -8.04 7.59
CA ALA E 438 38.23 -7.67 7.57
C ALA E 438 39.11 -8.31 8.66
N LEU E 439 38.50 -8.80 9.74
CA LEU E 439 39.28 -9.48 10.79
C LEU E 439 39.79 -10.84 10.27
N GLU E 440 38.87 -11.64 9.73
CA GLU E 440 39.22 -12.93 9.14
C GLU E 440 40.17 -12.79 7.96
N VAL E 441 39.89 -11.83 7.09
CA VAL E 441 40.78 -11.56 5.97
C VAL E 441 42.23 -11.27 6.42
N ALA E 442 42.40 -10.47 7.48
CA ALA E 442 43.75 -10.19 7.96
C ALA E 442 44.42 -11.47 8.47
N ARG E 443 43.66 -12.36 9.11
CA ARG E 443 44.25 -13.56 9.65
C ARG E 443 44.77 -14.43 8.50
N GLN E 444 43.95 -14.60 7.48
CA GLN E 444 44.27 -15.44 6.34
C GLN E 444 45.32 -14.82 5.42
N THR E 445 45.43 -13.51 5.42
CA THR E 445 46.36 -12.75 4.57
C THR E 445 47.72 -12.56 5.24
N GLY E 446 47.76 -12.74 6.55
CA GLY E 446 48.96 -12.42 7.33
C GLY E 446 49.13 -10.94 7.61
N MET E 447 48.07 -10.16 7.45
CA MET E 447 48.11 -8.71 7.74
C MET E 447 48.09 -8.48 9.24
N PRO E 448 49.00 -7.60 9.71
CA PRO E 448 49.16 -7.30 11.15
C PRO E 448 47.91 -6.63 11.76
N LEU E 449 47.22 -5.82 10.95
CA LEU E 449 45.95 -5.20 11.35
C LEU E 449 44.84 -5.56 10.39
N ALA E 450 43.61 -5.59 10.89
CA ALA E 450 42.45 -5.68 10.02
C ALA E 450 42.44 -4.48 9.09
N PRO E 451 42.20 -4.71 7.79
CA PRO E 451 42.14 -3.60 6.82
C PRO E 451 40.86 -2.80 6.99
N VAL E 452 40.91 -1.83 7.88
CA VAL E 452 39.83 -0.93 8.17
C VAL E 452 39.97 0.33 7.31
N MET E 453 38.92 0.71 6.62
CA MET E 453 38.99 1.87 5.73
C MET E 453 38.88 3.16 6.56
N ILE E 454 37.91 3.20 7.45
CA ILE E 454 37.74 4.31 8.37
C ILE E 454 37.42 3.77 9.73
N TYR E 455 38.12 4.26 10.75
CA TYR E 455 37.92 3.79 12.11
C TYR E 455 36.73 4.47 12.79
N GLY E 456 36.07 3.71 13.66
CA GLY E 456 34.92 4.21 14.40
C GLY E 456 35.12 5.48 15.19
N ASP E 457 36.33 5.72 15.72
CA ASP E 457 36.59 6.93 16.49
C ASP E 457 36.80 8.16 15.61
N ASP E 458 36.84 7.98 14.29
CA ASP E 458 37.01 9.12 13.40
C ASP E 458 35.67 9.66 12.88
N VAL E 459 34.63 8.85 13.04
CA VAL E 459 33.31 9.15 12.45
C VAL E 459 32.51 10.12 13.33
N THR E 460 32.09 11.24 12.76
CA THR E 460 31.29 12.20 13.52
C THR E 460 29.80 11.96 13.34
N HIS E 461 29.43 11.37 12.20
CA HIS E 461 28.03 11.14 11.85
C HIS E 461 27.86 9.83 11.13
N VAL E 462 26.92 9.01 11.60
CA VAL E 462 26.49 7.85 10.85
C VAL E 462 25.11 8.18 10.29
N LEU E 463 25.01 8.17 8.97
CA LEU E 463 23.75 8.47 8.29
C LEU E 463 23.22 7.26 7.53
N THR E 464 21.99 6.93 7.87
CA THR E 464 21.31 5.72 7.48
C THR E 464 19.92 6.14 6.99
N GLU E 465 19.16 5.27 6.29
CA GLU E 465 17.78 5.59 5.97
C GLU E 465 16.88 5.69 7.23
N GLU E 466 17.38 5.23 8.36
CA GLU E 466 16.71 5.34 9.65
C GLU E 466 16.89 6.71 10.28
N GLY E 467 18.06 7.31 10.05
CA GLY E 467 18.39 8.58 10.66
C GLY E 467 19.86 8.82 10.82
N ILE E 468 20.18 9.83 11.64
CA ILE E 468 21.54 10.26 11.86
C ILE E 468 21.92 9.99 13.31
N ALA E 469 23.06 9.34 13.51
CA ALA E 469 23.64 9.24 14.83
C ALA E 469 24.77 10.26 14.90
N TYR E 470 24.68 11.17 15.88
CA TYR E 470 25.65 12.26 15.98
C TYR E 470 26.83 11.82 16.86
N LEU E 471 27.67 10.95 16.29
CA LEU E 471 28.70 10.26 17.06
C LEU E 471 29.68 11.21 17.72
N TYR E 472 29.86 12.39 17.15
CA TYR E 472 30.82 13.35 17.73
C TYR E 472 30.41 13.76 19.15
N LYS E 473 29.13 13.57 19.49
CA LYS E 473 28.63 13.86 20.83
C LYS E 473 28.86 12.74 21.85
N ALA E 474 29.22 11.55 21.38
CA ALA E 474 29.41 10.43 22.30
C ALA E 474 30.52 10.72 23.33
N ARG E 475 30.22 10.43 24.59
CA ARG E 475 31.13 10.65 25.69
C ARG E 475 31.94 9.39 26.03
N SER E 476 31.46 8.24 25.54
CA SER E 476 32.15 6.96 25.77
C SER E 476 31.93 6.02 24.60
N LEU E 477 32.69 4.93 24.57
CA LEU E 477 32.51 3.92 23.54
C LEU E 477 31.09 3.34 23.63
N GLU E 478 30.64 3.10 24.86
CA GLU E 478 29.32 2.54 25.11
C GLU E 478 28.20 3.42 24.52
N GLU E 479 28.33 4.73 24.72
CA GLU E 479 27.34 5.65 24.16
C GLU E 479 27.37 5.63 22.63
N ARG E 480 28.57 5.62 22.08
CA ARG E 480 28.76 5.54 20.65
C ARG E 480 28.05 4.33 20.02
N GLN E 481 28.26 3.18 20.64
CA GLN E 481 27.61 1.92 20.26
C GLN E 481 26.08 2.03 20.30
N ALA E 482 25.57 2.63 21.37
CA ALA E 482 24.13 2.78 21.52
C ALA E 482 23.58 3.63 20.38
N MET E 483 24.30 4.68 20.04
CA MET E 483 23.87 5.58 18.98
C MET E 483 23.87 4.87 17.62
N ILE E 484 24.94 4.13 17.33
CA ILE E 484 24.99 3.37 16.09
C ILE E 484 23.82 2.38 16.00
N ALA E 485 23.54 1.68 17.10
CA ALA E 485 22.50 0.66 17.09
C ALA E 485 21.12 1.29 16.84
N ALA E 486 20.91 2.48 17.40
CA ALA E 486 19.64 3.18 17.25
C ALA E 486 19.31 3.55 15.80
N VAL E 487 20.32 3.66 14.95
CA VAL E 487 20.01 3.96 13.54
C VAL E 487 20.36 2.77 12.62
N ALA E 488 20.70 1.62 13.19
CA ALA E 488 21.19 0.51 12.36
C ALA E 488 20.05 -0.42 11.91
N GLY E 489 18.82 -0.01 12.16
CA GLY E 489 17.66 -0.75 11.67
C GLY E 489 17.55 -2.18 12.18
N ILE E 490 17.16 -3.11 11.32
CA ILE E 490 17.00 -4.49 11.76
C ILE E 490 18.20 -5.39 11.41
N SER E 491 19.36 -4.75 11.18
CA SER E 491 20.66 -5.43 11.09
C SER E 491 20.99 -6.06 12.44
N PRO E 492 21.94 -7.01 12.48
CA PRO E 492 22.28 -7.61 13.78
C PRO E 492 22.66 -6.55 14.83
N ILE E 493 23.36 -5.49 14.43
CA ILE E 493 23.64 -4.37 15.32
C ILE E 493 22.36 -3.59 15.72
N GLY E 494 21.52 -3.30 14.74
CA GLY E 494 20.29 -2.57 15.00
C GLY E 494 19.33 -3.30 15.94
N LEU E 495 19.35 -4.63 15.89
CA LEU E 495 18.52 -5.43 16.79
C LEU E 495 19.01 -5.37 18.26
N ARG E 496 20.18 -4.81 18.51
CA ARG E 496 20.64 -4.61 19.89
C ARG E 496 19.88 -3.47 20.55
N HIS E 497 19.23 -2.63 19.75
CA HIS E 497 18.60 -1.42 20.27
C HIS E 497 17.21 -1.66 20.86
N ASP E 498 17.00 -1.17 22.07
CA ASP E 498 15.66 -1.12 22.68
C ASP E 498 14.90 0.10 22.15
N PRO E 499 13.86 -0.13 21.35
CA PRO E 499 13.15 1.01 20.72
C PRO E 499 12.50 1.95 21.74
N ARG E 500 12.30 1.49 22.98
CA ARG E 500 11.79 2.37 24.02
C ARG E 500 12.81 3.45 24.36
N GLU E 501 14.07 3.23 23.97
CA GLU E 501 15.12 4.20 24.26
C GLU E 501 15.28 5.29 23.20
N THR E 502 14.60 5.12 22.06
CA THR E 502 14.78 6.04 20.93
C THR E 502 14.38 7.47 21.27
N GLN E 503 13.24 7.62 21.95
CA GLN E 503 12.70 8.95 22.27
C GLN E 503 13.72 9.79 23.05
N ARG E 504 14.31 9.20 24.08
CA ARG E 504 15.33 9.91 24.85
C ARG E 504 16.49 10.38 23.96
N MET E 505 16.94 9.51 23.07
CA MET E 505 18.06 9.80 22.22
C MET E 505 17.75 10.94 21.24
N ARG E 506 16.50 10.96 20.77
CA ARG E 506 16.02 12.04 19.92
C ARG E 506 16.02 13.36 20.67
N ARG E 507 15.38 13.32 21.84
CA ARG E 507 15.20 14.49 22.68
C ARG E 507 16.55 15.06 23.06
N GLU E 508 17.53 14.20 23.31
CA GLU E 508 18.86 14.68 23.71
C GLU E 508 19.74 15.04 22.51
N GLY E 509 19.15 14.95 21.31
CA GLY E 509 19.89 15.21 20.09
C GLY E 509 21.04 14.24 19.82
N LEU E 510 21.04 13.08 20.47
CA LEU E 510 22.06 12.07 20.17
C LEU E 510 21.80 11.49 18.77
N ILE E 511 20.53 11.33 18.43
CA ILE E 511 20.14 10.94 17.09
C ILE E 511 19.05 11.88 16.59
N ALA E 512 18.92 11.98 15.27
CA ALA E 512 17.76 12.62 14.69
C ALA E 512 17.12 11.70 13.66
N LEU E 513 15.84 11.38 13.85
CA LEU E 513 15.05 10.75 12.81
C LEU E 513 14.61 11.82 11.83
N PRO E 514 14.16 11.42 10.63
CA PRO E 514 13.72 12.45 9.67
C PRO E 514 12.67 13.41 10.24
N GLU E 515 11.77 12.94 11.11
CA GLU E 515 10.75 13.83 11.66
C GLU E 515 11.39 14.88 12.59
N ASP E 516 12.56 14.58 13.16
CA ASP E 516 13.27 15.61 13.94
C ASP E 516 13.84 16.71 13.05
N LEU E 517 13.94 16.42 11.75
CA LEU E 517 14.60 17.31 10.84
C LEU E 517 13.58 18.04 9.98
N GLY E 518 12.31 17.82 10.27
CA GLY E 518 11.22 18.38 9.49
C GLY E 518 11.02 17.62 8.19
N ILE E 519 11.47 16.36 8.16
CA ILE E 519 11.37 15.59 6.92
C ILE E 519 10.33 14.49 7.02
N ARG E 520 9.31 14.55 6.17
CA ARG E 520 8.37 13.45 6.08
C ARG E 520 8.99 12.38 5.18
N ARG E 521 9.15 11.17 5.70
CA ARG E 521 9.83 10.08 5.00
C ARG E 521 9.27 9.82 3.59
N THR E 522 7.95 9.89 3.48
CA THR E 522 7.28 9.55 2.24
C THR E 522 7.47 10.63 1.17
N ASP E 523 7.98 11.79 1.58
CA ASP E 523 8.31 12.86 0.64
C ASP E 523 9.54 12.53 -0.20
N ALA E 524 10.36 11.57 0.26
CA ALA E 524 11.51 11.13 -0.54
C ALA E 524 11.06 10.48 -1.85
N SER E 525 11.50 11.05 -2.98
CA SER E 525 11.22 10.41 -4.27
C SER E 525 12.17 10.92 -5.33
N ARG E 526 12.16 10.26 -6.48
CA ARG E 526 12.96 10.65 -7.63
C ARG E 526 12.57 12.02 -8.19
N GLU E 527 11.37 12.48 -7.87
CA GLU E 527 10.92 13.79 -8.36
C GLU E 527 11.82 14.93 -7.87
N LEU E 528 12.51 14.74 -6.76
CA LEU E 528 13.44 15.77 -6.28
C LEU E 528 14.77 15.79 -7.04
N LEU E 529 15.04 14.78 -7.85
CA LEU E 529 16.25 14.79 -8.68
C LEU E 529 16.20 15.88 -9.76
N ALA E 530 17.16 16.81 -9.73
CA ALA E 530 17.19 17.92 -10.69
C ALA E 530 17.36 17.39 -12.11
N ALA E 531 18.05 16.26 -12.23
CA ALA E 531 18.15 15.53 -13.49
C ALA E 531 17.90 14.03 -13.26
N LYS E 532 17.04 13.42 -14.06
CA LYS E 532 16.61 12.03 -13.83
C LYS E 532 17.46 11.01 -14.56
N SER E 533 18.34 11.48 -15.43
CA SER E 533 18.96 10.60 -16.40
C SER E 533 20.25 11.19 -16.93
N ILE E 534 21.06 10.37 -17.57
CA ILE E 534 22.26 10.85 -18.23
C ILE E 534 21.92 11.92 -19.28
N ALA E 535 20.87 11.67 -20.07
CA ALA E 535 20.42 12.63 -21.09
C ALA E 535 20.02 13.99 -20.49
N GLU E 536 19.42 13.99 -19.30
CA GLU E 536 19.04 15.26 -18.68
C GLU E 536 20.27 16.01 -18.18
N LEU E 537 21.30 15.27 -17.78
CA LEU E 537 22.55 15.90 -17.38
C LEU E 537 23.17 16.58 -18.60
N VAL E 538 23.10 15.91 -19.75
CA VAL E 538 23.57 16.50 -21.00
C VAL E 538 22.79 17.80 -21.27
N GLU E 539 21.47 17.76 -21.17
CA GLU E 539 20.65 18.99 -21.28
C GLU E 539 21.10 20.09 -20.34
N TRP E 540 21.24 19.76 -19.07
CA TRP E 540 21.71 20.72 -18.07
C TRP E 540 23.05 21.35 -18.46
N SER E 541 23.89 20.59 -19.16
CA SER E 541 25.20 21.09 -19.56
C SER E 541 25.13 21.88 -20.87
N GLY E 542 23.94 22.03 -21.42
CA GLY E 542 23.77 22.73 -22.68
C GLY E 542 24.47 21.96 -23.80
N GLY E 543 24.53 20.64 -23.63
CA GLY E 543 25.08 19.75 -24.64
C GLY E 543 26.59 19.56 -24.59
N LEU E 544 27.23 20.14 -23.58
CA LEU E 544 28.70 20.09 -23.51
C LEU E 544 29.20 18.77 -22.96
N TYR E 545 28.44 18.18 -22.05
CA TYR E 545 28.81 16.87 -21.50
C TYR E 545 28.60 15.80 -22.56
N GLN E 546 29.65 15.05 -22.86
CA GLN E 546 29.55 13.99 -23.86
C GLN E 546 29.85 12.66 -23.21
N PRO E 547 28.79 11.96 -22.82
CA PRO E 547 28.96 10.77 -22.00
C PRO E 547 29.64 9.63 -22.74
N PRO E 548 30.48 8.86 -22.04
CA PRO E 548 31.12 7.70 -22.66
C PRO E 548 30.08 6.70 -23.17
N ALA E 549 30.48 5.88 -24.13
CA ALA E 549 29.61 4.93 -24.82
C ALA E 549 28.70 4.15 -23.86
N ARG E 550 29.29 3.78 -22.74
CA ARG E 550 28.67 3.08 -21.63
C ARG E 550 27.36 3.69 -21.11
N PHE E 551 27.28 5.02 -21.12
CA PHE E 551 26.17 5.76 -20.56
C PHE E 551 25.27 6.36 -21.63
N ARG E 552 25.53 6.01 -22.88
CA ARG E 552 24.85 6.64 -23.99
C ARG E 552 23.53 5.91 -24.33
N SER E 553 22.50 6.69 -24.61
CA SER E 553 21.20 6.17 -25.00
C SER E 553 20.70 6.83 -26.28
N TRP E 554 21.57 6.94 -27.28
CA TRP E 554 21.28 7.67 -28.52
C TRP E 554 22.47 7.64 -29.45
N MET F 1 12.44 -19.12 -3.35
CA MET F 1 11.29 -18.25 -3.11
C MET F 1 10.39 -18.79 -2.00
N GLU F 2 9.83 -17.92 -1.16
CA GLU F 2 8.85 -18.43 -0.23
C GLU F 2 7.68 -17.51 0.03
N THR F 3 6.64 -18.10 0.59
CA THR F 3 5.42 -17.39 0.91
C THR F 3 5.23 -17.39 2.43
N LEU F 4 5.01 -16.22 2.99
CA LEU F 4 4.97 -16.04 4.44
C LEU F 4 3.66 -15.37 4.82
N SER F 5 3.16 -15.65 6.01
CA SER F 5 1.92 -15.06 6.47
C SER F 5 2.13 -14.33 7.77
N PHE F 6 1.48 -13.18 7.91
CA PHE F 6 1.63 -12.39 9.13
C PHE F 6 0.28 -11.87 9.57
N GLU F 7 0.14 -11.70 10.87
CA GLU F 7 -1.08 -11.14 11.42
C GLU F 7 -0.78 -10.25 12.62
N PHE F 8 -1.40 -9.08 12.64
CA PHE F 8 -1.20 -8.09 13.68
C PHE F 8 -2.51 -7.49 14.13
N PRO F 9 -2.57 -7.05 15.40
CA PRO F 9 -3.78 -6.37 15.87
C PRO F 9 -3.94 -5.03 15.16
N ALA F 10 -5.18 -4.64 14.85
CA ALA F 10 -5.41 -3.45 14.06
C ALA F 10 -6.72 -2.77 14.46
N GLY F 11 -7.01 -1.65 13.82
CA GLY F 11 -8.23 -0.93 14.10
C GLY F 11 -9.39 -1.30 13.20
N GLN F 12 -10.04 -0.26 12.70
CA GLN F 12 -11.23 -0.30 11.89
C GLN F 12 -10.71 -0.45 10.45
N PRO F 13 -11.46 -1.16 9.57
CA PRO F 13 -10.93 -1.38 8.22
C PRO F 13 -10.57 -0.08 7.51
N GLY F 14 -9.50 -0.09 6.70
CA GLY F 14 -9.10 1.09 5.94
C GLY F 14 -10.22 1.55 5.02
N ARG F 15 -10.09 2.75 4.49
CA ARG F 15 -11.14 3.30 3.66
C ARG F 15 -10.96 2.91 2.18
N GLY F 16 -9.75 3.09 1.64
CA GLY F 16 -9.56 2.86 0.22
C GLY F 16 -8.64 1.71 -0.09
N ARG F 17 -8.04 1.76 -1.28
CA ARG F 17 -7.10 0.75 -1.75
C ARG F 17 -5.86 1.43 -2.33
N ALA F 18 -4.73 0.74 -2.32
CA ALA F 18 -3.50 1.28 -2.89
C ALA F 18 -2.61 0.17 -3.41
N LEU F 19 -2.03 0.41 -4.58
CA LEU F 19 -0.91 -0.36 -5.06
C LEU F 19 0.30 0.55 -5.13
N VAL F 20 1.42 0.06 -4.61
CA VAL F 20 2.66 0.82 -4.60
C VAL F 20 3.83 -0.06 -5.10
N GLY F 21 4.70 0.49 -5.93
CA GLY F 21 5.89 -0.21 -6.34
C GLY F 21 5.72 -1.18 -7.49
N CYS F 22 6.70 -2.05 -7.67
CA CYS F 22 6.60 -3.11 -8.67
C CYS F 22 7.69 -4.16 -8.46
N VAL F 23 7.53 -5.29 -9.12
CA VAL F 23 8.35 -6.44 -8.84
C VAL F 23 9.57 -6.46 -9.75
N GLY F 24 10.36 -5.39 -9.69
CA GLY F 24 11.66 -5.39 -10.35
C GLY F 24 12.67 -5.87 -9.32
N SER F 25 13.85 -6.31 -9.76
CA SER F 25 14.86 -6.78 -8.81
C SER F 25 15.26 -5.67 -7.83
N GLY F 26 15.38 -6.02 -6.55
CA GLY F 26 15.69 -5.02 -5.54
C GLY F 26 14.49 -4.11 -5.26
N ASP F 27 13.30 -4.59 -5.59
CA ASP F 27 12.09 -3.82 -5.37
C ASP F 27 10.93 -4.75 -5.03
N LEU F 28 9.81 -4.16 -4.62
CA LEU F 28 8.62 -4.90 -4.25
C LEU F 28 7.40 -4.10 -4.65
N GLU F 29 6.27 -4.76 -4.82
CA GLU F 29 5.00 -4.08 -4.91
C GLU F 29 4.18 -4.41 -3.70
N VAL F 30 3.39 -3.45 -3.25
CA VAL F 30 2.52 -3.64 -2.09
C VAL F 30 1.11 -3.30 -2.49
N LEU F 31 0.20 -4.21 -2.23
CA LEU F 31 -1.21 -3.94 -2.40
C LEU F 31 -1.85 -3.79 -1.03
N LEU F 32 -2.65 -2.75 -0.83
CA LEU F 32 -3.33 -2.58 0.45
C LEU F 32 -4.82 -2.38 0.19
N GLU F 33 -5.64 -3.22 0.82
CA GLU F 33 -7.09 -3.22 0.68
C GLU F 33 -7.74 -3.31 2.05
N PRO F 34 -8.95 -2.78 2.21
CA PRO F 34 -9.65 -2.87 3.51
C PRO F 34 -9.74 -4.30 4.02
N GLY F 35 -9.60 -4.47 5.34
CA GLY F 35 -9.65 -5.79 5.93
C GLY F 35 -10.81 -5.97 6.91
N GLN F 36 -10.70 -6.98 7.77
CA GLN F 36 -11.71 -7.24 8.78
C GLN F 36 -11.31 -6.50 10.04
N PRO F 37 -12.26 -5.75 10.63
CA PRO F 37 -11.96 -4.89 11.78
C PRO F 37 -11.16 -5.63 12.86
N GLY F 38 -10.18 -4.96 13.45
CA GLY F 38 -9.36 -5.55 14.49
C GLY F 38 -8.12 -6.31 14.02
N LYS F 39 -7.96 -6.46 12.71
CA LYS F 39 -6.92 -7.37 12.22
C LYS F 39 -6.19 -6.90 10.96
N LEU F 40 -4.89 -7.10 10.95
CA LEU F 40 -4.06 -6.80 9.81
C LEU F 40 -3.41 -8.06 9.29
N SER F 41 -3.77 -8.46 8.08
CA SER F 41 -3.28 -9.71 7.52
C SER F 41 -2.35 -9.44 6.35
N ILE F 42 -1.18 -10.05 6.41
CA ILE F 42 -0.13 -9.79 5.44
C ILE F 42 0.40 -11.08 4.86
N GLN F 43 0.41 -11.14 3.52
CA GLN F 43 1.08 -12.22 2.82
C GLN F 43 2.30 -11.65 2.09
N VAL F 44 3.44 -12.29 2.28
CA VAL F 44 4.66 -11.88 1.63
C VAL F 44 5.17 -13.00 0.73
N GLN F 45 5.30 -12.70 -0.55
CA GLN F 45 5.98 -13.59 -1.46
C GLN F 45 7.32 -12.96 -1.78
N THR F 46 8.41 -13.67 -1.53
CA THR F 46 9.71 -13.05 -1.68
C THR F 46 10.74 -14.01 -2.22
N SER F 47 11.65 -13.49 -3.02
CA SER F 47 12.68 -14.28 -3.67
C SER F 47 13.80 -14.67 -2.72
N VAL F 48 13.94 -13.92 -1.63
CA VAL F 48 14.99 -14.15 -0.62
C VAL F 48 14.55 -15.23 0.39
N ASN F 49 15.18 -16.39 0.36
CA ASN F 49 14.85 -17.47 1.28
C ASN F 49 15.39 -17.23 2.69
N GLY F 50 14.73 -17.80 3.69
CA GLY F 50 15.19 -17.70 5.07
C GLY F 50 15.10 -16.32 5.71
N SER F 51 14.12 -15.52 5.28
CA SER F 51 14.07 -14.15 5.73
C SER F 51 12.82 -13.83 6.53
N ALA F 52 12.13 -14.88 7.01
CA ALA F 52 10.90 -14.69 7.76
C ALA F 52 11.07 -13.80 9.01
N SER F 53 12.14 -14.02 9.77
CA SER F 53 12.28 -13.31 11.05
C SER F 53 12.64 -11.84 10.78
N ARG F 54 13.35 -11.61 9.69
CA ARG F 54 13.59 -10.27 9.19
C ARG F 54 12.28 -9.52 8.86
N TRP F 55 11.40 -10.14 8.08
CA TRP F 55 10.08 -9.52 7.86
C TRP F 55 9.31 -9.32 9.17
N GLN F 56 9.37 -10.30 10.05
CA GLN F 56 8.74 -10.18 11.36
C GLN F 56 9.20 -8.93 12.09
N HIS F 57 10.51 -8.75 12.19
CA HIS F 57 11.10 -7.56 12.83
C HIS F 57 10.64 -6.24 12.21
N LEU F 58 10.63 -6.21 10.87
CA LEU F 58 10.27 -5.01 10.13
C LEU F 58 8.84 -4.61 10.45
N PHE F 59 7.93 -5.57 10.36
CA PHE F 59 6.52 -5.33 10.65
C PHE F 59 6.31 -4.93 12.13
N GLU F 60 6.99 -5.58 13.06
CA GLU F 60 6.90 -5.21 14.47
C GLU F 60 7.29 -3.74 14.69
N ARG F 61 8.40 -3.31 14.10
CA ARG F 61 8.84 -1.92 14.25
C ARG F 61 7.86 -0.96 13.62
N LEU F 62 7.37 -1.33 12.44
CA LEU F 62 6.41 -0.49 11.75
C LEU F 62 5.16 -0.25 12.59
N PHE F 63 4.67 -1.30 13.26
CA PHE F 63 3.39 -1.23 13.98
C PHE F 63 3.53 -0.99 15.49
N ASP F 64 4.76 -0.73 15.94
CA ASP F 64 5.09 -0.55 17.36
C ASP F 64 4.34 0.61 18.01
N GLY F 65 3.32 0.30 18.80
CA GLY F 65 2.56 1.33 19.49
C GLY F 65 1.82 2.27 18.55
N GLN F 66 1.56 1.80 17.33
CA GLN F 66 0.71 2.55 16.42
C GLN F 66 -0.17 1.57 15.69
N THR F 67 -1.44 1.54 16.11
CA THR F 67 -2.44 0.62 15.59
C THR F 67 -2.80 0.97 14.14
N PRO F 68 -2.42 0.09 13.20
CA PRO F 68 -2.73 0.30 11.79
C PRO F 68 -4.24 0.12 11.54
N PRO F 69 -4.75 0.70 10.44
CA PRO F 69 -6.11 0.34 10.05
C PRO F 69 -6.16 -1.15 9.68
N ALA F 70 -7.33 -1.77 9.78
CA ALA F 70 -7.44 -3.18 9.41
C ALA F 70 -7.36 -3.30 7.89
N LEU F 71 -6.26 -3.88 7.41
CA LEU F 71 -6.04 -4.01 5.98
C LEU F 71 -5.73 -5.45 5.60
N LEU F 72 -5.97 -5.76 4.34
CA LEU F 72 -5.41 -6.96 3.72
C LEU F 72 -4.24 -6.48 2.90
N ILE F 73 -3.04 -6.99 3.18
CA ILE F 73 -1.85 -6.53 2.49
C ILE F 73 -1.19 -7.67 1.74
N ASP F 74 -0.92 -7.44 0.46
CA ASP F 74 -0.29 -8.45 -0.37
C ASP F 74 1.06 -7.91 -0.85
N ILE F 75 2.13 -8.64 -0.58
CA ILE F 75 3.46 -8.15 -0.94
C ILE F 75 4.14 -9.12 -1.88
N HIS F 76 4.68 -8.58 -2.98
CA HIS F 76 5.46 -9.36 -3.93
C HIS F 76 6.82 -8.73 -4.04
N ASP F 77 7.82 -9.42 -3.49
CA ASP F 77 9.14 -8.84 -3.34
C ASP F 77 10.23 -9.59 -4.10
N PHE F 78 11.05 -8.82 -4.81
CA PHE F 78 12.15 -9.36 -5.60
C PHE F 78 13.48 -8.87 -4.99
N GLY F 79 13.68 -9.15 -3.70
CA GLY F 79 14.96 -8.89 -3.04
C GLY F 79 15.29 -7.46 -2.62
N ALA F 80 14.26 -6.68 -2.32
CA ALA F 80 14.42 -5.32 -1.84
C ALA F 80 15.08 -5.28 -0.44
N THR F 81 15.93 -4.28 -0.17
CA THR F 81 16.46 -4.10 1.19
C THR F 81 15.32 -3.73 2.15
N PRO F 82 15.46 -4.05 3.44
CA PRO F 82 14.49 -3.66 4.46
C PRO F 82 14.23 -2.15 4.49
N GLY F 83 15.22 -1.35 4.13
CA GLY F 83 15.04 0.08 3.99
C GLY F 83 14.07 0.43 2.86
N VAL F 84 14.24 -0.22 1.70
CA VAL F 84 13.29 0.00 0.59
C VAL F 84 11.91 -0.53 0.95
N VAL F 85 11.86 -1.68 1.64
CA VAL F 85 10.57 -2.27 2.01
C VAL F 85 9.82 -1.35 2.96
N ARG F 86 10.51 -0.90 4.01
CA ARG F 86 9.90 -0.01 5.01
C ARG F 86 9.35 1.25 4.34
N LEU F 87 10.17 1.86 3.48
CA LEU F 87 9.77 3.08 2.83
C LEU F 87 8.56 2.90 1.90
N ARG F 88 8.49 1.77 1.18
CA ARG F 88 7.32 1.50 0.33
C ARG F 88 6.05 1.19 1.10
N LEU F 89 6.21 0.49 2.22
CA LEU F 89 5.09 0.23 3.12
C LEU F 89 4.51 1.53 3.66
N GLU F 90 5.40 2.42 4.09
CA GLU F 90 4.99 3.71 4.63
C GLU F 90 4.27 4.53 3.55
N GLN F 91 4.73 4.44 2.30
CA GLN F 91 4.04 5.14 1.21
C GLN F 91 2.67 4.52 0.85
N GLY F 92 2.54 3.21 1.02
CA GLY F 92 1.25 2.56 0.80
C GLY F 92 0.23 2.94 1.86
N PHE F 93 0.62 2.91 3.13
CA PHE F 93 -0.28 3.34 4.21
C PHE F 93 -0.69 4.80 4.02
N GLU F 94 0.27 5.63 3.61
CA GLU F 94 0.02 7.03 3.28
C GLU F 94 -1.15 7.18 2.29
N GLU F 95 -1.07 6.47 1.17
CA GLU F 95 -2.14 6.55 0.17
C GLU F 95 -3.51 6.04 0.66
N ILE F 96 -3.51 5.00 1.50
CA ILE F 96 -4.74 4.39 2.01
C ILE F 96 -5.53 5.34 2.91
N GLY F 97 -4.86 6.35 3.45
CA GLY F 97 -5.50 7.39 4.23
C GLY F 97 -5.43 8.73 3.51
N ASP G 3 0.97 59.35 55.51
CA ASP G 3 1.92 58.44 54.87
C ASP G 3 1.69 58.29 53.35
N VAL G 4 1.69 59.43 52.67
CA VAL G 4 1.53 59.46 51.22
C VAL G 4 2.74 58.81 50.53
N ALA G 5 3.93 58.96 51.13
CA ALA G 5 5.15 58.45 50.51
C ALA G 5 5.12 56.93 50.35
N ARG G 6 4.64 56.24 51.38
CA ARG G 6 4.49 54.79 51.32
C ARG G 6 3.50 54.37 50.23
N LEU G 7 2.37 55.09 50.18
CA LEU G 7 1.31 54.79 49.22
C LEU G 7 1.81 54.97 47.78
N LEU G 8 2.61 56.01 47.55
CA LEU G 8 3.21 56.27 46.24
C LEU G 8 4.33 55.28 45.90
N ALA G 9 4.81 54.57 46.91
CA ALA G 9 5.95 53.65 46.72
C ALA G 9 5.50 52.19 46.54
N LEU G 10 4.19 51.95 46.57
CA LEU G 10 3.65 50.60 46.42
C LEU G 10 4.21 49.83 45.21
N ARG G 11 4.73 48.63 45.46
CA ARG G 11 5.24 47.79 44.38
C ARG G 11 4.51 46.45 44.33
N SER G 12 3.34 46.52 43.71
CA SER G 12 2.44 45.39 43.53
C SER G 12 3.11 44.24 42.76
N PHE G 13 2.85 43.00 43.16
CA PHE G 13 3.30 41.84 42.38
C PHE G 13 2.36 41.62 41.19
N THR G 14 1.07 41.73 41.47
CA THR G 14 0.07 41.40 40.48
C THR G 14 0.07 42.36 39.30
N GLU G 15 0.60 43.56 39.50
CA GLU G 15 0.68 44.56 38.45
C GLU G 15 1.59 44.10 37.30
N LEU G 16 2.57 43.26 37.62
CA LEU G 16 3.56 42.79 36.63
C LEU G 16 2.98 41.77 35.67
N GLY G 17 3.41 41.81 34.41
CA GLY G 17 3.17 40.73 33.48
C GLY G 17 4.02 39.49 33.80
N ALA G 18 3.74 38.37 33.14
CA ALA G 18 4.43 37.11 33.42
C ALA G 18 5.95 37.23 33.36
N ARG G 19 6.46 37.86 32.31
CA ARG G 19 7.92 37.93 32.18
C ARG G 19 8.55 38.85 33.25
N GLN G 20 7.87 39.94 33.59
CA GLN G 20 8.33 40.84 34.65
C GLN G 20 8.36 40.11 35.99
N ARG G 21 7.33 39.33 36.25
CA ARG G 21 7.23 38.51 37.46
C ARG G 21 8.40 37.55 37.54
N ALA G 22 8.66 36.86 36.43
CA ALA G 22 9.76 35.91 36.38
C ALA G 22 11.09 36.59 36.64
N ARG G 23 11.31 37.76 36.05
CA ARG G 23 12.61 38.40 36.17
C ARG G 23 12.79 38.99 37.57
N ALA G 24 11.67 39.33 38.20
CA ALA G 24 11.68 39.92 39.52
C ALA G 24 11.94 38.88 40.64
N LEU G 25 11.51 37.63 40.42
CA LEU G 25 11.64 36.60 41.45
C LEU G 25 13.01 35.90 41.44
N LEU G 26 13.54 35.62 40.25
CA LEU G 26 14.89 35.05 40.13
C LEU G 26 15.95 36.05 40.61
N ASP G 27 17.08 35.54 41.10
CA ASP G 27 18.19 36.40 41.54
C ASP G 27 18.54 37.40 40.46
N ALA G 28 18.88 38.61 40.87
CA ALA G 28 19.19 39.66 39.91
C ALA G 28 20.32 39.22 39.02
N GLY G 29 20.18 39.43 37.71
CA GLY G 29 21.23 39.07 36.78
C GLY G 29 21.13 37.66 36.21
N SER G 30 20.35 36.79 36.84
CA SER G 30 20.35 35.39 36.46
C SER G 30 19.27 35.01 35.45
N PHE G 31 18.35 35.92 35.17
CA PHE G 31 17.28 35.62 34.23
C PHE G 31 17.78 35.23 32.83
N ARG G 32 17.38 34.04 32.36
CA ARG G 32 17.75 33.60 31.03
C ARG G 32 16.63 32.79 30.40
N GLU G 33 15.96 33.36 29.41
CA GLU G 33 14.77 32.75 28.85
C GLU G 33 15.07 31.66 27.84
N LEU G 34 14.31 30.58 27.95
CA LEU G 34 14.36 29.49 26.97
C LEU G 34 13.20 29.62 26.03
N LEU G 35 13.45 29.43 24.74
CA LEU G 35 12.41 29.52 23.73
C LEU G 35 11.73 30.88 23.91
N ASP G 36 12.55 31.92 23.96
CA ASP G 36 12.06 33.30 24.13
C ASP G 36 11.27 33.67 22.86
N PRO G 37 10.54 34.81 22.87
CA PRO G 37 9.66 35.06 21.72
C PRO G 37 10.34 35.20 20.34
N PHE G 38 11.63 35.50 20.29
CA PHE G 38 12.32 35.60 19.00
C PHE G 38 12.58 34.24 18.36
N ALA G 39 12.40 33.17 19.12
CA ALA G 39 12.53 31.82 18.58
C ALA G 39 11.32 31.48 17.73
N GLY G 40 10.23 32.21 17.92
CA GLY G 40 9.02 31.95 17.15
C GLY G 40 8.38 30.58 17.39
N VAL G 41 8.57 29.99 18.57
CA VAL G 41 7.96 28.69 18.83
C VAL G 41 6.56 28.94 19.33
N GLN G 42 5.65 29.19 18.38
CA GLN G 42 4.29 29.58 18.69
C GLN G 42 3.35 28.39 18.54
N SER G 43 2.08 28.60 18.84
CA SER G 43 1.10 27.54 18.63
C SER G 43 0.93 27.21 17.14
N PRO G 44 0.99 25.92 16.80
CA PRO G 44 0.83 25.54 15.39
C PRO G 44 -0.65 25.37 15.00
N TRP G 45 -1.56 25.59 15.95
CA TRP G 45 -2.96 25.32 15.73
C TRP G 45 -3.86 26.56 15.63
N LEU G 46 -3.41 27.68 16.18
CA LEU G 46 -4.33 28.81 16.33
C LEU G 46 -4.65 29.57 15.03
N GLU G 47 -3.66 29.80 14.17
CA GLU G 47 -3.85 30.57 12.94
C GLU G 47 -4.97 30.03 12.08
N ARG G 48 -4.91 28.73 11.76
CA ARG G 48 -5.91 28.07 10.92
C ARG G 48 -7.33 28.27 11.45
N GLN G 49 -7.43 28.72 12.69
CA GLN G 49 -8.71 28.95 13.33
C GLN G 49 -9.00 30.42 13.48
N GLY G 50 -8.19 31.25 12.84
CA GLY G 50 -8.47 32.69 12.83
C GLY G 50 -8.12 33.40 14.11
N ILE G 51 -7.31 32.76 14.95
CA ILE G 51 -6.83 33.35 16.19
C ILE G 51 -5.34 33.73 16.10
N VAL G 52 -5.03 34.99 16.39
CA VAL G 52 -3.66 35.47 16.32
C VAL G 52 -2.79 34.81 17.41
N PRO G 53 -1.69 34.17 17.00
CA PRO G 53 -0.75 33.56 17.97
C PRO G 53 0.14 34.57 18.71
N GLN G 54 0.54 34.21 19.93
CA GLN G 54 1.56 34.93 20.65
C GLN G 54 2.87 34.16 20.55
N ALA G 55 3.97 34.87 20.40
CA ALA G 55 5.21 34.21 19.99
C ALA G 55 5.83 33.30 21.06
N ASP G 56 5.52 33.51 22.35
CA ASP G 56 5.96 32.55 23.38
C ASP G 56 4.82 31.58 23.79
N ASP G 57 3.79 31.54 22.95
CA ASP G 57 2.53 30.82 23.24
C ASP G 57 1.94 31.11 24.64
N GLY G 58 2.36 32.20 25.28
CA GLY G 58 1.77 32.62 26.54
C GLY G 58 2.37 32.00 27.78
N VAL G 59 3.58 31.44 27.66
CA VAL G 59 4.31 30.95 28.82
C VAL G 59 5.75 31.43 28.76
N VAL G 60 6.25 31.93 29.89
CA VAL G 60 7.64 32.34 29.98
C VAL G 60 8.42 31.28 30.75
N VAL G 61 9.44 30.69 30.11
CA VAL G 61 10.31 29.73 30.80
C VAL G 61 11.73 30.30 30.93
N ALA G 62 12.24 30.39 32.15
CA ALA G 62 13.57 30.98 32.34
C ALA G 62 14.42 30.17 33.30
N ARG G 63 15.67 29.93 32.91
CA ARG G 63 16.66 29.42 33.85
C ARG G 63 17.17 30.57 34.72
N GLY G 64 17.67 30.26 35.90
CA GLY G 64 18.27 31.29 36.72
C GLY G 64 18.74 30.73 38.04
N LEU G 65 18.92 31.63 39.01
CA LEU G 65 19.30 31.25 40.36
C LEU G 65 18.28 31.73 41.37
N LEU G 66 17.99 30.89 42.36
CA LEU G 66 17.22 31.28 43.53
C LEU G 66 18.09 31.06 44.76
N ASP G 67 18.55 32.18 45.34
CA ASP G 67 19.50 32.16 46.44
C ASP G 67 20.78 31.43 46.07
N GLY G 68 21.30 31.70 44.87
CA GLY G 68 22.52 31.07 44.42
C GLY G 68 22.33 29.65 43.88
N GLN G 69 21.13 29.09 44.08
CA GLN G 69 20.89 27.71 43.68
C GLN G 69 20.32 27.64 42.27
N PRO G 70 20.64 26.58 41.52
CA PRO G 70 20.08 26.38 40.17
C PRO G 70 18.55 26.31 40.15
N ALA G 71 17.93 26.98 39.18
CA ALA G 71 16.48 27.08 39.16
C ALA G 71 15.89 27.18 37.75
N VAL G 72 14.62 26.80 37.61
CA VAL G 72 13.89 27.07 36.38
C VAL G 72 12.54 27.61 36.80
N LEU G 73 12.08 28.61 36.09
CA LEU G 73 10.82 29.26 36.42
C LEU G 73 9.92 29.19 35.21
N ALA G 74 8.69 28.72 35.40
CA ALA G 74 7.69 28.83 34.35
C ALA G 74 6.57 29.75 34.84
N ALA G 75 6.25 30.78 34.07
CA ALA G 75 5.18 31.72 34.41
C ALA G 75 4.17 31.80 33.27
N ILE G 76 2.90 31.54 33.56
CA ILE G 76 1.89 31.63 32.53
C ILE G 76 1.38 33.07 32.43
N GLU G 77 1.32 33.59 31.20
CA GLU G 77 0.79 34.93 30.92
C GLU G 77 -0.72 34.88 30.77
N GLY G 78 -1.41 35.27 31.84
CA GLY G 78 -2.85 35.32 31.88
C GLY G 78 -3.54 36.17 30.83
N ALA G 79 -2.86 37.19 30.30
CA ALA G 79 -3.48 38.03 29.27
C ALA G 79 -3.64 37.33 27.92
N PHE G 80 -2.90 36.25 27.68
CA PHE G 80 -3.04 35.55 26.39
C PHE G 80 -3.90 34.32 26.55
N GLN G 81 -5.02 34.26 25.84
CA GLN G 81 -5.92 33.11 25.91
C GLN G 81 -6.35 32.76 27.35
N GLY G 82 -6.41 33.77 28.23
CA GLY G 82 -6.80 33.57 29.61
C GLY G 82 -5.79 32.75 30.42
N GLY G 83 -4.59 32.57 29.88
CA GLY G 83 -3.62 31.64 30.42
C GLY G 83 -3.93 30.16 30.16
N SER G 84 -4.89 29.86 29.30
CA SER G 84 -5.23 28.48 29.00
C SER G 84 -4.15 27.80 28.16
N LEU G 85 -3.71 26.63 28.60
CA LEU G 85 -2.52 26.00 28.03
C LEU G 85 -2.80 25.32 26.71
N GLY G 86 -1.86 25.49 25.78
CA GLY G 86 -1.94 24.84 24.48
C GLY G 86 -0.80 23.85 24.34
N GLU G 87 -0.59 23.30 23.14
CA GLU G 87 0.42 22.27 22.97
C GLU G 87 1.79 22.79 23.37
N VAL G 88 2.19 23.93 22.79
CA VAL G 88 3.54 24.45 22.97
C VAL G 88 3.75 24.98 24.38
N SER G 89 2.82 25.81 24.86
CA SER G 89 3.00 26.37 26.20
C SER G 89 2.94 25.25 27.25
N GLY G 90 2.08 24.24 27.02
CA GLY G 90 2.02 23.09 27.91
C GLY G 90 3.33 22.31 27.91
N ALA G 91 3.94 22.18 26.74
CA ALA G 91 5.18 21.42 26.60
C ALA G 91 6.36 22.20 27.19
N LYS G 92 6.32 23.52 27.10
CA LYS G 92 7.36 24.35 27.71
C LYS G 92 7.42 24.19 29.23
N ILE G 93 6.27 24.14 29.90
CA ILE G 93 6.24 23.88 31.34
C ILE G 93 6.67 22.43 31.66
N ALA G 94 6.03 21.46 31.00
CA ALA G 94 6.31 20.05 31.27
C ALA G 94 7.77 19.74 30.99
N GLY G 95 8.24 20.19 29.83
CA GLY G 95 9.62 19.97 29.41
C GLY G 95 10.64 20.54 30.38
N ALA G 96 10.36 21.74 30.92
CA ALA G 96 11.26 22.35 31.91
C ALA G 96 11.28 21.55 33.23
N LEU G 97 10.10 21.12 33.65
CA LEU G 97 9.98 20.33 34.87
C LEU G 97 10.70 18.99 34.68
N GLU G 98 10.58 18.38 33.50
CA GLU G 98 11.27 17.11 33.24
C GLU G 98 12.79 17.28 33.32
N LEU G 99 13.32 18.36 32.73
CA LEU G 99 14.76 18.58 32.72
C LEU G 99 15.30 18.88 34.11
N ALA G 100 14.50 19.52 34.95
CA ALA G 100 14.90 19.77 36.35
C ALA G 100 15.05 18.43 37.10
N ALA G 101 14.16 17.48 36.81
CA ALA G 101 14.24 16.16 37.43
C ALA G 101 15.53 15.44 37.01
N GLU G 102 15.93 15.58 35.76
CA GLU G 102 17.14 14.93 35.31
C GLU G 102 18.40 15.59 35.89
N ASP G 103 18.40 16.92 36.01
CA ASP G 103 19.47 17.62 36.72
C ASP G 103 19.72 16.99 38.09
N ASN G 104 18.64 16.74 38.83
CA ASN G 104 18.75 16.19 40.16
C ASN G 104 19.31 14.75 40.17
N ARG G 105 18.91 13.93 39.21
CA ARG G 105 19.46 12.58 39.08
C ARG G 105 20.95 12.64 38.73
N ASN G 106 21.41 13.80 38.29
CA ASN G 106 22.82 14.02 37.94
C ASN G 106 23.54 14.90 38.97
N GLY G 107 22.97 15.05 40.16
CA GLY G 107 23.65 15.76 41.22
C GLY G 107 23.55 17.27 41.18
N VAL G 108 22.68 17.79 40.32
CA VAL G 108 22.43 19.23 40.25
C VAL G 108 21.03 19.55 40.80
N PRO G 109 20.96 20.22 41.97
CA PRO G 109 19.67 20.36 42.66
C PRO G 109 18.77 21.50 42.13
N THR G 110 18.48 21.45 40.83
CA THR G 110 17.58 22.39 40.20
C THR G 110 16.19 22.37 40.85
N ARG G 111 15.73 23.57 41.24
CA ARG G 111 14.38 23.82 41.77
C ARG G 111 13.50 24.44 40.69
N ALA G 112 12.21 24.13 40.72
CA ALA G 112 11.27 24.70 39.76
C ALA G 112 10.23 25.59 40.43
N LEU G 113 10.00 26.78 39.87
CA LEU G 113 9.01 27.70 40.43
C LEU G 113 7.95 27.93 39.37
N LEU G 114 6.68 27.74 39.74
CA LEU G 114 5.54 27.89 38.82
C LEU G 114 4.67 29.09 39.22
N LEU G 115 4.55 30.04 38.30
CA LEU G 115 3.66 31.19 38.50
C LEU G 115 2.40 30.92 37.68
N LEU G 116 1.31 30.63 38.38
CA LEU G 116 0.14 30.02 37.76
C LEU G 116 -1.04 30.99 37.62
N GLU G 117 -1.11 31.62 36.46
CA GLU G 117 -2.21 32.49 36.03
C GLU G 117 -2.88 31.79 34.85
N THR G 118 -3.92 31.01 35.10
CA THR G 118 -4.38 30.12 34.06
C THR G 118 -5.83 29.69 34.27
N GLY G 119 -6.59 29.62 33.19
CA GLY G 119 -7.96 29.14 33.24
C GLY G 119 -8.08 27.70 32.80
N GLY G 120 -6.97 26.95 32.85
CA GLY G 120 -6.97 25.52 32.51
C GLY G 120 -6.51 25.16 31.10
N VAL G 121 -7.36 24.44 30.38
CA VAL G 121 -7.07 23.94 29.02
C VAL G 121 -7.70 24.84 27.94
N ARG G 122 -6.90 25.13 26.92
CA ARG G 122 -7.31 25.94 25.77
C ARG G 122 -8.15 25.13 24.77
N LEU G 123 -9.39 25.57 24.49
CA LEU G 123 -10.34 24.76 23.74
C LEU G 123 -9.89 24.43 22.32
N GLN G 124 -9.25 25.38 21.65
CA GLN G 124 -8.84 25.16 20.26
C GLN G 124 -7.65 24.21 20.14
N GLU G 125 -7.11 23.77 21.28
CA GLU G 125 -6.05 22.78 21.29
C GLU G 125 -6.34 21.75 22.36
N ALA G 126 -7.64 21.47 22.55
CA ALA G 126 -8.15 20.83 23.76
C ALA G 126 -7.41 19.55 24.19
N ASN G 127 -7.30 18.56 23.32
CA ASN G 127 -6.71 17.29 23.75
C ASN G 127 -5.19 17.35 23.91
N LEU G 128 -4.54 18.31 23.25
CA LEU G 128 -3.10 18.50 23.40
C LEU G 128 -2.78 19.31 24.66
N GLY G 129 -3.63 20.29 24.97
CA GLY G 129 -3.50 21.03 26.21
C GLY G 129 -3.67 20.09 27.40
N LEU G 130 -4.65 19.20 27.30
CA LEU G 130 -4.95 18.26 28.37
C LEU G 130 -3.84 17.22 28.50
N ALA G 131 -3.35 16.67 27.38
CA ALA G 131 -2.24 15.74 27.45
C ALA G 131 -0.99 16.38 28.05
N ALA G 132 -0.74 17.64 27.73
CA ALA G 132 0.39 18.38 28.28
C ALA G 132 0.27 18.53 29.78
N ILE G 133 -0.95 18.81 30.25
CA ILE G 133 -1.18 18.97 31.68
C ILE G 133 -0.87 17.66 32.42
N ALA G 134 -1.25 16.52 31.82
CA ALA G 134 -0.90 15.22 32.38
C ALA G 134 0.61 15.06 32.54
N GLU G 135 1.37 15.51 31.55
CA GLU G 135 2.82 15.44 31.63
C GLU G 135 3.42 16.46 32.60
N ILE G 136 2.79 17.62 32.71
CA ILE G 136 3.19 18.60 33.73
C ILE G 136 3.06 17.97 35.11
N GLN G 137 1.91 17.34 35.34
CA GLN G 137 1.58 16.72 36.61
C GLN G 137 2.55 15.60 36.91
N ALA G 138 2.83 14.76 35.91
CA ALA G 138 3.80 13.68 36.08
C ALA G 138 5.16 14.25 36.46
N ALA G 139 5.56 15.32 35.76
CA ALA G 139 6.91 15.89 35.94
C ALA G 139 7.09 16.50 37.33
N ILE G 140 6.01 17.09 37.85
CA ILE G 140 6.02 17.66 39.20
C ILE G 140 6.29 16.56 40.22
N VAL G 141 5.57 15.44 40.11
CA VAL G 141 5.72 14.34 41.06
C VAL G 141 7.12 13.74 41.01
N ASP G 142 7.60 13.47 39.80
CA ASP G 142 8.95 13.00 39.57
C ASP G 142 9.97 13.95 40.23
N LEU G 143 9.83 15.26 39.97
CA LEU G 143 10.79 16.23 40.47
C LEU G 143 10.79 16.33 42.00
N GLN G 144 9.63 16.11 42.60
CA GLN G 144 9.50 16.31 44.03
C GLN G 144 9.95 15.06 44.76
N ARG G 145 10.60 14.15 44.04
CA ARG G 145 11.35 13.08 44.67
C ARG G 145 12.70 13.67 45.08
N TYR G 146 12.98 14.87 44.60
CA TYR G 146 14.27 15.47 44.87
C TYR G 146 14.18 16.87 45.45
N GLN G 147 13.33 17.70 44.86
CA GLN G 147 13.20 19.10 45.27
C GLN G 147 11.73 19.50 45.34
N PRO G 148 11.40 20.40 46.27
CA PRO G 148 10.01 20.87 46.27
C PRO G 148 9.73 21.80 45.07
N VAL G 149 8.53 21.70 44.55
CA VAL G 149 8.04 22.66 43.58
C VAL G 149 7.24 23.70 44.34
N VAL G 150 7.55 24.98 44.14
CA VAL G 150 6.71 26.03 44.72
C VAL G 150 5.77 26.57 43.65
N ALA G 151 4.48 26.54 43.94
CA ALA G 151 3.50 27.20 43.09
C ALA G 151 3.06 28.52 43.74
N VAL G 152 3.22 29.62 43.00
CA VAL G 152 2.71 30.93 43.39
C VAL G 152 1.45 31.26 42.63
N ILE G 153 0.40 31.61 43.36
CA ILE G 153 -0.86 32.05 42.75
C ILE G 153 -1.20 33.42 43.28
N ALA G 154 -1.20 34.42 42.40
CA ALA G 154 -1.27 35.79 42.86
C ALA G 154 -2.47 36.57 42.31
N GLY G 155 -3.04 36.10 41.20
CA GLY G 155 -4.06 36.87 40.50
C GLY G 155 -3.41 37.75 39.43
N PRO G 156 -4.23 38.46 38.64
CA PRO G 156 -5.69 38.57 38.76
C PRO G 156 -6.46 37.32 38.34
N VAL G 157 -5.95 36.58 37.36
CA VAL G 157 -6.72 35.45 36.84
C VAL G 157 -6.91 34.34 37.88
N GLY G 158 -5.84 34.04 38.60
CA GLY G 158 -5.86 32.91 39.51
C GLY G 158 -5.57 31.61 38.78
N CYS G 159 -5.92 30.49 39.40
CA CYS G 159 -5.53 29.19 38.86
C CYS G 159 -6.70 28.23 38.87
N PHE G 160 -7.11 27.81 37.68
CA PHE G 160 -8.27 26.95 37.49
C PHE G 160 -7.99 25.76 36.58
N GLY G 161 -8.91 24.80 36.59
CA GLY G 161 -8.86 23.68 35.66
C GLY G 161 -7.75 22.70 36.02
N GLY G 162 -7.20 22.06 34.99
CA GLY G 162 -6.22 21.01 35.18
C GLY G 162 -4.99 21.48 35.90
N MET G 163 -4.69 22.78 35.80
CA MET G 163 -3.51 23.33 36.49
C MET G 163 -3.79 23.60 37.98
N SER G 164 -5.05 23.65 38.38
CA SER G 164 -5.36 23.69 39.81
C SER G 164 -5.05 22.32 40.40
N ILE G 165 -5.29 21.26 39.63
CA ILE G 165 -4.89 19.95 40.06
C ILE G 165 -3.37 19.89 40.20
N ALA G 166 -2.65 20.46 39.25
CA ALA G 166 -1.19 20.50 39.32
C ALA G 166 -0.72 21.26 40.56
N ALA G 167 -1.37 22.40 40.83
CA ALA G 167 -1.04 23.20 41.99
C ALA G 167 -1.20 22.33 43.25
N GLY G 168 -2.23 21.51 43.25
CA GLY G 168 -2.51 20.59 44.35
C GLY G 168 -1.42 19.58 44.57
N LEU G 169 -0.62 19.32 43.55
CA LEU G 169 0.49 18.37 43.63
C LEU G 169 1.72 18.99 44.24
N CYS G 170 1.83 20.31 44.15
CA CYS G 170 3.07 20.98 44.51
C CYS G 170 3.34 20.94 46.02
N SER G 171 4.62 20.86 46.38
CA SER G 171 5.05 20.82 47.76
C SER G 171 4.53 22.02 48.51
N TYR G 172 4.61 23.18 47.89
CA TYR G 172 4.08 24.38 48.53
C TYR G 172 3.29 25.26 47.55
N VAL G 173 2.19 25.77 48.07
CA VAL G 173 1.26 26.63 47.35
C VAL G 173 1.18 27.98 48.06
N LEU G 174 1.71 29.02 47.43
CA LEU G 174 1.71 30.35 48.02
C LEU G 174 0.63 31.16 47.32
N VAL G 175 -0.17 31.88 48.11
CA VAL G 175 -1.29 32.61 47.55
C VAL G 175 -1.38 34.00 48.13
N THR G 176 -1.92 34.90 47.33
CA THR G 176 -2.29 36.23 47.76
C THR G 176 -3.77 36.18 48.08
N ARG G 177 -4.27 37.28 48.60
CA ARG G 177 -5.69 37.42 48.88
C ARG G 177 -6.48 37.46 47.57
N GLU G 178 -5.94 38.15 46.57
CA GLU G 178 -6.62 38.26 45.28
C GLU G 178 -6.68 36.92 44.51
N ALA G 179 -5.74 36.01 44.80
CA ALA G 179 -5.68 34.74 44.10
C ALA G 179 -6.96 33.96 44.32
N ARG G 180 -7.41 33.25 43.27
CA ARG G 180 -8.39 32.16 43.41
C ARG G 180 -7.77 30.84 42.96
N LEU G 181 -8.21 29.76 43.58
CA LEU G 181 -7.70 28.43 43.27
C LEU G 181 -8.87 27.50 43.34
N GLY G 182 -9.22 26.91 42.20
CA GLY G 182 -10.35 26.01 42.16
C GLY G 182 -10.30 25.14 40.93
N LEU G 183 -11.18 24.14 40.86
CA LEU G 183 -11.22 23.28 39.68
C LEU G 183 -12.11 23.89 38.61
N ASN G 184 -13.42 24.03 38.83
CA ASN G 184 -14.14 24.61 37.73
C ASN G 184 -14.37 26.08 38.03
N GLY G 185 -14.43 26.85 36.95
CA GLY G 185 -14.72 28.27 37.04
C GLY G 185 -16.17 28.43 37.37
N PRO G 186 -16.51 29.54 38.04
CA PRO G 186 -17.86 29.83 38.53
C PRO G 186 -18.95 29.72 37.47
N GLN G 187 -18.67 30.18 36.25
CA GLN G 187 -19.70 30.20 35.22
C GLN G 187 -20.05 28.79 34.73
N VAL G 188 -19.03 27.95 34.61
CA VAL G 188 -19.24 26.57 34.21
C VAL G 188 -20.08 25.81 35.25
N ILE G 189 -19.82 26.04 36.55
CA ILE G 189 -20.60 25.36 37.59
C ILE G 189 -22.04 25.85 37.57
N GLU G 190 -22.22 27.15 37.45
CA GLU G 190 -23.56 27.72 37.33
C GLU G 190 -24.34 27.06 36.20
N GLN G 191 -23.71 26.93 35.04
CA GLN G 191 -24.36 26.38 33.87
C GLN G 191 -24.63 24.88 34.01
N GLU G 192 -23.74 24.14 34.66
CA GLU G 192 -23.93 22.68 34.84
C GLU G 192 -24.87 22.31 36.00
N ALA G 193 -24.85 23.09 37.07
CA ALA G 193 -25.55 22.71 38.29
C ALA G 193 -26.68 23.68 38.69
N GLY G 194 -26.72 24.85 38.08
CA GLY G 194 -27.78 25.80 38.35
C GLY G 194 -27.33 27.00 39.17
N ILE G 195 -28.03 28.11 39.03
CA ILE G 195 -27.72 29.32 39.78
C ILE G 195 -27.84 29.07 41.30
N ALA G 196 -28.78 28.19 41.66
CA ALA G 196 -29.00 27.79 43.05
C ALA G 196 -27.72 27.20 43.64
N GLU G 197 -26.99 26.47 42.82
CA GLU G 197 -25.71 25.88 43.23
C GLU G 197 -24.61 26.91 43.42
N TYR G 198 -24.50 27.84 42.49
CA TYR G 198 -23.30 28.67 42.36
C TYR G 198 -23.57 29.96 41.57
N ASP G 199 -23.49 31.11 42.23
CA ASP G 199 -23.76 32.38 41.54
C ASP G 199 -22.48 32.96 40.97
N SER G 200 -22.31 32.90 39.65
CA SER G 200 -21.06 33.31 39.03
C SER G 200 -20.90 34.83 38.97
N ARG G 201 -21.96 35.55 39.33
CA ARG G 201 -21.86 37.00 39.40
C ARG G 201 -21.59 37.49 40.82
N ASP G 202 -21.63 36.57 41.79
CA ASP G 202 -21.39 36.92 43.18
C ASP G 202 -19.92 36.78 43.54
N ARG G 203 -19.16 37.85 43.35
CA ARG G 203 -17.72 37.83 43.57
C ARG G 203 -17.31 37.64 45.04
N PRO G 204 -18.03 38.28 45.99
CA PRO G 204 -17.63 37.99 47.38
C PRO G 204 -17.91 36.54 47.79
N PHE G 205 -18.97 35.94 47.26
CA PHE G 205 -19.26 34.55 47.47
C PHE G 205 -18.16 33.68 46.89
N ILE G 206 -17.73 34.05 45.68
CA ILE G 206 -16.74 33.28 44.93
C ILE G 206 -15.40 33.30 45.66
N TRP G 207 -14.95 34.48 46.05
CA TRP G 207 -13.72 34.58 46.82
C TRP G 207 -13.87 33.93 48.20
N SER G 208 -15.07 33.95 48.77
CA SER G 208 -15.25 33.37 50.11
C SER G 208 -14.95 31.88 50.08
N LEU G 209 -15.25 31.23 48.97
CA LEU G 209 -15.03 29.78 48.87
C LEU G 209 -13.69 29.37 48.23
N THR G 210 -13.18 30.15 47.27
CA THR G 210 -12.01 29.72 46.52
C THR G 210 -10.85 30.72 46.55
N GLY G 211 -11.06 31.84 47.24
CA GLY G 211 -10.05 32.87 47.38
C GLY G 211 -8.87 32.39 48.19
N GLY G 212 -7.74 33.07 48.04
CA GLY G 212 -6.50 32.67 48.68
C GLY G 212 -6.55 32.67 50.20
N GLU G 213 -7.26 33.65 50.76
CA GLU G 213 -7.42 33.73 52.21
C GLU G 213 -8.11 32.48 52.76
N GLN G 214 -9.19 32.09 52.09
CA GLN G 214 -9.94 30.94 52.49
C GLN G 214 -9.15 29.65 52.33
N ARG G 215 -8.48 29.51 51.19
CA ARG G 215 -7.64 28.34 50.91
C ARG G 215 -6.60 28.17 52.00
N PHE G 216 -5.89 29.26 52.30
CA PHE G 216 -4.87 29.28 53.36
C PHE G 216 -5.46 28.94 54.73
N ALA G 217 -6.60 29.56 55.06
CA ALA G 217 -7.27 29.32 56.33
C ALA G 217 -7.58 27.85 56.54
N SER G 218 -7.96 27.19 55.45
CA SER G 218 -8.46 25.82 55.49
C SER G 218 -7.34 24.81 55.19
N GLY G 219 -6.09 25.27 55.19
CA GLY G 219 -4.94 24.40 54.98
C GLY G 219 -4.73 23.92 53.55
N LEU G 220 -5.44 24.52 52.58
CA LEU G 220 -5.27 24.13 51.18
C LEU G 220 -4.17 24.94 50.49
N ALA G 221 -3.64 25.92 51.21
CA ALA G 221 -2.49 26.69 50.79
C ALA G 221 -1.55 26.79 51.97
N ASP G 222 -0.25 26.97 51.71
CA ASP G 222 0.72 26.91 52.79
C ASP G 222 1.22 28.29 53.24
N ALA G 223 0.97 29.31 52.43
CA ALA G 223 1.41 30.66 52.74
C ALA G 223 0.44 31.71 52.20
N TYR G 224 0.21 32.77 52.98
CA TYR G 224 -0.74 33.82 52.65
C TYR G 224 0.08 35.09 52.49
N LEU G 225 0.27 35.53 51.25
CA LEU G 225 1.22 36.62 50.97
C LEU G 225 0.54 37.93 50.68
N ALA G 226 1.16 39.01 51.13
CA ALA G 226 0.74 40.34 50.68
C ALA G 226 1.18 40.51 49.22
N ASP G 227 0.39 41.28 48.47
CA ASP G 227 0.69 41.54 47.07
C ASP G 227 1.82 42.56 46.96
N ASP G 228 3.02 42.09 47.26
CA ASP G 228 4.21 42.92 47.21
C ASP G 228 5.36 42.08 46.67
N LEU G 229 6.01 42.57 45.62
CA LEU G 229 7.13 41.94 44.95
C LEU G 229 8.16 41.30 45.91
N ASP G 230 8.69 42.12 46.81
CA ASP G 230 9.70 41.70 47.77
C ASP G 230 9.23 40.62 48.73
N GLU G 231 7.97 40.71 49.13
CA GLU G 231 7.42 39.74 50.05
C GLU G 231 7.21 38.40 49.35
N VAL G 232 6.72 38.44 48.11
CA VAL G 232 6.55 37.19 47.38
C VAL G 232 7.92 36.51 47.20
N ARG G 233 8.94 37.28 46.83
CA ARG G 233 10.27 36.71 46.62
C ARG G 233 10.81 36.10 47.90
N THR G 234 10.79 36.90 48.97
CA THR G 234 11.28 36.45 50.27
C THR G 234 10.56 35.18 50.69
N SER G 235 9.27 35.10 50.44
CA SER G 235 8.53 33.90 50.80
C SER G 235 8.90 32.70 49.92
N VAL G 236 9.00 32.91 48.60
CA VAL G 236 9.41 31.85 47.67
C VAL G 236 10.77 31.25 48.07
N LEU G 237 11.72 32.11 48.43
CA LEU G 237 13.04 31.66 48.84
C LEU G 237 12.97 30.82 50.11
N ALA G 238 12.16 31.27 51.06
CA ALA G 238 12.05 30.58 52.34
C ALA G 238 11.51 29.16 52.16
N TYR G 239 10.57 29.00 51.25
CA TYR G 239 9.99 27.67 51.09
C TYR G 239 10.90 26.73 50.32
N PHE G 240 11.70 27.23 49.37
CA PHE G 240 12.67 26.35 48.71
C PHE G 240 13.70 25.91 49.74
N ALA G 241 14.07 26.81 50.63
CA ALA G 241 15.06 26.51 51.67
C ALA G 241 14.54 25.44 52.63
N LYS G 242 13.23 25.31 52.76
CA LYS G 242 12.68 24.29 53.65
C LYS G 242 12.90 22.86 53.14
N GLY G 243 13.20 22.69 51.86
CA GLY G 243 13.25 21.36 51.26
C GLY G 243 11.87 20.72 51.22
N LEU G 244 11.85 19.42 51.00
CA LEU G 244 10.61 18.65 50.87
C LEU G 244 9.83 18.55 52.17
N PRO G 245 8.52 18.79 52.11
CA PRO G 245 7.74 18.77 53.36
C PRO G 245 7.59 17.36 53.94
N ALA G 246 7.45 17.26 55.27
CA ALA G 246 7.36 15.97 55.96
C ALA G 246 6.23 15.12 55.41
N ARG G 247 5.02 15.68 55.40
CA ARG G 247 3.88 15.00 54.81
C ARG G 247 2.92 15.99 54.17
N PRO G 248 3.00 16.11 52.84
CA PRO G 248 2.19 17.03 52.04
C PRO G 248 0.73 16.61 51.93
N ARG G 249 -0.12 17.59 51.64
CA ARG G 249 -1.58 17.41 51.50
C ARG G 249 -1.94 16.20 50.69
N CYS G 250 -1.23 16.05 49.56
CA CYS G 250 -1.43 14.95 48.63
C CYS G 250 -1.37 13.57 49.24
N ARG G 251 -0.53 13.41 50.26
CA ARG G 251 -0.39 12.12 50.90
C ARG G 251 -1.34 11.92 52.09
N ARG G 252 -2.36 12.76 52.23
CA ARG G 252 -3.28 12.68 53.39
C ARG G 252 -4.66 12.16 53.03
N ALA G 253 -4.73 11.26 52.05
CA ALA G 253 -6.00 10.76 51.57
C ALA G 253 -6.90 10.22 52.68
N GLU G 254 -6.30 9.45 53.58
CA GLU G 254 -7.00 8.87 54.73
C GLU G 254 -7.64 9.93 55.63
N ASP G 255 -6.92 11.01 55.92
CA ASP G 255 -7.45 12.08 56.76
C ASP G 255 -8.59 12.85 56.08
N TYR G 256 -8.45 13.16 54.79
CA TYR G 256 -9.49 13.91 54.10
C TYR G 256 -10.75 13.06 53.97
N LEU G 257 -10.58 11.77 53.66
CA LEU G 257 -11.75 10.89 53.54
C LEU G 257 -12.47 10.79 54.87
N ARG G 258 -11.72 10.86 55.97
CA ARG G 258 -12.28 10.87 57.32
C ARG G 258 -13.17 12.08 57.56
N ARG G 259 -12.63 13.28 57.37
CA ARG G 259 -13.38 14.51 57.65
C ARG G 259 -14.55 14.70 56.67
N LEU G 260 -14.38 14.26 55.43
CA LEU G 260 -15.48 14.31 54.46
C LEU G 260 -16.55 13.29 54.85
N GLY G 261 -16.13 12.23 55.54
CA GLY G 261 -17.07 11.25 56.06
C GLY G 261 -17.91 11.72 57.23
N ASP G 262 -17.37 12.64 58.04
CA ASP G 262 -18.11 13.18 59.18
C ASP G 262 -18.94 14.42 58.84
N LEU G 263 -18.83 14.90 57.61
CA LEU G 263 -19.61 16.04 57.18
C LEU G 263 -21.04 15.61 56.95
N ASP G 264 -22.00 16.42 57.42
CA ASP G 264 -23.38 16.26 57.00
C ASP G 264 -23.52 17.02 55.70
N THR G 265 -23.70 16.28 54.61
CA THR G 265 -23.66 16.87 53.28
C THR G 265 -25.03 17.35 52.82
N ALA G 266 -26.03 17.20 53.69
CA ALA G 266 -27.39 17.63 53.36
C ALA G 266 -27.44 19.13 53.05
N GLU G 267 -26.74 19.90 53.86
CA GLU G 267 -26.69 21.36 53.72
C GLU G 267 -25.46 21.81 52.92
N GLN G 268 -25.56 22.96 52.25
CA GLN G 268 -24.39 23.56 51.60
C GLN G 268 -23.47 24.16 52.66
N PRO G 269 -22.21 23.69 52.71
CA PRO G 269 -21.20 24.20 53.66
C PRO G 269 -20.81 25.67 53.44
N ASP G 270 -20.56 26.35 54.54
CA ASP G 270 -20.03 27.72 54.60
C ASP G 270 -18.53 27.74 54.34
N ALA G 271 -17.99 28.95 54.13
CA ALA G 271 -16.54 29.12 54.26
C ALA G 271 -16.12 28.76 55.68
N ALA G 272 -16.90 29.21 56.66
CA ALA G 272 -16.62 28.89 58.07
C ALA G 272 -16.71 27.38 58.34
N GLY G 273 -17.71 26.72 57.76
CA GLY G 273 -17.87 25.28 57.89
C GLY G 273 -16.65 24.52 57.39
N VAL G 274 -16.08 24.99 56.28
CA VAL G 274 -14.95 24.29 55.71
C VAL G 274 -13.73 24.48 56.59
N ARG G 275 -13.58 25.70 57.13
CA ARG G 275 -12.51 25.98 58.07
C ARG G 275 -12.63 25.09 59.30
N ARG G 276 -13.84 24.95 59.83
CA ARG G 276 -14.06 24.07 60.96
C ARG G 276 -13.77 22.62 60.58
N LEU G 277 -14.32 22.16 59.45
CA LEU G 277 -14.15 20.76 59.06
C LEU G 277 -12.67 20.37 58.95
N TYR G 278 -11.86 21.28 58.42
CA TYR G 278 -10.44 20.98 58.17
C TYR G 278 -9.53 21.45 59.30
N ALA H 22 -25.29 0.07 34.64
CA ALA H 22 -25.17 1.46 35.08
C ALA H 22 -24.17 2.24 34.23
N SER H 23 -23.08 1.58 33.84
CA SER H 23 -22.06 2.22 33.01
C SER H 23 -21.17 1.19 32.34
N ARG H 24 -20.53 1.60 31.26
CA ARG H 24 -19.50 0.78 30.63
C ARG H 24 -18.35 0.47 31.61
N GLY H 25 -17.95 1.45 32.41
CA GLY H 25 -16.94 1.22 33.45
C GLY H 25 -17.27 0.05 34.38
N LEU H 26 -18.49 0.01 34.87
CA LEU H 26 -18.94 -1.08 35.73
C LEU H 26 -18.87 -2.39 34.98
N ALA H 27 -19.58 -2.43 33.85
CA ALA H 27 -19.67 -3.61 32.99
C ALA H 27 -18.30 -4.22 32.71
N TRP H 28 -17.30 -3.38 32.44
CA TRP H 28 -15.98 -3.87 32.10
C TRP H 28 -15.18 -4.19 33.36
N PHE H 29 -15.43 -3.46 34.45
CA PHE H 29 -14.84 -3.85 35.72
C PHE H 29 -15.37 -5.22 36.07
N GLN H 30 -16.66 -5.42 36.00
CA GLN H 30 -17.17 -6.74 36.39
C GLN H 30 -16.68 -7.92 35.50
N ALA H 31 -16.53 -7.63 34.23
CA ALA H 31 -16.15 -8.66 33.32
C ALA H 31 -14.68 -9.02 33.41
N LEU H 32 -13.85 -8.05 33.75
CA LEU H 32 -12.39 -8.27 33.75
C LEU H 32 -11.87 -8.72 35.12
N ALA H 33 -12.49 -8.18 36.16
CA ALA H 33 -12.08 -8.45 37.53
C ALA H 33 -12.85 -9.63 38.13
N GLY H 34 -14.10 -9.82 37.73
CA GLY H 34 -14.85 -10.98 38.19
C GLY H 34 -15.56 -10.85 39.51
N SER H 35 -14.99 -10.07 40.42
CA SER H 35 -15.74 -9.61 41.58
C SER H 35 -16.42 -8.27 41.27
N LEU H 36 -17.58 -8.02 41.88
CA LEU H 36 -18.52 -6.96 41.54
C LEU H 36 -18.87 -6.02 42.69
N ALA H 37 -19.20 -6.63 43.81
CA ALA H 37 -19.52 -5.90 45.03
C ALA H 37 -18.38 -5.08 45.59
N PRO H 38 -18.63 -3.77 45.79
CA PRO H 38 -17.50 -2.91 46.16
C PRO H 38 -16.88 -3.30 47.51
N ARG H 39 -15.60 -2.99 47.66
CA ARG H 39 -14.90 -3.27 48.90
C ARG H 39 -15.50 -2.45 50.02
N PRO H 40 -15.60 -3.06 51.21
CA PRO H 40 -15.88 -2.19 52.36
C PRO H 40 -14.68 -1.26 52.51
N GLY H 41 -14.91 0.01 52.79
CA GLY H 41 -13.82 0.95 52.95
C GLY H 41 -13.61 1.88 51.77
N ASP H 42 -14.16 1.51 50.62
CA ASP H 42 -14.17 2.36 49.43
C ASP H 42 -15.48 3.14 49.37
N PRO H 43 -15.46 4.34 48.76
CA PRO H 43 -16.74 4.97 48.43
C PRO H 43 -17.50 4.08 47.45
N ALA H 44 -18.82 4.18 47.42
CA ALA H 44 -19.59 3.27 46.56
C ALA H 44 -19.37 3.61 45.09
N SER H 45 -18.67 4.72 44.84
CA SER H 45 -18.40 5.20 43.48
C SER H 45 -17.12 4.60 42.88
N LEU H 46 -16.40 3.84 43.71
CA LEU H 46 -15.18 3.12 43.33
C LEU H 46 -15.32 1.60 43.32
N ARG H 47 -14.77 0.96 42.29
CA ARG H 47 -14.63 -0.50 42.26
C ARG H 47 -13.16 -0.85 42.23
N VAL H 48 -12.73 -1.62 43.23
CA VAL H 48 -11.35 -2.04 43.35
C VAL H 48 -11.31 -3.56 43.57
N ALA H 49 -10.35 -4.25 42.96
CA ALA H 49 -10.23 -5.69 43.13
C ALA H 49 -8.87 -6.16 42.67
N ASP H 50 -8.29 -7.09 43.42
CA ASP H 50 -7.00 -7.66 43.04
C ASP H 50 -7.20 -8.98 42.29
N ALA H 51 -6.32 -9.25 41.34
CA ALA H 51 -6.42 -10.46 40.54
C ALA H 51 -5.09 -10.79 39.88
N GLU H 52 -5.15 -11.71 38.93
CA GLU H 52 -3.98 -12.12 38.18
C GLU H 52 -4.26 -12.04 36.69
N LEU H 53 -3.25 -11.64 35.94
CA LEU H 53 -3.35 -11.60 34.50
C LEU H 53 -2.09 -12.25 33.97
N ASP H 54 -2.26 -13.42 33.34
CA ASP H 54 -1.12 -14.23 32.91
C ASP H 54 -0.22 -14.52 34.10
N GLY H 55 -0.83 -14.69 35.26
CA GLY H 55 -0.10 -14.92 36.49
C GLY H 55 0.65 -13.71 37.04
N TYR H 56 0.41 -12.53 36.49
CA TYR H 56 1.00 -11.32 37.04
C TYR H 56 -0.02 -10.63 37.94
N PRO H 57 0.40 -10.23 39.16
CA PRO H 57 -0.50 -9.56 40.11
C PRO H 57 -1.05 -8.23 39.56
N VAL H 58 -2.34 -8.03 39.70
CA VAL H 58 -3.01 -6.91 39.08
C VAL H 58 -4.09 -6.31 39.96
N ARG H 59 -4.12 -4.98 40.08
CA ARG H 59 -5.25 -4.33 40.72
C ARG H 59 -6.09 -3.54 39.72
N PHE H 60 -7.38 -3.83 39.71
CA PHE H 60 -8.32 -3.13 38.85
C PHE H 60 -8.94 -1.97 39.61
N LEU H 61 -8.97 -0.79 38.98
CA LEU H 61 -9.65 0.35 39.56
C LEU H 61 -10.62 0.92 38.55
N ALA H 62 -11.86 1.12 38.98
CA ALA H 62 -12.84 1.78 38.13
C ALA H 62 -13.69 2.78 38.92
N VAL H 63 -13.90 3.97 38.34
CA VAL H 63 -14.89 4.90 38.86
C VAL H 63 -16.23 4.62 38.18
N VAL H 64 -17.29 4.49 38.98
CA VAL H 64 -18.60 4.07 38.48
C VAL H 64 -19.66 5.00 39.05
N PRO H 65 -20.85 5.06 38.43
CA PRO H 65 -21.87 5.91 39.06
C PRO H 65 -22.27 5.41 40.47
N ASP H 66 -22.54 6.35 41.38
CA ASP H 66 -23.12 6.03 42.68
C ASP H 66 -24.29 6.99 42.93
N PRO H 67 -25.52 6.56 42.61
CA PRO H 67 -26.70 7.42 42.78
C PRO H 67 -26.93 7.81 44.24
N ASP H 68 -26.21 7.18 45.16
CA ASP H 68 -26.35 7.45 46.59
C ASP H 68 -25.15 8.22 47.15
N ASN H 69 -24.38 8.82 46.26
CA ASN H 69 -23.19 9.54 46.66
C ASN H 69 -23.58 10.60 47.68
N PRO H 70 -22.89 10.60 48.84
CA PRO H 70 -23.08 11.64 49.86
C PRO H 70 -23.04 13.04 49.24
N PHE H 71 -22.23 13.20 48.20
CA PHE H 71 -22.21 14.46 47.47
C PHE H 71 -23.13 14.37 46.24
N PRO H 72 -24.19 15.20 46.24
CA PRO H 72 -25.29 15.20 45.27
C PRO H 72 -24.86 15.54 43.85
N ARG H 73 -23.76 16.27 43.70
CA ARG H 73 -23.26 16.67 42.39
C ARG H 73 -22.34 15.61 41.77
N ALA H 74 -22.24 14.46 42.44
CA ALA H 74 -21.40 13.37 41.98
C ALA H 74 -22.15 12.04 42.01
N ARG H 75 -23.42 12.06 41.63
CA ARG H 75 -24.22 10.83 41.62
C ARG H 75 -24.45 10.30 40.21
N GLN H 76 -23.78 10.89 39.23
CA GLN H 76 -23.93 10.42 37.86
C GLN H 76 -22.59 10.02 37.23
N GLY H 77 -21.73 9.42 38.05
CA GLY H 77 -20.48 8.88 37.56
C GLY H 77 -19.29 9.82 37.57
N GLU H 78 -19.49 11.06 38.00
CA GLU H 78 -18.42 12.06 38.01
C GLU H 78 -17.31 11.67 38.98
N VAL H 79 -16.15 12.29 38.80
CA VAL H 79 -15.07 12.17 39.75
C VAL H 79 -15.12 13.41 40.64
N GLY H 80 -15.57 13.25 41.89
CA GLY H 80 -15.61 14.33 42.86
C GLY H 80 -14.66 14.13 44.03
N LEU H 81 -15.01 14.68 45.20
CA LEU H 81 -14.17 14.62 46.39
C LEU H 81 -13.81 13.19 46.83
N LEU H 82 -14.81 12.34 46.98
CA LEU H 82 -14.59 10.99 47.48
C LEU H 82 -13.87 10.12 46.45
N GLU H 83 -14.19 10.35 45.18
CA GLU H 83 -13.60 9.56 44.10
C GLU H 83 -12.09 9.81 44.01
N GLY H 84 -11.68 11.07 44.10
CA GLY H 84 -10.30 11.44 44.02
C GLY H 84 -9.47 10.93 45.18
N TRP H 85 -9.91 11.24 46.39
CA TRP H 85 -9.26 10.72 47.59
C TRP H 85 -9.32 9.19 47.67
N GLY H 86 -10.43 8.62 47.21
CA GLY H 86 -10.61 7.18 47.18
C GLY H 86 -9.58 6.46 46.31
N LEU H 87 -9.40 6.96 45.09
CA LEU H 87 -8.36 6.44 44.22
C LEU H 87 -6.99 6.61 44.90
N ALA H 88 -6.74 7.79 45.45
CA ALA H 88 -5.48 8.03 46.15
C ALA H 88 -5.21 6.95 47.18
N ALA H 89 -6.22 6.68 48.02
CA ALA H 89 -6.11 5.67 49.09
C ALA H 89 -5.84 4.29 48.51
N ALA H 90 -6.61 3.90 47.50
CA ALA H 90 -6.52 2.55 46.96
C ALA H 90 -5.21 2.32 46.21
N VAL H 91 -4.78 3.31 45.44
CA VAL H 91 -3.48 3.18 44.77
C VAL H 91 -2.38 3.13 45.82
N ASP H 92 -2.46 3.99 46.83
CA ASP H 92 -1.47 3.97 47.92
C ASP H 92 -1.37 2.64 48.65
N GLU H 93 -2.51 1.96 48.83
CA GLU H 93 -2.55 0.62 49.41
C GLU H 93 -1.56 -0.31 48.71
N ALA H 94 -1.69 -0.38 47.38
CA ALA H 94 -0.88 -1.26 46.56
C ALA H 94 0.60 -0.86 46.60
N LEU H 95 0.85 0.45 46.58
CA LEU H 95 2.23 0.97 46.64
C LEU H 95 2.96 0.51 47.90
N GLU H 96 2.26 0.52 49.03
CA GLU H 96 2.86 0.12 50.29
C GLU H 96 2.89 -1.41 50.45
N ALA H 97 1.84 -2.10 50.00
CA ALA H 97 1.83 -3.56 50.03
C ALA H 97 3.01 -4.14 49.25
N ASP H 98 3.22 -3.63 48.04
CA ASP H 98 4.24 -4.18 47.15
C ASP H 98 5.62 -3.57 47.32
N ARG H 99 5.87 -2.84 48.40
CA ARG H 99 7.11 -2.09 48.51
C ARG H 99 8.36 -2.99 48.48
N GLU H 100 8.26 -4.15 49.11
CA GLU H 100 9.35 -5.12 49.07
C GLU H 100 9.05 -6.31 48.14
N ALA H 101 7.91 -6.25 47.45
CA ALA H 101 7.45 -7.33 46.58
C ALA H 101 8.43 -7.61 45.43
N PRO H 102 8.51 -8.90 45.00
CA PRO H 102 9.29 -9.23 43.80
C PRO H 102 8.76 -8.48 42.57
N ARG H 103 7.47 -8.62 42.33
CA ARG H 103 6.82 -7.96 41.22
C ARG H 103 5.81 -6.92 41.70
N LYS H 104 6.06 -5.66 41.39
CA LYS H 104 5.12 -4.57 41.66
C LYS H 104 3.85 -4.81 40.85
N ARG H 105 2.70 -4.86 41.52
CA ARG H 105 1.47 -5.23 40.82
C ARG H 105 1.01 -4.18 39.79
N ALA H 106 0.38 -4.66 38.71
CA ALA H 106 -0.15 -3.78 37.68
C ALA H 106 -1.39 -3.03 38.20
N LEU H 107 -1.54 -1.79 37.76
CA LEU H 107 -2.71 -1.01 38.07
C LEU H 107 -3.44 -0.78 36.78
N LEU H 108 -4.64 -1.34 36.71
CA LEU H 108 -5.44 -1.28 35.52
C LEU H 108 -6.60 -0.33 35.75
N ALA H 109 -6.47 0.87 35.23
CA ALA H 109 -7.51 1.87 35.39
C ALA H 109 -8.54 1.71 34.27
N ILE H 110 -9.72 1.21 34.63
CA ILE H 110 -10.79 1.12 33.66
C ILE H 110 -11.48 2.46 33.65
N VAL H 111 -11.40 3.15 32.52
CA VAL H 111 -11.81 4.54 32.48
C VAL H 111 -13.14 4.71 31.76
N ASP H 112 -14.08 5.31 32.47
CA ASP H 112 -15.37 5.71 31.91
C ASP H 112 -15.92 6.78 32.85
N VAL H 113 -15.43 7.99 32.66
CA VAL H 113 -15.75 9.09 33.54
C VAL H 113 -16.23 10.25 32.69
N PRO H 114 -17.48 10.69 32.95
CA PRO H 114 -18.15 11.71 32.14
C PRO H 114 -17.54 13.08 32.35
N SER H 115 -17.02 13.35 33.54
CA SER H 115 -16.53 14.68 33.92
C SER H 115 -16.11 14.72 35.37
N GLN H 116 -15.44 15.80 35.75
CA GLN H 116 -15.23 16.11 37.14
C GLN H 116 -16.56 16.64 37.70
N ALA H 117 -16.76 16.47 39.00
CA ALA H 117 -17.99 16.95 39.63
C ALA H 117 -18.02 18.47 39.65
N TYR H 118 -19.15 19.05 39.25
CA TYR H 118 -19.36 20.49 39.30
C TYR H 118 -20.26 20.84 40.49
N GLY H 119 -19.77 21.64 41.43
CA GLY H 119 -20.59 21.97 42.58
C GLY H 119 -19.96 22.83 43.66
N ARG H 120 -20.82 23.36 44.52
CA ARG H 120 -20.36 24.24 45.58
C ARG H 120 -19.58 23.50 46.65
N ARG H 121 -20.14 22.39 47.12
CA ARG H 121 -19.43 21.53 48.05
C ARG H 121 -18.03 21.22 47.49
N GLU H 122 -17.99 20.87 46.21
CA GLU H 122 -16.74 20.41 45.59
C GLU H 122 -15.67 21.49 45.64
N GLU H 123 -15.99 22.71 45.20
CA GLU H 123 -15.01 23.79 45.24
C GLU H 123 -14.64 24.22 46.67
N ALA H 124 -15.65 24.31 47.53
CA ALA H 124 -15.42 24.73 48.92
C ALA H 124 -14.49 23.76 49.66
N LEU H 125 -14.69 22.46 49.45
CA LEU H 125 -13.89 21.46 50.14
C LEU H 125 -12.62 21.09 49.37
N GLY H 126 -12.42 21.72 48.21
CA GLY H 126 -11.18 21.59 47.48
C GLY H 126 -11.08 20.37 46.57
N ILE H 127 -12.05 20.22 45.68
CA ILE H 127 -12.05 19.11 44.74
C ILE H 127 -10.75 19.06 43.92
N HIS H 128 -10.17 20.22 43.61
CA HIS H 128 -8.90 20.22 42.88
C HIS H 128 -7.83 19.47 43.68
N GLN H 129 -7.87 19.60 45.00
CA GLN H 129 -6.87 18.93 45.84
C GLN H 129 -7.12 17.43 45.89
N ALA H 130 -8.39 17.04 45.90
CA ALA H 130 -8.77 15.63 45.94
C ALA H 130 -8.34 14.88 44.68
N LEU H 131 -8.52 15.51 43.52
CA LEU H 131 -8.12 14.88 42.26
C LEU H 131 -6.59 14.85 42.19
N ALA H 132 -5.92 15.84 42.78
CA ALA H 132 -4.47 15.83 42.84
C ALA H 132 -3.96 14.64 43.66
N GLY H 133 -4.70 14.26 44.71
CA GLY H 133 -4.29 13.13 45.52
C GLY H 133 -4.25 11.88 44.65
N ALA H 134 -5.27 11.74 43.81
CA ALA H 134 -5.37 10.62 42.89
C ALA H 134 -4.19 10.64 41.91
N VAL H 135 -3.93 11.80 41.28
CA VAL H 135 -2.82 11.91 40.33
C VAL H 135 -1.48 11.54 40.99
N ASP H 136 -1.27 12.07 42.20
CA ASP H 136 -0.01 11.89 42.92
C ASP H 136 0.29 10.44 43.23
N ALA H 137 -0.73 9.72 43.72
CA ALA H 137 -0.61 8.30 44.02
C ALA H 137 -0.32 7.47 42.74
N TYR H 138 -1.13 7.66 41.72
CA TYR H 138 -0.88 7.03 40.43
C TYR H 138 0.55 7.25 39.88
N ALA H 139 1.00 8.49 39.84
CA ALA H 139 2.33 8.80 39.32
C ALA H 139 3.42 8.20 40.18
N ARG H 140 3.28 8.30 41.50
CA ARG H 140 4.27 7.71 42.42
C ARG H 140 4.36 6.20 42.25
N ALA H 141 3.22 5.57 41.99
CA ALA H 141 3.16 4.13 41.76
C ALA H 141 3.89 3.76 40.46
N ARG H 142 3.65 4.53 39.40
CA ARG H 142 4.34 4.31 38.13
C ARG H 142 5.84 4.54 38.30
N LEU H 143 6.21 5.58 39.04
CA LEU H 143 7.63 5.88 39.25
C LEU H 143 8.33 4.79 40.06
N ALA H 144 7.59 4.19 41.01
CA ALA H 144 8.17 3.11 41.80
C ALA H 144 8.26 1.80 41.03
N GLY H 145 7.63 1.73 39.86
CA GLY H 145 7.78 0.56 39.02
C GLY H 145 6.53 -0.25 38.80
N HIS H 146 5.40 0.22 39.31
CA HIS H 146 4.13 -0.42 38.97
C HIS H 146 3.77 -0.14 37.51
N PRO H 147 3.44 -1.19 36.76
CA PRO H 147 2.94 -0.95 35.40
C PRO H 147 1.54 -0.39 35.47
N LEU H 148 1.30 0.77 34.84
CA LEU H 148 -0.03 1.38 34.81
C LEU H 148 -0.58 1.28 33.44
N ILE H 149 -1.77 0.70 33.32
CA ILE H 149 -2.44 0.66 32.05
C ILE H 149 -3.78 1.34 32.20
N GLY H 150 -4.09 2.26 31.30
CA GLY H 150 -5.39 2.88 31.24
C GLY H 150 -6.19 2.30 30.08
N LEU H 151 -7.36 1.74 30.39
CA LEU H 151 -8.19 1.14 29.35
C LEU H 151 -9.45 1.96 29.21
N LEU H 152 -9.60 2.61 28.06
CA LEU H 152 -10.68 3.57 27.87
C LEU H 152 -11.90 2.88 27.23
N VAL H 153 -12.94 2.63 28.03
CA VAL H 153 -14.11 1.91 27.52
C VAL H 153 -15.28 2.87 27.29
N GLY H 154 -15.09 4.16 27.58
CA GLY H 154 -16.16 5.12 27.42
C GLY H 154 -15.67 6.56 27.40
N LYS H 155 -16.22 7.39 28.28
CA LYS H 155 -15.79 8.76 28.35
C LYS H 155 -14.49 8.86 29.13
N ALA H 156 -13.60 9.71 28.67
CA ALA H 156 -12.39 10.04 29.40
C ALA H 156 -12.27 11.54 29.35
N MET H 157 -12.91 12.21 30.30
CA MET H 157 -13.05 13.65 30.18
C MET H 157 -12.28 14.46 31.23
N SER H 158 -11.54 15.44 30.74
CA SER H 158 -11.06 16.51 31.59
C SER H 158 -10.31 16.04 32.81
N GLY H 159 -10.56 16.69 33.94
CA GLY H 159 -9.87 16.39 35.20
C GLY H 159 -10.20 15.03 35.78
N ALA H 160 -11.34 14.46 35.38
CA ALA H 160 -11.66 13.08 35.76
C ALA H 160 -10.65 12.10 35.15
N PHE H 161 -10.32 12.29 33.87
CA PHE H 161 -9.33 11.43 33.21
C PHE H 161 -7.94 11.74 33.78
N LEU H 162 -7.69 13.01 34.12
CA LEU H 162 -6.40 13.34 34.68
C LEU H 162 -6.18 12.56 35.96
N ALA H 163 -7.19 12.51 36.82
CA ALA H 163 -7.07 11.83 38.12
C ALA H 163 -7.15 10.31 37.97
N HIS H 164 -7.91 9.84 36.98
CA HIS H 164 -8.10 8.41 36.78
C HIS H 164 -7.76 8.00 35.33
N GLY H 165 -6.50 7.64 35.11
CA GLY H 165 -6.09 7.10 33.83
C GLY H 165 -4.91 7.77 33.12
N TYR H 166 -4.80 9.09 33.21
CA TYR H 166 -3.88 9.79 32.33
C TYR H 166 -2.42 9.71 32.83
N GLN H 167 -2.17 9.06 33.97
CA GLN H 167 -0.80 8.88 34.41
C GLN H 167 -0.20 7.55 33.93
N ALA H 168 -0.96 6.82 33.10
CA ALA H 168 -0.60 5.45 32.74
C ALA H 168 0.62 5.32 31.81
N ASN H 169 1.44 4.30 32.05
CA ASN H 169 2.55 3.95 31.17
C ASN H 169 2.01 3.76 29.73
N ARG H 170 0.85 3.12 29.63
CA ARG H 170 0.25 2.82 28.33
C ARG H 170 -1.24 3.07 28.38
N LEU H 171 -1.78 3.66 27.31
CA LEU H 171 -3.21 3.87 27.19
C LEU H 171 -3.79 2.95 26.10
N ILE H 172 -4.93 2.35 26.38
CA ILE H 172 -5.59 1.48 25.41
C ILE H 172 -7.03 1.95 25.29
N ALA H 173 -7.52 2.11 24.07
CA ALA H 173 -8.90 2.49 23.88
C ALA H 173 -9.68 1.42 23.11
N LEU H 174 -10.92 1.16 23.51
CA LEU H 174 -11.80 0.38 22.67
C LEU H 174 -12.14 1.25 21.48
N HIS H 175 -12.04 0.70 20.27
CA HIS H 175 -12.42 1.50 19.11
C HIS H 175 -13.92 1.48 18.92
N ASP H 176 -14.58 2.50 19.45
CA ASP H 176 -16.03 2.56 19.50
C ASP H 176 -16.48 4.01 19.63
N PRO H 177 -17.60 4.38 18.97
CA PRO H 177 -18.05 5.79 18.95
C PRO H 177 -18.39 6.39 20.32
N GLY H 178 -18.56 5.55 21.33
CA GLY H 178 -18.85 6.01 22.67
C GLY H 178 -17.60 6.21 23.53
N VAL H 179 -16.45 5.79 23.01
CA VAL H 179 -15.17 6.11 23.60
C VAL H 179 -14.72 7.50 23.12
N MET H 180 -14.67 8.45 24.05
CA MET H 180 -14.30 9.83 23.75
C MET H 180 -13.31 10.40 24.76
N VAL H 181 -12.29 11.10 24.26
CA VAL H 181 -11.37 11.85 25.10
C VAL H 181 -11.48 13.31 24.76
N HIS H 182 -11.62 14.17 25.76
CA HIS H 182 -11.66 15.60 25.51
C HIS H 182 -11.52 16.41 26.80
N ALA H 183 -11.44 17.74 26.65
CA ALA H 183 -11.28 18.61 27.80
C ALA H 183 -12.64 19.13 28.29
N MET H 184 -13.66 19.04 27.45
CA MET H 184 -15.02 19.40 27.87
C MET H 184 -16.09 18.75 26.99
N GLY H 185 -17.28 18.59 27.56
CA GLY H 185 -18.37 17.96 26.86
C GLY H 185 -18.84 18.74 25.65
N LYS H 186 -19.28 18.01 24.62
CA LYS H 186 -19.74 18.58 23.36
C LYS H 186 -20.73 19.71 23.56
N ALA H 187 -21.68 19.52 24.49
CA ALA H 187 -22.66 20.54 24.83
C ALA H 187 -21.99 21.84 25.26
N ALA H 188 -21.11 21.73 26.25
CA ALA H 188 -20.40 22.88 26.79
C ALA H 188 -19.53 23.57 25.72
N ALA H 189 -18.91 22.76 24.86
CA ALA H 189 -18.11 23.31 23.77
C ALA H 189 -18.99 24.05 22.78
N ALA H 190 -20.09 23.42 22.37
CA ALA H 190 -21.01 23.97 21.36
C ALA H 190 -21.77 25.21 21.85
N ARG H 191 -21.84 25.40 23.17
CA ARG H 191 -22.59 26.52 23.75
C ARG H 191 -21.69 27.77 23.88
N ILE H 192 -20.39 27.58 24.11
CA ILE H 192 -19.43 28.68 24.04
C ILE H 192 -19.06 28.96 22.55
N THR H 193 -19.55 28.10 21.66
CA THR H 193 -19.33 28.31 20.21
C THR H 193 -20.67 28.38 19.47
N GLU H 201 -21.30 22.62 14.02
CA GLU H 201 -21.31 21.63 15.08
C GLU H 201 -19.91 21.04 15.31
N ALA H 202 -19.70 19.83 14.80
CA ALA H 202 -18.39 19.20 14.79
C ALA H 202 -17.51 19.88 13.75
N LEU H 203 -17.44 21.21 13.86
CA LEU H 203 -16.44 22.07 13.23
C LEU H 203 -15.03 21.52 13.43
N ALA H 204 -14.85 20.93 14.61
CA ALA H 204 -13.56 20.43 15.06
C ALA H 204 -13.13 19.11 14.40
N ALA H 205 -13.69 18.79 13.25
CA ALA H 205 -13.34 17.55 12.58
C ALA H 205 -12.07 17.71 11.77
N LYS H 206 -11.68 18.96 11.54
CA LYS H 206 -10.46 19.25 10.78
C LYS H 206 -9.32 19.72 11.69
N VAL H 207 -9.62 19.96 12.97
CA VAL H 207 -8.61 20.25 13.97
C VAL H 207 -8.49 19.07 14.95
N PRO H 208 -7.58 18.12 14.68
CA PRO H 208 -7.47 16.88 15.46
C PRO H 208 -7.41 17.06 17.00
N PRO H 209 -6.68 18.07 17.52
CA PRO H 209 -6.75 18.21 18.99
C PRO H 209 -8.13 18.60 19.52
N MET H 210 -8.98 19.13 18.63
CA MET H 210 -10.30 19.61 19.03
C MET H 210 -11.39 18.55 18.87
N ALA H 211 -11.07 17.48 18.16
CA ALA H 211 -12.09 16.48 17.83
C ALA H 211 -12.34 15.51 18.98
N TYR H 212 -13.55 14.94 18.99
CA TYR H 212 -13.99 14.04 20.04
C TYR H 212 -13.78 12.56 19.75
N ASP H 213 -13.66 12.20 18.48
CA ASP H 213 -13.64 10.79 18.13
C ASP H 213 -12.30 10.16 18.46
N ILE H 214 -12.30 8.86 18.71
CA ILE H 214 -11.08 8.20 19.15
C ILE H 214 -10.00 8.14 18.04
N ASP H 215 -10.42 8.14 16.77
CA ASP H 215 -9.45 8.15 15.65
C ASP H 215 -8.57 9.39 15.67
N SER H 216 -9.20 10.55 15.83
CA SER H 216 -8.46 11.80 15.96
C SER H 216 -7.50 11.75 17.14
N TYR H 217 -7.99 11.28 18.27
CA TYR H 217 -7.16 11.12 19.46
C TYR H 217 -5.94 10.22 19.19
N ALA H 218 -6.19 9.08 18.54
CA ALA H 218 -5.11 8.17 18.16
C ALA H 218 -4.03 8.91 17.36
N SER H 219 -4.48 9.83 16.49
CA SER H 219 -3.56 10.56 15.61
C SER H 219 -2.64 11.51 16.37
N LEU H 220 -2.95 11.77 17.65
CA LEU H 220 -2.07 12.56 18.52
C LEU H 220 -0.93 11.70 19.04
N GLY H 221 -1.03 10.39 18.84
CA GLY H 221 0.00 9.47 19.26
C GLY H 221 0.01 9.10 20.74
N LEU H 222 -1.14 9.23 21.41
CA LEU H 222 -1.20 9.02 22.85
C LEU H 222 -1.70 7.61 23.25
N LEU H 223 -2.29 6.88 22.30
CA LEU H 223 -2.74 5.52 22.57
C LEU H 223 -1.70 4.48 22.13
N TRP H 224 -1.36 3.54 23.01
CA TRP H 224 -0.48 2.43 22.62
C TRP H 224 -1.21 1.45 21.69
N ARG H 225 -2.53 1.38 21.84
CA ARG H 225 -3.34 0.54 20.97
C ARG H 225 -4.84 0.87 21.01
N THR H 226 -5.50 0.66 19.87
CA THR H 226 -6.96 0.65 19.84
C THR H 226 -7.45 -0.78 19.57
N LEU H 227 -8.63 -1.10 20.10
CA LEU H 227 -9.21 -2.45 20.02
C LEU H 227 -10.70 -2.38 19.72
N PRO H 228 -11.09 -2.72 18.49
CA PRO H 228 -12.55 -2.79 18.27
C PRO H 228 -13.16 -4.04 18.92
N VAL H 229 -14.45 -3.97 19.25
CA VAL H 229 -15.11 -5.05 20.00
C VAL H 229 -16.51 -5.35 19.47
N GLU H 230 -16.97 -6.59 19.69
CA GLU H 230 -18.29 -7.03 19.26
C GLU H 230 -19.39 -6.28 19.97
N THR H 231 -19.35 -6.34 21.29
CA THR H 231 -20.42 -5.82 22.12
C THR H 231 -19.82 -4.97 23.25
N VAL H 232 -19.79 -3.65 23.02
CA VAL H 232 -19.07 -2.73 23.90
C VAL H 232 -19.75 -2.53 25.27
N GLU H 233 -21.07 -2.66 25.32
CA GLU H 233 -21.82 -2.54 26.58
C GLU H 233 -21.63 -3.76 27.45
N VAL H 234 -21.74 -4.93 26.83
CA VAL H 234 -21.63 -6.19 27.52
C VAL H 234 -20.54 -6.96 26.74
N PRO H 235 -19.31 -6.93 27.25
CA PRO H 235 -18.24 -7.60 26.51
C PRO H 235 -18.52 -9.09 26.27
N SER H 236 -18.36 -9.53 25.03
CA SER H 236 -18.57 -10.92 24.69
C SER H 236 -17.39 -11.74 25.18
N THR H 237 -17.49 -13.05 25.02
CA THR H 237 -16.43 -13.97 25.43
C THR H 237 -15.18 -13.73 24.58
N ALA H 238 -15.39 -13.45 23.28
CA ALA H 238 -14.27 -13.22 22.35
C ALA H 238 -13.63 -11.86 22.63
N ASP H 239 -14.45 -10.87 22.98
CA ASP H 239 -13.97 -9.56 23.36
C ASP H 239 -13.05 -9.64 24.58
N LEU H 240 -13.44 -10.43 25.58
CA LEU H 240 -12.65 -10.49 26.80
C LEU H 240 -11.33 -11.19 26.57
N VAL H 241 -11.30 -12.07 25.58
CA VAL H 241 -10.07 -12.77 25.24
C VAL H 241 -9.07 -11.80 24.59
N ARG H 242 -9.56 -11.00 23.64
CA ARG H 242 -8.69 -10.05 22.94
C ARG H 242 -8.22 -8.96 23.87
N VAL H 243 -9.13 -8.37 24.64
CA VAL H 243 -8.77 -7.32 25.60
C VAL H 243 -7.78 -7.85 26.64
N ARG H 244 -8.01 -9.05 27.17
CA ARG H 244 -7.09 -9.61 28.15
C ARG H 244 -5.72 -9.88 27.56
N THR H 245 -5.69 -10.32 26.31
CA THR H 245 -4.42 -10.57 25.63
C THR H 245 -3.68 -9.25 25.40
N CYS H 246 -4.42 -8.22 24.99
CA CYS H 246 -3.83 -6.93 24.77
C CYS H 246 -3.25 -6.35 26.07
N LEU H 247 -3.98 -6.52 27.16
CA LEU H 247 -3.51 -6.03 28.46
C LEU H 247 -2.20 -6.73 28.80
N GLY H 248 -2.18 -8.04 28.58
CA GLY H 248 -0.97 -8.81 28.83
C GLY H 248 0.21 -8.28 28.04
N GLU H 249 0.00 -8.03 26.75
CA GLU H 249 1.07 -7.55 25.89
C GLU H 249 1.53 -6.15 26.32
N ALA H 250 0.58 -5.31 26.72
CA ALA H 250 0.91 -3.98 27.24
C ALA H 250 1.79 -4.11 28.50
N LEU H 251 1.37 -4.99 29.40
CA LEU H 251 2.13 -5.25 30.61
C LEU H 251 3.56 -5.65 30.26
N ALA H 252 3.70 -6.56 29.31
CA ALA H 252 5.01 -7.04 28.90
C ALA H 252 5.84 -5.88 28.30
N ASP H 253 5.16 -4.98 27.60
CA ASP H 253 5.85 -3.90 26.91
C ASP H 253 6.39 -2.82 27.87
N ILE H 254 5.74 -2.71 29.04
CA ILE H 254 6.16 -1.78 30.09
C ILE H 254 7.36 -2.26 30.93
N LEU H 255 7.28 -3.50 31.40
CA LEU H 255 8.27 -4.02 32.32
C LEU H 255 9.67 -3.97 31.73
N GLY H 256 10.64 -3.56 32.54
CA GLY H 256 12.01 -3.45 32.10
C GLY H 256 12.42 -2.15 31.41
N GLY H 257 11.45 -1.36 30.97
CA GLY H 257 11.76 -0.16 30.21
C GLY H 257 11.61 1.13 30.98
N PRO H 258 11.72 2.28 30.29
CA PRO H 258 11.55 3.60 30.91
C PRO H 258 10.20 3.70 31.60
N ARG H 259 10.16 4.36 32.75
CA ARG H 259 8.92 4.43 33.50
C ARG H 259 8.19 5.74 33.23
N ASP H 260 8.75 6.59 32.37
CA ASP H 260 8.13 7.89 32.11
C ASP H 260 7.07 7.85 31.02
N LEU H 261 6.68 9.03 30.55
CA LEU H 261 5.60 9.15 29.58
C LEU H 261 6.11 9.47 28.17
N GLY H 262 7.43 9.35 27.98
CA GLY H 262 8.08 9.54 26.70
C GLY H 262 7.52 8.89 25.45
N GLY H 263 6.87 7.72 25.59
CA GLY H 263 6.23 7.06 24.45
C GLY H 263 5.05 7.84 23.85
N ARG H 264 4.61 8.88 24.54
CA ARG H 264 3.47 9.66 24.02
C ARG H 264 3.89 10.77 23.02
N LEU H 265 5.17 10.84 22.67
CA LEU H 265 5.71 11.93 21.83
C LEU H 265 6.09 11.55 20.39
N GLY H 266 5.61 10.41 19.89
CA GLY H 266 5.98 10.00 18.54
C GLY H 266 5.16 10.45 17.33
N ALA H 267 3.93 10.93 17.51
CA ALA H 267 3.10 11.25 16.34
C ALA H 267 3.43 12.62 15.73
N ALA H 268 3.19 12.74 14.43
CA ALA H 268 3.46 14.00 13.73
C ALA H 268 2.62 15.11 14.31
N ASN H 269 1.39 14.79 14.73
CA ASN H 269 0.49 15.81 15.27
C ASN H 269 0.98 16.39 16.61
N ARG H 270 1.96 15.72 17.23
CA ARG H 270 2.58 16.26 18.45
C ARG H 270 4.02 16.67 18.20
N GLU H 271 4.33 16.90 16.94
CA GLU H 271 5.65 17.37 16.54
C GLU H 271 6.13 18.56 17.40
N ALA H 272 5.22 19.50 17.67
CA ALA H 272 5.61 20.70 18.41
C ALA H 272 6.04 20.32 19.83
N SER H 273 5.37 19.31 20.39
CA SER H 273 5.68 18.87 21.75
C SER H 273 7.09 18.29 21.88
N ALA H 274 7.50 17.54 20.87
CA ALA H 274 8.82 16.94 20.84
C ALA H 274 9.89 18.01 20.62
N ARG H 275 9.63 18.90 19.66
CA ARG H 275 10.57 19.96 19.29
C ARG H 275 10.83 20.91 20.46
N VAL H 276 9.79 21.26 21.21
CA VAL H 276 9.99 22.09 22.40
C VAL H 276 11.02 21.43 23.33
N ARG H 277 10.85 20.13 23.58
CA ARG H 277 11.75 19.44 24.50
C ARG H 277 13.16 19.41 23.96
N ARG H 278 13.29 19.21 22.65
CA ARG H 278 14.58 19.27 22.00
C ARG H 278 15.25 20.66 22.20
N LEU H 279 14.51 21.72 21.90
CA LEU H 279 15.03 23.07 22.10
C LEU H 279 15.36 23.39 23.57
N LEU H 280 14.53 22.90 24.49
CA LEU H 280 14.78 23.12 25.93
C LEU H 280 16.11 22.50 26.35
N ARG H 281 16.41 21.29 25.87
CA ARG H 281 17.68 20.70 26.29
C ARG H 281 18.88 21.38 25.62
N GLU H 282 18.76 21.75 24.34
CA GLU H 282 19.86 22.46 23.68
C GLU H 282 20.22 23.73 24.43
N GLN H 283 19.20 24.38 24.99
CA GLN H 283 19.38 25.66 25.65
C GLN H 283 19.50 25.55 27.16
N TRP H 284 19.34 24.36 27.72
CA TRP H 284 19.24 24.21 29.17
C TRP H 284 20.48 24.65 29.93
N PRO I 7 -34.15 -30.99 24.11
CA PRO I 7 -33.35 -30.60 22.94
C PRO I 7 -31.97 -30.07 23.35
N PRO I 8 -30.95 -30.32 22.52
CA PRO I 8 -29.57 -29.89 22.82
C PRO I 8 -29.42 -28.37 22.92
N PRO I 9 -28.55 -27.90 23.82
CA PRO I 9 -28.29 -26.47 24.07
C PRO I 9 -27.94 -25.66 22.80
N GLN I 10 -26.92 -26.07 22.05
CA GLN I 10 -26.46 -25.25 20.92
C GLN I 10 -27.39 -25.32 19.71
N TRP I 11 -28.50 -26.03 19.83
CA TRP I 11 -29.52 -26.03 18.79
C TRP I 11 -30.85 -25.44 19.31
N SER I 12 -30.84 -24.93 20.53
CA SER I 12 -32.07 -24.38 21.10
C SER I 12 -31.80 -23.02 21.75
N ARG I 13 -30.91 -22.23 21.14
CA ARG I 13 -30.56 -20.91 21.64
C ARG I 13 -31.77 -19.98 21.67
N ARG I 14 -32.64 -20.11 20.67
CA ARG I 14 -33.82 -19.25 20.59
C ARG I 14 -34.81 -19.61 21.69
N ARG I 15 -34.94 -20.91 21.96
CA ARG I 15 -35.88 -21.36 22.99
C ARG I 15 -35.43 -20.86 24.37
N GLN I 16 -34.13 -20.97 24.63
CA GLN I 16 -33.54 -20.49 25.88
C GLN I 16 -33.80 -18.99 26.07
N GLU I 17 -33.49 -18.21 25.03
CA GLU I 17 -33.70 -16.77 25.04
C GLU I 17 -35.18 -16.42 25.29
N LYS I 18 -36.09 -17.16 24.66
CA LYS I 18 -37.51 -16.95 24.93
C LYS I 18 -37.85 -17.25 26.39
N GLN I 19 -37.31 -18.34 26.91
CA GLN I 19 -37.60 -18.70 28.29
C GLN I 19 -37.00 -17.70 29.29
N ARG I 20 -35.85 -17.14 28.97
CA ARG I 20 -35.22 -16.12 29.81
C ARG I 20 -36.09 -14.87 29.88
N ARG I 21 -36.53 -14.37 28.73
CA ARG I 21 -37.39 -13.19 28.69
C ARG I 21 -38.69 -13.41 29.44
N LEU I 22 -39.27 -14.60 29.33
CA LEU I 22 -40.49 -14.95 30.02
C LEU I 22 -40.31 -14.94 31.56
N GLU I 23 -39.12 -15.32 32.02
CA GLU I 23 -38.81 -15.29 33.45
C GLU I 23 -38.89 -13.86 33.98
N ARG I 24 -38.37 -12.90 33.21
CA ARG I 24 -38.31 -11.49 33.63
C ARG I 24 -39.69 -10.84 33.83
N VAL I 25 -40.76 -11.56 33.54
CA VAL I 25 -42.09 -11.02 33.75
C VAL I 25 -42.97 -11.90 34.60
N ARG I 26 -42.46 -13.09 34.95
CA ARG I 26 -43.28 -14.09 35.64
C ARG I 26 -43.92 -13.51 36.90
N GLY I 27 -43.23 -12.59 37.55
CA GLY I 27 -43.77 -11.92 38.71
C GLY I 27 -44.82 -10.91 38.33
N LEU I 28 -44.53 -10.14 37.28
CA LEU I 28 -45.38 -9.06 36.83
C LEU I 28 -46.71 -9.54 36.23
N ALA I 29 -46.73 -10.76 35.69
CA ALA I 29 -47.89 -11.24 34.96
C ALA I 29 -48.66 -12.30 35.74
N ASP I 30 -49.95 -12.40 35.45
CA ASP I 30 -50.77 -13.48 36.01
C ASP I 30 -51.11 -14.51 34.94
N GLY I 31 -50.23 -15.49 34.78
CA GLY I 31 -50.42 -16.50 33.74
C GLY I 31 -50.16 -15.87 32.38
N ALA I 32 -51.12 -15.99 31.48
CA ALA I 32 -50.99 -15.37 30.16
C ALA I 32 -51.38 -13.88 30.19
N VAL I 33 -52.07 -13.46 31.25
CA VAL I 33 -52.57 -12.09 31.31
C VAL I 33 -51.55 -11.13 31.92
N LEU I 34 -51.19 -10.10 31.15
CA LEU I 34 -50.35 -9.02 31.64
C LEU I 34 -51.23 -7.90 32.18
N PRO I 35 -50.76 -7.22 33.25
CA PRO I 35 -51.44 -6.06 33.82
C PRO I 35 -51.28 -4.83 32.93
N ARG I 36 -52.41 -4.23 32.56
CA ARG I 36 -52.44 -3.04 31.73
C ARG I 36 -51.50 -1.97 32.29
N GLU I 37 -51.38 -1.95 33.62
CA GLU I 37 -50.57 -0.96 34.32
C GLU I 37 -49.09 -1.23 34.17
N GLY I 38 -48.71 -2.52 34.14
CA GLY I 38 -47.32 -2.90 34.00
C GLY I 38 -46.81 -3.07 32.58
N LEU I 39 -47.66 -2.81 31.60
CA LEU I 39 -47.35 -3.12 30.20
C LEU I 39 -46.02 -2.56 29.72
N VAL I 40 -45.77 -1.29 30.00
CA VAL I 40 -44.53 -0.66 29.53
C VAL I 40 -43.31 -1.34 30.14
N ALA I 41 -43.43 -1.79 31.39
CA ALA I 41 -42.33 -2.51 32.03
C ALA I 41 -42.18 -3.88 31.42
N ALA I 42 -43.32 -4.53 31.16
CA ALA I 42 -43.33 -5.83 30.50
C ALA I 42 -42.66 -5.73 29.12
N LEU I 43 -42.99 -4.67 28.38
CA LEU I 43 -42.44 -4.48 27.05
C LEU I 43 -40.92 -4.31 27.13
N GLU I 44 -40.46 -3.58 28.13
CA GLU I 44 -39.03 -3.37 28.33
C GLU I 44 -38.34 -4.67 28.72
N ALA I 45 -39.12 -5.62 29.25
CA ALA I 45 -38.60 -6.91 29.65
C ALA I 45 -38.60 -7.93 28.51
N LEU I 46 -39.69 -7.96 27.75
CA LEU I 46 -39.88 -8.98 26.72
C LEU I 46 -39.17 -8.66 25.41
N ILE I 47 -39.07 -7.37 25.09
CA ILE I 47 -38.41 -6.91 23.87
C ILE I 47 -36.96 -6.53 24.19
N ALA I 48 -36.03 -6.81 23.27
CA ALA I 48 -34.63 -6.45 23.48
C ALA I 48 -34.17 -5.51 22.37
N PRO I 49 -33.11 -4.73 22.64
CA PRO I 49 -32.64 -3.83 21.59
C PRO I 49 -32.19 -4.57 20.33
N GLY I 50 -32.48 -4.01 19.16
CA GLY I 50 -32.16 -4.65 17.89
C GLY I 50 -33.18 -5.72 17.46
N ASP I 51 -34.20 -5.93 18.27
CA ASP I 51 -35.25 -6.89 17.95
C ASP I 51 -36.02 -6.52 16.70
N ARG I 52 -36.31 -7.50 15.85
CA ARG I 52 -37.30 -7.33 14.81
C ARG I 52 -38.67 -7.41 15.45
N VAL I 53 -39.41 -6.31 15.41
CA VAL I 53 -40.73 -6.30 16.03
C VAL I 53 -41.82 -6.03 15.01
N VAL I 54 -42.74 -6.97 14.88
CA VAL I 54 -43.93 -6.76 14.08
C VAL I 54 -44.96 -6.02 14.91
N LEU I 55 -45.43 -4.88 14.40
CA LEU I 55 -46.48 -4.10 15.09
C LEU I 55 -47.68 -3.82 14.17
N GLU I 56 -48.86 -4.18 14.65
CA GLU I 56 -50.03 -4.07 13.82
C GLU I 56 -50.42 -2.63 13.64
N GLY I 57 -49.80 -2.08 12.61
CA GLY I 57 -50.43 -1.18 11.70
C GLY I 57 -50.86 -2.15 10.63
N ASN I 58 -52.09 -2.65 10.73
CA ASN I 58 -52.73 -3.29 9.61
C ASN I 58 -53.46 -2.19 8.86
N ASN I 59 -53.99 -2.47 7.66
CA ASN I 59 -54.72 -1.46 6.91
C ASN I 59 -55.83 -0.79 7.71
N GLN I 60 -56.58 -1.60 8.46
CA GLN I 60 -57.70 -1.08 9.22
C GLN I 60 -57.48 -1.17 10.75
N LYS I 61 -57.20 -2.38 11.26
CA LYS I 61 -56.97 -2.62 12.68
C LYS I 61 -55.63 -2.06 13.17
N GLN I 62 -55.65 -1.31 14.27
CA GLN I 62 -54.42 -0.84 14.89
C GLN I 62 -54.34 -1.36 16.33
N ALA I 63 -53.20 -1.92 16.73
CA ALA I 63 -52.98 -2.23 18.15
C ALA I 63 -52.45 -0.99 18.82
N ASP I 64 -53.29 0.03 18.92
CA ASP I 64 -52.84 1.36 19.30
C ASP I 64 -52.47 1.42 20.78
N PHE I 65 -53.05 0.55 21.60
CA PHE I 65 -52.62 0.51 22.99
C PHE I 65 -51.17 0.02 23.08
N LEU I 66 -50.86 -1.10 22.42
CA LEU I 66 -49.48 -1.56 22.38
C LEU I 66 -48.59 -0.52 21.71
N SER I 67 -49.12 0.11 20.67
CA SER I 67 -48.37 1.11 19.91
C SER I 67 -48.03 2.34 20.76
N ARG I 68 -49.04 2.91 21.39
CA ARG I 68 -48.81 4.03 22.30
C ARG I 68 -47.92 3.62 23.48
N SER I 69 -48.12 2.41 23.99
CA SER I 69 -47.32 1.98 25.15
C SER I 69 -45.85 1.82 24.78
N LEU I 70 -45.58 1.23 23.62
CA LEU I 70 -44.20 1.03 23.16
C LEU I 70 -43.44 2.34 23.02
N ALA I 71 -44.16 3.41 22.70
CA ALA I 71 -43.54 4.70 22.48
C ALA I 71 -43.25 5.43 23.80
N ARG I 72 -43.77 4.89 24.90
CA ARG I 72 -43.53 5.43 26.25
C ARG I 72 -42.39 4.70 26.92
N VAL I 73 -41.75 3.80 26.17
CA VAL I 73 -40.74 2.92 26.71
C VAL I 73 -39.45 3.70 26.88
N ASP I 74 -38.61 3.30 27.82
CA ASP I 74 -37.34 4.00 28.02
C ASP I 74 -36.35 3.68 26.90
N PRO I 75 -35.97 4.70 26.11
CA PRO I 75 -35.07 4.49 24.96
C PRO I 75 -33.69 3.99 25.35
N GLY I 76 -33.37 4.02 26.64
CA GLY I 76 -32.08 3.53 27.10
C GLY I 76 -32.08 2.01 27.15
N LYS I 77 -33.27 1.45 27.39
CA LYS I 77 -33.43 -0.01 27.46
C LYS I 77 -33.80 -0.60 26.08
N LEU I 78 -34.71 0.05 25.37
CA LEU I 78 -35.12 -0.39 24.04
C LEU I 78 -34.76 0.60 22.95
N HIS I 79 -33.68 0.31 22.24
CA HIS I 79 -33.26 1.11 21.09
C HIS I 79 -32.96 0.22 19.89
N ASP I 80 -32.73 0.85 18.73
CA ASP I 80 -32.35 0.14 17.49
C ASP I 80 -33.33 -0.96 17.05
N LEU I 81 -34.57 -0.84 17.48
CA LEU I 81 -35.61 -1.80 17.11
C LEU I 81 -35.86 -1.76 15.60
N HIS I 82 -36.03 -2.94 15.01
CA HIS I 82 -36.29 -3.07 13.59
C HIS I 82 -37.78 -3.35 13.42
N MET I 83 -38.51 -2.31 13.00
CA MET I 83 -39.97 -2.38 12.91
C MET I 83 -40.43 -2.98 11.59
N ILE I 84 -41.38 -3.91 11.70
CA ILE I 84 -41.98 -4.55 10.54
C ILE I 84 -43.47 -4.31 10.59
N MET I 85 -43.96 -3.45 9.70
CA MET I 85 -45.36 -3.02 9.77
C MET I 85 -46.02 -3.04 8.40
N PRO I 86 -47.11 -3.81 8.25
CA PRO I 86 -47.86 -3.69 6.98
C PRO I 86 -48.21 -2.22 6.66
N SER I 87 -48.71 -1.48 7.64
CA SER I 87 -49.17 -0.11 7.45
C SER I 87 -48.64 0.84 8.53
N VAL I 88 -47.88 1.87 8.14
CA VAL I 88 -47.37 2.83 9.11
C VAL I 88 -48.21 4.11 9.10
N GLY I 89 -49.40 4.05 9.69
CA GLY I 89 -50.34 5.16 9.59
C GLY I 89 -50.51 6.08 10.80
N ARG I 90 -50.12 5.61 11.99
CA ARG I 90 -50.39 6.34 13.22
C ARG I 90 -49.17 7.14 13.69
N PRO I 91 -49.39 8.24 14.42
CA PRO I 91 -48.25 9.06 14.85
C PRO I 91 -47.27 8.38 15.83
N GLU I 92 -47.71 7.48 16.72
CA GLU I 92 -46.80 6.75 17.60
C GLU I 92 -45.82 5.89 16.82
N HIS I 93 -46.29 5.37 15.68
CA HIS I 93 -45.46 4.53 14.82
C HIS I 93 -44.17 5.23 14.47
N LEU I 94 -44.26 6.48 14.01
CA LEU I 94 -43.05 7.21 13.63
C LEU I 94 -42.40 7.89 14.84
N ASP I 95 -43.16 8.09 15.91
CA ASP I 95 -42.58 8.62 17.15
C ASP I 95 -41.44 7.73 17.63
N LEU I 96 -41.59 6.42 17.45
CA LEU I 96 -40.55 5.44 17.78
C LEU I 96 -39.20 5.83 17.19
N PHE I 97 -39.22 6.29 15.94
CA PHE I 97 -37.99 6.63 15.24
C PHE I 97 -37.45 7.98 15.69
N GLU I 98 -38.36 8.91 16.01
CA GLU I 98 -37.98 10.23 16.52
C GLU I 98 -37.41 10.13 17.93
N LEU I 99 -38.04 9.33 18.79
CA LEU I 99 -37.59 9.18 20.18
C LEU I 99 -36.33 8.31 20.33
N GLY I 100 -35.88 7.72 19.24
CA GLY I 100 -34.70 6.85 19.28
C GLY I 100 -34.96 5.43 19.79
N ILE I 101 -36.21 5.00 19.74
CA ILE I 101 -36.55 3.65 20.16
C ILE I 101 -36.34 2.67 19.02
N ALA I 102 -36.72 3.10 17.81
CA ALA I 102 -36.62 2.28 16.61
C ALA I 102 -35.72 2.95 15.57
N ARG I 103 -35.07 2.13 14.74
CA ARG I 103 -34.13 2.63 13.73
C ARG I 103 -34.45 2.14 12.30
N LYS I 104 -34.53 0.82 12.10
CA LYS I 104 -34.86 0.24 10.79
C LYS I 104 -36.37 0.02 10.61
N LEU I 105 -36.83 0.18 9.37
CA LEU I 105 -38.25 -0.03 9.05
C LEU I 105 -38.46 -0.79 7.73
N ASP I 106 -39.23 -1.87 7.78
CA ASP I 106 -39.76 -2.52 6.57
C ASP I 106 -41.26 -2.44 6.65
N PHE I 107 -41.89 -1.94 5.59
CA PHE I 107 -43.32 -1.70 5.61
C PHE I 107 -43.89 -1.85 4.21
N SER I 108 -45.22 -1.91 4.11
CA SER I 108 -45.85 -1.95 2.80
C SER I 108 -46.59 -0.65 2.47
N PHE I 109 -47.39 -0.18 3.42
CA PHE I 109 -48.27 0.96 3.15
C PHE I 109 -48.07 2.11 4.13
N SER I 110 -48.10 3.31 3.58
CA SER I 110 -48.13 4.51 4.38
C SER I 110 -49.13 5.42 3.71
N GLY I 111 -49.92 6.11 4.51
CA GLY I 111 -50.94 7.00 3.99
C GLY I 111 -50.49 8.42 4.25
N PRO I 112 -50.91 8.98 5.40
CA PRO I 112 -50.68 10.36 5.87
C PRO I 112 -49.22 10.65 6.22
N GLN I 113 -48.53 9.62 6.70
CA GLN I 113 -47.22 9.76 7.29
C GLN I 113 -46.08 9.81 6.28
N SER I 114 -46.43 9.80 5.00
CA SER I 114 -45.43 9.73 3.92
C SER I 114 -44.47 10.92 3.92
N LEU I 115 -45.00 12.11 4.23
CA LEU I 115 -44.13 13.27 4.36
C LEU I 115 -43.19 13.11 5.55
N ARG I 116 -43.71 12.62 6.67
CA ARG I 116 -42.92 12.46 7.87
C ARG I 116 -41.84 11.37 7.74
N ILE I 117 -42.12 10.30 7.00
CA ILE I 117 -41.13 9.24 6.79
C ILE I 117 -39.90 9.77 6.03
N GLY I 118 -40.13 10.53 4.95
CA GLY I 118 -39.02 11.14 4.23
C GLY I 118 -38.19 12.07 5.13
N GLN I 119 -38.86 12.86 5.95
CA GLN I 119 -38.18 13.77 6.87
C GLN I 119 -37.29 12.98 7.85
N LEU I 120 -37.89 12.02 8.54
CA LEU I 120 -37.16 11.15 9.46
C LEU I 120 -35.99 10.42 8.78
N LEU I 121 -36.20 10.01 7.53
CA LEU I 121 -35.16 9.31 6.78
C LEU I 121 -33.97 10.22 6.54
N GLU I 122 -34.27 11.43 6.09
CA GLU I 122 -33.27 12.42 5.73
C GLU I 122 -32.46 12.85 6.95
N ASP I 123 -33.12 12.90 8.10
CA ASP I 123 -32.47 13.23 9.37
C ASP I 123 -31.74 12.04 9.98
N GLY I 124 -31.69 10.91 9.29
CA GLY I 124 -30.94 9.75 9.75
C GLY I 124 -31.52 9.06 10.97
N LEU I 125 -32.80 9.32 11.24
CA LEU I 125 -33.51 8.74 12.38
C LEU I 125 -34.24 7.44 12.02
N LEU I 126 -34.52 7.27 10.73
CA LEU I 126 -35.22 6.11 10.20
C LEU I 126 -34.47 5.57 8.98
N GLU I 127 -34.31 4.25 8.90
CA GLU I 127 -33.69 3.58 7.76
C GLU I 127 -34.65 2.57 7.13
N ILE I 128 -35.06 2.83 5.90
CA ILE I 128 -35.96 1.93 5.19
C ILE I 128 -35.21 0.74 4.60
N GLY I 129 -35.64 -0.46 4.98
CA GLY I 129 -35.14 -1.69 4.38
C GLY I 129 -35.66 -1.77 2.95
N ALA I 130 -36.96 -2.04 2.83
CA ALA I 130 -37.62 -1.94 1.53
C ALA I 130 -39.11 -1.58 1.66
N ILE I 131 -39.64 -0.90 0.65
CA ILE I 131 -41.08 -0.76 0.51
C ILE I 131 -41.66 -2.03 -0.15
N HIS I 132 -42.57 -2.72 0.55
CA HIS I 132 -43.12 -4.01 0.13
C HIS I 132 -44.58 -3.90 -0.33
N THR I 133 -45.07 -5.00 -0.90
CA THR I 133 -46.50 -5.28 -0.93
C THR I 133 -46.77 -6.30 0.20
N TYR I 134 -47.95 -6.23 0.82
CA TYR I 134 -48.27 -6.99 2.04
C TYR I 134 -47.78 -8.44 2.09
N ILE I 135 -48.25 -9.22 1.11
CA ILE I 135 -48.07 -10.67 1.16
C ILE I 135 -46.57 -10.96 0.97
N GLU I 136 -45.85 -10.04 0.33
CA GLU I 136 -44.41 -10.13 0.16
C GLU I 136 -43.70 -9.95 1.50
N LEU I 137 -44.20 -9.01 2.31
CA LEU I 137 -43.66 -8.74 3.63
C LEU I 137 -43.88 -9.98 4.54
N TYR I 138 -45.09 -10.55 4.50
CA TYR I 138 -45.38 -11.73 5.29
C TYR I 138 -44.41 -12.86 4.93
N ALA I 139 -44.26 -13.06 3.62
CA ALA I 139 -43.38 -14.07 3.08
C ALA I 139 -41.98 -14.02 3.72
N ARG I 140 -41.43 -12.81 3.92
CA ARG I 140 -40.06 -12.66 4.44
C ARG I 140 -39.98 -13.18 5.87
N LEU I 141 -41.12 -13.16 6.57
CA LEU I 141 -41.15 -13.49 8.00
C LEU I 141 -40.75 -14.93 8.33
N VAL I 142 -40.68 -15.79 7.30
CA VAL I 142 -40.21 -17.17 7.52
C VAL I 142 -38.91 -17.44 6.77
N VAL I 143 -38.28 -16.39 6.29
CA VAL I 143 -37.02 -16.49 5.56
C VAL I 143 -36.01 -15.48 6.08
N ASP I 144 -36.24 -14.27 5.60
CA ASP I 144 -35.32 -13.16 5.59
C ASP I 144 -35.44 -12.27 6.83
N LEU I 145 -36.63 -12.27 7.41
CA LEU I 145 -37.01 -11.31 8.44
C LEU I 145 -37.79 -12.00 9.54
N ILE I 146 -37.33 -13.17 9.98
CA ILE I 146 -37.98 -13.87 11.08
C ILE I 146 -38.09 -12.89 12.23
N PRO I 147 -39.30 -12.67 12.74
CA PRO I 147 -39.54 -11.70 13.81
C PRO I 147 -39.24 -12.22 15.21
N ASN I 148 -38.76 -11.33 16.09
CA ASN I 148 -38.54 -11.66 17.50
C ASN I 148 -39.80 -11.49 18.32
N VAL I 149 -40.59 -10.48 17.96
CA VAL I 149 -41.76 -10.10 18.75
C VAL I 149 -42.89 -9.64 17.85
N ALA I 150 -44.11 -10.05 18.18
CA ALA I 150 -45.27 -9.56 17.45
C ALA I 150 -46.23 -8.86 18.40
N LEU I 151 -46.62 -7.63 18.05
CA LEU I 151 -47.58 -6.87 18.84
C LEU I 151 -48.88 -6.71 18.07
N VAL I 152 -49.91 -7.46 18.43
CA VAL I 152 -51.12 -7.50 17.63
C VAL I 152 -52.35 -7.27 18.48
N ALA I 153 -53.52 -7.29 17.84
CA ALA I 153 -54.75 -6.91 18.51
C ALA I 153 -55.92 -7.78 18.12
N GLY I 154 -56.77 -8.07 19.09
CA GLY I 154 -58.02 -8.77 18.86
C GLY I 154 -59.14 -8.15 19.67
N PHE I 155 -60.34 -8.71 19.51
CA PHE I 155 -61.50 -8.23 20.25
C PHE I 155 -61.58 -8.82 21.66
N VAL I 156 -61.44 -10.15 21.75
CA VAL I 156 -61.65 -10.86 23.00
C VAL I 156 -60.63 -11.98 23.17
N ALA I 157 -60.18 -12.17 24.40
CA ALA I 157 -59.37 -13.34 24.75
C ALA I 157 -59.91 -14.04 26.00
N ASP I 158 -59.60 -15.33 26.15
CA ASP I 158 -59.77 -15.98 27.46
C ASP I 158 -58.44 -15.90 28.21
N ARG I 159 -58.38 -16.42 29.43
CA ARG I 159 -57.15 -16.26 30.20
C ARG I 159 -56.10 -17.27 29.76
N GLU I 160 -56.53 -18.23 28.94
CA GLU I 160 -55.62 -19.20 28.34
C GLU I 160 -54.75 -18.55 27.26
N GLY I 161 -55.32 -17.56 26.56
CA GLY I 161 -54.63 -16.89 25.48
C GLY I 161 -55.28 -17.03 24.11
N ASN I 162 -56.37 -17.78 24.03
CA ASN I 162 -57.17 -17.84 22.82
C ASN I 162 -57.68 -16.46 22.43
N VAL I 163 -57.45 -16.06 21.19
CA VAL I 163 -57.87 -14.73 20.76
C VAL I 163 -58.93 -14.81 19.68
N TYR I 164 -59.98 -14.01 19.86
CA TYR I 164 -60.97 -13.75 18.81
C TYR I 164 -60.69 -12.42 18.09
N THR I 165 -60.53 -12.48 16.77
CA THR I 165 -60.25 -11.26 16.02
C THR I 165 -61.40 -10.87 15.08
N GLY I 166 -62.29 -11.83 14.78
CA GLY I 166 -63.49 -11.56 14.00
C GLY I 166 -63.30 -10.84 12.67
N PRO I 167 -64.21 -9.89 12.37
CA PRO I 167 -64.13 -9.09 11.13
C PRO I 167 -62.74 -8.48 10.92
N SER I 168 -62.04 -8.19 12.01
CA SER I 168 -60.74 -7.54 11.93
C SER I 168 -59.57 -8.52 12.00
N THR I 169 -59.78 -9.76 11.59
CA THR I 169 -58.68 -10.73 11.53
C THR I 169 -57.49 -10.18 10.70
N GLU I 170 -57.77 -9.78 9.46
CA GLU I 170 -56.79 -9.03 8.66
C GLU I 170 -55.42 -9.73 8.61
N ASP I 171 -54.37 -9.01 8.97
CA ASP I 171 -52.98 -9.47 8.88
C ASP I 171 -52.58 -10.46 9.99
N THR I 172 -53.39 -10.55 11.04
CA THR I 172 -52.92 -11.14 12.31
C THR I 172 -52.40 -12.60 12.21
N PRO I 173 -53.16 -13.52 11.55
CA PRO I 173 -52.58 -14.87 11.49
C PRO I 173 -51.25 -14.92 10.71
N ALA I 174 -51.06 -14.03 9.76
CA ALA I 174 -49.82 -14.02 8.97
C ALA I 174 -48.69 -13.41 9.79
N LEU I 175 -49.04 -12.53 10.71
CA LEU I 175 -48.02 -11.92 11.53
C LEU I 175 -47.65 -12.85 12.68
N VAL I 176 -48.66 -13.51 13.24
CA VAL I 176 -48.46 -14.31 14.45
C VAL I 176 -47.76 -15.66 14.19
N GLU I 177 -48.18 -16.40 13.17
CA GLU I 177 -47.59 -17.72 12.97
C GLU I 177 -46.03 -17.72 12.87
N PRO I 178 -45.42 -16.84 12.07
CA PRO I 178 -43.94 -16.88 12.04
C PRO I 178 -43.26 -16.50 13.35
N THR I 179 -43.91 -15.67 14.16
CA THR I 179 -43.38 -15.31 15.46
C THR I 179 -43.54 -16.43 16.47
N ALA I 180 -44.74 -16.96 16.58
CA ALA I 180 -45.07 -18.01 17.52
C ALA I 180 -44.20 -19.25 17.32
N PHE I 181 -43.93 -19.61 16.07
CA PHE I 181 -43.29 -20.89 15.81
C PHE I 181 -41.78 -20.75 15.57
N SER I 182 -41.24 -19.60 15.90
CA SER I 182 -39.78 -19.41 15.86
C SER I 182 -39.26 -19.00 17.24
N ASP I 183 -39.96 -19.42 18.30
CA ASP I 183 -39.59 -19.11 19.68
C ASP I 183 -39.58 -17.61 19.93
N GLY I 184 -40.41 -16.89 19.18
CA GLY I 184 -40.55 -15.45 19.35
C GLY I 184 -41.68 -15.16 20.32
N ILE I 185 -41.90 -13.89 20.61
CA ILE I 185 -42.86 -13.51 21.65
C ILE I 185 -44.06 -12.78 21.07
N VAL I 186 -45.25 -13.30 21.35
CA VAL I 186 -46.48 -12.77 20.80
C VAL I 186 -47.34 -12.12 21.89
N ILE I 187 -47.45 -10.80 21.85
CA ILE I 187 -48.29 -10.05 22.78
C ILE I 187 -49.52 -9.54 22.04
N VAL I 188 -50.70 -9.92 22.50
CA VAL I 188 -51.92 -9.45 21.88
C VAL I 188 -52.79 -8.64 22.87
N GLN I 189 -53.05 -7.38 22.52
CA GLN I 189 -53.99 -6.56 23.26
C GLN I 189 -55.42 -6.92 22.86
N VAL I 190 -56.31 -7.05 23.83
CA VAL I 190 -57.71 -7.32 23.52
C VAL I 190 -58.63 -6.32 24.23
N ASN I 191 -59.83 -6.14 23.67
CA ASN I 191 -60.83 -5.23 24.21
C ASN I 191 -61.43 -5.71 25.52
N ARG I 192 -61.41 -7.03 25.72
CA ARG I 192 -61.87 -7.63 26.97
C ARG I 192 -61.35 -9.07 27.12
N ILE I 193 -61.13 -9.46 28.37
CA ILE I 193 -60.71 -10.82 28.72
C ILE I 193 -61.85 -11.56 29.41
N VAL I 194 -62.43 -12.54 28.74
CA VAL I 194 -63.53 -13.30 29.34
C VAL I 194 -62.98 -14.39 30.28
N ASP I 195 -63.53 -14.46 31.49
CA ASP I 195 -63.20 -15.51 32.44
C ASP I 195 -63.62 -16.83 31.88
N ASP I 196 -64.88 -16.88 31.47
CA ASP I 196 -65.44 -18.05 30.85
C ASP I 196 -64.96 -18.17 29.41
N PRO I 197 -64.17 -19.21 29.11
CA PRO I 197 -63.66 -19.36 27.74
C PRO I 197 -64.75 -19.58 26.69
N ARG I 198 -65.94 -20.04 27.06
CA ARG I 198 -66.98 -20.30 26.06
C ARG I 198 -67.76 -19.03 25.73
N ASP I 199 -67.32 -17.91 26.31
CA ASP I 199 -67.85 -16.61 25.95
C ASP I 199 -67.09 -16.00 24.77
N LEU I 200 -65.92 -16.55 24.48
CA LEU I 200 -65.19 -16.25 23.24
C LEU I 200 -66.07 -16.64 22.06
N PRO I 201 -66.39 -15.66 21.20
CA PRO I 201 -67.32 -16.03 20.11
C PRO I 201 -66.72 -17.05 19.15
N ARG I 202 -65.40 -17.02 18.97
CA ARG I 202 -64.73 -17.94 18.08
C ARG I 202 -63.27 -17.88 18.43
N VAL I 203 -62.52 -18.94 18.13
CA VAL I 203 -61.06 -18.87 18.22
C VAL I 203 -60.42 -18.61 16.84
N ASP I 204 -59.80 -17.44 16.68
CA ASP I 204 -59.05 -17.12 15.47
C ASP I 204 -57.56 -17.44 15.62
N ILE I 205 -57.01 -17.10 16.79
CA ILE I 205 -55.61 -17.41 17.09
C ILE I 205 -55.57 -18.24 18.38
N PRO I 206 -55.23 -19.54 18.26
CA PRO I 206 -55.15 -20.44 19.41
C PRO I 206 -54.16 -19.98 20.48
N ALA I 207 -54.44 -20.34 21.73
CA ALA I 207 -53.61 -19.96 22.86
C ALA I 207 -52.17 -20.48 22.74
N SER I 208 -51.99 -21.59 22.02
CA SER I 208 -50.66 -22.16 21.72
C SER I 208 -49.77 -21.14 21.01
N TRP I 209 -50.37 -20.27 20.20
CA TRP I 209 -49.60 -19.29 19.44
C TRP I 209 -49.31 -18.04 20.26
N VAL I 210 -50.05 -17.85 21.35
CA VAL I 210 -50.02 -16.59 22.08
C VAL I 210 -49.32 -16.70 23.43
N ASP I 211 -48.43 -15.76 23.74
CA ASP I 211 -47.72 -15.76 25.02
C ASP I 211 -48.37 -14.86 26.07
N PHE I 212 -48.76 -13.65 25.69
CA PHE I 212 -49.50 -12.77 26.61
C PHE I 212 -50.67 -12.03 25.96
N VAL I 213 -51.79 -11.96 26.70
CA VAL I 213 -52.90 -11.08 26.38
C VAL I 213 -52.95 -9.90 27.37
N VAL I 214 -53.32 -8.72 26.87
CA VAL I 214 -53.48 -7.52 27.70
C VAL I 214 -54.83 -6.90 27.41
N GLU I 215 -55.60 -6.58 28.44
CA GLU I 215 -56.82 -5.81 28.23
C GLU I 215 -56.39 -4.39 27.89
N ALA I 216 -56.86 -3.85 26.77
CA ALA I 216 -56.45 -2.50 26.37
C ALA I 216 -57.22 -1.43 27.16
N ASP I 217 -56.66 -0.22 27.21
CA ASP I 217 -57.34 0.88 27.91
C ASP I 217 -58.62 1.33 27.21
N GLN I 218 -58.78 0.95 25.95
CA GLN I 218 -59.95 1.30 25.16
C GLN I 218 -59.93 0.43 23.92
N PRO I 219 -61.08 0.29 23.20
CA PRO I 219 -61.11 -0.60 22.03
C PRO I 219 -60.04 -0.24 20.98
N PHE I 220 -59.37 -1.25 20.41
CA PHE I 220 -58.30 -0.98 19.45
C PHE I 220 -58.84 -0.14 18.32
N TYR I 221 -58.03 0.79 17.84
CA TYR I 221 -58.46 1.73 16.81
C TYR I 221 -58.70 1.04 15.48
N ILE I 222 -59.82 1.37 14.85
CA ILE I 222 -60.11 0.86 13.53
C ILE I 222 -60.23 1.99 12.52
N GLU I 223 -59.48 1.90 11.44
CA GLU I 223 -59.52 2.89 10.38
C GLU I 223 -60.38 2.41 9.19
N PRO I 224 -61.41 3.20 8.82
CA PRO I 224 -62.21 2.84 7.63
C PRO I 224 -61.49 3.24 6.34
N LEU I 225 -60.32 2.64 6.08
CA LEU I 225 -59.43 3.08 5.01
C LEU I 225 -60.09 3.09 3.63
N PHE I 226 -60.89 2.08 3.32
CA PHE I 226 -61.37 1.92 1.95
C PHE I 226 -62.72 2.55 1.71
N THR I 227 -63.39 2.96 2.79
CA THR I 227 -64.71 3.59 2.70
C THR I 227 -64.66 4.92 1.93
N ARG I 228 -65.51 5.06 0.92
CA ARG I 228 -65.59 6.31 0.16
C ARG I 228 -66.99 6.94 0.18
N ASP I 229 -67.01 8.24 0.48
CA ASP I 229 -68.23 9.03 0.50
C ASP I 229 -68.71 9.29 -0.92
N PRO I 230 -69.90 8.77 -1.27
CA PRO I 230 -70.42 8.90 -2.64
C PRO I 230 -70.71 10.35 -3.03
N ARG I 231 -70.89 11.23 -2.05
CA ARG I 231 -71.07 12.66 -2.28
C ARG I 231 -69.88 13.25 -3.05
N HIS I 232 -68.71 12.61 -2.96
CA HIS I 232 -67.50 13.16 -3.59
C HIS I 232 -67.27 12.68 -5.00
N ILE I 233 -68.10 11.76 -5.48
CA ILE I 233 -67.92 11.22 -6.82
C ILE I 233 -68.41 12.20 -7.88
N LYS I 234 -67.55 12.48 -8.87
CA LYS I 234 -67.82 13.47 -9.91
C LYS I 234 -68.28 12.82 -11.21
N PRO I 235 -68.94 13.60 -12.08
CA PRO I 235 -69.29 13.06 -13.41
C PRO I 235 -68.09 12.51 -14.15
N VAL I 236 -66.91 13.09 -14.00
CA VAL I 236 -65.76 12.58 -14.73
C VAL I 236 -65.37 11.16 -14.19
N HIS I 237 -65.58 10.91 -12.90
CA HIS I 237 -65.42 9.57 -12.34
C HIS I 237 -66.42 8.61 -13.02
N VAL I 238 -67.67 9.03 -13.09
CA VAL I 238 -68.72 8.23 -13.69
C VAL I 238 -68.40 7.89 -15.16
N LEU I 239 -67.84 8.85 -15.89
CA LEU I 239 -67.44 8.61 -17.28
C LEU I 239 -66.36 7.51 -17.36
N MET I 240 -65.33 7.63 -16.54
CA MET I 240 -64.28 6.64 -16.51
C MET I 240 -64.84 5.27 -16.09
N ALA I 241 -65.73 5.27 -15.09
CA ALA I 241 -66.38 4.03 -14.63
C ALA I 241 -67.20 3.37 -15.75
N MET I 242 -67.92 4.18 -16.53
CA MET I 242 -68.69 3.65 -17.65
C MET I 242 -67.77 2.95 -18.66
N MET I 243 -66.66 3.59 -19.01
CA MET I 243 -65.72 2.98 -19.94
C MET I 243 -65.05 1.71 -19.37
N ALA I 244 -64.82 1.67 -18.06
CA ALA I 244 -64.31 0.46 -17.41
C ALA I 244 -65.26 -0.74 -17.63
N ILE I 245 -66.54 -0.55 -17.29
CA ILE I 245 -67.56 -1.59 -17.42
C ILE I 245 -67.75 -2.04 -18.89
N ARG I 246 -67.86 -1.07 -19.77
CA ARG I 246 -68.15 -1.33 -21.15
C ARG I 246 -66.91 -1.77 -21.93
N GLY I 247 -65.83 -0.99 -21.83
CA GLY I 247 -64.64 -1.22 -22.62
C GLY I 247 -63.65 -2.24 -22.05
N ILE I 248 -63.85 -2.65 -20.80
CA ILE I 248 -62.94 -3.61 -20.18
C ILE I 248 -63.66 -4.83 -19.57
N TYR I 249 -64.54 -4.61 -18.60
CA TYR I 249 -65.26 -5.72 -17.96
C TYR I 249 -66.07 -6.54 -18.96
N GLN I 250 -66.93 -5.85 -19.71
CA GLN I 250 -67.77 -6.52 -20.71
C GLN I 250 -66.90 -6.98 -21.85
N ARG I 251 -66.01 -6.09 -22.31
CA ARG I 251 -65.14 -6.40 -23.44
C ARG I 251 -64.42 -7.72 -23.28
N HIS I 252 -63.88 -7.96 -22.09
CA HIS I 252 -63.07 -9.15 -21.88
C HIS I 252 -63.77 -10.23 -21.06
N ASN I 253 -65.07 -10.04 -20.80
CA ASN I 253 -65.87 -10.98 -20.00
C ASN I 253 -65.27 -11.26 -18.61
N VAL I 254 -65.01 -10.20 -17.86
CA VAL I 254 -64.41 -10.33 -16.53
C VAL I 254 -65.38 -10.89 -15.46
N GLN I 255 -65.07 -12.08 -14.91
CA GLN I 255 -65.91 -12.74 -13.91
C GLN I 255 -65.48 -12.45 -12.47
N SER I 256 -64.20 -12.16 -12.28
CA SER I 256 -63.65 -11.95 -10.94
C SER I 256 -62.65 -10.81 -10.98
N LEU I 257 -62.51 -10.11 -9.86
CA LEU I 257 -61.65 -8.92 -9.84
C LEU I 257 -61.36 -8.43 -8.43
N ASN I 258 -60.33 -7.60 -8.35
CA ASN I 258 -60.11 -6.69 -7.23
C ASN I 258 -60.24 -5.23 -7.70
N HIS I 259 -60.87 -4.38 -6.88
CA HIS I 259 -60.84 -2.92 -7.08
C HIS I 259 -59.81 -2.35 -6.14
N GLY I 260 -58.87 -1.56 -6.66
CA GLY I 260 -57.98 -0.82 -5.80
C GLY I 260 -58.73 0.33 -5.13
N ILE I 261 -58.19 0.82 -4.03
CA ILE I 261 -58.81 1.88 -3.23
C ILE I 261 -59.17 3.15 -4.04
N GLY I 262 -60.26 3.82 -3.71
CA GLY I 262 -60.49 5.14 -4.26
C GLY I 262 -61.82 5.42 -4.94
N PHE I 263 -62.07 6.70 -5.22
CA PHE I 263 -63.32 7.13 -5.82
C PHE I 263 -63.51 6.58 -7.23
N ASN I 264 -62.40 6.39 -7.95
CA ASN I 264 -62.51 5.91 -9.31
C ASN I 264 -63.21 4.56 -9.35
N THR I 265 -62.69 3.62 -8.55
CA THR I 265 -63.30 2.30 -8.50
C THR I 265 -64.63 2.34 -7.77
N ALA I 266 -64.75 3.18 -6.74
CA ALA I 266 -66.02 3.29 -6.03
C ALA I 266 -67.14 3.70 -7.00
N ALA I 267 -66.79 4.50 -8.00
CA ALA I 267 -67.75 4.90 -9.01
C ALA I 267 -68.22 3.71 -9.87
N ILE I 268 -67.30 2.80 -10.17
CA ILE I 268 -67.64 1.58 -10.89
C ILE I 268 -68.70 0.78 -10.12
N GLU I 269 -68.42 0.55 -8.83
CA GLU I 269 -69.29 -0.25 -7.98
C GLU I 269 -70.70 0.35 -7.95
N LEU I 270 -70.77 1.67 -7.90
CA LEU I 270 -72.05 2.36 -7.75
C LEU I 270 -72.88 2.47 -9.04
N ILE I 271 -72.29 2.25 -10.23
CA ILE I 271 -73.12 2.31 -11.44
C ILE I 271 -73.34 0.93 -12.07
N LEU I 272 -72.81 -0.10 -11.44
CA LEU I 272 -73.11 -1.45 -11.87
C LEU I 272 -74.63 -1.70 -11.87
N PRO I 273 -75.34 -1.28 -10.80
CA PRO I 273 -76.77 -1.65 -10.89
C PRO I 273 -77.62 -0.69 -11.73
N THR I 274 -77.00 0.36 -12.27
CA THR I 274 -77.68 1.29 -13.16
C THR I 274 -77.16 1.19 -14.59
N TYR I 275 -75.97 1.74 -14.83
CA TYR I 275 -75.36 1.65 -16.14
C TYR I 275 -75.06 0.20 -16.48
N GLY I 276 -74.55 -0.56 -15.51
CA GLY I 276 -74.30 -1.96 -15.73
C GLY I 276 -75.58 -2.68 -16.16
N GLU I 277 -76.67 -2.43 -15.41
CA GLU I 277 -77.96 -3.03 -15.73
C GLU I 277 -78.38 -2.73 -17.17
N SER I 278 -78.23 -1.48 -17.59
CA SER I 278 -78.68 -1.03 -18.90
C SER I 278 -77.96 -1.72 -20.05
N LEU I 279 -76.82 -2.34 -19.75
CA LEU I 279 -76.09 -3.12 -20.73
C LEU I 279 -76.47 -4.59 -20.64
N GLY I 280 -77.36 -4.93 -19.70
CA GLY I 280 -77.82 -6.30 -19.53
C GLY I 280 -76.79 -7.24 -18.93
N LEU I 281 -75.86 -6.72 -18.15
CA LEU I 281 -74.70 -7.52 -17.70
C LEU I 281 -74.83 -8.21 -16.33
N LYS I 282 -75.98 -8.10 -15.65
CA LYS I 282 -76.11 -8.68 -14.32
C LYS I 282 -75.90 -10.21 -14.39
N GLY I 283 -75.08 -10.74 -13.48
CA GLY I 283 -74.74 -12.15 -13.48
C GLY I 283 -73.75 -12.57 -14.57
N LYS I 284 -73.45 -11.67 -15.50
CA LYS I 284 -72.51 -11.98 -16.56
C LYS I 284 -71.08 -11.52 -16.26
N ILE I 285 -70.93 -10.46 -15.47
CA ILE I 285 -69.59 -9.98 -15.10
C ILE I 285 -69.51 -9.79 -13.59
N CYS I 286 -68.29 -9.65 -13.07
CA CYS I 286 -68.09 -9.23 -11.68
C CYS I 286 -68.88 -10.09 -10.65
N ARG I 287 -68.83 -11.40 -10.83
CA ARG I 287 -69.52 -12.29 -9.92
C ARG I 287 -68.75 -12.49 -8.61
N HIS I 288 -67.43 -12.74 -8.71
CA HIS I 288 -66.60 -13.01 -7.53
C HIS I 288 -65.61 -11.91 -7.21
N TRP I 289 -65.50 -11.57 -5.93
CA TRP I 289 -64.67 -10.45 -5.53
C TRP I 289 -63.65 -10.83 -4.47
N THR I 290 -62.43 -10.34 -4.67
CA THR I 290 -61.48 -10.22 -3.57
C THR I 290 -61.49 -8.75 -3.23
N LEU I 291 -62.16 -8.39 -2.13
CA LEU I 291 -62.40 -6.99 -1.82
C LEU I 291 -62.66 -6.78 -0.34
N ASN I 292 -62.20 -5.66 0.19
CA ASN I 292 -62.68 -5.23 1.49
C ASN I 292 -64.18 -5.01 1.37
N PRO I 293 -64.93 -5.02 2.50
CA PRO I 293 -66.36 -4.84 2.32
C PRO I 293 -66.74 -3.36 2.12
N HIS I 294 -66.55 -2.85 0.89
CA HIS I 294 -66.81 -1.44 0.57
C HIS I 294 -68.27 -1.14 0.80
N PRO I 295 -68.57 -0.08 1.58
CA PRO I 295 -69.98 0.27 1.64
C PRO I 295 -70.50 0.67 0.25
N THR I 296 -69.60 1.12 -0.61
CA THR I 296 -70.03 1.51 -1.94
C THR I 296 -70.41 0.30 -2.79
N LEU I 297 -70.16 -0.90 -2.27
CA LEU I 297 -70.54 -2.14 -2.96
C LEU I 297 -71.96 -2.59 -2.57
N ILE I 298 -72.52 -1.99 -1.51
CA ILE I 298 -73.80 -2.50 -1.00
C ILE I 298 -74.89 -2.60 -2.08
N PRO I 299 -75.06 -1.56 -2.95
CA PRO I 299 -76.18 -1.71 -3.90
C PRO I 299 -75.93 -2.79 -4.97
N ALA I 300 -74.68 -3.02 -5.37
CA ALA I 300 -74.37 -4.12 -6.27
C ALA I 300 -74.74 -5.49 -5.63
N ILE I 301 -74.46 -5.62 -4.34
CA ILE I 301 -74.85 -6.80 -3.57
C ILE I 301 -76.38 -6.95 -3.50
N GLU I 302 -77.06 -5.90 -3.06
CA GLU I 302 -78.52 -5.96 -2.91
C GLU I 302 -79.23 -6.20 -4.24
N SER I 303 -78.65 -5.72 -5.35
CA SER I 303 -79.21 -5.91 -6.70
C SER I 303 -78.95 -7.29 -7.26
N GLY I 304 -78.12 -8.08 -6.58
CA GLY I 304 -77.84 -9.43 -7.04
C GLY I 304 -76.71 -9.57 -8.07
N TRP I 305 -75.74 -8.65 -8.03
CA TRP I 305 -74.60 -8.69 -8.96
C TRP I 305 -73.46 -9.52 -8.39
N VAL I 306 -73.33 -9.46 -7.07
CA VAL I 306 -72.21 -10.03 -6.34
C VAL I 306 -72.51 -11.43 -5.81
N GLU I 307 -71.76 -12.43 -6.25
CA GLU I 307 -72.01 -13.79 -5.76
C GLU I 307 -71.17 -14.15 -4.54
N SER I 308 -69.93 -13.68 -4.51
CA SER I 308 -69.04 -13.96 -3.38
C SER I 308 -68.06 -12.83 -3.21
N VAL I 309 -67.75 -12.53 -1.95
CA VAL I 309 -66.69 -11.61 -1.63
C VAL I 309 -65.80 -12.27 -0.60
N HIS I 310 -64.50 -12.32 -0.86
CA HIS I 310 -63.58 -12.68 0.20
C HIS I 310 -62.87 -11.40 0.61
N CYS I 311 -62.67 -11.21 1.90
CA CYS I 311 -62.26 -9.91 2.40
C CYS I 311 -60.85 -9.87 2.97
N PHE I 312 -60.06 -8.89 2.55
CA PHE I 312 -58.79 -8.57 3.19
C PHE I 312 -59.00 -8.22 4.68
N GLY I 313 -59.94 -7.31 4.93
CA GLY I 313 -60.18 -6.79 6.26
C GLY I 313 -61.64 -6.45 6.39
N THR I 314 -61.96 -5.51 7.27
CA THR I 314 -63.33 -5.05 7.40
C THR I 314 -63.37 -3.53 7.32
N GLU I 315 -64.49 -3.00 6.87
CA GLU I 315 -64.67 -1.55 6.92
C GLU I 315 -65.61 -1.22 8.08
N LEU I 316 -65.12 -0.40 9.01
CA LEU I 316 -65.86 -0.09 10.24
C LEU I 316 -67.33 0.25 9.99
N GLY I 317 -68.21 -0.52 10.64
CA GLY I 317 -69.64 -0.30 10.54
C GLY I 317 -70.34 -1.25 9.57
N MET I 318 -69.57 -2.03 8.81
CA MET I 318 -70.14 -2.97 7.84
C MET I 318 -70.38 -4.37 8.45
N GLU I 319 -69.89 -4.59 9.67
CA GLU I 319 -69.92 -5.90 10.34
C GLU I 319 -71.32 -6.47 10.42
N GLY I 320 -72.26 -5.66 10.91
CA GLY I 320 -73.64 -6.09 11.05
C GLY I 320 -74.27 -6.45 9.72
N TYR I 321 -73.97 -5.65 8.70
CA TYR I 321 -74.50 -5.90 7.37
C TYR I 321 -73.94 -7.21 6.81
N ILE I 322 -72.62 -7.37 6.91
CA ILE I 322 -71.97 -8.60 6.46
C ILE I 322 -72.60 -9.83 7.13
N ALA I 323 -72.81 -9.77 8.45
CA ALA I 323 -73.36 -10.91 9.19
C ALA I 323 -74.74 -11.32 8.65
N GLN I 324 -75.41 -10.40 7.97
CA GLN I 324 -76.75 -10.63 7.44
C GLN I 324 -76.70 -11.04 5.99
N ARG I 325 -75.48 -11.18 5.49
CA ARG I 325 -75.27 -11.57 4.10
C ARG I 325 -74.31 -12.77 4.03
N PRO I 326 -74.60 -13.85 4.78
CA PRO I 326 -73.63 -14.95 4.84
C PRO I 326 -73.51 -15.76 3.55
N ASP I 327 -74.48 -15.68 2.64
CA ASP I 327 -74.35 -16.35 1.35
C ASP I 327 -73.27 -15.70 0.49
N VAL I 328 -72.98 -14.43 0.79
CA VAL I 328 -72.03 -13.64 0.03
C VAL I 328 -70.66 -13.64 0.68
N PHE I 329 -70.61 -13.39 1.97
CA PHE I 329 -69.32 -13.22 2.64
C PHE I 329 -68.85 -14.49 3.31
N PHE I 330 -67.62 -14.46 3.81
CA PHE I 330 -67.10 -15.58 4.60
C PHE I 330 -67.23 -15.28 6.10
N THR I 331 -68.16 -15.99 6.74
CA THR I 331 -68.49 -15.81 8.15
C THR I 331 -68.22 -17.08 8.97
N GLY I 332 -67.79 -16.92 10.23
CA GLY I 332 -67.60 -18.06 11.12
C GLY I 332 -68.90 -18.62 11.68
N ARG I 333 -68.80 -19.62 12.56
CA ARG I 333 -69.99 -20.23 13.16
C ARG I 333 -70.71 -19.24 14.07
N ASP I 334 -69.95 -18.33 14.67
CA ASP I 334 -70.53 -17.25 15.46
C ASP I 334 -71.23 -16.19 14.60
N GLY I 335 -71.11 -16.30 13.28
CA GLY I 335 -71.82 -15.41 12.38
C GLY I 335 -71.05 -14.21 11.85
N SER I 336 -69.91 -13.88 12.46
CA SER I 336 -69.19 -12.69 12.06
C SER I 336 -68.16 -12.97 10.95
N LEU I 337 -67.78 -11.91 10.25
CA LEU I 337 -66.81 -12.02 9.16
C LEU I 337 -65.49 -12.64 9.62
N ARG I 338 -64.91 -13.50 8.80
CA ARG I 338 -63.49 -13.86 8.91
C ARG I 338 -62.72 -13.30 7.70
N SER I 339 -62.18 -12.11 7.88
CA SER I 339 -61.26 -11.56 6.91
C SER I 339 -59.95 -12.30 7.08
N ASN I 340 -59.06 -12.11 6.11
CA ASN I 340 -57.74 -12.74 6.11
C ASN I 340 -56.91 -12.07 5.01
N ARG I 341 -56.12 -11.07 5.39
CA ARG I 341 -55.39 -10.28 4.40
C ARG I 341 -54.47 -11.16 3.54
N MET I 342 -53.73 -12.08 4.17
CA MET I 342 -52.81 -12.94 3.44
C MET I 342 -53.52 -13.83 2.42
N PHE I 343 -54.59 -14.49 2.86
CA PHE I 343 -55.32 -15.39 1.98
C PHE I 343 -55.96 -14.63 0.82
N CYS I 344 -56.56 -13.48 1.15
CA CYS I 344 -57.29 -12.68 0.18
C CYS I 344 -56.33 -12.09 -0.85
N GLN I 345 -55.16 -11.63 -0.39
CA GLN I 345 -54.12 -11.11 -1.28
C GLN I 345 -53.65 -12.20 -2.25
N LEU I 346 -53.51 -13.43 -1.73
CA LEU I 346 -53.15 -14.57 -2.55
C LEU I 346 -54.20 -14.79 -3.61
N ALA I 347 -55.47 -14.71 -3.20
CA ALA I 347 -56.56 -14.86 -4.16
C ALA I 347 -56.55 -13.70 -5.17
N GLY I 348 -56.22 -12.50 -4.70
CA GLY I 348 -56.10 -11.34 -5.59
C GLY I 348 -55.03 -11.51 -6.67
N GLN I 349 -54.06 -12.39 -6.42
CA GLN I 349 -52.93 -12.55 -7.31
C GLN I 349 -53.36 -13.62 -8.34
N TYR I 350 -53.63 -14.80 -7.80
CA TYR I 350 -53.71 -16.05 -8.57
C TYR I 350 -55.10 -16.45 -9.08
N ALA I 351 -56.17 -15.94 -8.47
CA ALA I 351 -57.49 -16.51 -8.70
C ALA I 351 -58.53 -15.55 -9.31
N VAL I 352 -58.08 -14.35 -9.67
CA VAL I 352 -58.96 -13.28 -10.12
C VAL I 352 -58.61 -12.81 -11.55
N ASP I 353 -59.60 -12.45 -12.36
CA ASP I 353 -59.33 -12.04 -13.75
C ASP I 353 -58.60 -10.71 -13.84
N LEU I 354 -58.85 -9.81 -12.89
CA LEU I 354 -58.50 -8.43 -13.16
C LEU I 354 -58.21 -7.62 -11.91
N PHE I 355 -57.24 -6.72 -12.02
CA PHE I 355 -57.02 -5.67 -11.03
C PHE I 355 -57.24 -4.35 -11.72
N ILE I 356 -57.88 -3.42 -11.02
CA ILE I 356 -58.04 -2.05 -11.50
C ILE I 356 -57.86 -1.09 -10.32
N GLY I 357 -56.98 -0.11 -10.48
CA GLY I 357 -56.71 0.85 -9.42
C GLY I 357 -56.19 2.16 -9.99
N ALA I 358 -56.04 3.16 -9.12
CA ALA I 358 -55.57 4.49 -9.50
C ALA I 358 -54.15 4.65 -9.03
N THR I 359 -53.60 5.84 -9.27
CA THR I 359 -52.21 6.12 -8.95
C THR I 359 -51.97 7.63 -8.97
N LEU I 360 -50.77 8.04 -8.60
CA LEU I 360 -50.46 9.47 -8.52
C LEU I 360 -49.73 9.97 -9.75
N GLN I 361 -48.84 9.13 -10.29
CA GLN I 361 -48.03 9.47 -11.46
C GLN I 361 -47.86 8.29 -12.41
N VAL I 362 -47.86 8.58 -13.70
CA VAL I 362 -47.56 7.59 -14.72
C VAL I 362 -46.60 8.23 -15.71
N ASP I 363 -45.53 7.52 -16.08
CA ASP I 363 -44.60 8.12 -17.03
C ASP I 363 -44.92 7.65 -18.46
N GLY I 364 -44.07 8.01 -19.40
CA GLY I 364 -44.34 7.79 -20.81
C GLY I 364 -44.31 6.32 -21.19
N ASP I 365 -43.71 5.49 -20.34
CA ASP I 365 -43.65 4.05 -20.58
C ASP I 365 -44.73 3.31 -19.80
N GLY I 366 -45.52 4.05 -19.03
CA GLY I 366 -46.58 3.45 -18.24
C GLY I 366 -46.17 2.98 -16.86
N HIS I 367 -44.93 3.26 -16.45
CA HIS I 367 -44.54 3.00 -15.07
C HIS I 367 -45.37 3.92 -14.17
N SER I 368 -45.82 3.37 -13.06
CA SER I 368 -46.80 4.02 -12.20
C SER I 368 -46.33 4.04 -10.73
N SER I 369 -46.59 5.15 -10.04
CA SER I 369 -46.15 5.24 -8.66
C SER I 369 -46.94 6.25 -7.86
N THR I 370 -47.03 5.99 -6.55
CA THR I 370 -47.67 6.90 -5.61
C THR I 370 -46.61 7.74 -4.90
N VAL I 371 -45.35 7.42 -5.19
CA VAL I 371 -44.22 8.12 -4.57
C VAL I 371 -43.95 9.45 -5.28
N THR I 372 -43.94 10.53 -4.50
CA THR I 372 -43.61 11.87 -5.01
C THR I 372 -42.55 12.53 -4.10
N ARG I 373 -41.96 13.65 -4.54
CA ARG I 373 -40.84 14.26 -3.81
C ARG I 373 -41.15 14.45 -2.32
N GLY I 374 -40.24 13.98 -1.47
CA GLY I 374 -40.42 14.09 -0.03
C GLY I 374 -41.48 13.17 0.57
N ARG I 375 -42.23 12.48 -0.29
CA ARG I 375 -43.32 11.63 0.17
C ARG I 375 -43.09 10.16 -0.19
N LEU I 376 -42.61 9.40 0.78
CA LEU I 376 -42.37 7.97 0.57
C LEU I 376 -43.64 7.18 0.87
N ALA I 377 -44.61 7.32 -0.02
CA ALA I 377 -45.85 6.57 0.07
C ALA I 377 -45.54 5.09 -0.16
N GLY I 378 -46.25 4.21 0.52
CA GLY I 378 -46.05 2.79 0.37
C GLY I 378 -46.87 2.24 -0.79
N PHE I 379 -46.45 1.10 -1.31
CA PHE I 379 -47.15 0.46 -2.44
C PHE I 379 -48.46 -0.21 -2.02
N GLY I 380 -48.55 -0.68 -0.79
CA GLY I 380 -49.74 -1.38 -0.37
C GLY I 380 -49.93 -2.68 -1.15
N GLY I 381 -51.17 -2.95 -1.54
CA GLY I 381 -51.50 -4.20 -2.21
C GLY I 381 -51.27 -4.19 -3.71
N ALA I 382 -51.06 -3.01 -4.28
CA ALA I 382 -51.08 -2.84 -5.73
C ALA I 382 -50.01 -3.63 -6.50
N PRO I 383 -48.77 -3.75 -5.96
CA PRO I 383 -47.83 -4.60 -6.71
C PRO I 383 -48.27 -6.06 -6.78
N ASN I 384 -48.83 -6.59 -5.70
CA ASN I 384 -49.26 -7.98 -5.68
C ASN I 384 -50.38 -8.25 -6.67
N MET I 385 -51.30 -7.29 -6.81
CA MET I 385 -52.44 -7.53 -7.69
C MET I 385 -52.27 -6.90 -9.04
N GLY I 386 -51.44 -5.87 -9.13
CA GLY I 386 -51.19 -5.23 -10.40
C GLY I 386 -49.98 -5.79 -11.11
N HIS I 387 -49.96 -7.11 -11.35
CA HIS I 387 -48.97 -7.70 -12.23
C HIS I 387 -49.51 -8.97 -12.84
N ASP I 388 -48.89 -9.41 -13.92
CA ASP I 388 -49.26 -10.67 -14.52
C ASP I 388 -48.59 -11.79 -13.74
N PRO I 389 -49.39 -12.63 -13.05
CA PRO I 389 -48.78 -13.64 -12.18
C PRO I 389 -48.23 -14.79 -13.02
N ARG I 390 -46.91 -14.83 -13.16
CA ARG I 390 -46.26 -15.73 -14.12
C ARG I 390 -46.29 -17.20 -13.73
N GLY I 391 -46.69 -17.49 -12.49
CA GLY I 391 -46.82 -18.84 -12.03
C GLY I 391 -48.20 -19.44 -12.28
N ARG I 392 -49.12 -18.63 -12.79
CA ARG I 392 -50.51 -19.08 -13.00
C ARG I 392 -50.62 -19.98 -14.24
N ARG I 393 -51.40 -21.04 -14.09
CA ARG I 393 -51.58 -22.02 -15.16
C ARG I 393 -53.05 -22.20 -15.53
N HIS I 394 -53.99 -21.99 -14.59
CA HIS I 394 -55.40 -22.22 -14.90
C HIS I 394 -55.97 -21.11 -15.77
N SER I 395 -56.70 -21.51 -16.80
CA SER I 395 -57.28 -20.52 -17.70
C SER I 395 -58.64 -20.06 -17.19
N THR I 396 -59.01 -18.89 -17.66
CA THR I 396 -60.35 -18.39 -17.43
C THR I 396 -60.57 -17.57 -18.71
N PRO I 397 -61.84 -17.29 -19.08
CA PRO I 397 -62.03 -16.63 -20.38
C PRO I 397 -61.32 -15.28 -20.54
N ALA I 398 -61.37 -14.41 -19.54
CA ALA I 398 -60.70 -13.09 -19.65
C ALA I 398 -59.18 -13.22 -19.74
N TRP I 399 -58.65 -14.19 -19.01
CA TRP I 399 -57.23 -14.46 -18.98
C TRP I 399 -56.76 -14.94 -20.36
N LEU I 400 -57.57 -15.76 -21.01
CA LEU I 400 -57.28 -16.18 -22.39
C LEU I 400 -57.54 -15.07 -23.40
N ASP I 401 -58.41 -14.12 -23.08
CA ASP I 401 -58.74 -13.12 -24.09
C ASP I 401 -57.57 -12.17 -24.37
N MET I 402 -56.55 -12.15 -23.52
CA MET I 402 -55.36 -11.33 -23.77
C MET I 402 -54.41 -11.90 -24.83
N ARG I 403 -54.64 -13.14 -25.28
CA ARG I 403 -53.67 -13.76 -26.20
C ARG I 403 -53.79 -13.20 -27.62
N GLY I 404 -52.65 -12.89 -28.22
CA GLY I 404 -52.63 -12.41 -29.59
C GLY I 404 -53.14 -13.47 -30.54
N GLU I 405 -52.71 -14.71 -30.32
CA GLU I 405 -53.15 -15.81 -31.18
C GLU I 405 -53.71 -16.95 -30.35
N PRO I 406 -55.05 -17.02 -30.26
CA PRO I 406 -55.70 -18.05 -29.43
C PRO I 406 -55.49 -19.48 -29.93
N GLU I 407 -54.64 -19.67 -30.93
CA GLU I 407 -54.38 -21.00 -31.45
C GLU I 407 -52.94 -21.43 -31.16
N ALA I 408 -52.08 -20.48 -30.81
CA ALA I 408 -50.74 -20.80 -30.37
C ALA I 408 -50.79 -21.48 -29.00
N LEU I 409 -50.53 -22.77 -28.96
CA LEU I 409 -50.62 -23.51 -27.70
C LEU I 409 -49.60 -23.05 -26.65
N LEU I 410 -48.49 -22.46 -27.09
CA LEU I 410 -47.46 -22.06 -26.14
C LEU I 410 -47.64 -20.62 -25.64
N GLU I 411 -48.45 -19.82 -26.33
CA GLU I 411 -48.72 -18.46 -25.86
C GLU I 411 -49.58 -18.49 -24.58
N ARG I 412 -49.12 -17.87 -23.48
CA ARG I 412 -49.93 -17.96 -22.27
C ARG I 412 -50.92 -16.82 -22.18
N GLY I 413 -51.86 -16.95 -21.24
CA GLY I 413 -52.80 -15.90 -20.98
C GLY I 413 -52.18 -14.81 -20.11
N ARG I 414 -52.91 -13.71 -19.91
CA ARG I 414 -52.50 -12.61 -19.03
C ARG I 414 -53.64 -12.18 -18.15
N LYS I 415 -53.32 -11.88 -16.90
CA LYS I 415 -54.27 -11.22 -16.00
C LYS I 415 -54.46 -9.80 -16.47
N LEU I 416 -55.67 -9.27 -16.32
CA LEU I 416 -55.90 -7.87 -16.67
C LEU I 416 -55.42 -6.99 -15.52
N VAL I 417 -54.63 -5.97 -15.87
CA VAL I 417 -54.09 -5.01 -14.91
C VAL I 417 -54.36 -3.59 -15.42
N VAL I 418 -55.28 -2.87 -14.77
CA VAL I 418 -55.75 -1.59 -15.29
C VAL I 418 -55.33 -0.41 -14.44
N GLN I 419 -54.81 0.61 -15.09
CA GLN I 419 -54.54 1.84 -14.38
C GLN I 419 -55.60 2.85 -14.76
N MET I 420 -56.48 3.12 -13.81
CA MET I 420 -57.62 3.98 -14.03
C MET I 420 -57.37 5.32 -13.33
N VAL I 421 -57.12 6.36 -14.11
CA VAL I 421 -56.74 7.64 -13.54
C VAL I 421 -57.12 8.81 -14.46
N GLU I 422 -57.46 9.94 -13.86
CA GLU I 422 -57.73 11.14 -14.61
C GLU I 422 -56.37 11.66 -15.17
N THR I 423 -56.38 12.37 -16.30
CA THR I 423 -55.14 12.91 -16.88
C THR I 423 -54.40 13.93 -16.00
N PHE I 424 -55.12 14.55 -15.07
CA PHE I 424 -54.52 15.46 -14.09
C PHE I 424 -54.99 15.12 -12.67
N GLN I 425 -54.14 15.40 -11.70
CA GLN I 425 -54.48 15.27 -10.29
C GLN I 425 -55.28 16.48 -9.80
N ASP I 426 -56.04 16.30 -8.73
CA ASP I 426 -56.84 17.40 -8.16
C ASP I 426 -56.04 18.71 -7.94
N GLY I 427 -54.79 18.60 -7.55
CA GLY I 427 -53.96 19.78 -7.34
C GLY I 427 -53.62 20.57 -8.60
N GLY I 428 -53.95 20.02 -9.78
CA GLY I 428 -53.58 20.68 -11.01
C GLY I 428 -52.28 20.15 -11.60
N LYS I 429 -51.57 19.33 -10.84
CA LYS I 429 -50.45 18.60 -11.38
C LYS I 429 -50.95 17.59 -12.43
N PRO I 430 -50.19 17.40 -13.52
CA PRO I 430 -50.54 16.33 -14.46
C PRO I 430 -50.29 14.95 -13.88
N THR I 431 -51.15 13.99 -14.20
CA THR I 431 -50.91 12.61 -13.81
C THR I 431 -49.79 11.98 -14.64
N PHE I 432 -49.78 12.30 -15.93
CA PHE I 432 -48.85 11.71 -16.88
C PHE I 432 -47.65 12.64 -17.05
N VAL I 433 -46.49 12.16 -16.61
CA VAL I 433 -45.29 13.01 -16.49
C VAL I 433 -44.16 12.42 -17.31
N GLU I 434 -43.22 13.27 -17.71
CA GLU I 434 -42.11 12.80 -18.54
C GLU I 434 -41.12 11.94 -17.75
N ARG I 435 -41.06 12.17 -16.45
CA ARG I 435 -40.15 11.45 -15.54
C ARG I 435 -40.87 11.28 -14.21
N LEU I 436 -40.89 10.07 -13.69
CA LEU I 436 -41.43 9.84 -12.35
C LEU I 436 -40.60 10.55 -11.26
N ASP I 437 -41.29 11.15 -10.28
CA ASP I 437 -40.65 11.68 -9.09
C ASP I 437 -39.81 10.60 -8.40
N ALA I 438 -40.28 9.35 -8.51
CA ALA I 438 -39.65 8.21 -7.85
C ALA I 438 -38.17 8.06 -8.17
N LEU I 439 -37.76 8.54 -9.36
CA LEU I 439 -36.36 8.43 -9.80
C LEU I 439 -35.44 9.23 -8.88
N GLU I 440 -35.74 10.52 -8.76
CA GLU I 440 -35.02 11.43 -7.86
C GLU I 440 -35.09 11.02 -6.39
N VAL I 441 -36.25 10.56 -5.96
CA VAL I 441 -36.42 10.04 -4.60
C VAL I 441 -35.47 8.87 -4.33
N ALA I 442 -35.27 7.98 -5.31
CA ALA I 442 -34.34 6.87 -5.11
C ALA I 442 -32.92 7.39 -4.96
N ARG I 443 -32.56 8.37 -5.77
CA ARG I 443 -31.20 8.88 -5.75
C ARG I 443 -30.88 9.47 -4.37
N GLN I 444 -31.79 10.29 -3.86
CA GLN I 444 -31.65 10.91 -2.55
C GLN I 444 -31.72 9.93 -1.38
N THR I 445 -32.52 8.88 -1.51
CA THR I 445 -32.79 7.95 -0.41
C THR I 445 -31.77 6.80 -0.43
N GLY I 446 -31.02 6.70 -1.51
CA GLY I 446 -30.06 5.63 -1.68
C GLY I 446 -30.67 4.29 -2.08
N MET I 447 -31.89 4.31 -2.64
CA MET I 447 -32.52 3.08 -3.13
C MET I 447 -31.90 2.64 -4.45
N PRO I 448 -31.58 1.33 -4.57
CA PRO I 448 -30.98 0.77 -5.78
C PRO I 448 -31.90 0.90 -7.00
N LEU I 449 -33.21 0.93 -6.78
CA LEU I 449 -34.11 1.18 -7.89
C LEU I 449 -35.26 2.13 -7.54
N ALA I 450 -35.82 2.77 -8.57
CA ALA I 450 -36.95 3.68 -8.37
C ALA I 450 -38.13 2.95 -7.72
N PRO I 451 -38.72 3.53 -6.67
CA PRO I 451 -39.90 2.91 -6.05
C PRO I 451 -41.11 2.98 -6.97
N VAL I 452 -41.26 1.95 -7.80
CA VAL I 452 -42.33 1.92 -8.80
C VAL I 452 -43.45 1.03 -8.29
N MET I 453 -44.68 1.49 -8.36
CA MET I 453 -45.76 0.68 -7.79
C MET I 453 -46.15 -0.47 -8.75
N ILE I 454 -46.37 -0.10 -10.01
CA ILE I 454 -46.75 -1.04 -11.04
C ILE I 454 -45.93 -0.65 -12.25
N TYR I 455 -45.24 -1.63 -12.82
CA TYR I 455 -44.37 -1.37 -13.98
C TYR I 455 -45.16 -1.32 -15.29
N GLY I 456 -44.69 -0.48 -16.21
CA GLY I 456 -45.35 -0.34 -17.50
C GLY I 456 -45.57 -1.62 -18.28
N ASP I 457 -44.70 -2.60 -18.15
CA ASP I 457 -44.85 -3.85 -18.91
C ASP I 457 -45.91 -4.77 -18.28
N ASP I 458 -46.40 -4.43 -17.09
CA ASP I 458 -47.43 -5.24 -16.47
C ASP I 458 -48.84 -4.72 -16.78
N VAL I 459 -48.93 -3.49 -17.27
CA VAL I 459 -50.24 -2.87 -17.48
C VAL I 459 -50.86 -3.35 -18.79
N THR I 460 -52.08 -3.86 -18.73
CA THR I 460 -52.76 -4.23 -19.97
C THR I 460 -53.69 -3.12 -20.47
N HIS I 461 -54.16 -2.27 -19.58
CA HIS I 461 -55.07 -1.19 -19.94
C HIS I 461 -54.74 0.07 -19.17
N VAL I 462 -54.63 1.20 -19.87
CA VAL I 462 -54.65 2.51 -19.22
C VAL I 462 -55.99 3.17 -19.54
N LEU I 463 -56.71 3.54 -18.49
CA LEU I 463 -58.05 4.09 -18.62
C LEU I 463 -58.08 5.49 -18.02
N THR I 464 -58.57 6.40 -18.84
CA THR I 464 -58.48 7.82 -18.59
C THR I 464 -59.85 8.44 -18.92
N GLU I 465 -60.13 9.69 -18.56
CA GLU I 465 -61.36 10.34 -19.01
C GLU I 465 -61.34 10.57 -20.54
N GLU I 466 -60.17 10.42 -21.16
CA GLU I 466 -59.99 10.47 -22.61
C GLU I 466 -60.32 9.15 -23.32
N GLY I 467 -60.10 8.04 -22.63
CA GLY I 467 -60.30 6.74 -23.25
C GLY I 467 -59.45 5.65 -22.66
N ILE I 468 -59.43 4.53 -23.37
CA ILE I 468 -58.67 3.36 -22.96
C ILE I 468 -57.56 3.12 -23.96
N ALA I 469 -56.35 2.93 -23.46
CA ALA I 469 -55.27 2.42 -24.31
C ALA I 469 -55.12 0.94 -24.01
N TYR I 470 -55.32 0.11 -25.03
CA TYR I 470 -55.26 -1.34 -24.85
C TYR I 470 -53.81 -1.82 -24.93
N LEU I 471 -53.04 -1.48 -23.91
CA LEU I 471 -51.59 -1.70 -23.89
C LEU I 471 -51.21 -3.17 -24.12
N TYR I 472 -52.07 -4.11 -23.74
CA TYR I 472 -51.73 -5.51 -23.96
C TYR I 472 -51.54 -5.82 -25.44
N LYS I 473 -52.11 -4.98 -26.32
CA LYS I 473 -51.94 -5.18 -27.76
C LYS I 473 -50.65 -4.58 -28.33
N ALA I 474 -49.95 -3.75 -27.55
CA ALA I 474 -48.73 -3.09 -28.05
C ALA I 474 -47.67 -4.08 -28.51
N ARG I 475 -47.13 -3.83 -29.70
CA ARG I 475 -46.14 -4.72 -30.29
C ARG I 475 -44.69 -4.28 -30.01
N SER I 476 -44.54 -3.16 -29.30
CA SER I 476 -43.22 -2.65 -28.95
C SER I 476 -43.34 -1.55 -27.91
N LEU I 477 -42.22 -1.20 -27.27
CA LEU I 477 -42.23 -0.12 -26.31
C LEU I 477 -42.71 1.16 -26.99
N GLU I 478 -42.27 1.37 -28.23
CA GLU I 478 -42.57 2.60 -28.95
C GLU I 478 -44.06 2.75 -29.22
N GLU I 479 -44.70 1.66 -29.61
CA GLU I 479 -46.14 1.66 -29.85
C GLU I 479 -46.92 1.90 -28.54
N ARG I 480 -46.45 1.24 -27.48
CA ARG I 480 -46.97 1.43 -26.14
C ARG I 480 -46.91 2.89 -25.70
N GLN I 481 -45.79 3.56 -25.97
CA GLN I 481 -45.65 4.97 -25.63
C GLN I 481 -46.71 5.79 -26.37
N ALA I 482 -46.86 5.54 -27.68
CA ALA I 482 -47.81 6.28 -28.52
C ALA I 482 -49.23 6.11 -27.99
N MET I 483 -49.56 4.91 -27.53
CA MET I 483 -50.89 4.60 -27.02
C MET I 483 -51.17 5.34 -25.73
N ILE I 484 -50.20 5.39 -24.83
CA ILE I 484 -50.39 6.13 -23.59
C ILE I 484 -50.60 7.61 -23.90
N ALA I 485 -49.76 8.16 -24.77
CA ALA I 485 -49.86 9.58 -25.13
C ALA I 485 -51.24 9.92 -25.71
N ALA I 486 -51.79 9.00 -26.48
CA ALA I 486 -53.09 9.18 -27.13
C ALA I 486 -54.24 9.36 -26.12
N VAL I 487 -54.11 8.79 -24.91
CA VAL I 487 -55.15 8.96 -23.90
C VAL I 487 -54.67 9.82 -22.71
N ALA I 488 -53.50 10.44 -22.84
CA ALA I 488 -52.95 11.25 -21.75
C ALA I 488 -53.42 12.72 -21.77
N GLY I 489 -54.28 13.07 -22.71
CA GLY I 489 -54.89 14.40 -22.75
C GLY I 489 -53.89 15.52 -22.97
N ILE I 490 -54.01 16.60 -22.19
CA ILE I 490 -53.09 17.72 -22.38
C ILE I 490 -52.00 17.78 -21.29
N SER I 491 -51.77 16.64 -20.65
CA SER I 491 -50.58 16.40 -19.82
C SER I 491 -49.29 16.49 -20.68
N PRO I 492 -48.11 16.62 -20.04
CA PRO I 492 -46.90 16.66 -20.87
C PRO I 492 -46.72 15.41 -21.76
N ILE I 493 -47.10 14.23 -21.29
CA ILE I 493 -47.10 13.05 -22.14
C ILE I 493 -48.15 13.18 -23.26
N GLY I 494 -49.33 13.67 -22.89
CA GLY I 494 -50.43 13.80 -23.83
C GLY I 494 -50.12 14.75 -24.97
N LEU I 495 -49.36 15.81 -24.68
CA LEU I 495 -49.02 16.78 -25.73
C LEU I 495 -48.01 16.23 -26.74
N ARG I 496 -47.41 15.06 -26.44
CA ARG I 496 -46.56 14.38 -27.42
C ARG I 496 -47.32 13.74 -28.58
N HIS I 497 -48.63 13.53 -28.39
CA HIS I 497 -49.47 12.84 -29.38
C HIS I 497 -49.90 13.76 -30.53
N ASP I 498 -49.71 13.30 -31.77
CA ASP I 498 -50.28 13.97 -32.96
C ASP I 498 -51.75 13.56 -33.12
N PRO I 499 -52.69 14.51 -32.93
CA PRO I 499 -54.12 14.17 -33.00
C PRO I 499 -54.57 13.56 -34.33
N ARG I 500 -53.82 13.80 -35.42
CA ARG I 500 -54.15 13.19 -36.71
C ARG I 500 -53.94 11.69 -36.67
N GLU I 501 -53.21 11.23 -35.67
CA GLU I 501 -52.93 9.80 -35.52
C GLU I 501 -54.02 9.08 -34.71
N THR I 502 -54.96 9.82 -34.13
CA THR I 502 -55.95 9.17 -33.27
C THR I 502 -56.83 8.16 -34.05
N GLN I 503 -57.34 8.57 -35.20
CA GLN I 503 -58.28 7.72 -35.96
C GLN I 503 -57.69 6.36 -36.30
N ARG I 504 -56.43 6.34 -36.69
CA ARG I 504 -55.76 5.08 -36.97
C ARG I 504 -55.72 4.15 -35.75
N MET I 505 -55.31 4.70 -34.61
CA MET I 505 -55.22 3.93 -33.37
C MET I 505 -56.60 3.42 -32.92
N ARG I 506 -57.63 4.24 -33.12
CA ARG I 506 -59.02 3.83 -32.91
C ARG I 506 -59.38 2.64 -33.78
N ARG I 507 -59.12 2.80 -35.07
CA ARG I 507 -59.49 1.78 -36.04
C ARG I 507 -58.77 0.47 -35.80
N GLU I 508 -57.52 0.53 -35.35
CA GLU I 508 -56.74 -0.69 -35.15
C GLU I 508 -57.00 -1.35 -33.79
N GLY I 509 -57.98 -0.82 -33.04
CA GLY I 509 -58.28 -1.36 -31.73
C GLY I 509 -57.24 -1.05 -30.65
N LEU I 510 -56.28 -0.18 -30.94
CA LEU I 510 -55.23 0.17 -29.97
C LEU I 510 -55.77 1.06 -28.85
N ILE I 511 -56.66 1.99 -29.19
CA ILE I 511 -57.30 2.83 -28.20
C ILE I 511 -58.78 2.83 -28.51
N ALA I 512 -59.60 3.09 -27.49
CA ALA I 512 -61.04 3.31 -27.67
C ALA I 512 -61.43 4.60 -26.98
N LEU I 513 -62.02 5.53 -27.73
CA LEU I 513 -62.66 6.71 -27.13
C LEU I 513 -64.06 6.29 -26.69
N PRO I 514 -64.69 7.05 -25.79
CA PRO I 514 -66.00 6.59 -25.31
C PRO I 514 -66.99 6.39 -26.45
N GLU I 515 -66.87 7.15 -27.54
CA GLU I 515 -67.77 6.94 -28.67
C GLU I 515 -67.52 5.60 -29.39
N ASP I 516 -66.32 5.05 -29.28
CA ASP I 516 -66.07 3.68 -29.77
C ASP I 516 -66.83 2.66 -28.91
N LEU I 517 -67.16 3.03 -27.69
CA LEU I 517 -67.79 2.11 -26.76
C LEU I 517 -69.32 2.30 -26.70
N GLY I 518 -69.84 3.22 -27.50
CA GLY I 518 -71.25 3.53 -27.46
C GLY I 518 -71.61 4.49 -26.35
N ILE I 519 -70.62 5.22 -25.86
CA ILE I 519 -70.83 6.13 -24.75
C ILE I 519 -70.76 7.58 -25.18
N ARG I 520 -71.86 8.31 -25.01
CA ARG I 520 -71.85 9.75 -25.21
C ARG I 520 -71.33 10.34 -23.92
N ARG I 521 -70.27 11.14 -23.99
CA ARG I 521 -69.58 11.65 -22.79
C ARG I 521 -70.49 12.45 -21.88
N THR I 522 -71.42 13.18 -22.47
CA THR I 522 -72.31 14.03 -21.71
C THR I 522 -73.34 13.22 -20.92
N ASP I 523 -73.38 11.91 -21.13
CA ASP I 523 -74.28 11.04 -20.36
C ASP I 523 -73.70 10.72 -18.99
N ALA I 524 -72.39 10.91 -18.82
CA ALA I 524 -71.78 10.74 -17.50
C ALA I 524 -72.33 11.79 -16.53
N SER I 525 -72.93 11.31 -15.45
CA SER I 525 -73.62 12.16 -14.49
C SER I 525 -73.81 11.41 -13.16
N ARG I 526 -73.92 12.14 -12.07
CA ARG I 526 -74.13 11.54 -10.76
C ARG I 526 -75.46 10.80 -10.72
N GLU I 527 -76.33 11.07 -11.69
CA GLU I 527 -77.64 10.41 -11.71
C GLU I 527 -77.50 8.90 -11.91
N LEU I 528 -76.36 8.44 -12.43
CA LEU I 528 -76.14 7.01 -12.61
C LEU I 528 -75.72 6.28 -11.32
N LEU I 529 -75.20 7.02 -10.36
CA LEU I 529 -74.87 6.48 -9.04
C LEU I 529 -76.09 5.88 -8.34
N ALA I 530 -76.03 4.60 -8.02
CA ALA I 530 -77.16 3.93 -7.37
C ALA I 530 -77.42 4.49 -5.96
N ALA I 531 -76.38 4.98 -5.30
CA ALA I 531 -76.52 5.72 -4.04
C ALA I 531 -75.73 7.02 -4.13
N LYS I 532 -76.35 8.13 -3.72
CA LYS I 532 -75.71 9.43 -3.88
C LYS I 532 -74.91 9.84 -2.67
N SER I 533 -75.17 9.18 -1.56
CA SER I 533 -74.61 9.61 -0.29
C SER I 533 -74.41 8.43 0.64
N ILE I 534 -73.68 8.69 1.73
CA ILE I 534 -73.54 7.74 2.81
C ILE I 534 -74.91 7.32 3.35
N ALA I 535 -75.81 8.30 3.50
CA ALA I 535 -77.14 8.01 4.02
C ALA I 535 -77.93 7.07 3.12
N GLU I 536 -77.70 7.14 1.81
CA GLU I 536 -78.45 6.26 0.89
C GLU I 536 -77.87 4.84 0.94
N LEU I 537 -76.58 4.74 1.27
CA LEU I 537 -75.96 3.42 1.43
C LEU I 537 -76.57 2.74 2.65
N VAL I 538 -76.85 3.52 3.68
CA VAL I 538 -77.48 2.98 4.89
C VAL I 538 -78.83 2.42 4.51
N GLU I 539 -79.60 3.23 3.80
CA GLU I 539 -80.90 2.84 3.25
C GLU I 539 -80.83 1.57 2.41
N TRP I 540 -79.87 1.52 1.48
CA TRP I 540 -79.69 0.33 0.65
C TRP I 540 -79.40 -0.90 1.52
N SER I 541 -78.77 -0.66 2.67
CA SER I 541 -78.42 -1.75 3.58
C SER I 541 -79.54 -2.13 4.55
N GLY I 542 -80.68 -1.42 4.47
CA GLY I 542 -81.79 -1.67 5.38
C GLY I 542 -81.45 -1.23 6.78
N GLY I 543 -80.52 -0.28 6.86
CA GLY I 543 -80.13 0.28 8.15
C GLY I 543 -79.06 -0.54 8.83
N LEU I 544 -78.60 -1.60 8.17
CA LEU I 544 -77.57 -2.45 8.75
C LEU I 544 -76.20 -1.77 8.76
N TYR I 545 -75.88 -0.98 7.74
CA TYR I 545 -74.59 -0.30 7.74
C TYR I 545 -74.60 0.85 8.74
N GLN I 546 -73.64 0.83 9.67
CA GLN I 546 -73.53 1.86 10.71
C GLN I 546 -72.26 2.67 10.50
N PRO I 547 -72.36 3.79 9.78
CA PRO I 547 -71.13 4.48 9.39
C PRO I 547 -70.40 5.09 10.59
N PRO I 548 -69.08 5.16 10.51
CA PRO I 548 -68.32 5.86 11.56
C PRO I 548 -68.70 7.33 11.62
N ALA I 549 -68.38 7.98 12.74
CA ALA I 549 -68.79 9.35 13.04
C ALA I 549 -68.43 10.29 11.90
N ARG I 550 -67.22 10.10 11.40
CA ARG I 550 -66.68 10.84 10.27
C ARG I 550 -67.64 10.94 9.08
N PHE I 551 -68.45 9.90 8.87
CA PHE I 551 -69.30 9.86 7.68
C PHE I 551 -70.77 10.09 7.99
N ARG I 552 -71.06 10.52 9.23
CA ARG I 552 -72.44 10.63 9.67
C ARG I 552 -72.95 12.07 9.49
N SER I 553 -74.16 12.20 8.99
CA SER I 553 -74.81 13.50 8.88
C SER I 553 -76.18 13.48 9.55
N TRP I 554 -76.22 12.92 10.76
CA TRP I 554 -77.44 12.75 11.53
C TRP I 554 -77.12 12.28 12.95
N MET J 1 -55.18 34.77 -9.27
CA MET J 1 -56.28 34.81 -10.22
C MET J 1 -55.94 35.58 -11.49
N GLU J 2 -56.38 35.09 -12.64
CA GLU J 2 -56.23 35.89 -13.84
C GLU J 2 -57.37 35.72 -14.84
N THR J 3 -57.43 36.64 -15.78
CA THR J 3 -58.51 36.72 -16.75
C THR J 3 -57.95 36.60 -18.16
N LEU J 4 -58.28 35.49 -18.82
CA LEU J 4 -57.74 35.20 -20.13
C LEU J 4 -58.81 35.40 -21.18
N SER J 5 -58.36 35.61 -22.42
CA SER J 5 -59.26 35.84 -23.52
C SER J 5 -58.87 34.94 -24.69
N PHE J 6 -59.85 34.36 -25.37
CA PHE J 6 -59.59 33.46 -26.49
C PHE J 6 -60.61 33.69 -27.58
N GLU J 7 -60.22 33.36 -28.80
CA GLU J 7 -61.09 33.48 -29.96
C GLU J 7 -60.82 32.36 -30.98
N PHE J 8 -61.89 31.74 -31.46
CA PHE J 8 -61.76 30.67 -32.44
C PHE J 8 -62.71 30.87 -33.61
N PRO J 9 -62.36 30.32 -34.79
CA PRO J 9 -63.27 30.37 -35.94
C PRO J 9 -64.54 29.56 -35.65
N ALA J 10 -65.68 30.02 -36.16
CA ALA J 10 -66.95 29.42 -35.81
C ALA J 10 -67.93 29.57 -36.95
N GLY J 11 -69.07 28.91 -36.84
CA GLY J 11 -70.10 28.99 -37.86
C GLY J 11 -71.11 30.08 -37.56
N GLN J 12 -72.38 29.74 -37.64
CA GLN J 12 -73.43 30.70 -37.41
C GLN J 12 -73.78 30.74 -35.93
N PRO J 13 -74.32 31.87 -35.43
CA PRO J 13 -74.56 31.96 -34.00
C PRO J 13 -75.50 30.86 -33.46
N GLY J 14 -75.15 30.33 -32.29
CA GLY J 14 -75.95 29.31 -31.62
C GLY J 14 -77.37 29.78 -31.37
N ARG J 15 -78.27 28.83 -31.12
CA ARG J 15 -79.68 29.16 -31.05
C ARG J 15 -80.08 29.75 -29.69
N GLY J 16 -79.70 29.11 -28.60
CA GLY J 16 -80.17 29.56 -27.31
C GLY J 16 -79.07 29.96 -26.34
N ARG J 17 -79.31 29.68 -25.07
CA ARG J 17 -78.36 29.99 -24.02
C ARG J 17 -78.24 28.82 -23.05
N ALA J 18 -77.16 28.77 -22.29
CA ALA J 18 -76.97 27.73 -21.28
C ALA J 18 -76.01 28.18 -20.19
N LEU J 19 -76.34 27.78 -18.97
CA LEU J 19 -75.43 27.84 -17.85
C LEU J 19 -75.19 26.42 -17.37
N VAL J 20 -73.93 26.06 -17.14
CA VAL J 20 -73.57 24.76 -16.64
C VAL J 20 -72.58 24.94 -15.49
N GLY J 21 -72.70 24.10 -14.44
CA GLY J 21 -71.74 24.06 -13.35
C GLY J 21 -71.88 25.14 -12.30
N CYS J 22 -70.85 25.31 -11.48
CA CYS J 22 -70.81 26.41 -10.53
C CYS J 22 -69.41 26.64 -9.99
N VAL J 23 -69.20 27.79 -9.36
CA VAL J 23 -67.87 28.19 -8.97
C VAL J 23 -67.52 27.62 -7.59
N GLY J 24 -67.60 26.30 -7.46
CA GLY J 24 -67.12 25.64 -6.26
C GLY J 24 -65.69 25.18 -6.50
N SER J 25 -64.93 24.98 -5.42
CA SER J 25 -63.51 24.64 -5.53
C SER J 25 -63.37 23.38 -6.35
N GLY J 26 -62.45 23.37 -7.31
CA GLY J 26 -62.26 22.22 -8.17
C GLY J 26 -63.35 22.05 -9.21
N ASP J 27 -64.06 23.14 -9.47
CA ASP J 27 -65.17 23.13 -10.42
C ASP J 27 -65.20 24.48 -11.16
N LEU J 28 -66.10 24.62 -12.12
CA LEU J 28 -66.25 25.84 -12.89
C LEU J 28 -67.70 25.99 -13.37
N GLU J 29 -68.10 27.23 -13.63
CA GLU J 29 -69.35 27.46 -14.34
C GLU J 29 -69.07 27.93 -15.75
N VAL J 30 -69.96 27.57 -16.68
CA VAL J 30 -69.85 27.99 -18.06
C VAL J 30 -71.16 28.59 -18.54
N LEU J 31 -71.09 29.82 -19.02
CA LEU J 31 -72.22 30.49 -19.68
C LEU J 31 -71.99 30.53 -21.19
N LEU J 32 -73.01 30.14 -21.94
CA LEU J 32 -72.95 30.13 -23.39
C LEU J 32 -74.14 30.90 -23.97
N GLU J 33 -73.84 31.90 -24.79
CA GLU J 33 -74.83 32.75 -25.44
C GLU J 33 -74.48 32.89 -26.92
N PRO J 34 -75.49 33.18 -27.76
CA PRO J 34 -75.22 33.39 -29.19
C PRO J 34 -74.24 34.53 -29.39
N GLY J 35 -73.39 34.44 -30.42
CA GLY J 35 -72.36 35.42 -30.65
C GLY J 35 -72.35 35.93 -32.08
N GLN J 36 -71.27 36.60 -32.45
CA GLN J 36 -71.11 37.15 -33.80
C GLN J 36 -70.79 36.03 -34.78
N PRO J 37 -71.55 35.94 -35.88
CA PRO J 37 -71.35 34.88 -36.87
C PRO J 37 -69.90 34.76 -37.31
N GLY J 38 -69.40 33.53 -37.41
CA GLY J 38 -68.01 33.29 -37.78
C GLY J 38 -67.02 33.25 -36.63
N LYS J 39 -67.49 33.54 -35.43
CA LYS J 39 -66.56 33.71 -34.32
C LYS J 39 -67.04 33.16 -32.98
N LEU J 40 -66.11 32.56 -32.25
CA LEU J 40 -66.33 32.07 -30.90
C LEU J 40 -65.41 32.81 -29.95
N SER J 41 -66.00 33.58 -29.04
CA SER J 41 -65.25 34.41 -28.10
C SER J 41 -65.36 33.83 -26.69
N ILE J 42 -64.21 33.59 -26.06
CA ILE J 42 -64.20 32.96 -24.76
C ILE J 42 -63.46 33.82 -23.77
N GLN J 43 -64.11 34.08 -22.65
CA GLN J 43 -63.46 34.69 -21.51
C GLN J 43 -63.32 33.67 -20.39
N VAL J 44 -62.09 33.50 -19.91
CA VAL J 44 -61.85 32.64 -18.77
C VAL J 44 -61.37 33.46 -17.58
N GLN J 45 -62.06 33.33 -16.47
CA GLN J 45 -61.55 33.83 -15.22
C GLN J 45 -61.22 32.63 -14.37
N THR J 46 -59.97 32.53 -13.92
CA THR J 46 -59.51 31.33 -13.24
C THR J 46 -58.65 31.67 -12.04
N SER J 47 -58.81 30.85 -11.01
CA SER J 47 -58.08 31.01 -9.76
C SER J 47 -56.63 30.54 -9.88
N VAL J 48 -56.33 29.84 -10.97
CA VAL J 48 -55.03 29.22 -11.17
C VAL J 48 -54.12 30.09 -12.03
N ASN J 49 -53.08 30.66 -11.42
CA ASN J 49 -52.15 31.49 -12.17
C ASN J 49 -51.30 30.65 -13.13
N GLY J 50 -50.94 31.25 -14.26
CA GLY J 50 -49.98 30.65 -15.18
C GLY J 50 -50.54 29.47 -15.96
N SER J 51 -51.84 29.49 -16.23
CA SER J 51 -52.49 28.34 -16.82
C SER J 51 -52.93 28.59 -18.26
N ALA J 52 -52.57 29.75 -18.82
CA ALA J 52 -53.09 30.14 -20.15
C ALA J 52 -52.84 29.10 -21.25
N SER J 53 -51.63 28.57 -21.35
CA SER J 53 -51.32 27.64 -22.44
C SER J 53 -52.11 26.34 -22.26
N ARG J 54 -52.36 25.98 -21.01
CA ARG J 54 -53.20 24.84 -20.73
C ARG J 54 -54.61 25.06 -21.29
N TRP J 55 -55.20 26.23 -21.04
CA TRP J 55 -56.52 26.52 -21.61
C TRP J 55 -56.49 26.55 -23.17
N GLN J 56 -55.38 27.01 -23.76
CA GLN J 56 -55.25 27.07 -25.22
C GLN J 56 -55.32 25.66 -25.87
N HIS J 57 -54.36 24.84 -25.49
CA HIS J 57 -54.40 23.39 -25.53
C HIS J 57 -55.78 22.76 -25.44
N LEU J 58 -56.46 23.01 -24.32
CA LEU J 58 -57.80 22.51 -24.11
C LEU J 58 -58.80 22.92 -25.21
N PHE J 59 -58.84 24.22 -25.54
CA PHE J 59 -59.77 24.68 -26.57
C PHE J 59 -59.39 24.20 -27.97
N GLU J 60 -58.09 24.15 -28.28
CA GLU J 60 -57.67 23.67 -29.60
C GLU J 60 -58.19 22.26 -29.87
N ARG J 61 -58.10 21.39 -28.86
CA ARG J 61 -58.50 20.00 -29.07
C ARG J 61 -59.99 19.91 -29.18
N LEU J 62 -60.68 20.70 -28.37
CA LEU J 62 -62.13 20.72 -28.41
C LEU J 62 -62.64 21.13 -29.78
N PHE J 63 -62.01 22.12 -30.41
CA PHE J 63 -62.54 22.63 -31.69
C PHE J 63 -61.74 22.11 -32.89
N ASP J 64 -60.86 21.16 -32.63
CA ASP J 64 -60.02 20.56 -33.67
C ASP J 64 -60.87 19.98 -34.80
N GLY J 65 -60.84 20.63 -35.95
CA GLY J 65 -61.57 20.16 -37.11
C GLY J 65 -63.07 20.12 -36.97
N GLN J 66 -63.63 20.80 -35.97
CA GLN J 66 -65.09 20.84 -35.85
C GLN J 66 -65.56 22.22 -35.42
N THR J 67 -66.13 22.92 -36.40
CA THR J 67 -66.59 24.30 -36.26
C THR J 67 -67.78 24.41 -35.31
N PRO J 68 -67.55 25.01 -34.14
CA PRO J 68 -68.60 25.22 -33.15
C PRO J 68 -69.55 26.33 -33.62
N PRO J 69 -70.74 26.39 -33.03
CA PRO J 69 -71.60 27.57 -33.28
C PRO J 69 -70.92 28.82 -32.77
N ALA J 70 -71.24 29.96 -33.37
CA ALA J 70 -70.64 31.21 -32.94
C ALA J 70 -71.23 31.62 -31.60
N LEU J 71 -70.43 31.51 -30.54
CA LEU J 71 -70.92 31.82 -29.21
C LEU J 71 -70.08 32.85 -28.48
N LEU J 72 -70.71 33.46 -27.49
CA LEU J 72 -69.99 34.17 -26.45
C LEU J 72 -70.00 33.21 -25.25
N ILE J 73 -68.80 32.87 -24.79
CA ILE J 73 -68.66 31.94 -23.67
C ILE J 73 -67.92 32.59 -22.51
N ASP J 74 -68.57 32.60 -21.35
CA ASP J 74 -67.94 33.15 -20.14
C ASP J 74 -67.66 32.01 -19.17
N ILE J 75 -66.43 31.94 -18.68
CA ILE J 75 -66.04 30.85 -17.81
C ILE J 75 -65.49 31.36 -16.49
N HIS J 76 -66.05 30.87 -15.39
CA HIS J 76 -65.56 31.18 -14.06
C HIS J 76 -65.09 29.90 -13.42
N ASP J 77 -63.78 29.75 -13.27
CA ASP J 77 -63.19 28.49 -12.82
C ASP J 77 -62.46 28.63 -11.51
N PHE J 78 -62.64 27.66 -10.62
CA PHE J 78 -62.01 27.65 -9.30
C PHE J 78 -61.12 26.40 -9.24
N GLY J 79 -60.24 26.23 -10.22
CA GLY J 79 -59.26 25.15 -10.18
C GLY J 79 -59.74 23.76 -10.62
N ALA J 80 -60.67 23.71 -11.58
CA ALA J 80 -61.11 22.43 -12.11
C ALA J 80 -59.99 21.80 -12.97
N THR J 81 -59.85 20.48 -12.93
CA THR J 81 -58.90 19.79 -13.80
C THR J 81 -59.36 19.88 -15.25
N PRO J 82 -58.42 19.69 -16.19
CA PRO J 82 -58.79 19.76 -17.61
C PRO J 82 -59.91 18.80 -18.00
N GLY J 83 -59.94 17.63 -17.37
CA GLY J 83 -60.95 16.64 -17.65
C GLY J 83 -62.34 17.11 -17.24
N VAL J 84 -62.44 17.73 -16.07
CA VAL J 84 -63.71 18.32 -15.64
C VAL J 84 -64.05 19.50 -16.55
N VAL J 85 -63.05 20.32 -16.89
CA VAL J 85 -63.32 21.48 -17.71
C VAL J 85 -63.88 21.04 -19.06
N ARG J 86 -63.24 20.03 -19.67
CA ARG J 86 -63.68 19.54 -20.97
C ARG J 86 -65.10 18.96 -20.87
N LEU J 87 -65.38 18.21 -19.82
CA LEU J 87 -66.69 17.61 -19.65
C LEU J 87 -67.80 18.67 -19.49
N ARG J 88 -67.56 19.70 -18.68
CA ARG J 88 -68.50 20.82 -18.58
C ARG J 88 -68.74 21.56 -19.90
N LEU J 89 -67.69 21.72 -20.71
CA LEU J 89 -67.85 22.40 -21.99
C LEU J 89 -68.70 21.58 -22.94
N GLU J 90 -68.41 20.29 -23.01
CA GLU J 90 -69.19 19.39 -23.83
C GLU J 90 -70.65 19.44 -23.37
N GLN J 91 -70.85 19.43 -22.06
CA GLN J 91 -72.19 19.53 -21.49
C GLN J 91 -72.92 20.82 -21.92
N GLY J 92 -72.23 21.94 -21.84
CA GLY J 92 -72.79 23.22 -22.27
C GLY J 92 -73.14 23.33 -23.75
N PHE J 93 -72.26 22.85 -24.63
CA PHE J 93 -72.55 22.87 -26.08
C PHE J 93 -73.72 21.95 -26.40
N GLU J 94 -73.78 20.84 -25.67
CA GLU J 94 -74.90 19.91 -25.73
C GLU J 94 -76.22 20.64 -25.54
N GLU J 95 -76.35 21.41 -24.47
CA GLU J 95 -77.59 22.13 -24.20
C GLU J 95 -77.86 23.31 -25.16
N ILE J 96 -76.81 23.92 -25.70
CA ILE J 96 -76.96 25.03 -26.63
C ILE J 96 -77.61 24.56 -27.94
N GLY J 97 -77.42 23.28 -28.27
CA GLY J 97 -78.01 22.69 -29.45
C GLY J 97 -79.24 21.83 -29.18
N ASP K 3 -78.09 -31.58 -78.66
CA ASP K 3 -77.33 -31.18 -77.47
C ASP K 3 -78.22 -30.65 -76.33
N VAL K 4 -79.27 -31.42 -76.03
CA VAL K 4 -80.11 -31.16 -74.86
C VAL K 4 -79.30 -31.21 -73.56
N ALA K 5 -78.40 -32.21 -73.47
CA ALA K 5 -77.59 -32.43 -72.26
C ALA K 5 -76.78 -31.20 -71.91
N ARG K 6 -76.20 -30.54 -72.91
CA ARG K 6 -75.44 -29.33 -72.68
C ARG K 6 -76.34 -28.21 -72.16
N LEU K 7 -77.53 -28.11 -72.73
CA LEU K 7 -78.42 -27.01 -72.39
C LEU K 7 -78.92 -27.18 -70.96
N LEU K 8 -79.10 -28.43 -70.51
CA LEU K 8 -79.51 -28.70 -69.13
C LEU K 8 -78.35 -28.50 -68.16
N ALA K 9 -77.13 -28.44 -68.68
CA ALA K 9 -75.93 -28.35 -67.83
C ALA K 9 -75.46 -26.92 -67.64
N LEU K 10 -76.19 -25.96 -68.22
CA LEU K 10 -75.84 -24.55 -68.12
C LEU K 10 -75.66 -24.11 -66.67
N ARG K 11 -74.53 -23.46 -66.38
CA ARG K 11 -74.21 -22.95 -65.06
C ARG K 11 -73.94 -21.45 -65.15
N SER K 12 -75.02 -20.69 -65.17
CA SER K 12 -74.97 -19.24 -65.33
C SER K 12 -74.26 -18.53 -64.17
N PHE K 13 -73.54 -17.45 -64.45
CA PHE K 13 -72.97 -16.65 -63.38
C PHE K 13 -74.05 -15.71 -62.81
N THR K 14 -74.85 -15.11 -63.69
CA THR K 14 -75.85 -14.13 -63.30
C THR K 14 -76.98 -14.70 -62.45
N GLU K 15 -77.13 -16.02 -62.45
CA GLU K 15 -78.18 -16.68 -61.70
C GLU K 15 -77.89 -16.70 -60.20
N LEU K 16 -76.61 -16.64 -59.86
CA LEU K 16 -76.17 -16.69 -58.47
C LEU K 16 -76.41 -15.37 -57.76
N GLY K 17 -76.82 -15.42 -56.50
CA GLY K 17 -76.85 -14.23 -55.67
C GLY K 17 -75.42 -13.79 -55.32
N ALA K 18 -75.27 -12.61 -54.72
CA ALA K 18 -73.95 -12.07 -54.39
C ALA K 18 -73.08 -13.03 -53.57
N ARG K 19 -73.63 -13.65 -52.52
CA ARG K 19 -72.83 -14.55 -51.67
C ARG K 19 -72.42 -15.80 -52.44
N GLN K 20 -73.31 -16.31 -53.28
CA GLN K 20 -73.00 -17.49 -54.09
C GLN K 20 -71.94 -17.13 -55.14
N ARG K 21 -72.01 -15.90 -55.66
CA ARG K 21 -70.98 -15.42 -56.58
C ARG K 21 -69.62 -15.35 -55.89
N ALA K 22 -69.61 -14.74 -54.70
CA ALA K 22 -68.38 -14.65 -53.90
C ALA K 22 -67.79 -16.04 -53.62
N ARG K 23 -68.63 -16.97 -53.17
CA ARG K 23 -68.15 -18.30 -52.81
C ARG K 23 -67.63 -19.06 -54.05
N ALA K 24 -68.13 -18.71 -55.22
CA ALA K 24 -67.76 -19.41 -56.44
C ALA K 24 -66.44 -18.92 -57.07
N LEU K 25 -66.19 -17.63 -57.01
CA LEU K 25 -64.97 -17.06 -57.57
C LEU K 25 -63.70 -17.33 -56.73
N LEU K 26 -63.81 -17.19 -55.40
CA LEU K 26 -62.69 -17.50 -54.51
C LEU K 26 -62.37 -18.99 -54.53
N ASP K 27 -61.10 -19.32 -54.32
CA ASP K 27 -60.65 -20.72 -54.24
C ASP K 27 -61.55 -21.55 -53.34
N ALA K 28 -61.91 -22.75 -53.79
CA ALA K 28 -62.76 -23.64 -53.00
C ALA K 28 -62.20 -23.81 -51.60
N GLY K 29 -63.07 -23.65 -50.60
CA GLY K 29 -62.69 -23.83 -49.21
C GLY K 29 -62.20 -22.58 -48.48
N SER K 30 -61.85 -21.55 -49.24
CA SER K 30 -61.19 -20.38 -48.67
C SER K 30 -62.16 -19.28 -48.25
N PHE K 31 -63.43 -19.39 -48.66
CA PHE K 31 -64.42 -18.33 -48.39
C PHE K 31 -64.54 -18.08 -46.89
N ARG K 32 -64.33 -16.83 -46.49
CA ARG K 32 -64.53 -16.47 -45.08
C ARG K 32 -65.13 -15.09 -44.97
N GLU K 33 -66.42 -15.03 -44.66
CA GLU K 33 -67.12 -13.75 -44.68
C GLU K 33 -66.77 -12.91 -43.45
N LEU K 34 -66.65 -11.61 -43.67
CA LEU K 34 -66.44 -10.66 -42.59
C LEU K 34 -67.72 -9.86 -42.42
N LEU K 35 -68.07 -9.53 -41.19
CA LEU K 35 -69.34 -8.85 -40.90
C LEU K 35 -70.50 -9.56 -41.59
N ASP K 36 -70.54 -10.88 -41.39
CA ASP K 36 -71.57 -11.73 -41.99
C ASP K 36 -72.95 -11.38 -41.38
N PRO K 37 -74.04 -11.95 -41.93
CA PRO K 37 -75.32 -11.41 -41.44
C PRO K 37 -75.62 -11.67 -39.95
N PHE K 38 -75.01 -12.69 -39.35
CA PHE K 38 -75.24 -12.94 -37.92
C PHE K 38 -74.60 -11.88 -37.04
N ALA K 39 -73.77 -11.00 -37.62
CA ALA K 39 -73.14 -9.92 -36.87
C ALA K 39 -74.10 -8.74 -36.65
N GLY K 40 -75.17 -8.68 -37.44
CA GLY K 40 -76.17 -7.64 -37.29
C GLY K 40 -75.75 -6.22 -37.62
N VAL K 41 -74.66 -6.08 -38.38
CA VAL K 41 -74.16 -4.76 -38.74
C VAL K 41 -74.98 -4.23 -39.93
N GLN K 42 -76.14 -3.68 -39.60
CA GLN K 42 -77.13 -3.30 -40.58
C GLN K 42 -77.17 -1.80 -40.74
N SER K 43 -78.01 -1.31 -41.66
CA SER K 43 -78.15 0.15 -41.77
C SER K 43 -78.77 0.75 -40.51
N PRO K 44 -78.12 1.78 -39.93
CA PRO K 44 -78.76 2.45 -38.80
C PRO K 44 -79.77 3.51 -39.23
N TRP K 45 -80.01 3.63 -40.53
CA TRP K 45 -80.85 4.72 -41.04
C TRP K 45 -82.21 4.26 -41.59
N LEU K 46 -82.31 3.01 -41.99
CA LEU K 46 -83.47 2.56 -42.74
C LEU K 46 -84.76 2.38 -41.88
N GLU K 47 -84.66 1.77 -40.72
CA GLU K 47 -85.83 1.56 -39.86
C GLU K 47 -86.69 2.82 -39.63
N ARG K 48 -86.04 3.88 -39.16
CA ARG K 48 -86.73 5.13 -38.82
C ARG K 48 -87.51 5.70 -39.99
N GLN K 49 -87.12 5.29 -41.20
CA GLN K 49 -87.79 5.72 -42.42
C GLN K 49 -88.78 4.68 -42.93
N GLY K 50 -89.10 3.70 -42.10
CA GLY K 50 -90.07 2.69 -42.49
C GLY K 50 -89.60 1.66 -43.52
N ILE K 51 -88.28 1.50 -43.64
CA ILE K 51 -87.74 0.53 -44.59
C ILE K 51 -87.06 -0.63 -43.86
N VAL K 52 -87.48 -1.85 -44.15
CA VAL K 52 -86.91 -3.04 -43.52
C VAL K 52 -85.44 -3.25 -43.95
N PRO K 53 -84.52 -3.32 -42.97
CA PRO K 53 -83.09 -3.49 -43.26
C PRO K 53 -82.71 -4.93 -43.60
N GLN K 54 -81.59 -5.08 -44.31
CA GLN K 54 -80.98 -6.39 -44.52
C GLN K 54 -79.76 -6.50 -43.62
N ALA K 55 -79.54 -7.71 -43.10
CA ALA K 55 -78.57 -7.89 -42.03
C ALA K 55 -77.13 -7.60 -42.49
N ASP K 56 -76.84 -7.77 -43.77
CA ASP K 56 -75.48 -7.47 -44.24
C ASP K 56 -75.47 -6.17 -45.02
N ASP K 57 -76.57 -5.42 -44.89
CA ASP K 57 -76.80 -4.15 -45.58
C ASP K 57 -76.57 -4.24 -47.11
N GLY K 58 -76.62 -5.46 -47.63
CA GLY K 58 -76.62 -5.67 -49.06
C GLY K 58 -75.25 -5.81 -49.70
N VAL K 59 -74.21 -6.03 -48.90
CA VAL K 59 -72.88 -6.29 -49.45
C VAL K 59 -72.24 -7.50 -48.77
N VAL K 60 -71.60 -8.35 -49.54
CA VAL K 60 -70.88 -9.49 -48.99
C VAL K 60 -69.38 -9.20 -49.03
N VAL K 61 -68.73 -9.17 -47.87
CA VAL K 61 -67.27 -9.05 -47.83
C VAL K 61 -66.67 -10.37 -47.35
N ALA K 62 -65.79 -10.95 -48.17
CA ALA K 62 -65.17 -12.20 -47.79
C ALA K 62 -63.67 -12.18 -48.08
N ARG K 63 -62.90 -12.70 -47.12
CA ARG K 63 -61.49 -12.99 -47.32
C ARG K 63 -61.41 -14.33 -48.00
N GLY K 64 -60.27 -14.65 -48.58
CA GLY K 64 -60.14 -15.92 -49.25
C GLY K 64 -58.85 -15.99 -50.03
N LEU K 65 -58.75 -17.00 -50.89
CA LEU K 65 -57.59 -17.14 -51.75
C LEU K 65 -58.00 -17.07 -53.21
N LEU K 66 -57.20 -16.39 -54.01
CA LEU K 66 -57.37 -16.41 -55.45
C LEU K 66 -56.10 -16.98 -56.07
N ASP K 67 -56.18 -18.26 -56.46
CA ASP K 67 -55.04 -19.01 -56.96
C ASP K 67 -53.89 -19.03 -55.97
N GLY K 68 -54.20 -19.38 -54.72
CA GLY K 68 -53.19 -19.46 -53.68
C GLY K 68 -52.89 -18.12 -53.02
N GLN K 69 -53.17 -17.02 -53.70
CA GLN K 69 -52.79 -15.70 -53.23
C GLN K 69 -53.84 -15.07 -52.33
N PRO K 70 -53.40 -14.25 -51.36
CA PRO K 70 -54.31 -13.56 -50.42
C PRO K 70 -55.29 -12.62 -51.12
N ALA K 71 -56.55 -12.66 -50.71
CA ALA K 71 -57.59 -11.96 -51.44
C ALA K 71 -58.70 -11.46 -50.54
N VAL K 72 -59.36 -10.41 -50.98
CA VAL K 72 -60.60 -9.99 -50.35
C VAL K 72 -61.56 -9.75 -51.50
N LEU K 73 -62.83 -10.10 -51.29
CA LEU K 73 -63.83 -9.97 -52.31
C LEU K 73 -65.00 -9.16 -51.73
N ALA K 74 -65.38 -8.06 -52.39
CA ALA K 74 -66.63 -7.39 -52.01
C ALA K 74 -67.62 -7.59 -53.14
N ALA K 75 -68.81 -8.08 -52.80
CA ALA K 75 -69.87 -8.33 -53.78
C ALA K 75 -71.17 -7.65 -53.38
N ILE K 76 -71.70 -6.79 -54.24
CA ILE K 76 -72.95 -6.08 -53.93
C ILE K 76 -74.16 -6.90 -54.34
N GLU K 77 -75.13 -7.00 -53.42
CA GLU K 77 -76.37 -7.74 -53.66
C GLU K 77 -77.40 -6.82 -54.27
N GLY K 78 -77.63 -6.99 -55.57
CA GLY K 78 -78.52 -6.13 -56.31
C GLY K 78 -79.99 -6.26 -55.95
N ALA K 79 -80.34 -7.35 -55.29
CA ALA K 79 -81.73 -7.59 -54.93
C ALA K 79 -82.17 -6.67 -53.76
N PHE K 80 -81.21 -6.20 -52.98
CA PHE K 80 -81.54 -5.34 -51.84
C PHE K 80 -81.29 -3.86 -52.15
N GLN K 81 -82.34 -3.04 -52.08
CA GLN K 81 -82.21 -1.61 -52.40
C GLN K 81 -81.57 -1.35 -53.77
N GLY K 82 -81.73 -2.30 -54.70
CA GLY K 82 -81.16 -2.20 -56.04
C GLY K 82 -79.63 -2.15 -56.10
N GLY K 83 -78.98 -2.57 -55.02
CA GLY K 83 -77.54 -2.48 -54.91
C GLY K 83 -77.06 -1.08 -54.59
N SER K 84 -77.98 -0.17 -54.29
CA SER K 84 -77.60 1.18 -53.94
C SER K 84 -76.87 1.18 -52.60
N LEU K 85 -75.73 1.86 -52.53
CA LEU K 85 -74.86 1.76 -51.36
C LEU K 85 -75.26 2.71 -50.24
N GLY K 86 -75.22 2.20 -49.01
CA GLY K 86 -75.49 3.01 -47.84
C GLY K 86 -74.25 3.23 -47.00
N GLU K 87 -74.43 3.72 -45.78
CA GLU K 87 -73.29 3.99 -44.92
C GLU K 87 -72.52 2.71 -44.63
N VAL K 88 -73.23 1.67 -44.19
CA VAL K 88 -72.57 0.44 -43.78
C VAL K 88 -72.07 -0.39 -44.98
N SER K 89 -72.92 -0.64 -45.98
CA SER K 89 -72.48 -1.34 -47.20
C SER K 89 -71.29 -0.62 -47.85
N GLY K 90 -71.36 0.71 -47.88
CA GLY K 90 -70.28 1.53 -48.40
C GLY K 90 -68.98 1.36 -47.66
N ALA K 91 -69.05 1.38 -46.33
CA ALA K 91 -67.88 1.26 -45.49
C ALA K 91 -67.31 -0.13 -45.57
N LYS K 92 -68.17 -1.13 -45.69
CA LYS K 92 -67.70 -2.50 -45.87
C LYS K 92 -66.76 -2.61 -47.08
N ILE K 93 -67.15 -2.04 -48.21
CA ILE K 93 -66.29 -2.08 -49.39
C ILE K 93 -65.02 -1.23 -49.21
N ALA K 94 -65.20 0.02 -48.80
CA ALA K 94 -64.07 0.92 -48.61
C ALA K 94 -63.08 0.37 -47.57
N GLY K 95 -63.61 -0.12 -46.46
CA GLY K 95 -62.77 -0.65 -45.39
C GLY K 95 -61.96 -1.86 -45.79
N ALA K 96 -62.58 -2.76 -46.56
CA ALA K 96 -61.88 -3.93 -47.08
C ALA K 96 -60.77 -3.52 -48.02
N LEU K 97 -61.06 -2.53 -48.85
CA LEU K 97 -60.07 -2.02 -49.81
C LEU K 97 -58.90 -1.36 -49.09
N GLU K 98 -59.21 -0.60 -48.03
CA GLU K 98 -58.17 0.04 -47.20
C GLU K 98 -57.25 -0.99 -46.56
N LEU K 99 -57.81 -2.06 -46.01
CA LEU K 99 -57.01 -3.10 -45.34
C LEU K 99 -56.14 -3.89 -46.33
N ALA K 100 -56.64 -4.08 -47.54
CA ALA K 100 -55.83 -4.67 -48.61
C ALA K 100 -54.56 -3.83 -48.92
N ALA K 101 -54.71 -2.51 -48.96
CA ALA K 101 -53.55 -1.64 -49.19
C ALA K 101 -52.53 -1.75 -48.04
N GLU K 102 -53.01 -1.83 -46.80
CA GLU K 102 -52.09 -1.95 -45.69
C GLU K 102 -51.37 -3.28 -45.69
N ASP K 103 -52.05 -4.35 -46.07
CA ASP K 103 -51.43 -5.66 -46.22
C ASP K 103 -50.22 -5.55 -47.15
N ASN K 104 -50.40 -4.81 -48.23
CA ASN K 104 -49.37 -4.70 -49.25
C ASN K 104 -48.17 -3.90 -48.77
N ARG K 105 -48.42 -2.85 -47.99
CA ARG K 105 -47.36 -2.07 -47.34
C ARG K 105 -46.61 -2.92 -46.31
N ASN K 106 -47.26 -3.96 -45.80
CA ASN K 106 -46.66 -4.89 -44.85
C ASN K 106 -46.22 -6.21 -45.50
N GLY K 107 -46.09 -6.21 -46.82
CA GLY K 107 -45.51 -7.33 -47.54
C GLY K 107 -46.43 -8.49 -47.87
N VAL K 108 -47.74 -8.31 -47.68
CA VAL K 108 -48.70 -9.34 -48.02
C VAL K 108 -49.48 -8.87 -49.26
N PRO K 109 -49.32 -9.59 -50.38
CA PRO K 109 -49.85 -9.06 -51.64
C PRO K 109 -51.36 -9.28 -51.83
N THR K 110 -52.16 -8.77 -50.92
CA THR K 110 -53.60 -8.96 -50.98
C THR K 110 -54.24 -8.27 -52.19
N ARG K 111 -55.05 -9.04 -52.93
CA ARG K 111 -55.80 -8.56 -54.10
C ARG K 111 -57.26 -8.37 -53.76
N ALA K 112 -57.89 -7.38 -54.38
CA ALA K 112 -59.29 -7.09 -54.16
C ALA K 112 -60.13 -7.39 -55.40
N LEU K 113 -61.20 -8.14 -55.20
CA LEU K 113 -62.12 -8.42 -56.29
C LEU K 113 -63.47 -7.76 -55.99
N LEU K 114 -63.93 -6.88 -56.88
CA LEU K 114 -65.23 -6.20 -56.73
C LEU K 114 -66.30 -6.73 -57.70
N LEU K 115 -67.41 -7.24 -57.16
CA LEU K 115 -68.57 -7.67 -57.98
C LEU K 115 -69.62 -6.59 -57.93
N LEU K 116 -69.71 -5.80 -59.00
CA LEU K 116 -70.47 -4.58 -58.92
C LEU K 116 -71.85 -4.71 -59.58
N GLU K 117 -72.84 -4.98 -58.73
CA GLU K 117 -74.27 -5.00 -59.07
C GLU K 117 -74.91 -3.86 -58.30
N THR K 118 -75.02 -2.70 -58.88
CA THR K 118 -75.36 -1.57 -58.05
C THR K 118 -75.97 -0.44 -58.85
N GLY K 119 -76.92 0.26 -58.24
CA GLY K 119 -77.55 1.41 -58.86
C GLY K 119 -76.99 2.74 -58.37
N GLY K 120 -75.90 2.71 -57.59
CA GLY K 120 -75.22 3.93 -57.15
C GLY K 120 -75.34 4.25 -55.66
N VAL K 121 -75.90 5.45 -55.38
CA VAL K 121 -76.16 5.95 -54.03
C VAL K 121 -77.62 5.75 -53.59
N ARG K 122 -77.79 5.26 -52.36
CA ARG K 122 -79.08 5.02 -51.74
C ARG K 122 -79.67 6.34 -51.17
N LEU K 123 -80.83 6.77 -51.68
CA LEU K 123 -81.35 8.11 -51.36
C LEU K 123 -81.67 8.31 -49.89
N GLN K 124 -82.05 7.22 -49.23
CA GLN K 124 -82.41 7.28 -47.82
C GLN K 124 -81.18 7.48 -46.95
N GLU K 125 -79.99 7.29 -47.53
CA GLU K 125 -78.75 7.54 -46.82
C GLU K 125 -77.81 8.34 -47.70
N ALA K 126 -78.39 9.24 -48.50
CA ALA K 126 -77.72 9.91 -49.63
C ALA K 126 -76.27 10.33 -49.41
N ASN K 127 -76.06 11.26 -48.48
CA ASN K 127 -74.74 11.86 -48.32
C ASN K 127 -73.72 10.92 -47.70
N LEU K 128 -74.19 9.92 -46.95
CA LEU K 128 -73.28 8.91 -46.40
C LEU K 128 -72.91 7.83 -47.45
N GLY K 129 -73.84 7.49 -48.34
CA GLY K 129 -73.51 6.59 -49.44
C GLY K 129 -72.48 7.27 -50.36
N LEU K 130 -72.72 8.54 -50.64
CA LEU K 130 -71.85 9.31 -51.52
C LEU K 130 -70.47 9.50 -50.89
N ALA K 131 -70.45 9.86 -49.60
CA ALA K 131 -69.20 9.96 -48.86
C ALA K 131 -68.42 8.64 -48.89
N ALA K 132 -69.12 7.52 -48.82
CA ALA K 132 -68.44 6.22 -48.75
C ALA K 132 -67.84 5.83 -50.10
N ILE K 133 -68.56 6.16 -51.17
CA ILE K 133 -68.06 5.95 -52.53
C ILE K 133 -66.77 6.73 -52.76
N ALA K 134 -66.71 7.98 -52.32
CA ALA K 134 -65.47 8.76 -52.35
C ALA K 134 -64.32 7.98 -51.73
N GLU K 135 -64.55 7.40 -50.55
CA GLU K 135 -63.53 6.59 -49.89
C GLU K 135 -63.25 5.25 -50.59
N ILE K 136 -64.27 4.63 -51.17
CA ILE K 136 -64.06 3.42 -51.98
C ILE K 136 -63.10 3.73 -53.14
N GLN K 137 -63.34 4.88 -53.76
CA GLN K 137 -62.53 5.36 -54.88
C GLN K 137 -61.12 5.65 -54.42
N ALA K 138 -60.98 6.35 -53.29
CA ALA K 138 -59.67 6.61 -52.73
C ALA K 138 -58.91 5.31 -52.47
N ALA K 139 -59.61 4.30 -51.97
CA ALA K 139 -58.93 3.08 -51.55
C ALA K 139 -58.51 2.24 -52.75
N ILE K 140 -59.32 2.27 -53.81
CA ILE K 140 -58.96 1.62 -55.08
C ILE K 140 -57.64 2.19 -55.63
N VAL K 141 -57.56 3.51 -55.73
CA VAL K 141 -56.33 4.15 -56.22
C VAL K 141 -55.12 3.85 -55.34
N ASP K 142 -55.30 3.94 -54.01
CA ASP K 142 -54.24 3.58 -53.09
C ASP K 142 -53.77 2.13 -53.33
N LEU K 143 -54.72 1.19 -53.34
CA LEU K 143 -54.38 -0.22 -53.46
C LEU K 143 -53.69 -0.53 -54.80
N GLN K 144 -53.97 0.28 -55.81
CA GLN K 144 -53.49 -0.04 -57.14
C GLN K 144 -52.08 0.49 -57.33
N ARG K 145 -51.49 1.01 -56.27
CA ARG K 145 -50.05 1.24 -56.27
C ARG K 145 -49.33 -0.11 -56.05
N TYR K 146 -50.07 -1.13 -55.63
CA TYR K 146 -49.50 -2.45 -55.32
C TYR K 146 -50.11 -3.62 -56.11
N GLN K 147 -51.44 -3.72 -56.13
CA GLN K 147 -52.12 -4.80 -56.85
C GLN K 147 -53.25 -4.22 -57.70
N PRO K 148 -53.50 -4.85 -58.86
CA PRO K 148 -54.65 -4.44 -59.67
C PRO K 148 -55.96 -4.85 -58.99
N VAL K 149 -56.94 -3.95 -58.99
CA VAL K 149 -58.30 -4.30 -58.61
C VAL K 149 -59.04 -4.80 -59.84
N VAL K 150 -59.63 -5.98 -59.76
CA VAL K 150 -60.50 -6.44 -60.82
C VAL K 150 -61.94 -6.15 -60.45
N ALA K 151 -62.64 -5.47 -61.35
CA ALA K 151 -64.08 -5.27 -61.23
C ALA K 151 -64.82 -6.14 -62.25
N VAL K 152 -65.75 -6.94 -61.75
CA VAL K 152 -66.67 -7.75 -62.55
C VAL K 152 -68.06 -7.09 -62.59
N ILE K 153 -68.56 -6.85 -63.80
CA ILE K 153 -69.94 -6.40 -63.97
C ILE K 153 -70.63 -7.46 -64.83
N ALA K 154 -71.66 -8.09 -64.28
CA ALA K 154 -72.23 -9.27 -64.92
C ALA K 154 -73.72 -9.13 -65.20
N GLY K 155 -74.42 -8.29 -64.43
CA GLY K 155 -75.87 -8.23 -64.53
C GLY K 155 -76.50 -9.07 -63.43
N PRO K 156 -77.84 -9.00 -63.29
CA PRO K 156 -78.77 -8.27 -64.16
C PRO K 156 -78.77 -6.75 -63.98
N VAL K 157 -78.45 -6.25 -62.80
CA VAL K 157 -78.54 -4.81 -62.55
C VAL K 157 -77.50 -4.00 -63.33
N GLY K 158 -76.28 -4.55 -63.39
CA GLY K 158 -75.17 -3.79 -63.92
C GLY K 158 -74.60 -2.83 -62.91
N CYS K 159 -73.95 -1.78 -63.40
CA CYS K 159 -73.21 -0.86 -62.54
C CYS K 159 -73.40 0.59 -62.96
N PHE K 160 -73.96 1.38 -62.05
CA PHE K 160 -74.34 2.75 -62.36
C PHE K 160 -73.94 3.68 -61.24
N GLY K 161 -73.94 4.98 -61.54
CA GLY K 161 -73.75 6.00 -60.53
C GLY K 161 -72.31 6.11 -60.07
N GLY K 162 -72.12 6.43 -58.78
CA GLY K 162 -70.79 6.71 -58.26
C GLY K 162 -69.86 5.52 -58.41
N MET K 163 -70.43 4.33 -58.40
CA MET K 163 -69.64 3.12 -58.54
C MET K 163 -69.25 2.84 -59.98
N SER K 164 -69.87 3.51 -60.94
CA SER K 164 -69.45 3.32 -62.33
C SER K 164 -68.15 4.12 -62.51
N ILE K 165 -68.07 5.24 -61.79
CA ILE K 165 -66.82 5.97 -61.67
C ILE K 165 -65.75 5.13 -60.96
N ALA K 166 -66.13 4.45 -59.87
CA ALA K 166 -65.17 3.55 -59.20
C ALA K 166 -64.72 2.40 -60.12
N ALA K 167 -65.64 1.86 -60.92
CA ALA K 167 -65.29 0.79 -61.85
C ALA K 167 -64.30 1.33 -62.86
N GLY K 168 -64.54 2.56 -63.31
CA GLY K 168 -63.64 3.24 -64.21
C GLY K 168 -62.22 3.38 -63.69
N LEU K 169 -62.05 3.32 -62.36
CA LEU K 169 -60.75 3.47 -61.72
C LEU K 169 -59.95 2.18 -61.68
N CYS K 170 -60.65 1.05 -61.81
CA CYS K 170 -60.04 -0.25 -61.59
C CYS K 170 -59.11 -0.64 -62.74
N SER K 171 -58.02 -1.32 -62.38
CA SER K 171 -57.09 -1.87 -63.34
C SER K 171 -57.79 -2.66 -64.43
N TYR K 172 -58.75 -3.50 -64.06
CA TYR K 172 -59.42 -4.32 -65.05
C TYR K 172 -60.92 -4.39 -64.82
N VAL K 173 -61.65 -4.15 -65.90
CA VAL K 173 -63.09 -4.18 -65.90
C VAL K 173 -63.54 -5.36 -66.78
N LEU K 174 -64.07 -6.41 -66.15
CA LEU K 174 -64.57 -7.57 -66.88
C LEU K 174 -66.09 -7.49 -66.95
N VAL K 175 -66.62 -7.63 -68.16
CA VAL K 175 -68.05 -7.51 -68.37
C VAL K 175 -68.59 -8.71 -69.11
N THR K 176 -69.85 -9.02 -68.85
CA THR K 176 -70.65 -9.92 -69.66
C THR K 176 -71.42 -9.11 -70.66
N ARG K 177 -72.13 -9.79 -71.56
CA ARG K 177 -73.02 -9.13 -72.49
C ARG K 177 -74.18 -8.44 -71.76
N GLU K 178 -74.70 -9.12 -70.73
CA GLU K 178 -75.87 -8.61 -70.02
C GLU K 178 -75.53 -7.36 -69.20
N ALA K 179 -74.27 -7.27 -68.76
CA ALA K 179 -73.83 -6.12 -67.98
C ALA K 179 -74.11 -4.81 -68.69
N ARG K 180 -74.47 -3.80 -67.91
CA ARG K 180 -74.40 -2.41 -68.35
C ARG K 180 -73.50 -1.65 -67.39
N LEU K 181 -72.88 -0.61 -67.92
CA LEU K 181 -71.95 0.22 -67.18
C LEU K 181 -72.12 1.64 -67.69
N GLY K 182 -72.63 2.51 -66.83
CA GLY K 182 -72.91 3.88 -67.20
C GLY K 182 -73.01 4.72 -65.95
N LEU K 183 -73.04 6.04 -66.13
CA LEU K 183 -73.10 6.97 -65.02
C LEU K 183 -74.54 7.18 -64.59
N ASN K 184 -75.35 7.83 -65.44
CA ASN K 184 -76.77 7.97 -65.12
C ASN K 184 -77.62 6.85 -65.72
N GLY K 185 -78.62 6.43 -64.95
CA GLY K 185 -79.56 5.44 -65.41
C GLY K 185 -80.40 6.09 -66.49
N PRO K 186 -80.93 5.28 -67.43
CA PRO K 186 -81.70 5.78 -68.57
C PRO K 186 -82.83 6.71 -68.16
N GLN K 187 -83.59 6.34 -67.15
CA GLN K 187 -84.79 7.11 -66.79
C GLN K 187 -84.45 8.50 -66.25
N VAL K 188 -83.34 8.59 -65.52
CA VAL K 188 -82.86 9.89 -65.05
C VAL K 188 -82.45 10.79 -66.22
N ILE K 189 -81.76 10.23 -67.22
CA ILE K 189 -81.37 11.02 -68.39
C ILE K 189 -82.61 11.48 -69.17
N GLU K 190 -83.57 10.58 -69.32
CA GLU K 190 -84.82 10.91 -69.99
C GLU K 190 -85.51 12.06 -69.30
N GLN K 191 -85.68 11.96 -67.98
CA GLN K 191 -86.35 13.02 -67.26
C GLN K 191 -85.56 14.34 -67.30
N GLU K 192 -84.24 14.27 -67.24
CA GLU K 192 -83.43 15.50 -67.21
C GLU K 192 -83.23 16.14 -68.59
N ALA K 193 -83.10 15.30 -69.61
CA ALA K 193 -82.72 15.78 -70.93
C ALA K 193 -83.81 15.59 -71.98
N GLY K 194 -84.87 14.88 -71.61
CA GLY K 194 -85.98 14.68 -72.52
C GLY K 194 -85.91 13.36 -73.25
N ILE K 195 -87.08 12.82 -73.60
CA ILE K 195 -87.20 11.58 -74.34
C ILE K 195 -86.43 11.61 -75.68
N ALA K 196 -86.33 12.79 -76.30
CA ALA K 196 -85.56 12.94 -77.53
C ALA K 196 -84.09 12.55 -77.34
N GLU K 197 -83.54 12.86 -76.17
CA GLU K 197 -82.15 12.54 -75.85
C GLU K 197 -81.95 11.07 -75.64
N TYR K 198 -82.87 10.45 -74.90
CA TYR K 198 -82.62 9.14 -74.32
C TYR K 198 -83.95 8.43 -74.00
N ASP K 199 -84.18 7.27 -74.60
CA ASP K 199 -85.43 6.55 -74.42
C ASP K 199 -85.27 5.40 -73.43
N SER K 200 -85.80 5.56 -72.22
CA SER K 200 -85.59 4.59 -71.14
C SER K 200 -86.25 3.25 -71.37
N ARG K 201 -87.23 3.19 -72.28
CA ARG K 201 -87.92 1.93 -72.55
C ARG K 201 -87.32 1.20 -73.74
N ASP K 202 -86.39 1.84 -74.43
CA ASP K 202 -85.72 1.19 -75.55
C ASP K 202 -84.48 0.44 -75.07
N ARG K 203 -84.70 -0.78 -74.61
CA ARG K 203 -83.62 -1.58 -74.04
C ARG K 203 -82.50 -1.96 -75.04
N PRO K 204 -82.85 -2.30 -76.32
CA PRO K 204 -81.72 -2.59 -77.22
C PRO K 204 -80.90 -1.33 -77.53
N PHE K 205 -81.53 -0.16 -77.55
CA PHE K 205 -80.81 1.09 -77.66
C PHE K 205 -79.88 1.32 -76.46
N ILE K 206 -80.40 1.03 -75.27
CA ILE K 206 -79.67 1.25 -74.03
C ILE K 206 -78.44 0.36 -73.99
N TRP K 207 -78.60 -0.92 -74.32
CA TRP K 207 -77.47 -1.84 -74.33
C TRP K 207 -76.51 -1.55 -75.49
N SER K 208 -77.02 -0.99 -76.59
CA SER K 208 -76.15 -0.68 -77.73
C SER K 208 -75.10 0.35 -77.32
N LEU K 209 -75.46 1.25 -76.40
CA LEU K 209 -74.52 2.28 -75.93
C LEU K 209 -73.78 1.94 -74.62
N THR K 210 -74.42 1.22 -73.69
CA THR K 210 -73.85 1.03 -72.35
C THR K 210 -73.62 -0.43 -71.92
N GLY K 211 -74.00 -1.37 -72.78
CA GLY K 211 -73.84 -2.79 -72.51
C GLY K 211 -72.41 -3.29 -72.61
N GLY K 212 -72.12 -4.45 -72.03
CA GLY K 212 -70.76 -4.95 -71.99
C GLY K 212 -70.07 -5.12 -73.34
N GLU K 213 -70.81 -5.60 -74.33
CA GLU K 213 -70.24 -5.78 -75.65
C GLU K 213 -69.75 -4.45 -76.23
N GLN K 214 -70.57 -3.40 -76.11
CA GLN K 214 -70.16 -2.10 -76.60
C GLN K 214 -68.96 -1.58 -75.82
N ARG K 215 -69.01 -1.70 -74.49
CA ARG K 215 -67.93 -1.21 -73.65
C ARG K 215 -66.63 -1.92 -74.02
N PHE K 216 -66.70 -3.23 -74.15
CA PHE K 216 -65.51 -3.99 -74.54
C PHE K 216 -65.02 -3.61 -75.94
N ALA K 217 -65.93 -3.41 -76.90
CA ALA K 217 -65.53 -3.09 -78.27
C ALA K 217 -64.87 -1.71 -78.35
N SER K 218 -65.34 -0.77 -77.55
CA SER K 218 -64.86 0.59 -77.57
C SER K 218 -63.68 0.83 -76.61
N GLY K 219 -63.13 -0.26 -76.08
CA GLY K 219 -61.98 -0.16 -75.19
C GLY K 219 -62.25 0.31 -73.76
N LEU K 220 -63.53 0.43 -73.39
CA LEU K 220 -63.91 0.85 -72.04
C LEU K 220 -64.01 -0.32 -71.03
N ALA K 221 -64.04 -1.55 -71.52
CA ALA K 221 -63.87 -2.69 -70.65
C ALA K 221 -62.71 -3.53 -71.19
N ASP K 222 -62.12 -4.37 -70.36
CA ASP K 222 -60.89 -5.05 -70.74
C ASP K 222 -61.11 -6.50 -71.13
N ALA K 223 -62.24 -7.08 -70.73
CA ALA K 223 -62.57 -8.45 -71.10
C ALA K 223 -64.07 -8.62 -71.30
N TYR K 224 -64.42 -9.51 -72.23
CA TYR K 224 -65.79 -9.77 -72.64
C TYR K 224 -66.09 -11.22 -72.33
N LEU K 225 -66.96 -11.45 -71.36
CA LEU K 225 -67.08 -12.77 -70.75
C LEU K 225 -68.40 -13.47 -71.03
N ALA K 226 -68.31 -14.75 -71.36
CA ALA K 226 -69.50 -15.61 -71.39
C ALA K 226 -70.10 -15.68 -69.98
N ASP K 227 -71.43 -15.63 -69.89
CA ASP K 227 -72.13 -15.70 -68.60
C ASP K 227 -72.06 -17.13 -68.06
N ASP K 228 -70.87 -17.49 -67.63
CA ASP K 228 -70.60 -18.85 -67.18
C ASP K 228 -69.62 -18.83 -66.02
N LEU K 229 -70.03 -19.48 -64.94
CA LEU K 229 -69.31 -19.48 -63.66
C LEU K 229 -67.80 -19.71 -63.85
N ASP K 230 -67.44 -20.84 -64.46
CA ASP K 230 -66.03 -21.21 -64.64
C ASP K 230 -65.25 -20.22 -65.50
N GLU K 231 -65.86 -19.75 -66.59
CA GLU K 231 -65.16 -18.80 -67.45
C GLU K 231 -64.88 -17.50 -66.71
N VAL K 232 -65.85 -17.07 -65.90
CA VAL K 232 -65.66 -15.84 -65.13
C VAL K 232 -64.50 -16.04 -64.16
N ARG K 233 -64.49 -17.16 -63.43
CA ARG K 233 -63.41 -17.43 -62.48
C ARG K 233 -62.06 -17.43 -63.20
N THR K 234 -62.00 -18.19 -64.29
CA THR K 234 -60.78 -18.34 -65.09
C THR K 234 -60.25 -17.00 -65.57
N SER K 235 -61.14 -16.16 -66.09
CA SER K 235 -60.75 -14.82 -66.52
C SER K 235 -60.25 -13.95 -65.36
N VAL K 236 -60.94 -14.03 -64.22
CA VAL K 236 -60.60 -13.22 -63.05
C VAL K 236 -59.20 -13.56 -62.59
N LEU K 237 -58.92 -14.84 -62.45
CA LEU K 237 -57.60 -15.31 -62.08
C LEU K 237 -56.52 -14.82 -63.06
N ALA K 238 -56.81 -14.88 -64.35
CA ALA K 238 -55.87 -14.48 -65.40
C ALA K 238 -55.50 -12.99 -65.33
N TYR K 239 -56.44 -12.13 -64.93
CA TYR K 239 -56.13 -10.72 -64.86
C TYR K 239 -55.35 -10.34 -63.60
N PHE K 240 -55.60 -11.02 -62.49
CA PHE K 240 -54.80 -10.79 -61.30
C PHE K 240 -53.36 -11.24 -61.56
N ALA K 241 -53.20 -12.30 -62.35
CA ALA K 241 -51.89 -12.83 -62.67
C ALA K 241 -51.10 -11.89 -63.58
N LYS K 242 -51.78 -11.05 -64.34
CA LYS K 242 -51.11 -10.10 -65.22
C LYS K 242 -50.44 -8.99 -64.42
N GLY K 243 -50.87 -8.77 -63.18
CA GLY K 243 -50.33 -7.68 -62.39
C GLY K 243 -50.91 -6.34 -62.85
N LEU K 244 -50.25 -5.26 -62.46
CA LEU K 244 -50.71 -3.90 -62.77
C LEU K 244 -50.52 -3.57 -64.26
N PRO K 245 -51.54 -2.97 -64.88
CA PRO K 245 -51.40 -2.69 -66.32
C PRO K 245 -50.35 -1.61 -66.58
N ALA K 246 -49.68 -1.72 -67.73
CA ALA K 246 -48.63 -0.77 -68.11
C ALA K 246 -49.23 0.61 -68.13
N ARG K 247 -50.37 0.77 -68.80
CA ARG K 247 -50.98 2.08 -68.73
C ARG K 247 -52.50 2.03 -68.93
N PRO K 248 -53.23 2.14 -67.82
CA PRO K 248 -54.68 2.05 -67.69
C PRO K 248 -55.37 3.28 -68.27
N ARG K 249 -56.65 3.07 -68.62
CA ARG K 249 -57.53 4.08 -69.18
C ARG K 249 -57.43 5.40 -68.44
N CYS K 250 -57.49 5.31 -67.11
CA CYS K 250 -57.45 6.48 -66.25
C CYS K 250 -56.28 7.40 -66.50
N ARG K 251 -55.18 6.86 -67.01
CA ARG K 251 -53.97 7.64 -67.22
C ARG K 251 -53.89 8.24 -68.64
N ARG K 252 -54.99 8.20 -69.36
CA ARG K 252 -54.97 8.49 -70.80
C ARG K 252 -55.80 9.72 -71.13
N ALA K 253 -55.78 10.68 -70.20
CA ALA K 253 -56.60 11.87 -70.26
C ALA K 253 -56.33 12.66 -71.52
N GLU K 254 -55.04 12.86 -71.81
CA GLU K 254 -54.61 13.57 -73.02
C GLU K 254 -55.18 12.92 -74.29
N ASP K 255 -55.07 11.60 -74.40
CA ASP K 255 -55.56 10.88 -75.56
C ASP K 255 -57.08 10.95 -75.70
N TYR K 256 -57.82 10.81 -74.60
CA TYR K 256 -59.27 10.94 -74.68
C TYR K 256 -59.67 12.36 -75.04
N LEU K 257 -58.98 13.36 -74.47
CA LEU K 257 -59.32 14.76 -74.74
C LEU K 257 -59.21 15.07 -76.21
N ARG K 258 -58.19 14.53 -76.86
CA ARG K 258 -58.00 14.85 -78.27
C ARG K 258 -58.92 14.04 -79.18
N ARG K 259 -59.25 12.80 -78.82
CA ARG K 259 -60.18 12.04 -79.63
C ARG K 259 -61.58 12.65 -79.50
N LEU K 260 -61.89 13.18 -78.32
CA LEU K 260 -63.15 13.91 -78.12
C LEU K 260 -63.12 15.27 -78.81
N GLY K 261 -61.93 15.81 -79.02
CA GLY K 261 -61.77 17.07 -79.72
C GLY K 261 -61.98 16.93 -81.22
N ASP K 262 -61.71 15.74 -81.75
CA ASP K 262 -61.88 15.44 -83.17
C ASP K 262 -63.31 15.10 -83.51
N LEU K 263 -64.11 14.84 -82.49
CA LEU K 263 -65.48 14.46 -82.72
C LEU K 263 -66.32 15.66 -83.10
N ASP K 264 -67.14 15.48 -84.12
CA ASP K 264 -68.13 16.49 -84.49
C ASP K 264 -69.36 16.25 -83.64
N THR K 265 -69.56 17.11 -82.66
CA THR K 265 -70.57 16.86 -81.64
C THR K 265 -71.95 17.34 -82.05
N ALA K 266 -72.06 17.87 -83.27
CA ALA K 266 -73.32 18.37 -83.77
C ALA K 266 -74.36 17.27 -83.77
N GLU K 267 -73.93 16.06 -84.11
CA GLU K 267 -74.81 14.91 -84.23
C GLU K 267 -74.65 13.91 -83.07
N GLN K 268 -75.75 13.23 -82.72
CA GLN K 268 -75.70 12.17 -81.72
C GLN K 268 -74.97 10.98 -82.29
N PRO K 269 -73.92 10.52 -81.61
CA PRO K 269 -73.10 9.41 -82.08
C PRO K 269 -73.76 8.05 -81.87
N ASP K 270 -73.36 7.10 -82.72
CA ASP K 270 -73.82 5.71 -82.70
C ASP K 270 -72.91 4.85 -81.86
N ALA K 271 -73.34 3.63 -81.58
CA ALA K 271 -72.41 2.65 -81.05
C ALA K 271 -71.19 2.52 -81.98
N ALA K 272 -71.47 2.47 -83.29
CA ALA K 272 -70.44 2.32 -84.32
C ALA K 272 -69.48 3.50 -84.35
N GLY K 273 -70.03 4.70 -84.29
CA GLY K 273 -69.24 5.92 -84.25
C GLY K 273 -68.30 5.97 -83.05
N VAL K 274 -68.80 5.56 -81.90
CA VAL K 274 -67.99 5.52 -80.69
C VAL K 274 -66.89 4.48 -80.86
N ARG K 275 -67.23 3.33 -81.43
CA ARG K 275 -66.22 2.32 -81.77
C ARG K 275 -65.18 2.90 -82.74
N ARG K 276 -65.64 3.63 -83.75
CA ARG K 276 -64.71 4.25 -84.69
C ARG K 276 -63.85 5.30 -83.97
N LEU K 277 -64.48 6.13 -83.15
CA LEU K 277 -63.75 7.22 -82.50
C LEU K 277 -62.63 6.70 -81.59
N TYR K 278 -62.86 5.59 -80.91
CA TYR K 278 -61.90 5.09 -79.93
C TYR K 278 -61.00 3.98 -80.47
N ALA L 22 -71.37 34.40 -63.80
CA ALA L 22 -71.87 33.14 -64.37
C ALA L 22 -72.18 32.11 -63.28
N SER L 23 -71.28 31.99 -62.31
CA SER L 23 -71.46 31.08 -61.17
C SER L 23 -70.60 31.53 -60.00
N ARG L 24 -70.95 31.04 -58.82
CA ARG L 24 -70.14 31.30 -57.63
C ARG L 24 -68.73 30.76 -57.83
N GLY L 25 -68.62 29.61 -58.48
CA GLY L 25 -67.32 29.04 -58.78
C GLY L 25 -66.41 30.01 -59.53
N LEU L 26 -66.93 30.59 -60.60
CA LEU L 26 -66.14 31.53 -61.38
C LEU L 26 -65.74 32.72 -60.53
N ALA L 27 -66.72 33.33 -59.86
CA ALA L 27 -66.47 34.51 -59.03
C ALA L 27 -65.41 34.23 -57.98
N TRP L 28 -65.51 33.07 -57.33
CA TRP L 28 -64.56 32.76 -56.28
C TRP L 28 -63.20 32.39 -56.86
N PHE L 29 -63.17 31.80 -58.04
CA PHE L 29 -61.89 31.55 -58.71
C PHE L 29 -61.20 32.87 -59.03
N GLN L 30 -61.93 33.80 -59.65
CA GLN L 30 -61.34 35.06 -60.07
C GLN L 30 -60.87 35.88 -58.88
N ALA L 31 -61.64 35.83 -57.80
CA ALA L 31 -61.29 36.56 -56.58
C ALA L 31 -60.04 35.98 -55.89
N LEU L 32 -59.87 34.67 -55.93
CA LEU L 32 -58.78 34.02 -55.19
C LEU L 32 -57.51 33.81 -56.01
N ALA L 33 -57.68 33.55 -57.29
CA ALA L 33 -56.57 33.28 -58.19
C ALA L 33 -56.13 34.54 -58.93
N GLY L 34 -57.03 35.51 -59.03
CA GLY L 34 -56.72 36.81 -59.61
C GLY L 34 -56.92 36.82 -61.11
N SER L 35 -56.50 35.71 -61.73
CA SER L 35 -56.63 35.49 -63.16
C SER L 35 -58.09 35.57 -63.62
N LEU L 36 -58.29 35.65 -64.93
CA LEU L 36 -59.62 35.82 -65.48
C LEU L 36 -59.94 34.77 -66.55
N ALA L 37 -59.22 34.89 -67.67
CA ALA L 37 -59.45 34.05 -68.85
C ALA L 37 -58.77 32.69 -68.75
N PRO L 38 -59.47 31.64 -69.21
CA PRO L 38 -58.96 30.26 -69.15
C PRO L 38 -57.61 30.12 -69.86
N ARG L 39 -56.90 29.07 -69.50
CA ARG L 39 -55.66 28.74 -70.16
C ARG L 39 -56.01 28.20 -71.55
N PRO L 40 -55.22 28.59 -72.57
CA PRO L 40 -55.31 27.86 -73.82
C PRO L 40 -54.96 26.40 -73.53
N GLY L 41 -55.74 25.47 -74.08
CA GLY L 41 -55.48 24.06 -73.84
C GLY L 41 -56.55 23.46 -72.95
N ASP L 42 -57.02 24.24 -71.97
CA ASP L 42 -58.11 23.81 -71.11
C ASP L 42 -59.44 24.03 -71.81
N PRO L 43 -60.39 23.12 -71.60
CA PRO L 43 -61.77 23.38 -72.01
C PRO L 43 -62.25 24.68 -71.37
N ALA L 44 -63.13 25.41 -72.03
CA ALA L 44 -63.57 26.71 -71.51
C ALA L 44 -64.35 26.54 -70.20
N SER L 45 -64.68 25.29 -69.89
CA SER L 45 -65.45 24.94 -68.70
C SER L 45 -64.53 24.73 -67.49
N LEU L 46 -63.22 24.75 -67.74
CA LEU L 46 -62.22 24.71 -66.66
C LEU L 46 -61.45 26.02 -66.48
N ARG L 47 -61.30 26.42 -65.22
CA ARG L 47 -60.38 27.48 -64.87
C ARG L 47 -59.24 26.89 -64.07
N VAL L 48 -58.03 27.20 -64.48
CA VAL L 48 -56.81 26.75 -63.79
C VAL L 48 -55.82 27.92 -63.69
N ALA L 49 -55.19 28.09 -62.54
CA ALA L 49 -54.16 29.10 -62.40
C ALA L 49 -53.23 28.72 -61.27
N ASP L 50 -51.94 28.98 -61.45
CA ASP L 50 -50.97 28.76 -60.38
C ASP L 50 -50.71 30.06 -59.62
N ALA L 51 -50.41 29.93 -58.33
CA ALA L 51 -50.22 31.08 -57.47
C ALA L 51 -49.50 30.71 -56.19
N GLU L 52 -49.62 31.56 -55.18
CA GLU L 52 -48.95 31.33 -53.92
C GLU L 52 -49.84 31.71 -52.75
N LEU L 53 -49.88 30.85 -51.74
CA LEU L 53 -50.64 31.14 -50.54
C LEU L 53 -49.69 31.18 -49.34
N ASP L 54 -49.47 32.39 -48.83
CA ASP L 54 -48.38 32.68 -47.89
C ASP L 54 -47.11 31.95 -48.27
N GLY L 55 -46.63 32.22 -49.49
CA GLY L 55 -45.38 31.67 -49.96
C GLY L 55 -45.43 30.21 -50.40
N TYR L 56 -46.59 29.56 -50.24
CA TYR L 56 -46.68 28.17 -50.68
C TYR L 56 -47.28 28.12 -52.05
N PRO L 57 -46.66 27.34 -52.94
CA PRO L 57 -47.18 27.16 -54.30
C PRO L 57 -48.55 26.47 -54.32
N VAL L 58 -49.45 26.99 -55.14
CA VAL L 58 -50.84 26.57 -55.15
C VAL L 58 -51.40 26.52 -56.56
N ARG L 59 -52.14 25.46 -56.89
CA ARG L 59 -52.90 25.45 -58.14
C ARG L 59 -54.40 25.49 -57.85
N PHE L 60 -55.08 26.49 -58.40
CA PHE L 60 -56.52 26.66 -58.27
C PHE L 60 -57.23 25.96 -59.42
N LEU L 61 -58.27 25.17 -59.12
CA LEU L 61 -59.05 24.54 -60.17
C LEU L 61 -60.52 24.77 -59.93
N ALA L 62 -61.24 25.15 -60.98
CA ALA L 62 -62.68 25.34 -60.89
C ALA L 62 -63.39 24.88 -62.15
N VAL L 63 -64.47 24.11 -61.97
CA VAL L 63 -65.39 23.84 -63.06
C VAL L 63 -66.39 25.00 -63.09
N VAL L 64 -66.65 25.55 -64.29
CA VAL L 64 -67.55 26.70 -64.44
C VAL L 64 -68.49 26.50 -65.64
N PRO L 65 -69.57 27.29 -65.72
CA PRO L 65 -70.41 27.15 -66.93
C PRO L 65 -69.72 27.63 -68.22
N ASP L 66 -69.91 26.85 -69.27
CA ASP L 66 -69.41 27.16 -70.62
C ASP L 66 -70.60 26.99 -71.55
N PRO L 67 -71.28 28.10 -71.89
CA PRO L 67 -72.48 27.96 -72.73
C PRO L 67 -72.13 27.52 -74.16
N ASP L 68 -70.83 27.47 -74.46
CA ASP L 68 -70.32 27.08 -75.76
C ASP L 68 -69.69 25.69 -75.75
N ASN L 69 -69.96 24.93 -74.69
CA ASN L 69 -69.45 23.59 -74.57
C ASN L 69 -69.81 22.75 -75.79
N PRO L 70 -68.80 22.15 -76.45
CA PRO L 70 -69.04 21.26 -77.58
C PRO L 70 -70.14 20.23 -77.27
N PHE L 71 -70.22 19.80 -76.03
CA PHE L 71 -71.31 18.93 -75.63
C PHE L 71 -72.47 19.76 -75.08
N PRO L 72 -73.62 19.68 -75.75
CA PRO L 72 -74.81 20.48 -75.48
C PRO L 72 -75.36 20.25 -74.09
N ARG L 73 -75.11 19.05 -73.57
CA ARG L 73 -75.68 18.64 -72.29
C ARG L 73 -74.84 19.12 -71.12
N ALA L 74 -73.76 19.83 -71.43
CA ALA L 74 -72.83 20.35 -70.42
C ALA L 74 -72.62 21.84 -70.58
N ARG L 75 -73.68 22.59 -70.81
CA ARG L 75 -73.50 24.03 -70.99
C ARG L 75 -74.01 24.87 -69.82
N GLN L 76 -74.47 24.20 -68.77
CA GLN L 76 -74.97 24.91 -67.60
C GLN L 76 -74.17 24.59 -66.33
N GLY L 77 -72.88 24.31 -66.49
CA GLY L 77 -71.98 24.12 -65.36
C GLY L 77 -71.73 22.68 -64.95
N GLU L 78 -72.30 21.73 -65.68
CA GLU L 78 -72.17 20.32 -65.35
C GLU L 78 -70.73 19.83 -65.50
N VAL L 79 -70.44 18.69 -64.88
CA VAL L 79 -69.21 17.97 -65.15
C VAL L 79 -69.51 16.86 -66.17
N GLY L 80 -69.11 17.08 -67.41
CA GLY L 80 -69.28 16.08 -68.45
C GLY L 80 -67.94 15.53 -68.92
N LEU L 81 -67.89 15.11 -70.19
CA LEU L 81 -66.71 14.43 -70.72
C LEU L 81 -65.44 15.28 -70.65
N LEU L 82 -65.52 16.54 -71.08
CA LEU L 82 -64.32 17.37 -71.18
C LEU L 82 -63.87 17.88 -69.81
N GLU L 83 -64.84 18.13 -68.94
CA GLU L 83 -64.55 18.60 -67.59
C GLU L 83 -63.81 17.49 -66.82
N GLY L 84 -64.27 16.25 -66.98
CA GLY L 84 -63.65 15.12 -66.31
C GLY L 84 -62.20 14.87 -66.72
N TRP L 85 -61.99 14.64 -68.02
CA TRP L 85 -60.62 14.45 -68.54
C TRP L 85 -59.79 15.72 -68.39
N GLY L 86 -60.42 16.89 -68.53
CA GLY L 86 -59.71 18.14 -68.40
C GLY L 86 -59.15 18.31 -67.01
N LEU L 87 -59.92 17.90 -66.00
CA LEU L 87 -59.43 17.98 -64.64
C LEU L 87 -58.26 17.03 -64.49
N ALA L 88 -58.45 15.80 -64.97
CA ALA L 88 -57.41 14.78 -64.91
C ALA L 88 -56.07 15.29 -65.44
N ALA L 89 -56.11 15.98 -66.60
CA ALA L 89 -54.91 16.49 -67.26
C ALA L 89 -54.25 17.61 -66.47
N ALA L 90 -55.07 18.56 -65.99
CA ALA L 90 -54.55 19.66 -65.19
C ALA L 90 -53.90 19.13 -63.90
N VAL L 91 -54.51 18.16 -63.23
CA VAL L 91 -53.94 17.66 -61.98
C VAL L 91 -52.65 16.91 -62.29
N ASP L 92 -52.69 16.05 -63.30
CA ASP L 92 -51.52 15.29 -63.77
C ASP L 92 -50.30 16.16 -64.07
N GLU L 93 -50.57 17.31 -64.68
CA GLU L 93 -49.58 18.35 -65.00
C GLU L 93 -48.78 18.73 -63.76
N ALA L 94 -49.51 19.08 -62.71
CA ALA L 94 -48.89 19.49 -61.45
C ALA L 94 -48.17 18.31 -60.78
N LEU L 95 -48.78 17.13 -60.84
CA LEU L 95 -48.15 15.93 -60.31
C LEU L 95 -46.76 15.72 -60.93
N GLU L 96 -46.66 15.84 -62.25
CA GLU L 96 -45.41 15.61 -62.98
C GLU L 96 -44.41 16.75 -62.77
N ALA L 97 -44.88 17.98 -62.94
CA ALA L 97 -44.06 19.16 -62.64
C ALA L 97 -43.37 19.10 -61.28
N ASP L 98 -44.12 18.74 -60.23
CA ASP L 98 -43.59 18.77 -58.86
C ASP L 98 -42.98 17.44 -58.42
N ARG L 99 -42.76 16.52 -59.36
CA ARG L 99 -42.34 15.17 -59.00
C ARG L 99 -41.01 15.13 -58.23
N GLU L 100 -40.13 16.11 -58.48
CA GLU L 100 -38.86 16.20 -57.75
C GLU L 100 -38.75 17.51 -56.99
N ALA L 101 -39.85 18.27 -56.96
CA ALA L 101 -39.87 19.57 -56.30
C ALA L 101 -39.75 19.45 -54.79
N PRO L 102 -39.18 20.49 -54.14
CA PRO L 102 -39.10 20.50 -52.68
C PRO L 102 -40.48 20.57 -52.00
N ARG L 103 -41.40 21.37 -52.55
CA ARG L 103 -42.76 21.41 -52.04
C ARG L 103 -43.78 21.01 -53.10
N LYS L 104 -44.55 19.97 -52.82
CA LYS L 104 -45.64 19.58 -53.71
C LYS L 104 -46.73 20.65 -53.65
N ARG L 105 -47.13 21.20 -54.78
CA ARG L 105 -48.03 22.34 -54.74
C ARG L 105 -49.43 21.95 -54.25
N ALA L 106 -50.05 22.85 -53.47
CA ALA L 106 -51.42 22.65 -53.03
C ALA L 106 -52.35 22.68 -54.24
N LEU L 107 -53.34 21.79 -54.23
CA LEU L 107 -54.42 21.85 -55.19
C LEU L 107 -55.67 22.35 -54.45
N LEU L 108 -56.14 23.52 -54.85
CA LEU L 108 -57.32 24.12 -54.25
C LEU L 108 -58.49 24.01 -55.19
N ALA L 109 -59.34 23.00 -54.97
CA ALA L 109 -60.49 22.78 -55.82
C ALA L 109 -61.65 23.66 -55.36
N ILE L 110 -61.99 24.67 -56.16
CA ILE L 110 -63.13 25.51 -55.87
C ILE L 110 -64.37 24.87 -56.45
N VAL L 111 -65.27 24.43 -55.56
CA VAL L 111 -66.34 23.55 -55.98
C VAL L 111 -67.67 24.26 -56.04
N ASP L 112 -68.25 24.26 -57.25
CA ASP L 112 -69.60 24.73 -57.49
C ASP L 112 -70.11 24.05 -58.75
N VAL L 113 -70.58 22.81 -58.57
CA VAL L 113 -71.02 21.98 -59.67
C VAL L 113 -72.44 21.47 -59.44
N PRO L 114 -73.36 21.77 -60.36
CA PRO L 114 -74.78 21.47 -60.15
C PRO L 114 -75.10 19.98 -60.30
N SER L 115 -74.27 19.26 -61.07
CA SER L 115 -74.54 17.86 -61.40
C SER L 115 -73.53 17.34 -62.42
N GLN L 116 -73.53 16.02 -62.58
CA GLN L 116 -72.87 15.37 -63.70
C GLN L 116 -73.71 15.68 -64.94
N ALA L 117 -73.13 15.63 -66.12
CA ALA L 117 -73.93 15.92 -67.32
C ALA L 117 -74.81 14.72 -67.67
N TYR L 118 -76.08 14.98 -67.98
CA TYR L 118 -77.02 13.95 -68.42
C TYR L 118 -77.17 13.97 -69.93
N GLY L 119 -76.85 12.87 -70.61
CA GLY L 119 -76.99 12.86 -72.06
C GLY L 119 -76.48 11.63 -72.79
N ARG L 120 -76.90 11.50 -74.05
CA ARG L 120 -76.56 10.33 -74.87
C ARG L 120 -75.07 10.29 -75.18
N ARG L 121 -74.53 11.41 -75.64
CA ARG L 121 -73.11 11.52 -75.94
C ARG L 121 -72.30 11.10 -74.72
N GLU L 122 -72.69 11.66 -73.59
CA GLU L 122 -72.06 11.42 -72.31
C GLU L 122 -71.95 9.94 -72.03
N GLU L 123 -73.07 9.23 -72.04
CA GLU L 123 -73.04 7.79 -71.81
C GLU L 123 -72.33 6.98 -72.90
N ALA L 124 -72.57 7.32 -74.17
CA ALA L 124 -71.96 6.60 -75.30
C ALA L 124 -70.43 6.64 -75.25
N LEU L 125 -69.90 7.82 -74.93
CA LEU L 125 -68.46 8.06 -74.95
C LEU L 125 -67.79 7.78 -73.59
N GLY L 126 -68.59 7.40 -72.59
CA GLY L 126 -68.03 6.95 -71.31
C GLY L 126 -67.74 8.07 -70.32
N ILE L 127 -68.74 8.89 -70.02
CA ILE L 127 -68.62 9.94 -69.02
C ILE L 127 -68.20 9.37 -67.64
N HIS L 128 -68.62 8.16 -67.32
CA HIS L 128 -68.16 7.54 -66.06
C HIS L 128 -66.63 7.40 -66.03
N GLN L 129 -66.05 7.06 -67.19
CA GLN L 129 -64.62 6.93 -67.31
C GLN L 129 -63.90 8.29 -67.26
N ALA L 130 -64.51 9.31 -67.84
CA ALA L 130 -63.92 10.64 -67.81
C ALA L 130 -63.85 11.16 -66.37
N LEU L 131 -64.89 10.88 -65.59
CA LEU L 131 -64.93 11.36 -64.22
C LEU L 131 -63.97 10.52 -63.37
N ALA L 132 -63.81 9.26 -63.72
CA ALA L 132 -62.80 8.42 -63.08
C ALA L 132 -61.41 8.98 -63.31
N GLY L 133 -61.17 9.53 -64.48
CA GLY L 133 -59.87 10.10 -64.79
C GLY L 133 -59.56 11.19 -63.78
N ALA L 134 -60.54 12.06 -63.56
CA ALA L 134 -60.38 13.17 -62.62
C ALA L 134 -60.16 12.65 -61.20
N VAL L 135 -60.98 11.69 -60.75
CA VAL L 135 -60.84 11.15 -59.40
C VAL L 135 -59.45 10.55 -59.23
N ASP L 136 -59.01 9.79 -60.23
CA ASP L 136 -57.74 9.09 -60.16
C ASP L 136 -56.56 10.05 -60.01
N ALA L 137 -56.54 11.09 -60.83
CA ALA L 137 -55.50 12.10 -60.78
C ALA L 137 -55.48 12.83 -59.41
N TYR L 138 -56.63 13.36 -58.99
CA TYR L 138 -56.71 13.96 -57.66
C TYR L 138 -56.17 13.02 -56.56
N ALA L 139 -56.61 11.77 -56.54
CA ALA L 139 -56.18 10.84 -55.47
C ALA L 139 -54.69 10.52 -55.55
N ARG L 140 -54.19 10.32 -56.77
CA ARG L 140 -52.75 10.08 -56.94
C ARG L 140 -51.97 11.30 -56.43
N ALA L 141 -52.46 12.49 -56.74
CA ALA L 141 -51.82 13.72 -56.28
C ALA L 141 -51.81 13.81 -54.74
N ARG L 142 -52.94 13.49 -54.10
CA ARG L 142 -52.97 13.49 -52.64
C ARG L 142 -52.03 12.42 -52.06
N LEU L 143 -51.97 11.27 -52.70
CA LEU L 143 -51.15 10.16 -52.24
C LEU L 143 -49.66 10.48 -52.37
N ALA L 144 -49.34 11.30 -53.37
CA ALA L 144 -47.95 11.64 -53.64
C ALA L 144 -47.45 12.77 -52.74
N GLY L 145 -48.37 13.43 -52.03
CA GLY L 145 -47.96 14.48 -51.12
C GLY L 145 -48.59 15.84 -51.37
N HIS L 146 -49.30 15.99 -52.46
CA HIS L 146 -49.97 17.26 -52.72
C HIS L 146 -51.10 17.46 -51.71
N PRO L 147 -51.15 18.64 -51.08
CA PRO L 147 -52.28 18.96 -50.19
C PRO L 147 -53.49 19.35 -51.01
N LEU L 148 -54.60 18.64 -50.85
CA LEU L 148 -55.84 18.95 -51.55
C LEU L 148 -56.85 19.58 -50.63
N ILE L 149 -57.37 20.73 -51.02
CA ILE L 149 -58.38 21.39 -50.22
C ILE L 149 -59.56 21.63 -51.12
N GLY L 150 -60.73 21.15 -50.71
CA GLY L 150 -61.94 21.43 -51.45
C GLY L 150 -62.63 22.59 -50.77
N LEU L 151 -62.93 23.65 -51.54
CA LEU L 151 -63.67 24.80 -51.01
C LEU L 151 -65.06 24.83 -51.65
N LEU L 152 -66.08 24.50 -50.87
CA LEU L 152 -67.43 24.41 -51.41
C LEU L 152 -68.08 25.79 -51.31
N VAL L 153 -68.30 26.43 -52.45
CA VAL L 153 -68.80 27.81 -52.49
C VAL L 153 -70.25 27.83 -52.98
N GLY L 154 -70.70 26.70 -53.50
CA GLY L 154 -72.03 26.57 -54.07
C GLY L 154 -72.48 25.11 -54.04
N LYS L 155 -72.88 24.58 -55.20
CA LYS L 155 -73.33 23.21 -55.25
C LYS L 155 -72.17 22.22 -55.27
N ALA L 156 -72.34 21.12 -54.57
CA ALA L 156 -71.38 20.01 -54.60
C ALA L 156 -72.15 18.71 -54.78
N MET L 157 -72.57 18.43 -56.01
CA MET L 157 -73.54 17.36 -56.23
C MET L 157 -72.95 16.12 -56.84
N SER L 158 -73.35 14.97 -56.29
CA SER L 158 -73.24 13.68 -56.95
C SER L 158 -71.84 13.39 -57.55
N GLY L 159 -71.85 12.80 -58.74
CA GLY L 159 -70.64 12.43 -59.46
C GLY L 159 -69.76 13.62 -59.82
N ALA L 160 -70.37 14.79 -60.00
CA ALA L 160 -69.61 16.04 -60.22
C ALA L 160 -68.68 16.35 -59.04
N PHE L 161 -69.21 16.23 -57.83
CA PHE L 161 -68.40 16.46 -56.62
C PHE L 161 -67.35 15.32 -56.45
N LEU L 162 -67.74 14.08 -56.73
CA LEU L 162 -66.77 12.99 -56.66
C LEU L 162 -65.53 13.27 -57.52
N ALA L 163 -65.76 13.79 -58.74
CA ALA L 163 -64.68 14.10 -59.67
C ALA L 163 -63.94 15.40 -59.31
N HIS L 164 -64.67 16.37 -58.78
CA HIS L 164 -64.08 17.66 -58.46
C HIS L 164 -64.33 18.05 -57.00
N GLY L 165 -63.42 17.64 -56.12
CA GLY L 165 -63.46 18.04 -54.72
C GLY L 165 -63.50 16.92 -53.69
N TYR L 166 -64.23 15.83 -53.94
CA TYR L 166 -64.43 14.86 -52.86
C TYR L 166 -63.18 14.00 -52.53
N GLN L 167 -62.04 14.25 -53.18
CA GLN L 167 -60.81 13.54 -52.79
C GLN L 167 -59.90 14.38 -51.93
N ALA L 168 -60.36 15.58 -51.53
CA ALA L 168 -59.50 16.50 -50.78
C ALA L 168 -59.08 15.98 -49.40
N ASN L 169 -57.86 16.33 -48.98
CA ASN L 169 -57.41 16.07 -47.60
C ASN L 169 -58.35 16.75 -46.61
N ARG L 170 -58.77 17.97 -46.95
CA ARG L 170 -59.65 18.74 -46.11
C ARG L 170 -60.71 19.42 -46.95
N LEU L 171 -61.95 19.40 -46.46
CA LEU L 171 -63.06 20.12 -47.07
C LEU L 171 -63.44 21.34 -46.24
N ILE L 172 -63.63 22.47 -46.92
CA ILE L 172 -64.05 23.70 -46.31
C ILE L 172 -65.32 24.17 -47.01
N ALA L 173 -66.37 24.49 -46.26
CA ALA L 173 -67.60 24.98 -46.89
C ALA L 173 -67.97 26.38 -46.43
N LEU L 174 -68.40 27.23 -47.35
CA LEU L 174 -68.96 28.51 -46.99
C LEU L 174 -70.28 28.24 -46.31
N HIS L 175 -70.55 28.93 -45.20
CA HIS L 175 -71.79 28.68 -44.49
C HIS L 175 -72.90 29.56 -45.04
N ASP L 176 -73.61 29.00 -46.02
CA ASP L 176 -74.52 29.78 -46.83
C ASP L 176 -75.61 28.85 -47.34
N PRO L 177 -76.85 29.35 -47.42
CA PRO L 177 -78.00 28.56 -47.88
C PRO L 177 -77.84 28.01 -49.31
N GLY L 178 -76.99 28.65 -50.13
CA GLY L 178 -76.77 28.22 -51.50
C GLY L 178 -75.70 27.13 -51.63
N VAL L 179 -75.04 26.82 -50.52
CA VAL L 179 -74.04 25.76 -50.47
C VAL L 179 -74.71 24.46 -50.05
N MET L 180 -74.68 23.48 -50.95
CA MET L 180 -75.37 22.23 -50.71
C MET L 180 -74.56 21.03 -51.19
N VAL L 181 -74.51 20.00 -50.36
CA VAL L 181 -73.95 18.72 -50.75
C VAL L 181 -75.05 17.68 -50.78
N HIS L 182 -75.12 16.89 -51.85
CA HIS L 182 -76.12 15.82 -51.93
C HIS L 182 -75.84 14.87 -53.11
N ALA L 183 -76.62 13.81 -53.20
CA ALA L 183 -76.44 12.82 -54.26
C ALA L 183 -77.37 13.09 -55.43
N MET L 184 -78.44 13.84 -55.20
CA MET L 184 -79.33 14.25 -56.29
C MET L 184 -80.05 15.54 -55.94
N GLY L 185 -80.38 16.33 -56.97
CA GLY L 185 -81.09 17.58 -56.80
C GLY L 185 -82.43 17.40 -56.10
N LYS L 186 -82.88 18.44 -55.42
CA LYS L 186 -84.15 18.42 -54.69
C LYS L 186 -85.34 18.03 -55.56
N ALA L 187 -85.39 18.58 -56.78
CA ALA L 187 -86.49 18.33 -57.71
C ALA L 187 -86.68 16.83 -57.93
N ALA L 188 -85.58 16.14 -58.27
CA ALA L 188 -85.60 14.71 -58.57
C ALA L 188 -85.83 13.84 -57.33
N ALA L 189 -85.47 14.34 -56.16
CA ALA L 189 -85.71 13.59 -54.93
C ALA L 189 -87.19 13.64 -54.55
N ALA L 190 -87.77 14.84 -54.63
CA ALA L 190 -89.17 15.05 -54.29
C ALA L 190 -90.08 14.54 -55.40
N ARG L 191 -89.49 14.23 -56.55
CA ARG L 191 -90.23 13.73 -57.70
C ARG L 191 -90.39 12.22 -57.64
N ILE L 192 -89.35 11.52 -57.20
CA ILE L 192 -89.45 10.08 -56.99
C ILE L 192 -90.03 9.78 -55.60
N THR L 193 -90.45 10.84 -54.91
CA THR L 193 -91.12 10.73 -53.61
C THR L 193 -92.35 11.65 -53.54
N GLU L 201 -92.34 17.62 -48.25
CA GLU L 201 -91.27 18.27 -49.00
C GLU L 201 -89.88 17.92 -48.44
N ALA L 202 -89.26 18.88 -47.75
CA ALA L 202 -87.98 18.66 -47.10
C ALA L 202 -88.15 17.90 -45.79
N LEU L 203 -88.97 16.85 -45.86
CA LEU L 203 -89.04 15.75 -44.90
C LEU L 203 -87.67 15.32 -44.35
N ALA L 204 -86.66 15.37 -45.22
CA ALA L 204 -85.30 14.93 -44.91
C ALA L 204 -84.57 15.76 -43.86
N ALA L 205 -85.26 16.69 -43.20
CA ALA L 205 -84.62 17.43 -42.12
C ALA L 205 -84.56 16.56 -40.85
N LYS L 206 -85.19 15.39 -40.90
CA LYS L 206 -85.21 14.46 -39.76
C LYS L 206 -84.25 13.29 -39.95
N VAL L 207 -83.55 13.30 -41.07
CA VAL L 207 -82.54 12.30 -41.37
C VAL L 207 -81.30 13.04 -41.89
N PRO L 208 -80.25 13.12 -41.09
CA PRO L 208 -79.11 13.97 -41.48
C PRO L 208 -78.48 13.59 -42.83
N PRO L 209 -78.25 12.28 -43.12
CA PRO L 209 -77.68 12.03 -44.45
C PRO L 209 -78.61 12.35 -45.63
N MET L 210 -79.88 12.65 -45.37
CA MET L 210 -80.80 13.01 -46.45
C MET L 210 -80.94 14.50 -46.65
N ALA L 211 -80.53 15.28 -45.64
CA ALA L 211 -80.75 16.73 -45.67
C ALA L 211 -79.84 17.46 -46.66
N TYR L 212 -80.29 18.63 -47.13
CA TYR L 212 -79.54 19.38 -48.12
C TYR L 212 -78.72 20.54 -47.53
N ASP L 213 -79.01 20.88 -46.27
CA ASP L 213 -78.39 22.05 -45.67
C ASP L 213 -76.98 21.72 -45.21
N ILE L 214 -76.11 22.71 -45.22
CA ILE L 214 -74.71 22.49 -44.92
C ILE L 214 -74.47 22.18 -43.42
N ASP L 215 -75.38 22.64 -42.56
CA ASP L 215 -75.31 22.27 -41.14
C ASP L 215 -75.47 20.77 -40.97
N SER L 216 -76.45 20.19 -41.66
CA SER L 216 -76.63 18.74 -41.58
C SER L 216 -75.41 18.01 -42.13
N TYR L 217 -74.84 18.52 -43.21
CA TYR L 217 -73.67 17.91 -43.80
C TYR L 217 -72.52 17.98 -42.81
N ALA L 218 -72.32 19.15 -42.21
CA ALA L 218 -71.30 19.35 -41.20
C ALA L 218 -71.42 18.33 -40.06
N SER L 219 -72.67 17.95 -39.76
CA SER L 219 -72.95 17.03 -38.67
C SER L 219 -72.47 15.61 -38.99
N LEU L 220 -72.14 15.36 -40.25
CA LEU L 220 -71.61 14.06 -40.65
C LEU L 220 -70.12 13.97 -40.41
N GLY L 221 -69.50 15.09 -40.01
CA GLY L 221 -68.06 15.11 -39.75
C GLY L 221 -67.17 15.09 -40.99
N LEU L 222 -67.69 15.56 -42.13
CA LEU L 222 -66.98 15.51 -43.39
C LEU L 222 -66.21 16.79 -43.70
N LEU L 223 -66.63 17.89 -43.09
CA LEU L 223 -65.97 19.18 -43.25
C LEU L 223 -64.94 19.48 -42.17
N TRP L 224 -63.77 19.99 -42.57
CA TRP L 224 -62.77 20.47 -41.63
C TRP L 224 -63.14 21.80 -40.98
N ARG L 225 -63.83 22.65 -41.74
CA ARG L 225 -64.35 23.92 -41.24
C ARG L 225 -65.48 24.46 -42.12
N THR L 226 -66.42 25.16 -41.49
CA THR L 226 -67.33 26.04 -42.21
C THR L 226 -66.94 27.50 -41.94
N LEU L 227 -67.27 28.39 -42.87
CA LEU L 227 -67.04 29.79 -42.57
C LEU L 227 -68.09 30.68 -43.22
N PRO L 228 -68.81 31.43 -42.38
CA PRO L 228 -69.77 32.40 -42.93
C PRO L 228 -69.06 33.58 -43.62
N VAL L 229 -69.71 34.14 -44.62
CA VAL L 229 -69.16 35.24 -45.39
C VAL L 229 -70.17 36.39 -45.50
N GLU L 230 -69.65 37.59 -45.75
CA GLU L 230 -70.48 38.77 -45.93
C GLU L 230 -71.31 38.66 -47.21
N THR L 231 -70.63 38.57 -48.34
CA THR L 231 -71.30 38.56 -49.66
C THR L 231 -70.87 37.37 -50.55
N VAL L 232 -71.59 36.26 -50.49
CA VAL L 232 -71.17 35.01 -51.13
C VAL L 232 -71.04 35.09 -52.64
N GLU L 233 -71.93 35.86 -53.28
CA GLU L 233 -71.92 35.98 -54.74
C GLU L 233 -70.66 36.66 -55.22
N VAL L 234 -70.29 37.74 -54.55
CA VAL L 234 -69.04 38.42 -54.83
C VAL L 234 -68.36 38.72 -53.52
N PRO L 235 -67.32 37.94 -53.18
CA PRO L 235 -66.66 38.02 -51.87
C PRO L 235 -66.09 39.40 -51.56
N SER L 236 -66.36 39.90 -50.35
CA SER L 236 -65.80 41.16 -49.91
C SER L 236 -64.30 41.07 -49.68
N THR L 237 -63.69 42.20 -49.34
CA THR L 237 -62.28 42.27 -48.99
C THR L 237 -62.03 41.51 -47.68
N ALA L 238 -62.96 41.65 -46.74
CA ALA L 238 -62.90 40.96 -45.46
C ALA L 238 -63.05 39.45 -45.66
N ASP L 239 -64.00 39.04 -46.51
CA ASP L 239 -64.20 37.63 -46.89
C ASP L 239 -62.94 36.98 -47.46
N LEU L 240 -62.35 37.61 -48.45
CA LEU L 240 -61.12 37.09 -49.05
C LEU L 240 -60.02 36.86 -48.01
N VAL L 241 -59.93 37.75 -47.03
CA VAL L 241 -58.93 37.60 -45.97
C VAL L 241 -59.21 36.36 -45.12
N ARG L 242 -60.46 36.21 -44.68
CA ARG L 242 -60.83 35.07 -43.84
C ARG L 242 -60.66 33.75 -44.59
N VAL L 243 -61.12 33.72 -45.84
CA VAL L 243 -60.97 32.52 -46.64
C VAL L 243 -59.49 32.17 -46.85
N ARG L 244 -58.69 33.16 -47.26
CA ARG L 244 -57.28 32.88 -47.47
C ARG L 244 -56.61 32.40 -46.21
N THR L 245 -56.98 33.00 -45.06
CA THR L 245 -56.39 32.59 -43.79
C THR L 245 -56.79 31.15 -43.48
N CYS L 246 -58.06 30.86 -43.68
CA CYS L 246 -58.56 29.51 -43.50
C CYS L 246 -57.86 28.50 -44.41
N LEU L 247 -57.71 28.84 -45.69
CA LEU L 247 -57.03 27.95 -46.62
C LEU L 247 -55.60 27.65 -46.14
N GLY L 248 -54.90 28.68 -45.68
CA GLY L 248 -53.54 28.55 -45.18
C GLY L 248 -53.44 27.66 -43.94
N GLU L 249 -54.40 27.79 -43.03
CA GLU L 249 -54.39 26.95 -41.84
C GLU L 249 -54.67 25.50 -42.20
N ALA L 250 -55.57 25.29 -43.16
CA ALA L 250 -55.86 23.96 -43.68
C ALA L 250 -54.60 23.35 -44.26
N LEU L 251 -53.92 24.13 -45.09
CA LEU L 251 -52.66 23.72 -45.68
C LEU L 251 -51.65 23.32 -44.60
N ALA L 252 -51.61 24.08 -43.51
CA ALA L 252 -50.68 23.80 -42.42
C ALA L 252 -51.08 22.49 -41.75
N ASP L 253 -52.38 22.31 -41.60
CA ASP L 253 -52.93 21.15 -40.91
C ASP L 253 -52.63 19.82 -41.63
N ILE L 254 -52.58 19.89 -42.95
CA ILE L 254 -52.32 18.72 -43.80
C ILE L 254 -50.85 18.32 -43.82
N LEU L 255 -49.97 19.29 -44.02
CA LEU L 255 -48.55 19.02 -44.27
C LEU L 255 -47.93 18.20 -43.14
N GLY L 256 -47.14 17.20 -43.50
CA GLY L 256 -46.52 16.33 -42.52
C GLY L 256 -47.39 15.24 -41.88
N GLY L 257 -48.70 15.27 -42.13
CA GLY L 257 -49.58 14.31 -41.48
C GLY L 257 -50.05 13.23 -42.41
N PRO L 258 -50.93 12.32 -41.94
CA PRO L 258 -51.54 11.25 -42.76
C PRO L 258 -52.12 11.81 -44.05
N ARG L 259 -51.92 11.11 -45.16
CA ARG L 259 -52.42 11.59 -46.44
C ARG L 259 -53.76 11.00 -46.80
N ASP L 260 -54.27 10.10 -45.97
CA ASP L 260 -55.53 9.44 -46.30
C ASP L 260 -56.74 10.28 -45.90
N LEU L 261 -57.92 9.63 -45.88
CA LEU L 261 -59.15 10.36 -45.64
C LEU L 261 -59.75 10.06 -44.25
N GLY L 262 -58.93 9.46 -43.39
CA GLY L 262 -59.35 9.04 -42.07
C GLY L 262 -59.93 10.12 -41.18
N GLY L 263 -59.57 11.36 -41.45
CA GLY L 263 -60.09 12.48 -40.69
C GLY L 263 -61.58 12.70 -40.92
N ARG L 264 -62.16 11.95 -41.86
CA ARG L 264 -63.59 12.09 -42.16
C ARG L 264 -64.47 11.19 -41.28
N LEU L 265 -63.85 10.46 -40.36
CA LEU L 265 -64.55 9.44 -39.60
C LEU L 265 -64.79 9.79 -38.12
N GLY L 266 -64.80 11.07 -37.77
CA GLY L 266 -64.90 11.43 -36.37
C GLY L 266 -66.27 11.72 -35.75
N ALA L 267 -67.32 11.88 -36.55
CA ALA L 267 -68.62 12.31 -36.02
C ALA L 267 -69.48 11.15 -35.55
N ALA L 268 -70.37 11.43 -34.58
CA ALA L 268 -71.21 10.38 -34.03
C ALA L 268 -72.15 9.88 -35.11
N ASN L 269 -72.51 10.78 -36.03
CA ASN L 269 -73.37 10.39 -37.14
C ASN L 269 -72.71 9.43 -38.11
N ARG L 270 -71.39 9.29 -38.04
CA ARG L 270 -70.70 8.31 -38.90
C ARG L 270 -70.14 7.19 -38.06
N GLU L 271 -70.79 6.96 -36.91
CA GLU L 271 -70.44 5.91 -35.96
C GLU L 271 -70.29 4.54 -36.63
N ALA L 272 -71.26 4.18 -37.46
CA ALA L 272 -71.24 2.87 -38.12
C ALA L 272 -70.05 2.76 -39.07
N SER L 273 -69.74 3.86 -39.75
CA SER L 273 -68.62 3.87 -40.69
C SER L 273 -67.31 3.53 -40.00
N ALA L 274 -67.13 4.09 -38.80
CA ALA L 274 -65.93 3.79 -38.00
C ALA L 274 -66.01 2.39 -37.42
N ARG L 275 -67.21 2.00 -36.98
CA ARG L 275 -67.40 0.69 -36.37
C ARG L 275 -67.12 -0.46 -37.38
N VAL L 276 -67.61 -0.28 -38.61
CA VAL L 276 -67.38 -1.25 -39.66
C VAL L 276 -65.87 -1.48 -39.87
N ARG L 277 -65.09 -0.41 -39.86
CA ARG L 277 -63.66 -0.54 -40.13
C ARG L 277 -62.97 -1.22 -38.96
N ARG L 278 -63.41 -0.91 -37.75
CA ARG L 278 -62.84 -1.58 -36.58
C ARG L 278 -63.13 -3.10 -36.63
N LEU L 279 -64.37 -3.47 -36.95
CA LEU L 279 -64.74 -4.89 -37.02
C LEU L 279 -63.99 -5.62 -38.14
N LEU L 280 -63.76 -4.92 -39.25
CA LEU L 280 -63.07 -5.52 -40.38
C LEU L 280 -61.64 -5.89 -40.00
N ARG L 281 -60.98 -5.02 -39.24
CA ARG L 281 -59.60 -5.29 -38.89
C ARG L 281 -59.54 -6.41 -37.86
N GLU L 282 -60.46 -6.40 -36.89
CA GLU L 282 -60.56 -7.48 -35.91
C GLU L 282 -60.66 -8.83 -36.60
N GLN L 283 -61.47 -8.89 -37.67
CA GLN L 283 -61.69 -10.17 -38.35
C GLN L 283 -60.82 -10.41 -39.59
N TRP L 284 -59.97 -9.44 -39.93
CA TRP L 284 -59.17 -9.53 -41.16
C TRP L 284 -58.28 -10.76 -41.22
N PRO M 7 -80.27 -12.89 10.55
CA PRO M 7 -80.01 -12.91 9.09
C PRO M 7 -81.16 -13.49 8.27
N PRO M 8 -81.62 -12.72 7.26
CA PRO M 8 -82.76 -13.08 6.39
C PRO M 8 -82.56 -14.40 5.66
N PRO M 9 -83.65 -15.16 5.47
CA PRO M 9 -83.64 -16.47 4.81
C PRO M 9 -83.03 -16.46 3.39
N GLN M 10 -83.33 -15.48 2.55
CA GLN M 10 -82.85 -15.46 1.16
C GLN M 10 -81.37 -15.10 1.04
N TRP M 11 -80.75 -14.70 2.15
CA TRP M 11 -79.33 -14.43 2.17
C TRP M 11 -78.56 -15.49 2.97
N SER M 12 -79.25 -16.49 3.50
CA SER M 12 -78.58 -17.51 4.28
C SER M 12 -78.95 -18.93 3.83
N ARG M 13 -79.07 -19.12 2.51
CA ARG M 13 -79.34 -20.43 1.93
C ARG M 13 -78.22 -21.44 2.20
N ARG M 14 -76.96 -20.98 2.14
CA ARG M 14 -75.83 -21.89 2.36
C ARG M 14 -75.88 -22.40 3.79
N ARG M 15 -76.12 -21.48 4.72
CA ARG M 15 -76.19 -21.81 6.13
C ARG M 15 -77.32 -22.78 6.41
N GLN M 16 -78.41 -22.65 5.67
CA GLN M 16 -79.56 -23.51 5.88
C GLN M 16 -79.29 -24.90 5.31
N GLU M 17 -78.63 -24.94 4.15
CA GLU M 17 -78.25 -26.20 3.55
C GLU M 17 -77.28 -26.98 4.45
N LYS M 18 -76.32 -26.28 5.05
CA LYS M 18 -75.44 -26.93 6.03
C LYS M 18 -76.24 -27.44 7.24
N GLN M 19 -77.24 -26.68 7.64
CA GLN M 19 -78.06 -27.03 8.80
C GLN M 19 -78.79 -28.36 8.58
N ARG M 20 -79.37 -28.52 7.39
CA ARG M 20 -80.09 -29.73 7.01
C ARG M 20 -79.16 -30.95 6.92
N ARG M 21 -77.97 -30.74 6.35
CA ARG M 21 -77.01 -31.83 6.23
C ARG M 21 -76.62 -32.34 7.61
N LEU M 22 -76.45 -31.42 8.56
CA LEU M 22 -76.07 -31.78 9.92
C LEU M 22 -77.16 -32.57 10.64
N GLU M 23 -78.41 -32.23 10.34
CA GLU M 23 -79.55 -32.92 10.95
C GLU M 23 -79.66 -34.36 10.47
N ARG M 24 -79.19 -34.63 9.25
CA ARG M 24 -79.24 -35.99 8.71
C ARG M 24 -78.26 -36.93 9.42
N VAL M 25 -77.36 -36.37 10.24
CA VAL M 25 -76.42 -37.20 11.00
C VAL M 25 -76.46 -36.96 12.51
N ARG M 26 -77.41 -36.16 12.98
CA ARG M 26 -77.48 -35.80 14.40
C ARG M 26 -77.72 -37.02 15.29
N GLY M 27 -78.44 -38.00 14.75
CA GLY M 27 -78.61 -39.26 15.44
C GLY M 27 -77.39 -40.14 15.30
N LEU M 28 -76.84 -40.18 14.09
CA LEU M 28 -75.68 -41.02 13.79
C LEU M 28 -74.42 -40.62 14.58
N ALA M 29 -74.35 -39.36 15.01
CA ALA M 29 -73.14 -38.86 15.64
C ALA M 29 -73.33 -38.48 17.09
N ASP M 30 -72.20 -38.38 17.80
CA ASP M 30 -72.17 -37.99 19.20
C ASP M 30 -71.48 -36.63 19.36
N GLY M 31 -72.23 -35.57 19.08
CA GLY M 31 -71.68 -34.23 19.05
C GLY M 31 -70.78 -34.07 17.83
N ALA M 32 -69.51 -33.78 18.08
CA ALA M 32 -68.53 -33.60 17.00
C ALA M 32 -67.93 -34.93 16.51
N VAL M 33 -68.05 -35.97 17.32
CA VAL M 33 -67.40 -37.25 17.00
C VAL M 33 -68.31 -38.15 16.18
N LEU M 34 -67.82 -38.57 15.01
CA LEU M 34 -68.52 -39.54 14.18
C LEU M 34 -68.01 -40.94 14.48
N PRO M 35 -68.91 -41.92 14.41
CA PRO M 35 -68.55 -43.33 14.65
C PRO M 35 -67.92 -43.97 13.42
N ARG M 36 -66.77 -44.60 13.64
CA ARG M 36 -65.95 -45.17 12.57
C ARG M 36 -66.72 -46.18 11.69
N GLU M 37 -67.83 -46.69 12.18
CA GLU M 37 -68.57 -47.71 11.45
C GLU M 37 -69.65 -47.10 10.57
N GLY M 38 -70.26 -46.01 11.01
CA GLY M 38 -71.25 -45.32 10.20
C GLY M 38 -70.68 -44.25 9.27
N LEU M 39 -69.37 -44.26 9.05
CA LEU M 39 -68.72 -43.19 8.29
C LEU M 39 -69.27 -43.09 6.86
N VAL M 40 -69.29 -44.21 6.16
CA VAL M 40 -69.83 -44.23 4.79
C VAL M 40 -71.26 -43.71 4.75
N ALA M 41 -72.03 -43.99 5.80
CA ALA M 41 -73.40 -43.49 5.89
C ALA M 41 -73.40 -42.00 6.13
N ALA M 42 -72.43 -41.54 6.93
CA ALA M 42 -72.27 -40.12 7.18
C ALA M 42 -71.91 -39.42 5.87
N LEU M 43 -70.93 -39.97 5.16
CA LEU M 43 -70.46 -39.37 3.92
C LEU M 43 -71.60 -39.23 2.90
N GLU M 44 -72.49 -40.22 2.87
CA GLU M 44 -73.60 -40.20 1.93
C GLU M 44 -74.66 -39.19 2.32
N ALA M 45 -74.58 -38.71 3.56
CA ALA M 45 -75.53 -37.71 4.04
C ALA M 45 -74.97 -36.29 3.99
N LEU M 46 -73.74 -36.12 4.45
CA LEU M 46 -73.15 -34.79 4.60
C LEU M 46 -72.72 -34.20 3.25
N ILE M 47 -72.48 -35.09 2.29
CA ILE M 47 -72.07 -34.70 0.95
C ILE M 47 -73.25 -34.86 0.00
N ALA M 48 -73.37 -33.96 -0.96
CA ALA M 48 -74.44 -34.04 -1.95
C ALA M 48 -73.84 -34.27 -3.32
N PRO M 49 -74.62 -34.84 -4.25
CA PRO M 49 -74.05 -35.00 -5.60
C PRO M 49 -73.77 -33.66 -6.27
N GLY M 50 -72.70 -33.60 -7.06
CA GLY M 50 -72.27 -32.35 -7.67
C GLY M 50 -71.39 -31.50 -6.78
N ASP M 51 -71.28 -31.90 -5.52
CA ASP M 51 -70.47 -31.18 -4.54
C ASP M 51 -69.00 -31.04 -4.95
N ARG M 52 -68.44 -29.87 -4.65
CA ARG M 52 -67.00 -29.66 -4.69
C ARG M 52 -66.43 -30.15 -3.39
N VAL M 53 -65.66 -31.24 -3.45
CA VAL M 53 -65.09 -31.84 -2.26
C VAL M 53 -63.56 -31.76 -2.30
N VAL M 54 -63.00 -31.12 -1.28
CA VAL M 54 -61.56 -31.07 -1.11
C VAL M 54 -61.21 -32.36 -0.39
N LEU M 55 -60.20 -33.06 -0.90
CA LEU M 55 -59.79 -34.34 -0.31
C LEU M 55 -58.28 -34.35 -0.18
N GLU M 56 -57.80 -34.52 1.05
CA GLU M 56 -56.37 -34.45 1.26
C GLU M 56 -55.72 -35.66 0.66
N GLY M 57 -55.34 -35.42 -0.58
CA GLY M 57 -54.10 -35.86 -1.13
C GLY M 57 -53.26 -34.60 -1.02
N ASN M 58 -52.53 -34.51 0.08
CA ASN M 58 -51.43 -33.57 0.19
C ASN M 58 -50.19 -34.24 -0.42
N ASN M 59 -49.08 -33.52 -0.51
CA ASN M 59 -47.86 -34.11 -1.04
C ASN M 59 -47.42 -35.32 -0.21
N GLN M 60 -47.66 -35.27 1.10
CA GLN M 60 -47.21 -36.32 1.98
C GLN M 60 -48.36 -36.91 2.80
N LYS M 61 -49.08 -36.08 3.54
CA LYS M 61 -50.22 -36.57 4.31
C LYS M 61 -51.40 -37.00 3.44
N GLN M 62 -51.91 -38.20 3.70
CA GLN M 62 -53.12 -38.65 3.03
C GLN M 62 -54.20 -38.93 4.09
N ALA M 63 -55.40 -38.39 3.87
CA ALA M 63 -56.57 -38.80 4.64
C ALA M 63 -57.13 -40.07 4.03
N ASP M 64 -56.41 -41.18 4.19
CA ASP M 64 -56.68 -42.38 3.40
C ASP M 64 -57.91 -43.11 3.89
N PHE M 65 -58.19 -42.99 5.19
CA PHE M 65 -59.44 -43.52 5.75
C PHE M 65 -60.63 -42.86 5.04
N LEU M 66 -60.73 -41.54 5.12
CA LEU M 66 -61.81 -40.81 4.43
C LEU M 66 -61.79 -41.09 2.94
N SER M 67 -60.59 -41.17 2.39
CA SER M 67 -60.38 -41.50 0.98
C SER M 67 -60.94 -42.88 0.60
N ARG M 68 -60.58 -43.91 1.36
CA ARG M 68 -61.09 -45.26 1.09
C ARG M 68 -62.57 -45.39 1.42
N SER M 69 -63.02 -44.72 2.48
CA SER M 69 -64.43 -44.72 2.84
C SER M 69 -65.26 -44.09 1.74
N LEU M 70 -64.78 -42.98 1.19
CA LEU M 70 -65.51 -42.28 0.13
C LEU M 70 -65.66 -43.20 -1.08
N ALA M 71 -64.63 -44.01 -1.31
CA ALA M 71 -64.63 -44.94 -2.44
C ALA M 71 -65.66 -46.08 -2.29
N ARG M 72 -66.11 -46.33 -1.06
CA ARG M 72 -67.09 -47.38 -0.79
C ARG M 72 -68.54 -46.90 -0.89
N VAL M 73 -68.73 -45.62 -1.25
CA VAL M 73 -70.04 -44.96 -1.24
C VAL M 73 -70.91 -45.46 -2.38
N ASP M 74 -72.23 -45.43 -2.17
CA ASP M 74 -73.18 -45.80 -3.21
C ASP M 74 -73.26 -44.72 -4.31
N PRO M 75 -72.78 -45.06 -5.54
CA PRO M 75 -72.75 -44.12 -6.66
C PRO M 75 -74.13 -43.59 -7.04
N GLY M 76 -75.19 -44.27 -6.59
CA GLY M 76 -76.54 -43.80 -6.83
C GLY M 76 -76.90 -42.63 -5.93
N LYS M 77 -76.17 -42.51 -4.81
CA LYS M 77 -76.37 -41.40 -3.87
C LYS M 77 -75.39 -40.26 -4.16
N LEU M 78 -74.10 -40.56 -4.15
CA LEU M 78 -73.07 -39.58 -4.48
C LEU M 78 -72.47 -39.85 -5.85
N HIS M 79 -72.67 -38.89 -6.75
CA HIS M 79 -72.13 -38.95 -8.12
C HIS M 79 -71.89 -37.52 -8.61
N ASP M 80 -71.12 -37.40 -9.68
CA ASP M 80 -70.72 -36.10 -10.23
C ASP M 80 -70.03 -35.20 -9.20
N LEU M 81 -69.34 -35.82 -8.25
CA LEU M 81 -68.55 -35.07 -7.29
C LEU M 81 -67.42 -34.34 -8.02
N HIS M 82 -67.23 -33.07 -7.68
CA HIS M 82 -66.15 -32.25 -8.24
C HIS M 82 -64.97 -32.32 -7.28
N MET M 83 -63.91 -33.03 -7.66
CA MET M 83 -62.79 -33.25 -6.74
C MET M 83 -61.69 -32.20 -6.84
N ILE M 84 -61.33 -31.63 -5.69
CA ILE M 84 -60.26 -30.65 -5.60
C ILE M 84 -59.15 -31.19 -4.73
N MET M 85 -58.03 -31.54 -5.35
CA MET M 85 -56.95 -32.21 -4.65
C MET M 85 -55.58 -31.63 -4.97
N PRO M 86 -54.83 -31.23 -3.94
CA PRO M 86 -53.44 -30.82 -4.18
C PRO M 86 -52.60 -31.92 -4.85
N SER M 87 -52.66 -33.14 -4.31
CA SER M 87 -51.92 -34.27 -4.89
C SER M 87 -52.83 -35.47 -5.08
N VAL M 88 -52.90 -35.98 -6.30
CA VAL M 88 -53.68 -37.17 -6.61
C VAL M 88 -52.73 -38.35 -6.77
N GLY M 89 -52.44 -39.05 -5.69
CA GLY M 89 -51.41 -40.07 -5.74
C GLY M 89 -51.84 -41.47 -5.32
N ARG M 90 -52.99 -41.57 -4.68
CA ARG M 90 -53.47 -42.83 -4.11
C ARG M 90 -54.53 -43.48 -5.00
N PRO M 91 -54.49 -44.82 -5.13
CA PRO M 91 -55.39 -45.55 -6.04
C PRO M 91 -56.88 -45.29 -5.80
N GLU M 92 -57.32 -45.17 -4.54
CA GLU M 92 -58.72 -44.85 -4.25
C GLU M 92 -59.13 -43.49 -4.81
N HIS M 93 -58.16 -42.59 -4.97
CA HIS M 93 -58.44 -41.26 -5.49
C HIS M 93 -59.03 -41.36 -6.88
N LEU M 94 -58.39 -42.12 -7.76
CA LEU M 94 -58.88 -42.24 -9.12
C LEU M 94 -60.00 -43.28 -9.25
N ASP M 95 -60.09 -44.20 -8.31
CA ASP M 95 -61.22 -45.14 -8.27
C ASP M 95 -62.55 -44.37 -8.31
N LEU M 96 -62.60 -43.24 -7.62
CA LEU M 96 -63.80 -42.41 -7.53
C LEU M 96 -64.42 -42.08 -8.89
N PHE M 97 -63.56 -41.97 -9.91
CA PHE M 97 -64.00 -41.64 -11.25
C PHE M 97 -64.44 -42.88 -12.02
N GLU M 98 -63.72 -43.97 -11.79
CA GLU M 98 -64.06 -45.25 -12.39
C GLU M 98 -65.41 -45.72 -11.85
N LEU M 99 -65.61 -45.62 -10.54
CA LEU M 99 -66.85 -46.06 -9.91
C LEU M 99 -67.99 -45.05 -10.05
N GLY M 100 -67.78 -43.98 -10.83
CA GLY M 100 -68.82 -43.00 -11.12
C GLY M 100 -69.27 -42.14 -9.95
N ILE M 101 -68.45 -42.09 -8.91
CA ILE M 101 -68.73 -41.24 -7.76
C ILE M 101 -68.30 -39.79 -8.05
N ALA M 102 -67.20 -39.66 -8.79
CA ALA M 102 -66.61 -38.36 -9.10
C ALA M 102 -66.46 -38.15 -10.61
N ARG M 103 -66.62 -36.91 -11.06
CA ARG M 103 -66.49 -36.57 -12.48
C ARG M 103 -65.42 -35.49 -12.76
N LYS M 104 -65.51 -34.37 -12.07
CA LYS M 104 -64.58 -33.25 -12.29
C LYS M 104 -63.34 -33.29 -11.38
N LEU M 105 -62.18 -32.98 -11.96
CA LEU M 105 -60.94 -32.96 -11.20
C LEU M 105 -60.15 -31.66 -11.39
N ASP M 106 -59.91 -30.96 -10.29
CA ASP M 106 -58.90 -29.91 -10.25
C ASP M 106 -57.80 -30.33 -9.28
N PHE M 107 -56.56 -30.26 -9.72
CA PHE M 107 -55.44 -30.80 -8.94
C PHE M 107 -54.13 -30.08 -9.27
N SER M 108 -53.11 -30.29 -8.45
CA SER M 108 -51.81 -29.69 -8.77
C SER M 108 -50.79 -30.74 -9.15
N PHE M 109 -50.75 -31.82 -8.39
CA PHE M 109 -49.68 -32.81 -8.55
C PHE M 109 -50.22 -34.20 -8.77
N SER M 110 -49.58 -34.90 -9.69
CA SER M 110 -49.79 -36.31 -9.85
C SER M 110 -48.42 -36.88 -10.09
N GLY M 111 -48.17 -38.04 -9.51
CA GLY M 111 -46.92 -38.73 -9.73
C GLY M 111 -47.18 -39.94 -10.58
N PRO M 112 -47.47 -41.09 -9.93
CA PRO M 112 -47.65 -42.41 -10.56
C PRO M 112 -48.89 -42.49 -11.46
N GLN M 113 -50.01 -42.06 -10.92
CA GLN M 113 -51.32 -42.18 -11.55
C GLN M 113 -51.49 -41.25 -12.74
N SER M 114 -50.37 -40.70 -13.18
CA SER M 114 -50.29 -39.81 -14.32
C SER M 114 -50.82 -40.53 -15.58
N LEU M 115 -50.43 -41.80 -15.74
CA LEU M 115 -50.91 -42.63 -16.86
C LEU M 115 -52.40 -42.92 -16.70
N ARG M 116 -52.80 -43.29 -15.49
CA ARG M 116 -54.19 -43.63 -15.22
C ARG M 116 -55.13 -42.44 -15.43
N ILE M 117 -54.67 -41.24 -15.09
CA ILE M 117 -55.46 -40.02 -15.28
C ILE M 117 -55.74 -39.79 -16.76
N GLY M 118 -54.72 -39.97 -17.60
CA GLY M 118 -54.89 -39.90 -19.04
C GLY M 118 -55.92 -40.89 -19.55
N GLN M 119 -55.85 -42.11 -19.05
CA GLN M 119 -56.79 -43.17 -19.42
C GLN M 119 -58.24 -42.82 -19.06
N LEU M 120 -58.47 -42.43 -17.81
CA LEU M 120 -59.81 -42.08 -17.35
C LEU M 120 -60.36 -40.87 -18.09
N LEU M 121 -59.49 -39.95 -18.48
CA LEU M 121 -59.89 -38.78 -19.25
C LEU M 121 -60.33 -39.20 -20.65
N GLU M 122 -59.59 -40.14 -21.23
CA GLU M 122 -59.89 -40.64 -22.57
C GLU M 122 -61.23 -41.40 -22.62
N ASP M 123 -61.55 -42.11 -21.55
CA ASP M 123 -62.79 -42.89 -21.49
C ASP M 123 -63.98 -42.07 -20.97
N GLY M 124 -63.77 -40.77 -20.76
CA GLY M 124 -64.85 -39.88 -20.39
C GLY M 124 -65.32 -40.00 -18.95
N LEU M 125 -64.54 -40.68 -18.12
CA LEU M 125 -64.90 -40.87 -16.71
C LEU M 125 -64.32 -39.78 -15.80
N LEU M 126 -63.36 -39.03 -16.33
CA LEU M 126 -62.71 -37.96 -15.58
C LEU M 126 -62.55 -36.72 -16.46
N GLU M 127 -62.98 -35.57 -15.93
CA GLU M 127 -62.78 -34.28 -16.61
C GLU M 127 -61.88 -33.34 -15.80
N ILE M 128 -60.77 -32.92 -16.42
CA ILE M 128 -59.82 -31.99 -15.81
C ILE M 128 -60.20 -30.53 -16.00
N GLY M 129 -60.46 -29.82 -14.90
CA GLY M 129 -60.66 -28.39 -14.95
C GLY M 129 -59.33 -27.78 -15.37
N ALA M 130 -58.37 -27.76 -14.45
CA ALA M 130 -57.01 -27.40 -14.82
C ALA M 130 -55.95 -28.06 -13.95
N ILE M 131 -54.76 -28.22 -14.50
CA ILE M 131 -53.57 -28.48 -13.70
C ILE M 131 -53.08 -27.15 -13.08
N HIS M 132 -53.00 -27.12 -11.76
CA HIS M 132 -52.59 -25.94 -11.04
C HIS M 132 -51.22 -26.15 -10.38
N THR M 133 -50.69 -25.06 -9.81
CA THR M 133 -49.67 -25.16 -8.78
C THR M 133 -50.36 -24.93 -7.42
N TYR M 134 -49.90 -25.61 -6.37
CA TYR M 134 -50.63 -25.68 -5.09
C TYR M 134 -51.29 -24.38 -4.64
N ILE M 135 -50.49 -23.32 -4.50
CA ILE M 135 -50.99 -22.12 -3.86
C ILE M 135 -51.98 -21.42 -4.79
N GLU M 136 -51.92 -21.76 -6.08
CA GLU M 136 -52.89 -21.27 -7.04
C GLU M 136 -54.24 -21.93 -6.78
N LEU M 137 -54.20 -23.22 -6.45
CA LEU M 137 -55.42 -23.95 -6.14
C LEU M 137 -56.08 -23.43 -4.85
N TYR M 138 -55.29 -23.21 -3.80
CA TYR M 138 -55.82 -22.62 -2.58
C TYR M 138 -56.56 -21.31 -2.90
N ALA M 139 -55.86 -20.43 -3.64
CA ALA M 139 -56.39 -19.10 -3.97
C ALA M 139 -57.79 -19.18 -4.56
N ARG M 140 -58.00 -20.12 -5.46
CA ARG M 140 -59.32 -20.32 -6.08
C ARG M 140 -60.42 -20.72 -5.10
N LEU M 141 -60.05 -21.34 -3.98
CA LEU M 141 -61.03 -21.81 -3.00
C LEU M 141 -61.83 -20.67 -2.32
N VAL M 142 -61.39 -19.42 -2.42
CA VAL M 142 -62.21 -18.32 -1.88
C VAL M 142 -62.72 -17.42 -3.00
N VAL M 143 -62.64 -17.92 -4.22
CA VAL M 143 -63.13 -17.18 -5.36
C VAL M 143 -63.99 -18.04 -6.25
N ASP M 144 -63.32 -18.98 -6.88
CA ASP M 144 -63.78 -19.70 -8.04
C ASP M 144 -64.27 -21.12 -7.74
N LEU M 145 -63.75 -21.66 -6.65
CA LEU M 145 -63.92 -23.06 -6.32
C LEU M 145 -64.24 -23.15 -4.84
N ILE M 146 -65.15 -22.29 -4.38
CA ILE M 146 -65.60 -22.40 -2.99
C ILE M 146 -66.04 -23.84 -2.82
N PRO M 147 -65.39 -24.55 -1.89
CA PRO M 147 -65.71 -25.97 -1.74
C PRO M 147 -66.91 -26.15 -0.82
N ASN M 148 -67.68 -27.21 -1.05
CA ASN M 148 -68.78 -27.57 -0.18
C ASN M 148 -68.35 -28.43 1.00
N VAL M 149 -67.33 -29.27 0.78
CA VAL M 149 -66.89 -30.25 1.75
C VAL M 149 -65.37 -30.42 1.76
N ALA M 150 -64.76 -30.40 2.95
CA ALA M 150 -63.34 -30.66 3.08
C ALA M 150 -63.08 -31.95 3.88
N LEU M 151 -62.26 -32.81 3.29
CA LEU M 151 -61.91 -34.11 3.85
C LEU M 151 -60.42 -34.12 4.18
N VAL M 152 -60.08 -33.95 5.46
CA VAL M 152 -58.69 -33.76 5.84
C VAL M 152 -58.28 -34.69 6.99
N ALA M 153 -56.99 -34.65 7.35
CA ALA M 153 -56.46 -35.56 8.37
C ALA M 153 -55.59 -34.84 9.38
N GLY M 154 -55.63 -35.32 10.63
CA GLY M 154 -54.75 -34.84 11.68
C GLY M 154 -54.30 -36.00 12.59
N PHE M 155 -53.33 -35.74 13.45
CA PHE M 155 -52.89 -36.76 14.41
C PHE M 155 -53.92 -36.94 15.54
N VAL M 156 -54.24 -35.87 16.25
CA VAL M 156 -55.09 -35.95 17.43
C VAL M 156 -56.24 -34.93 17.40
N ALA M 157 -57.43 -35.34 17.81
CA ALA M 157 -58.50 -34.38 18.09
C ALA M 157 -59.02 -34.55 19.52
N ASP M 158 -59.60 -33.49 20.09
CA ASP M 158 -60.38 -33.69 21.31
C ASP M 158 -61.85 -33.83 20.93
N ARG M 159 -62.71 -34.06 21.92
CA ARG M 159 -64.14 -34.26 21.68
C ARG M 159 -64.78 -33.02 21.05
N GLU M 160 -64.31 -31.85 21.47
CA GLU M 160 -64.84 -30.56 21.01
C GLU M 160 -64.56 -30.29 19.52
N GLY M 161 -63.44 -30.81 19.02
CA GLY M 161 -63.11 -30.64 17.61
C GLY M 161 -61.77 -29.98 17.30
N ASN M 162 -61.05 -29.54 18.32
CA ASN M 162 -59.70 -29.05 18.10
C ASN M 162 -58.79 -30.16 17.59
N VAL M 163 -58.06 -29.86 16.52
CA VAL M 163 -57.20 -30.83 15.85
C VAL M 163 -55.72 -30.42 15.87
N TYR M 164 -54.88 -31.38 16.31
CA TYR M 164 -53.43 -31.29 16.18
C TYR M 164 -52.97 -31.99 14.89
N THR M 165 -52.30 -31.25 14.02
CA THR M 165 -51.76 -31.83 12.79
C THR M 165 -50.22 -31.88 12.77
N GLY M 166 -49.58 -31.11 13.64
CA GLY M 166 -48.13 -31.20 13.85
C GLY M 166 -47.25 -31.01 12.62
N PRO M 167 -46.21 -31.84 12.49
CA PRO M 167 -45.26 -31.84 11.37
C PRO M 167 -45.95 -31.96 10.02
N SER M 168 -47.11 -32.60 10.04
CA SER M 168 -47.91 -32.85 8.83
C SER M 168 -49.05 -31.84 8.63
N THR M 169 -48.91 -30.65 9.20
CA THR M 169 -49.91 -29.60 8.99
C THR M 169 -50.14 -29.33 7.50
N GLU M 170 -49.05 -29.11 6.76
CA GLU M 170 -49.09 -29.10 5.29
C GLU M 170 -50.18 -28.18 4.70
N ASP M 171 -51.01 -28.74 3.82
CA ASP M 171 -52.08 -28.01 3.13
C ASP M 171 -53.28 -27.67 3.99
N THR M 172 -53.37 -28.30 5.16
CA THR M 172 -54.64 -28.41 5.85
C THR M 172 -55.28 -27.05 6.23
N PRO M 173 -54.51 -26.09 6.77
CA PRO M 173 -55.18 -24.83 7.08
C PRO M 173 -55.68 -24.11 5.83
N ALA M 174 -54.94 -24.22 4.73
CA ALA M 174 -55.36 -23.63 3.46
C ALA M 174 -56.65 -24.26 2.92
N LEU M 175 -56.86 -25.53 3.23
CA LEU M 175 -58.00 -26.25 2.69
C LEU M 175 -59.24 -26.06 3.55
N VAL M 176 -59.02 -25.99 4.86
CA VAL M 176 -60.13 -25.96 5.80
C VAL M 176 -60.75 -24.55 5.90
N GLU M 177 -59.93 -23.52 6.03
CA GLU M 177 -60.47 -22.15 6.19
C GLU M 177 -61.54 -21.77 5.15
N PRO M 178 -61.28 -21.95 3.85
CA PRO M 178 -62.37 -21.52 2.94
C PRO M 178 -63.63 -22.38 3.01
N THR M 179 -63.48 -23.65 3.40
CA THR M 179 -64.63 -24.52 3.64
C THR M 179 -65.38 -24.13 4.91
N ALA M 180 -64.66 -24.01 6.01
CA ALA M 180 -65.25 -23.71 7.32
C ALA M 180 -65.98 -22.37 7.36
N PHE M 181 -65.53 -21.41 6.55
CA PHE M 181 -66.08 -20.07 6.64
C PHE M 181 -67.02 -19.71 5.49
N SER M 182 -67.43 -20.72 4.72
CA SER M 182 -68.44 -20.53 3.69
C SER M 182 -69.60 -21.51 3.85
N ASP M 183 -69.91 -21.85 5.11
CA ASP M 183 -71.01 -22.75 5.47
C ASP M 183 -70.81 -24.12 4.84
N GLY M 184 -69.57 -24.48 4.58
CA GLY M 184 -69.25 -25.80 4.06
C GLY M 184 -69.02 -26.75 5.22
N ILE M 185 -68.84 -28.03 4.91
CA ILE M 185 -68.71 -29.06 5.94
C ILE M 185 -67.28 -29.62 6.02
N VAL M 186 -66.70 -29.53 7.21
CA VAL M 186 -65.33 -30.02 7.43
C VAL M 186 -65.28 -31.27 8.31
N ILE M 187 -64.87 -32.36 7.68
CA ILE M 187 -64.65 -33.65 8.33
C ILE M 187 -63.17 -33.92 8.44
N VAL M 188 -62.68 -34.20 9.64
CA VAL M 188 -61.28 -34.55 9.80
C VAL M 188 -61.12 -35.94 10.46
N GLN M 189 -60.34 -36.80 9.82
CA GLN M 189 -59.98 -38.07 10.44
C GLN M 189 -58.76 -37.84 11.31
N VAL M 190 -58.73 -38.48 12.47
CA VAL M 190 -57.60 -38.37 13.40
C VAL M 190 -57.13 -39.75 13.87
N ASN M 191 -55.88 -39.84 14.34
CA ASN M 191 -55.36 -41.14 14.71
C ASN M 191 -55.86 -41.55 16.10
N ARG M 192 -56.13 -40.56 16.94
CA ARG M 192 -56.74 -40.80 18.26
C ARG M 192 -57.48 -39.56 18.78
N ILE M 193 -58.56 -39.80 19.52
CA ILE M 193 -59.32 -38.74 20.15
C ILE M 193 -59.10 -38.75 21.65
N VAL M 194 -58.50 -37.68 22.18
CA VAL M 194 -58.27 -37.56 23.60
C VAL M 194 -59.52 -37.06 24.33
N ASP M 195 -59.77 -37.62 25.51
CA ASP M 195 -60.90 -37.20 26.31
C ASP M 195 -60.55 -35.92 27.05
N ASP M 196 -59.34 -35.86 27.61
CA ASP M 196 -58.87 -34.63 28.24
C ASP M 196 -58.32 -33.72 27.15
N PRO M 197 -59.00 -32.58 26.90
CA PRO M 197 -58.58 -31.63 25.86
C PRO M 197 -57.16 -31.13 26.07
N ARG M 198 -56.61 -31.33 27.27
CA ARG M 198 -55.27 -30.86 27.58
C ARG M 198 -54.18 -31.80 27.08
N ASP M 199 -54.56 -33.03 26.73
CA ASP M 199 -53.63 -34.01 26.16
C ASP M 199 -53.40 -33.78 24.66
N LEU M 200 -54.07 -32.78 24.11
CA LEU M 200 -53.82 -32.32 22.75
C LEU M 200 -52.49 -31.55 22.78
N PRO M 201 -51.50 -32.00 22.00
CA PRO M 201 -50.18 -31.33 22.13
C PRO M 201 -50.21 -29.86 21.72
N ARG M 202 -51.04 -29.52 20.75
CA ARG M 202 -51.13 -28.17 20.25
C ARG M 202 -52.41 -28.09 19.45
N VAL M 203 -52.97 -26.89 19.29
CA VAL M 203 -54.09 -26.71 18.37
C VAL M 203 -53.62 -26.13 17.05
N ASP M 204 -53.84 -26.86 15.96
CA ASP M 204 -53.46 -26.36 14.63
C ASP M 204 -54.71 -25.87 13.89
N ILE M 205 -55.81 -26.60 14.06
CA ILE M 205 -57.11 -26.23 13.48
C ILE M 205 -58.14 -26.18 14.62
N PRO M 206 -58.62 -24.96 14.95
CA PRO M 206 -59.61 -24.73 16.01
C PRO M 206 -60.93 -25.47 15.81
N ALA M 207 -61.53 -25.86 16.94
CA ALA M 207 -62.82 -26.56 16.93
C ALA M 207 -63.87 -25.79 16.12
N SER M 208 -63.83 -24.46 16.24
CA SER M 208 -64.70 -23.54 15.49
C SER M 208 -64.70 -23.81 13.99
N TRP M 209 -63.59 -24.33 13.45
CA TRP M 209 -63.48 -24.59 12.02
C TRP M 209 -63.95 -25.97 11.62
N VAL M 210 -64.03 -26.87 12.59
CA VAL M 210 -64.29 -28.30 12.35
C VAL M 210 -65.72 -28.69 12.67
N ASP M 211 -66.35 -29.49 11.81
CA ASP M 211 -67.69 -29.97 12.07
C ASP M 211 -67.67 -31.36 12.70
N PHE M 212 -66.86 -32.26 12.12
CA PHE M 212 -66.79 -33.64 12.60
C PHE M 212 -65.37 -34.20 12.65
N VAL M 213 -65.10 -34.98 13.68
CA VAL M 213 -63.86 -35.75 13.78
C VAL M 213 -64.18 -37.24 13.80
N VAL M 214 -63.28 -38.04 13.22
CA VAL M 214 -63.44 -39.48 13.17
C VAL M 214 -62.11 -40.13 13.53
N GLU M 215 -62.13 -41.07 14.47
CA GLU M 215 -60.95 -41.89 14.71
C GLU M 215 -60.73 -42.84 13.52
N ALA M 216 -59.57 -42.73 12.88
CA ALA M 216 -59.29 -43.54 11.71
C ALA M 216 -59.10 -45.02 12.07
N ASP M 217 -59.29 -45.88 11.08
CA ASP M 217 -59.10 -47.32 11.25
C ASP M 217 -57.62 -47.67 11.42
N GLN M 218 -56.75 -46.74 11.05
CA GLN M 218 -55.29 -46.86 11.21
C GLN M 218 -54.67 -45.49 10.95
N PRO M 219 -53.46 -45.24 11.47
CA PRO M 219 -52.84 -43.92 11.28
C PRO M 219 -52.82 -43.48 9.81
N PHE M 220 -53.07 -42.19 9.59
CA PHE M 220 -53.19 -41.66 8.23
C PHE M 220 -51.88 -41.90 7.49
N TYR M 221 -51.98 -42.27 6.21
CA TYR M 221 -50.80 -42.58 5.43
C TYR M 221 -49.89 -41.37 5.17
N ILE M 222 -48.58 -41.57 5.35
CA ILE M 222 -47.62 -40.53 5.05
C ILE M 222 -46.65 -40.98 3.96
N GLU M 223 -46.64 -40.28 2.84
CA GLU M 223 -45.71 -40.55 1.76
C GLU M 223 -44.44 -39.69 1.88
N PRO M 224 -43.25 -40.33 2.04
CA PRO M 224 -41.99 -39.56 2.08
C PRO M 224 -41.61 -39.04 0.68
N LEU M 225 -42.46 -38.22 0.09
CA LEU M 225 -42.34 -37.82 -1.32
C LEU M 225 -40.96 -37.27 -1.72
N PHE M 226 -40.35 -36.45 -0.85
CA PHE M 226 -39.12 -35.77 -1.23
C PHE M 226 -37.82 -36.43 -0.75
N THR M 227 -37.94 -37.48 0.06
CA THR M 227 -36.76 -38.26 0.46
C THR M 227 -36.08 -38.95 -0.74
N ARG M 228 -34.79 -38.69 -0.88
CA ARG M 228 -33.99 -39.32 -1.92
C ARG M 228 -32.92 -40.20 -1.29
N ASP M 229 -32.78 -41.42 -1.79
CA ASP M 229 -31.73 -42.36 -1.35
C ASP M 229 -30.40 -41.97 -1.98
N PRO M 230 -29.42 -41.55 -1.17
CA PRO M 230 -28.13 -41.13 -1.74
C PRO M 230 -27.42 -42.20 -2.56
N ARG M 231 -27.75 -43.48 -2.33
CA ARG M 231 -27.12 -44.57 -3.08
C ARG M 231 -27.39 -44.40 -4.58
N HIS M 232 -28.48 -43.75 -4.95
CA HIS M 232 -28.76 -43.63 -6.37
C HIS M 232 -28.16 -42.40 -7.02
N ILE M 233 -27.39 -41.61 -6.27
CA ILE M 233 -26.79 -40.41 -6.85
C ILE M 233 -25.54 -40.80 -7.62
N LYS M 234 -25.47 -40.40 -8.89
CA LYS M 234 -24.37 -40.74 -9.80
C LYS M 234 -23.37 -39.58 -9.96
N PRO M 235 -22.13 -39.89 -10.38
CA PRO M 235 -21.16 -38.82 -10.64
C PRO M 235 -21.67 -37.72 -11.55
N VAL M 236 -22.46 -38.03 -12.55
CA VAL M 236 -23.00 -36.98 -13.42
C VAL M 236 -23.87 -36.00 -12.61
N HIS M 237 -24.55 -36.49 -11.57
CA HIS M 237 -25.34 -35.62 -10.69
C HIS M 237 -24.42 -34.68 -9.92
N VAL M 238 -23.33 -35.24 -9.44
CA VAL M 238 -22.37 -34.48 -8.68
C VAL M 238 -21.73 -33.41 -9.56
N LEU M 239 -21.42 -33.76 -10.81
CA LEU M 239 -20.84 -32.81 -11.74
C LEU M 239 -21.77 -31.62 -11.92
N MET M 240 -23.05 -31.92 -12.11
CA MET M 240 -24.05 -30.88 -12.29
C MET M 240 -24.18 -30.05 -11.02
N ALA M 241 -24.15 -30.73 -9.87
CA ALA M 241 -24.24 -30.08 -8.54
C ALA M 241 -23.07 -29.12 -8.30
N MET M 242 -21.87 -29.57 -8.67
CA MET M 242 -20.67 -28.75 -8.55
C MET M 242 -20.84 -27.45 -9.31
N MET M 243 -21.31 -27.55 -10.55
CA MET M 243 -21.53 -26.37 -11.37
C MET M 243 -22.63 -25.46 -10.82
N ALA M 244 -23.69 -26.04 -10.25
CA ALA M 244 -24.69 -25.20 -9.61
C ALA M 244 -24.05 -24.33 -8.52
N ILE M 245 -23.23 -24.95 -7.68
CA ILE M 245 -22.77 -24.27 -6.48
C ILE M 245 -21.78 -23.18 -6.85
N ARG M 246 -20.93 -23.51 -7.82
CA ARG M 246 -19.86 -22.66 -8.32
C ARG M 246 -20.36 -21.58 -9.27
N GLY M 247 -21.02 -22.03 -10.35
CA GLY M 247 -21.44 -21.14 -11.42
C GLY M 247 -22.78 -20.44 -11.21
N ILE M 248 -23.48 -20.79 -10.14
CA ILE M 248 -24.75 -20.15 -9.85
C ILE M 248 -24.83 -19.57 -8.43
N TYR M 249 -24.76 -20.43 -7.42
CA TYR M 249 -24.94 -19.98 -6.03
C TYR M 249 -23.86 -18.95 -5.66
N GLN M 250 -22.60 -19.33 -5.85
CA GLN M 250 -21.50 -18.44 -5.55
C GLN M 250 -21.45 -17.26 -6.50
N ARG M 251 -21.65 -17.55 -7.79
CA ARG M 251 -21.63 -16.52 -8.82
C ARG M 251 -22.55 -15.36 -8.50
N HIS M 252 -23.78 -15.67 -8.08
CA HIS M 252 -24.79 -14.63 -7.89
C HIS M 252 -25.04 -14.33 -6.41
N ASN M 253 -24.18 -14.89 -5.54
CA ASN M 253 -24.29 -14.68 -4.10
C ASN M 253 -25.69 -15.00 -3.57
N VAL M 254 -26.14 -16.23 -3.82
CA VAL M 254 -27.47 -16.68 -3.40
C VAL M 254 -27.53 -16.99 -1.91
N GLN M 255 -28.39 -16.26 -1.18
CA GLN M 255 -28.52 -16.39 0.28
C GLN M 255 -29.69 -17.28 0.68
N SER M 256 -30.71 -17.35 -0.18
CA SER M 256 -31.93 -18.08 0.11
C SER M 256 -32.44 -18.77 -1.15
N LEU M 257 -33.16 -19.89 -0.99
CA LEU M 257 -33.52 -20.72 -2.13
C LEU M 257 -34.51 -21.83 -1.79
N ASN M 258 -35.13 -22.35 -2.83
CA ASN M 258 -35.87 -23.61 -2.80
C ASN M 258 -35.25 -24.59 -3.79
N HIS M 259 -35.08 -25.85 -3.36
CA HIS M 259 -34.71 -26.98 -4.23
C HIS M 259 -35.96 -27.75 -4.68
N GLY M 260 -36.15 -27.89 -5.98
CA GLY M 260 -37.20 -28.78 -6.45
C GLY M 260 -36.83 -30.21 -6.11
N ILE M 261 -37.82 -31.10 -6.15
CA ILE M 261 -37.63 -32.50 -5.82
C ILE M 261 -36.59 -33.19 -6.70
N GLY M 262 -35.96 -34.24 -6.19
CA GLY M 262 -35.19 -35.14 -7.03
C GLY M 262 -33.72 -35.30 -6.70
N PHE M 263 -33.04 -36.19 -7.42
CA PHE M 263 -31.64 -36.49 -7.16
C PHE M 263 -30.70 -35.34 -7.53
N ASN M 264 -31.06 -34.56 -8.55
CA ASN M 264 -30.20 -33.47 -9.00
C ASN M 264 -29.98 -32.48 -7.89
N THR M 265 -31.05 -32.09 -7.20
CA THR M 265 -30.91 -31.14 -6.11
C THR M 265 -30.36 -31.83 -4.84
N ALA M 266 -30.71 -33.11 -4.65
CA ALA M 266 -30.20 -33.85 -3.50
C ALA M 266 -28.67 -33.85 -3.53
N ALA M 267 -28.12 -34.00 -4.73
CA ALA M 267 -26.68 -33.98 -4.91
C ALA M 267 -26.06 -32.65 -4.47
N ILE M 268 -26.72 -31.54 -4.81
CA ILE M 268 -26.28 -30.24 -4.33
C ILE M 268 -26.20 -30.21 -2.80
N GLU M 269 -27.28 -30.65 -2.17
CA GLU M 269 -27.35 -30.65 -0.73
C GLU M 269 -26.21 -31.48 -0.10
N LEU M 270 -25.92 -32.63 -0.69
CA LEU M 270 -24.95 -33.54 -0.09
C LEU M 270 -23.49 -33.14 -0.36
N ILE M 271 -23.23 -32.12 -1.18
CA ILE M 271 -21.84 -31.74 -1.38
C ILE M 271 -21.52 -30.32 -0.91
N LEU M 272 -22.51 -29.62 -0.39
CA LEU M 272 -22.22 -28.36 0.29
C LEU M 272 -21.12 -28.57 1.36
N PRO M 273 -21.28 -29.57 2.24
CA PRO M 273 -20.24 -29.62 3.29
C PRO M 273 -18.92 -30.23 2.83
N THR M 274 -18.78 -30.53 1.55
CA THR M 274 -17.51 -30.96 0.99
C THR M 274 -17.01 -30.00 -0.08
N TYR M 275 -17.59 -30.11 -1.27
CA TYR M 275 -17.23 -29.21 -2.35
C TYR M 275 -17.49 -27.74 -1.99
N GLY M 276 -18.65 -27.44 -1.41
CA GLY M 276 -18.93 -26.08 -0.97
C GLY M 276 -17.92 -25.61 0.06
N GLU M 277 -17.63 -26.49 1.04
CA GLU M 277 -16.58 -26.23 2.03
C GLU M 277 -15.26 -25.84 1.35
N SER M 278 -14.85 -26.64 0.36
CA SER M 278 -13.59 -26.38 -0.35
C SER M 278 -13.59 -25.04 -1.11
N LEU M 279 -14.75 -24.43 -1.31
CA LEU M 279 -14.79 -23.13 -1.96
C LEU M 279 -14.77 -22.01 -0.94
N GLY M 280 -14.87 -22.37 0.32
CA GLY M 280 -14.88 -21.42 1.41
C GLY M 280 -16.23 -20.75 1.61
N LEU M 281 -17.31 -21.36 1.13
CA LEU M 281 -18.60 -20.67 1.07
C LEU M 281 -19.50 -20.83 2.29
N LYS M 282 -19.06 -21.50 3.36
CA LYS M 282 -19.94 -21.75 4.50
C LYS M 282 -20.40 -20.45 5.18
N GLY M 283 -21.70 -20.34 5.46
CA GLY M 283 -22.27 -19.12 6.00
C GLY M 283 -22.31 -17.99 4.97
N LYS M 284 -21.83 -18.23 3.75
CA LYS M 284 -21.82 -17.18 2.73
C LYS M 284 -22.96 -17.34 1.72
N ILE M 285 -23.42 -18.58 1.52
CA ILE M 285 -24.55 -18.85 0.62
C ILE M 285 -25.54 -19.79 1.27
N CYS M 286 -26.72 -19.91 0.67
CA CYS M 286 -27.76 -20.86 1.08
C CYS M 286 -28.02 -20.87 2.59
N ARG M 287 -28.24 -19.70 3.18
CA ARG M 287 -28.50 -19.61 4.60
C ARG M 287 -29.95 -19.93 4.94
N HIS M 288 -30.89 -19.42 4.15
CA HIS M 288 -32.31 -19.59 4.45
C HIS M 288 -33.04 -20.42 3.42
N TRP M 289 -33.86 -21.35 3.89
CA TRP M 289 -34.49 -22.30 3.00
C TRP M 289 -35.98 -22.36 3.12
N THR M 290 -36.63 -22.43 1.97
CA THR M 290 -38.01 -22.87 1.89
C THR M 290 -37.94 -24.27 1.32
N LEU M 291 -38.12 -25.26 2.19
CA LEU M 291 -37.82 -26.63 1.79
C LEU M 291 -38.51 -27.62 2.70
N ASN M 292 -38.94 -28.74 2.14
CA ASN M 292 -39.31 -29.86 3.00
C ASN M 292 -38.07 -30.31 3.78
N PRO M 293 -38.26 -31.01 4.90
CA PRO M 293 -37.05 -31.40 5.64
C PRO M 293 -36.30 -32.59 5.01
N HIS M 294 -35.65 -32.37 3.86
CA HIS M 294 -34.96 -33.45 3.15
C HIS M 294 -33.95 -34.13 4.06
N PRO M 295 -34.03 -35.45 4.20
CA PRO M 295 -32.96 -36.12 4.95
C PRO M 295 -31.61 -35.81 4.31
N THR M 296 -31.61 -35.54 3.01
CA THR M 296 -30.38 -35.23 2.30
C THR M 296 -29.78 -33.89 2.73
N LEU M 297 -30.56 -33.07 3.43
CA LEU M 297 -30.03 -31.81 3.95
C LEU M 297 -29.37 -31.96 5.33
N ILE M 298 -29.49 -33.13 5.96
CA ILE M 298 -29.00 -33.28 7.34
C ILE M 298 -27.51 -32.92 7.48
N PRO M 299 -26.63 -33.39 6.57
CA PRO M 299 -25.24 -32.97 6.82
C PRO M 299 -24.94 -31.47 6.61
N ALA M 300 -25.66 -30.80 5.71
CA ALA M 300 -25.47 -29.37 5.57
C ALA M 300 -25.90 -28.65 6.86
N ILE M 301 -26.97 -29.11 7.48
CA ILE M 301 -27.41 -28.58 8.77
C ILE M 301 -26.37 -28.82 9.87
N GLU M 302 -25.98 -30.08 10.02
CA GLU M 302 -25.03 -30.46 11.05
C GLU M 302 -23.70 -29.71 10.92
N SER M 303 -23.31 -29.41 9.68
CA SER M 303 -22.08 -28.69 9.37
C SER M 303 -22.18 -27.20 9.63
N GLY M 304 -23.39 -26.69 9.84
CA GLY M 304 -23.58 -25.27 10.08
C GLY M 304 -23.80 -24.41 8.84
N TRP M 305 -24.33 -25.00 7.77
CA TRP M 305 -24.59 -24.25 6.54
C TRP M 305 -25.95 -23.55 6.59
N VAL M 306 -26.89 -24.19 7.27
CA VAL M 306 -28.31 -23.89 7.17
C VAL M 306 -28.82 -23.14 8.40
N GLU M 307 -29.24 -21.89 8.23
CA GLU M 307 -29.64 -21.06 9.35
C GLU M 307 -31.11 -21.20 9.68
N SER M 308 -31.94 -21.26 8.65
CA SER M 308 -33.36 -21.48 8.86
C SER M 308 -33.92 -22.32 7.73
N VAL M 309 -34.90 -23.15 8.09
CA VAL M 309 -35.72 -23.83 7.11
C VAL M 309 -37.17 -23.64 7.49
N HIS M 310 -37.95 -23.06 6.60
CA HIS M 310 -39.40 -23.18 6.72
C HIS M 310 -39.91 -24.30 5.81
N CYS M 311 -40.87 -25.09 6.28
CA CYS M 311 -41.26 -26.31 5.57
C CYS M 311 -42.69 -26.32 5.03
N PHE M 312 -42.83 -26.79 3.79
CA PHE M 312 -44.13 -27.04 3.20
C PHE M 312 -44.83 -28.17 3.95
N GLY M 313 -44.07 -29.23 4.22
CA GLY M 313 -44.61 -30.38 4.89
C GLY M 313 -43.55 -31.10 5.69
N THR M 314 -43.71 -32.40 5.82
CA THR M 314 -42.70 -33.17 6.52
C THR M 314 -42.35 -34.45 5.79
N GLU M 315 -41.09 -34.84 5.95
CA GLU M 315 -40.63 -36.12 5.44
C GLU M 315 -40.60 -37.12 6.59
N LEU M 316 -41.35 -38.21 6.40
CA LEU M 316 -41.56 -39.24 7.42
C LEU M 316 -40.25 -39.74 8.00
N GLY M 317 -40.13 -39.63 9.33
CA GLY M 317 -38.96 -40.07 10.05
C GLY M 317 -38.06 -38.93 10.49
N MET M 318 -38.28 -37.75 9.91
CA MET M 318 -37.46 -36.58 10.21
C MET M 318 -37.93 -35.82 11.46
N GLU M 319 -39.12 -36.17 11.94
CA GLU M 319 -39.78 -35.41 13.02
C GLU M 319 -38.97 -35.33 14.31
N GLY M 320 -38.38 -36.45 14.74
CA GLY M 320 -37.61 -36.47 15.97
C GLY M 320 -36.33 -35.68 15.84
N TYR M 321 -35.78 -35.65 14.62
CA TYR M 321 -34.61 -34.84 14.33
C TYR M 321 -34.95 -33.34 14.34
N ILE M 322 -36.01 -32.97 13.62
CA ILE M 322 -36.49 -31.58 13.61
C ILE M 322 -36.74 -31.07 15.06
N ALA M 323 -37.39 -31.89 15.87
CA ALA M 323 -37.68 -31.56 17.26
C ALA M 323 -36.41 -31.21 18.05
N GLN M 324 -35.26 -31.70 17.58
CA GLN M 324 -33.99 -31.42 18.23
C GLN M 324 -33.22 -30.31 17.54
N ARG M 325 -33.82 -29.72 16.51
CA ARG M 325 -33.21 -28.59 15.83
C ARG M 325 -34.11 -27.34 15.80
N PRO M 326 -34.60 -26.89 16.97
CA PRO M 326 -35.57 -25.78 16.94
C PRO M 326 -34.97 -24.42 16.57
N ASP M 327 -33.66 -24.26 16.61
CA ASP M 327 -33.05 -23.02 16.11
C ASP M 327 -33.16 -22.92 14.60
N VAL M 328 -33.29 -24.07 13.95
CA VAL M 328 -33.27 -24.12 12.50
C VAL M 328 -34.71 -24.12 11.98
N PHE M 329 -35.52 -25.02 12.53
CA PHE M 329 -36.87 -25.26 12.02
C PHE M 329 -37.90 -24.44 12.80
N PHE M 330 -39.13 -24.39 12.26
CA PHE M 330 -40.25 -23.77 12.95
C PHE M 330 -41.02 -24.82 13.74
N THR M 331 -41.09 -24.62 15.06
CA THR M 331 -41.73 -25.59 15.96
C THR M 331 -42.69 -24.89 16.93
N GLY M 332 -43.74 -25.60 17.30
CA GLY M 332 -44.70 -25.09 18.28
C GLY M 332 -44.26 -25.32 19.70
N ARG M 333 -45.05 -24.84 20.66
CA ARG M 333 -44.69 -24.95 22.07
C ARG M 333 -44.61 -26.40 22.56
N ASP M 334 -45.30 -27.29 21.87
CA ASP M 334 -45.21 -28.72 22.13
C ASP M 334 -43.89 -29.32 21.63
N GLY M 335 -43.16 -28.56 20.82
CA GLY M 335 -41.82 -28.97 20.38
C GLY M 335 -41.73 -29.54 18.98
N SER M 336 -42.89 -29.82 18.38
CA SER M 336 -42.92 -30.46 17.07
C SER M 336 -42.97 -29.44 15.91
N LEU M 337 -42.57 -29.90 14.74
CA LEU M 337 -42.64 -29.12 13.51
C LEU M 337 -44.02 -28.48 13.29
N ARG M 338 -44.04 -27.25 12.80
CA ARG M 338 -45.26 -26.66 12.23
C ARG M 338 -44.98 -26.33 10.76
N SER M 339 -45.32 -27.26 9.89
CA SER M 339 -45.21 -27.02 8.47
C SER M 339 -46.41 -26.18 8.08
N ASN M 340 -46.42 -25.70 6.84
CA ASN M 340 -47.53 -24.90 6.31
C ASN M 340 -47.28 -24.72 4.83
N ARG M 341 -47.94 -25.54 4.01
CA ARG M 341 -47.63 -25.54 2.57
C ARG M 341 -47.95 -24.18 1.95
N MET M 342 -49.10 -23.61 2.29
CA MET M 342 -49.46 -22.28 1.77
C MET M 342 -48.40 -21.22 2.12
N PHE M 343 -48.10 -21.05 3.41
CA PHE M 343 -47.13 -20.05 3.84
C PHE M 343 -45.74 -20.28 3.19
N CYS M 344 -45.30 -21.54 3.15
CA CYS M 344 -43.98 -21.86 2.60
C CYS M 344 -43.92 -21.58 1.09
N GLN M 345 -44.98 -21.96 0.36
CA GLN M 345 -45.05 -21.65 -1.08
C GLN M 345 -45.01 -20.14 -1.35
N LEU M 346 -45.67 -19.40 -0.49
CA LEU M 346 -45.68 -17.95 -0.57
C LEU M 346 -44.27 -17.38 -0.42
N ALA M 347 -43.56 -17.87 0.59
CA ALA M 347 -42.16 -17.52 0.81
C ALA M 347 -41.28 -17.96 -0.38
N GLY M 348 -41.58 -19.15 -0.90
CA GLY M 348 -40.86 -19.69 -2.04
C GLY M 348 -41.02 -18.80 -3.25
N GLN M 349 -42.16 -18.11 -3.37
CA GLN M 349 -42.33 -17.16 -4.47
C GLN M 349 -41.60 -15.85 -4.19
N TYR M 350 -42.01 -15.18 -3.12
CA TYR M 350 -41.71 -13.77 -2.88
C TYR M 350 -40.43 -13.46 -2.09
N ALA M 351 -39.95 -14.44 -1.31
CA ALA M 351 -38.97 -14.12 -0.26
C ALA M 351 -37.63 -14.84 -0.43
N VAL M 352 -37.45 -15.50 -1.57
CA VAL M 352 -36.26 -16.31 -1.78
C VAL M 352 -35.56 -15.97 -3.11
N ASP M 353 -34.23 -16.09 -3.14
CA ASP M 353 -33.42 -15.67 -4.29
C ASP M 353 -33.59 -16.55 -5.52
N LEU M 354 -33.81 -17.85 -5.28
CA LEU M 354 -33.57 -18.81 -6.36
C LEU M 354 -34.48 -20.02 -6.25
N PHE M 355 -34.96 -20.49 -7.39
CA PHE M 355 -35.52 -21.84 -7.51
C PHE M 355 -34.62 -22.64 -8.42
N ILE M 356 -34.43 -23.91 -8.09
CA ILE M 356 -33.72 -24.82 -9.00
C ILE M 356 -34.42 -26.17 -8.99
N GLY M 357 -34.66 -26.70 -10.19
CA GLY M 357 -35.39 -27.95 -10.33
C GLY M 357 -35.09 -28.65 -11.63
N ALA M 358 -35.54 -29.89 -11.72
CA ALA M 358 -35.35 -30.72 -12.91
C ALA M 358 -36.68 -30.84 -13.63
N THR M 359 -36.70 -31.58 -14.73
CA THR M 359 -37.90 -31.71 -15.55
C THR M 359 -37.71 -32.88 -16.51
N LEU M 360 -38.74 -33.25 -17.27
CA LEU M 360 -38.65 -34.37 -18.18
C LEU M 360 -38.30 -33.96 -19.60
N GLN M 361 -38.89 -32.85 -20.06
CA GLN M 361 -38.66 -32.33 -21.39
C GLN M 361 -38.43 -30.81 -21.40
N VAL M 362 -37.51 -30.36 -22.25
CA VAL M 362 -37.28 -28.95 -22.51
C VAL M 362 -37.19 -28.77 -24.01
N ASP M 363 -37.90 -27.78 -24.55
CA ASP M 363 -37.78 -27.59 -26.00
C ASP M 363 -36.74 -26.51 -26.33
N GLY M 364 -36.59 -26.20 -27.62
CA GLY M 364 -35.59 -25.25 -28.10
C GLY M 364 -35.68 -23.84 -27.52
N ASP M 365 -36.86 -23.47 -27.04
CA ASP M 365 -37.07 -22.13 -26.48
C ASP M 365 -36.92 -22.12 -24.97
N GLY M 366 -36.65 -23.29 -24.40
CA GLY M 366 -36.56 -23.45 -22.95
C GLY M 366 -37.88 -23.71 -22.22
N HIS M 367 -38.97 -23.91 -22.96
CA HIS M 367 -40.20 -24.33 -22.30
C HIS M 367 -39.98 -25.73 -21.72
N SER M 368 -40.44 -25.90 -20.49
CA SER M 368 -40.14 -27.09 -19.71
C SER M 368 -41.43 -27.75 -19.23
N SER M 369 -41.48 -29.07 -19.27
CA SER M 369 -42.68 -29.78 -18.82
C SER M 369 -42.39 -31.22 -18.41
N THR M 370 -43.19 -31.73 -17.47
CA THR M 370 -43.13 -33.15 -17.08
C THR M 370 -44.27 -33.94 -17.71
N VAL M 371 -45.09 -33.26 -18.50
CA VAL M 371 -46.20 -33.90 -19.19
C VAL M 371 -45.69 -34.57 -20.47
N THR M 372 -45.86 -35.89 -20.55
CA THR M 372 -45.44 -36.62 -21.74
C THR M 372 -46.60 -37.49 -22.19
N ARG M 373 -46.62 -37.90 -23.46
CA ARG M 373 -47.76 -38.58 -24.10
C ARG M 373 -48.44 -39.61 -23.18
N GLY M 374 -49.74 -39.42 -22.96
CA GLY M 374 -50.53 -40.30 -22.12
C GLY M 374 -50.32 -40.12 -20.63
N ARG M 375 -49.38 -39.27 -20.26
CA ARG M 375 -49.04 -39.07 -18.86
C ARG M 375 -49.31 -37.63 -18.43
N LEU M 376 -50.47 -37.43 -17.83
CA LEU M 376 -50.89 -36.11 -17.42
C LEU M 376 -50.27 -35.74 -16.07
N ALA M 377 -48.99 -35.44 -16.09
CA ALA M 377 -48.28 -35.19 -14.85
C ALA M 377 -48.67 -33.84 -14.28
N GLY M 378 -48.67 -33.75 -12.95
CA GLY M 378 -48.96 -32.48 -12.31
C GLY M 378 -47.74 -31.58 -12.30
N PHE M 379 -48.00 -30.28 -12.21
CA PHE M 379 -46.95 -29.28 -12.10
C PHE M 379 -46.40 -29.23 -10.68
N GLY M 380 -47.24 -29.50 -9.69
CA GLY M 380 -46.82 -29.29 -8.32
C GLY M 380 -46.45 -27.85 -8.04
N GLY M 381 -45.36 -27.65 -7.31
CA GLY M 381 -44.96 -26.33 -6.88
C GLY M 381 -44.08 -25.58 -7.86
N ALA M 382 -43.64 -26.28 -8.91
CA ALA M 382 -42.70 -25.71 -9.87
C ALA M 382 -43.18 -24.42 -10.57
N PRO M 383 -44.47 -24.30 -10.91
CA PRO M 383 -44.81 -23.00 -11.51
C PRO M 383 -44.77 -21.83 -10.53
N ASN M 384 -45.20 -22.06 -9.29
CA ASN M 384 -45.13 -21.01 -8.29
C ASN M 384 -43.71 -20.56 -7.99
N MET M 385 -42.76 -21.49 -7.96
CA MET M 385 -41.41 -21.07 -7.65
C MET M 385 -40.51 -20.85 -8.85
N GLY M 386 -40.83 -21.47 -9.99
CA GLY M 386 -40.06 -21.26 -11.21
C GLY M 386 -40.62 -20.18 -12.14
N HIS M 387 -40.78 -18.97 -11.62
CA HIS M 387 -41.14 -17.81 -12.43
C HIS M 387 -40.58 -16.58 -11.73
N ASP M 388 -40.38 -15.50 -12.47
CA ASP M 388 -39.98 -14.22 -11.88
C ASP M 388 -41.21 -13.57 -11.24
N PRO M 389 -41.20 -13.42 -9.91
CA PRO M 389 -42.41 -12.89 -9.26
C PRO M 389 -42.51 -11.38 -9.51
N ARG M 390 -43.45 -10.98 -10.34
CA ARG M 390 -43.51 -9.60 -10.84
C ARG M 390 -44.17 -8.63 -9.87
N GLY M 391 -44.71 -9.16 -8.79
CA GLY M 391 -45.21 -8.33 -7.70
C GLY M 391 -44.13 -7.96 -6.69
N ARG M 392 -42.98 -8.63 -6.77
CA ARG M 392 -41.89 -8.39 -5.81
C ARG M 392 -41.21 -7.02 -6.00
N ARG M 393 -40.93 -6.34 -4.88
CA ARG M 393 -40.32 -5.02 -4.91
C ARG M 393 -39.06 -4.95 -4.06
N HIS M 394 -38.94 -5.82 -3.06
CA HIS M 394 -37.79 -5.74 -2.16
C HIS M 394 -36.55 -6.31 -2.85
N SER M 395 -35.41 -5.65 -2.67
CA SER M 395 -34.19 -6.09 -3.32
C SER M 395 -33.39 -7.02 -2.43
N THR M 396 -32.52 -7.76 -3.06
CA THR M 396 -31.60 -8.64 -2.38
C THR M 396 -30.46 -8.72 -3.38
N PRO M 397 -29.22 -9.01 -2.93
CA PRO M 397 -28.13 -8.95 -3.91
C PRO M 397 -28.28 -9.89 -5.12
N ALA M 398 -28.69 -11.14 -4.92
CA ALA M 398 -28.84 -12.09 -6.03
C ALA M 398 -29.89 -11.61 -7.04
N TRP M 399 -30.98 -11.08 -6.51
CA TRP M 399 -32.08 -10.56 -7.30
C TRP M 399 -31.65 -9.34 -8.11
N LEU M 400 -30.84 -8.49 -7.49
CA LEU M 400 -30.23 -7.36 -8.20
C LEU M 400 -29.16 -7.78 -9.21
N ASP M 401 -28.47 -8.89 -8.96
CA ASP M 401 -27.32 -9.28 -9.78
C ASP M 401 -27.72 -9.63 -11.22
N MET M 402 -29.00 -9.89 -11.43
CA MET M 402 -29.49 -10.25 -12.77
C MET M 402 -29.66 -9.04 -13.69
N ARG M 403 -29.50 -7.85 -13.15
CA ARG M 403 -29.75 -6.65 -13.94
C ARG M 403 -28.63 -6.39 -14.94
N GLY M 404 -29.02 -6.03 -16.16
CA GLY M 404 -28.06 -5.66 -17.18
C GLY M 404 -27.35 -4.36 -16.82
N GLU M 405 -28.13 -3.37 -16.42
CA GLU M 405 -27.56 -2.06 -16.09
C GLU M 405 -27.88 -1.65 -14.65
N PRO M 406 -26.97 -1.97 -13.71
CA PRO M 406 -27.15 -1.69 -12.27
C PRO M 406 -27.36 -0.21 -11.97
N GLU M 407 -27.16 0.65 -12.97
CA GLU M 407 -27.36 2.08 -12.78
C GLU M 407 -28.75 2.51 -13.23
N ALA M 408 -29.43 1.64 -13.99
CA ALA M 408 -30.74 1.97 -14.53
C ALA M 408 -31.79 1.81 -13.43
N LEU M 409 -32.33 2.94 -12.95
CA LEU M 409 -33.23 2.92 -11.79
C LEU M 409 -34.57 2.25 -12.11
N LEU M 410 -34.94 2.22 -13.39
CA LEU M 410 -36.22 1.64 -13.78
C LEU M 410 -36.12 0.14 -14.15
N GLU M 411 -34.91 -0.40 -14.31
CA GLU M 411 -34.76 -1.83 -14.58
C GLU M 411 -34.93 -2.62 -13.29
N ARG M 412 -35.90 -3.51 -13.23
CA ARG M 412 -36.11 -4.28 -12.01
C ARG M 412 -35.16 -5.47 -11.90
N GLY M 413 -35.06 -6.00 -10.70
CA GLY M 413 -34.28 -7.18 -10.45
C GLY M 413 -35.07 -8.41 -10.85
N ARG M 414 -34.50 -9.58 -10.68
CA ARG M 414 -35.11 -10.79 -11.20
C ARG M 414 -34.78 -11.99 -10.33
N LYS M 415 -35.77 -12.82 -10.05
CA LYS M 415 -35.55 -14.05 -9.30
C LYS M 415 -34.78 -15.03 -10.17
N LEU M 416 -33.84 -15.75 -9.57
CA LEU M 416 -33.13 -16.80 -10.30
C LEU M 416 -34.05 -18.02 -10.48
N VAL M 417 -34.20 -18.50 -11.71
CA VAL M 417 -35.00 -19.69 -11.96
C VAL M 417 -34.15 -20.67 -12.77
N VAL M 418 -33.72 -21.75 -12.12
CA VAL M 418 -32.80 -22.71 -12.73
C VAL M 418 -33.47 -24.02 -13.09
N GLN M 419 -33.24 -24.41 -14.33
CA GLN M 419 -33.65 -25.70 -14.82
C GLN M 419 -32.39 -26.60 -14.93
N MET M 420 -32.31 -27.56 -14.01
CA MET M 420 -31.13 -28.41 -13.83
C MET M 420 -31.42 -29.82 -14.30
N VAL M 421 -30.80 -30.25 -15.40
CA VAL M 421 -31.17 -31.54 -15.94
C VAL M 421 -30.09 -32.10 -16.88
N GLU M 422 -29.89 -33.41 -16.80
CA GLU M 422 -29.05 -34.12 -17.77
C GLU M 422 -29.61 -33.99 -19.21
N THR M 423 -28.76 -34.08 -20.23
CA THR M 423 -29.21 -33.88 -21.60
C THR M 423 -30.09 -35.03 -22.09
N PHE M 424 -29.94 -36.18 -21.46
CA PHE M 424 -30.79 -37.34 -21.72
C PHE M 424 -31.41 -37.86 -20.45
N GLN M 425 -32.64 -38.35 -20.57
CA GLN M 425 -33.37 -39.07 -19.52
C GLN M 425 -32.84 -40.49 -19.42
N ASP M 426 -33.02 -41.12 -18.26
CA ASP M 426 -32.44 -42.45 -18.03
C ASP M 426 -33.00 -43.52 -18.99
N GLY M 427 -34.25 -43.38 -19.41
CA GLY M 427 -34.79 -44.26 -20.43
C GLY M 427 -34.13 -44.13 -21.80
N GLY M 428 -33.23 -43.17 -21.98
CA GLY M 428 -32.59 -42.98 -23.27
C GLY M 428 -33.25 -41.94 -24.18
N LYS M 429 -34.42 -41.45 -23.80
CA LYS M 429 -35.01 -40.34 -24.52
C LYS M 429 -34.19 -39.07 -24.27
N PRO M 430 -34.13 -38.18 -25.27
CA PRO M 430 -33.45 -36.91 -25.03
C PRO M 430 -34.29 -35.99 -24.14
N THR M 431 -33.64 -35.20 -23.29
CA THR M 431 -34.35 -34.19 -22.51
C THR M 431 -34.76 -33.00 -23.38
N PHE M 432 -33.82 -32.54 -24.22
CA PHE M 432 -34.05 -31.38 -25.06
C PHE M 432 -34.58 -31.82 -26.42
N VAL M 433 -35.85 -31.45 -26.66
CA VAL M 433 -36.63 -31.94 -27.80
C VAL M 433 -37.07 -30.81 -28.73
N GLU M 434 -37.35 -31.14 -29.99
CA GLU M 434 -37.78 -30.11 -30.93
C GLU M 434 -39.21 -29.62 -30.62
N ARG M 435 -40.03 -30.49 -30.09
CA ARG M 435 -41.41 -30.17 -29.71
C ARG M 435 -41.72 -30.87 -28.40
N LEU M 436 -42.24 -30.12 -27.43
CA LEU M 436 -42.72 -30.72 -26.19
C LEU M 436 -43.90 -31.67 -26.46
N ASP M 437 -43.89 -32.83 -25.81
CA ASP M 437 -45.03 -33.75 -25.84
C ASP M 437 -46.31 -33.04 -25.42
N ALA M 438 -46.18 -32.07 -24.52
CA ALA M 438 -47.30 -31.30 -24.01
C ALA M 438 -48.21 -30.71 -25.10
N LEU M 439 -47.62 -30.36 -26.24
CA LEU M 439 -48.40 -29.82 -27.35
C LEU M 439 -49.50 -30.78 -27.78
N GLU M 440 -49.10 -31.99 -28.18
CA GLU M 440 -50.07 -33.01 -28.58
C GLU M 440 -51.02 -33.42 -27.45
N VAL M 441 -50.57 -33.37 -26.20
CA VAL M 441 -51.45 -33.73 -25.10
C VAL M 441 -52.58 -32.71 -24.99
N ALA M 442 -52.26 -31.44 -25.22
CA ALA M 442 -53.28 -30.39 -25.22
C ALA M 442 -54.31 -30.63 -26.31
N ARG M 443 -53.84 -30.92 -27.52
CA ARG M 443 -54.75 -31.15 -28.65
C ARG M 443 -55.67 -32.34 -28.38
N GLN M 444 -55.12 -33.41 -27.81
CA GLN M 444 -55.90 -34.61 -27.52
C GLN M 444 -56.80 -34.50 -26.29
N THR M 445 -56.46 -33.60 -25.37
CA THR M 445 -57.21 -33.43 -24.13
C THR M 445 -58.21 -32.26 -24.26
N GLY M 446 -57.98 -31.41 -25.25
CA GLY M 446 -58.83 -30.26 -25.48
C GLY M 446 -58.48 -29.11 -24.55
N MET M 447 -57.22 -29.10 -24.11
CA MET M 447 -56.72 -28.01 -23.27
C MET M 447 -56.45 -26.80 -24.14
N PRO M 448 -56.94 -25.62 -23.72
CA PRO M 448 -56.79 -24.37 -24.49
C PRO M 448 -55.31 -24.00 -24.71
N LEU M 449 -54.43 -24.44 -23.81
CA LEU M 449 -52.99 -24.29 -24.03
C LEU M 449 -52.20 -25.50 -23.54
N ALA M 450 -51.04 -25.69 -24.15
CA ALA M 450 -50.08 -26.69 -23.74
C ALA M 450 -49.78 -26.60 -22.26
N PRO M 451 -49.84 -27.73 -21.56
CA PRO M 451 -49.52 -27.76 -20.13
C PRO M 451 -48.01 -27.61 -19.90
N VAL M 452 -47.54 -26.37 -19.86
CA VAL M 452 -46.14 -26.06 -19.64
C VAL M 452 -45.86 -25.84 -18.14
N MET M 453 -44.84 -26.50 -17.62
CA MET M 453 -44.49 -26.32 -16.20
C MET M 453 -43.87 -24.95 -15.94
N ILE M 454 -42.75 -24.72 -16.61
CA ILE M 454 -42.04 -23.46 -16.51
C ILE M 454 -41.80 -22.99 -17.94
N TYR M 455 -42.11 -21.72 -18.20
CA TYR M 455 -41.91 -21.16 -19.56
C TYR M 455 -40.47 -20.70 -19.79
N GLY M 456 -40.02 -20.80 -21.04
CA GLY M 456 -38.67 -20.42 -21.38
C GLY M 456 -38.26 -19.00 -21.01
N ASP M 457 -39.22 -18.08 -21.06
CA ASP M 457 -38.92 -16.68 -20.75
C ASP M 457 -38.76 -16.47 -19.23
N ASP M 458 -39.06 -17.49 -18.43
CA ASP M 458 -38.91 -17.35 -16.98
C ASP M 458 -37.59 -17.93 -16.45
N VAL M 459 -36.95 -18.73 -17.29
CA VAL M 459 -35.72 -19.41 -16.91
C VAL M 459 -34.51 -18.47 -17.01
N THR M 460 -33.76 -18.33 -15.92
CA THR M 460 -32.53 -17.55 -15.97
C THR M 460 -31.29 -18.42 -16.26
N HIS M 461 -31.35 -19.71 -15.93
CA HIS M 461 -30.19 -20.60 -16.02
C HIS M 461 -30.64 -21.96 -16.49
N VAL M 462 -30.03 -22.46 -17.57
CA VAL M 462 -30.18 -23.88 -17.87
C VAL M 462 -28.85 -24.57 -17.51
N LEU M 463 -28.96 -25.53 -16.59
CA LEU M 463 -27.80 -26.24 -16.08
C LEU M 463 -27.92 -27.69 -16.51
N THR M 464 -26.83 -28.19 -17.07
CA THR M 464 -26.79 -29.46 -17.76
C THR M 464 -25.42 -30.10 -17.39
N GLU M 465 -25.18 -31.39 -17.66
CA GLU M 465 -23.84 -31.94 -17.42
C GLU M 465 -22.80 -31.34 -18.39
N GLU M 466 -23.28 -30.70 -19.45
CA GLU M 466 -22.43 -29.97 -20.41
C GLU M 466 -21.99 -28.58 -19.93
N GLY M 467 -22.82 -27.93 -19.13
CA GLY M 467 -22.53 -26.55 -18.76
C GLY M 467 -23.73 -25.76 -18.29
N ILE M 468 -23.51 -24.46 -18.10
CA ILE M 468 -24.56 -23.55 -17.74
C ILE M 468 -24.78 -22.61 -18.90
N ALA M 469 -26.04 -22.39 -19.25
CA ALA M 469 -26.39 -21.37 -20.21
C ALA M 469 -27.05 -20.27 -19.40
N TYR M 470 -26.45 -19.08 -19.42
CA TYR M 470 -26.92 -17.97 -18.60
C TYR M 470 -28.03 -17.21 -19.32
N LEU M 471 -29.21 -17.84 -19.44
CA LEU M 471 -30.30 -17.31 -20.27
C LEU M 471 -30.73 -15.87 -19.91
N TYR M 472 -30.53 -15.46 -18.66
CA TYR M 472 -30.96 -14.12 -18.28
C TYR M 472 -30.18 -13.05 -19.02
N LYS M 473 -29.05 -13.42 -19.61
CA LYS M 473 -28.28 -12.48 -20.40
C LYS M 473 -28.70 -12.45 -21.87
N ALA M 474 -29.65 -13.29 -22.26
CA ALA M 474 -30.04 -13.40 -23.66
C ALA M 474 -30.71 -12.12 -24.13
N ARG M 475 -30.38 -11.67 -25.34
CA ARG M 475 -30.89 -10.39 -25.82
C ARG M 475 -32.02 -10.56 -26.85
N SER M 476 -32.36 -11.80 -27.16
CA SER M 476 -33.43 -12.10 -28.11
C SER M 476 -33.83 -13.54 -27.94
N LEU M 477 -34.93 -13.96 -28.55
CA LEU M 477 -35.31 -15.36 -28.50
C LEU M 477 -34.26 -16.20 -29.21
N GLU M 478 -33.71 -15.65 -30.28
CA GLU M 478 -32.72 -16.32 -31.11
C GLU M 478 -31.45 -16.64 -30.34
N GLU M 479 -30.99 -15.68 -29.55
CA GLU M 479 -29.76 -15.87 -28.78
C GLU M 479 -30.03 -16.88 -27.68
N ARG M 480 -31.22 -16.79 -27.09
CA ARG M 480 -31.64 -17.75 -26.08
C ARG M 480 -31.66 -19.20 -26.59
N GLN M 481 -32.22 -19.41 -27.77
CA GLN M 481 -32.19 -20.71 -28.44
C GLN M 481 -30.76 -21.22 -28.65
N ALA M 482 -29.88 -20.31 -29.02
CA ALA M 482 -28.50 -20.66 -29.35
C ALA M 482 -27.80 -21.10 -28.08
N MET M 483 -28.07 -20.42 -26.99
CA MET M 483 -27.45 -20.76 -25.72
C MET M 483 -27.95 -22.11 -25.20
N ILE M 484 -29.24 -22.39 -25.37
CA ILE M 484 -29.77 -23.68 -24.95
C ILE M 484 -29.14 -24.81 -25.77
N ALA M 485 -29.04 -24.66 -27.09
CA ALA M 485 -28.40 -25.66 -27.93
C ALA M 485 -26.93 -25.94 -27.52
N ALA M 486 -26.21 -24.90 -27.12
CA ALA M 486 -24.81 -25.02 -26.76
C ALA M 486 -24.60 -25.88 -25.50
N VAL M 487 -25.61 -26.03 -24.65
CA VAL M 487 -25.48 -26.93 -23.50
C VAL M 487 -26.36 -28.17 -23.59
N ALA M 488 -26.97 -28.41 -24.76
CA ALA M 488 -27.94 -29.49 -24.88
C ALA M 488 -27.31 -30.79 -25.40
N GLY M 489 -25.98 -30.83 -25.47
CA GLY M 489 -25.27 -32.05 -25.84
C GLY M 489 -25.61 -32.59 -27.21
N ILE M 490 -25.84 -33.90 -27.30
CA ILE M 490 -26.14 -34.52 -28.59
C ILE M 490 -27.63 -34.88 -28.70
N SER M 491 -28.45 -34.23 -27.89
CA SER M 491 -29.90 -34.25 -28.06
C SER M 491 -30.26 -33.59 -29.41
N PRO M 492 -31.49 -33.78 -29.88
CA PRO M 492 -31.84 -33.12 -31.14
C PRO M 492 -31.60 -31.60 -31.11
N ILE M 493 -31.90 -30.96 -29.99
CA ILE M 493 -31.62 -29.53 -29.84
C ILE M 493 -30.10 -29.23 -29.80
N GLY M 494 -29.33 -30.03 -29.09
CA GLY M 494 -27.88 -29.87 -29.08
C GLY M 494 -27.22 -30.01 -30.45
N LEU M 495 -27.75 -30.90 -31.30
CA LEU M 495 -27.12 -31.14 -32.62
C LEU M 495 -27.35 -29.95 -33.55
N ARG M 496 -28.15 -28.97 -33.12
CA ARG M 496 -28.30 -27.73 -33.89
C ARG M 496 -27.08 -26.79 -33.70
N HIS M 497 -26.31 -27.02 -32.64
CA HIS M 497 -25.20 -26.13 -32.29
C HIS M 497 -23.93 -26.41 -33.10
N ASP M 498 -23.39 -25.37 -33.71
CA ASP M 498 -22.09 -25.42 -34.36
C ASP M 498 -21.00 -25.27 -33.29
N PRO M 499 -20.20 -26.33 -33.06
CA PRO M 499 -19.20 -26.30 -31.97
C PRO M 499 -18.18 -25.18 -32.11
N ARG M 500 -17.98 -24.63 -33.31
CA ARG M 500 -17.05 -23.53 -33.46
C ARG M 500 -17.55 -22.23 -32.82
N GLU M 501 -18.84 -22.21 -32.46
CA GLU M 501 -19.42 -21.02 -31.86
C GLU M 501 -19.28 -21.07 -30.33
N THR M 502 -18.82 -22.20 -29.80
CA THR M 502 -18.78 -22.34 -28.34
C THR M 502 -17.84 -21.35 -27.68
N GLN M 503 -16.69 -21.11 -28.30
CA GLN M 503 -15.64 -20.31 -27.66
C GLN M 503 -16.11 -18.88 -27.46
N ARG M 504 -16.78 -18.34 -28.47
CA ARG M 504 -17.37 -17.01 -28.39
C ARG M 504 -18.34 -16.93 -27.22
N MET M 505 -19.24 -17.90 -27.11
CA MET M 505 -20.27 -17.86 -26.08
C MET M 505 -19.64 -17.96 -24.70
N ARG M 506 -18.57 -18.76 -24.60
CA ARG M 506 -17.80 -18.86 -23.35
C ARG M 506 -17.23 -17.48 -22.97
N ARG M 507 -16.57 -16.86 -23.93
CA ARG M 507 -15.91 -15.58 -23.75
C ARG M 507 -16.89 -14.46 -23.44
N GLU M 508 -18.09 -14.55 -23.99
CA GLU M 508 -19.10 -13.52 -23.77
C GLU M 508 -19.93 -13.78 -22.51
N GLY M 509 -19.59 -14.83 -21.77
CA GLY M 509 -20.30 -15.14 -20.55
C GLY M 509 -21.72 -15.65 -20.74
N LEU M 510 -22.07 -16.00 -21.98
CA LEU M 510 -23.40 -16.57 -22.30
C LEU M 510 -23.50 -18.00 -21.78
N ILE M 511 -22.39 -18.73 -21.85
CA ILE M 511 -22.33 -20.07 -21.31
C ILE M 511 -21.02 -20.29 -20.55
N ALA M 512 -21.04 -21.22 -19.62
CA ALA M 512 -19.83 -21.62 -18.92
C ALA M 512 -19.75 -23.14 -18.90
N LEU M 513 -18.65 -23.68 -19.42
CA LEU M 513 -18.34 -25.11 -19.25
C LEU M 513 -17.70 -25.26 -17.87
N PRO M 514 -17.63 -26.50 -17.33
CA PRO M 514 -17.01 -26.65 -16.00
C PRO M 514 -15.60 -26.07 -15.93
N GLU M 515 -14.87 -26.13 -17.04
CA GLU M 515 -13.54 -25.52 -17.16
C GLU M 515 -13.55 -24.02 -16.84
N ASP M 516 -14.63 -23.34 -17.24
CA ASP M 516 -14.73 -21.90 -16.98
C ASP M 516 -14.99 -21.64 -15.51
N LEU M 517 -15.39 -22.69 -14.79
CA LEU M 517 -15.73 -22.56 -13.40
C LEU M 517 -14.63 -23.11 -12.50
N GLY M 518 -13.49 -23.47 -13.10
CA GLY M 518 -12.43 -24.14 -12.38
C GLY M 518 -12.73 -25.58 -11.96
N ILE M 519 -13.65 -26.21 -12.67
CA ILE M 519 -14.03 -27.58 -12.38
C ILE M 519 -13.46 -28.53 -13.41
N ARG M 520 -12.76 -29.57 -12.94
CA ARG M 520 -12.30 -30.64 -13.83
C ARG M 520 -13.33 -31.76 -13.78
N ARG M 521 -13.85 -32.16 -14.93
CA ARG M 521 -15.04 -33.04 -14.95
C ARG M 521 -14.82 -34.38 -14.25
N THR M 522 -13.62 -34.92 -14.36
CA THR M 522 -13.30 -36.18 -13.73
C THR M 522 -13.23 -36.07 -12.20
N ASP M 523 -13.25 -34.85 -11.67
CA ASP M 523 -13.27 -34.69 -10.22
C ASP M 523 -14.65 -34.98 -9.64
N ALA M 524 -15.65 -35.02 -10.51
CA ALA M 524 -17.00 -35.34 -10.08
C ALA M 524 -17.10 -36.80 -9.73
N SER M 525 -17.42 -37.11 -8.48
CA SER M 525 -17.65 -38.49 -8.07
C SER M 525 -18.40 -38.54 -6.74
N ARG M 526 -18.85 -39.74 -6.39
CA ARG M 526 -19.59 -39.96 -5.16
C ARG M 526 -18.73 -39.70 -3.93
N GLU M 527 -17.42 -39.60 -4.12
CA GLU M 527 -16.55 -39.30 -2.99
C GLU M 527 -16.87 -37.93 -2.40
N LEU M 528 -17.47 -37.06 -3.20
CA LEU M 528 -17.88 -35.74 -2.72
C LEU M 528 -19.17 -35.77 -1.87
N LEU M 529 -19.97 -36.83 -1.99
CA LEU M 529 -21.19 -36.93 -1.19
C LEU M 529 -20.84 -37.02 0.29
N ALA M 530 -21.40 -36.12 1.09
CA ALA M 530 -21.13 -36.09 2.52
C ALA M 530 -21.74 -37.32 3.24
N ALA M 531 -22.83 -37.85 2.70
CA ALA M 531 -23.36 -39.14 3.13
C ALA M 531 -23.59 -40.00 1.90
N LYS M 532 -23.15 -41.26 1.95
CA LYS M 532 -23.26 -42.12 0.78
C LYS M 532 -24.57 -42.90 0.71
N SER M 533 -25.29 -42.93 1.83
CA SER M 533 -26.40 -43.85 2.01
C SER M 533 -27.39 -43.35 3.05
N ILE M 534 -28.54 -44.00 3.13
CA ILE M 534 -29.53 -43.69 4.13
C ILE M 534 -28.96 -43.91 5.54
N ALA M 535 -28.22 -44.99 5.74
CA ALA M 535 -27.63 -45.25 7.04
C ALA M 535 -26.63 -44.15 7.43
N GLU M 536 -25.91 -43.62 6.45
CA GLU M 536 -24.96 -42.55 6.76
C GLU M 536 -25.72 -41.27 7.11
N LEU M 537 -26.88 -41.08 6.50
CA LEU M 537 -27.73 -39.97 6.84
C LEU M 537 -28.20 -40.16 8.28
N VAL M 538 -28.52 -41.40 8.65
CA VAL M 538 -28.97 -41.68 10.03
C VAL M 538 -27.84 -41.36 10.99
N GLU M 539 -26.61 -41.78 10.64
CA GLU M 539 -25.42 -41.42 11.42
C GLU M 539 -25.27 -39.91 11.61
N TRP M 540 -25.25 -39.20 10.48
CA TRP M 540 -25.13 -37.74 10.48
C TRP M 540 -26.11 -37.06 11.44
N SER M 541 -27.31 -37.65 11.55
CA SER M 541 -28.36 -37.14 12.42
C SER M 541 -28.22 -37.55 13.91
N GLY M 542 -27.19 -38.34 14.24
CA GLY M 542 -27.03 -38.78 15.63
C GLY M 542 -28.08 -39.79 16.01
N GLY M 543 -28.63 -40.48 15.02
CA GLY M 543 -29.63 -41.49 15.27
C GLY M 543 -31.06 -40.97 15.27
N LEU M 544 -31.22 -39.66 15.13
CA LEU M 544 -32.52 -39.04 15.25
C LEU M 544 -33.45 -39.32 14.07
N TYR M 545 -32.88 -39.39 12.87
CA TYR M 545 -33.67 -39.68 11.66
C TYR M 545 -34.07 -41.15 11.66
N GLN M 546 -35.37 -41.40 11.56
CA GLN M 546 -35.91 -42.75 11.56
C GLN M 546 -36.52 -43.09 10.20
N PRO M 547 -35.69 -43.60 9.28
CA PRO M 547 -36.17 -43.77 7.90
C PRO M 547 -37.34 -44.76 7.81
N PRO M 548 -38.29 -44.48 6.91
CA PRO M 548 -39.39 -45.40 6.55
C PRO M 548 -38.90 -46.75 6.05
N ALA M 549 -39.74 -47.77 6.20
CA ALA M 549 -39.44 -49.17 5.86
C ALA M 549 -38.72 -49.29 4.52
N ARG M 550 -39.30 -48.59 3.54
CA ARG M 550 -38.77 -48.38 2.20
C ARG M 550 -37.25 -48.23 2.11
N PHE M 551 -36.68 -47.42 2.99
CA PHE M 551 -35.29 -47.01 2.86
C PHE M 551 -34.38 -47.74 3.85
N ARG M 552 -34.94 -48.73 4.55
CA ARG M 552 -34.20 -49.45 5.58
C ARG M 552 -33.40 -50.59 4.96
N SER M 553 -32.20 -50.78 5.49
CA SER M 553 -31.40 -51.97 5.19
C SER M 553 -30.94 -52.58 6.51
N TRP M 554 -31.88 -52.79 7.43
CA TRP M 554 -31.55 -53.35 8.74
C TRP M 554 -32.80 -53.71 9.53
N MET N 1 -29.20 -55.94 -28.86
CA MET N 1 -27.82 -55.56 -28.66
C MET N 1 -27.11 -55.38 -30.00
N GLU N 2 -26.14 -54.48 -30.08
CA GLU N 2 -25.31 -54.48 -31.25
C GLU N 2 -23.85 -54.17 -30.95
N THR N 3 -23.02 -54.52 -31.94
CA THR N 3 -21.60 -54.30 -31.90
C THR N 3 -21.22 -53.29 -32.96
N LEU N 4 -20.64 -52.17 -32.52
CA LEU N 4 -20.31 -51.07 -33.39
C LEU N 4 -18.80 -50.86 -33.40
N SER N 5 -18.27 -50.38 -34.51
CA SER N 5 -16.85 -50.12 -34.59
C SER N 5 -16.60 -48.69 -35.07
N PHE N 6 -15.59 -48.04 -34.52
CA PHE N 6 -15.22 -46.69 -34.95
C PHE N 6 -13.73 -46.52 -35.00
N GLU N 7 -13.29 -45.55 -35.79
CA GLU N 7 -11.88 -45.23 -35.91
C GLU N 7 -11.69 -43.72 -36.05
N PHE N 8 -10.69 -43.20 -35.36
CA PHE N 8 -10.42 -41.77 -35.36
C PHE N 8 -8.92 -41.58 -35.50
N PRO N 9 -8.52 -40.42 -36.08
CA PRO N 9 -7.11 -40.02 -36.12
C PRO N 9 -6.54 -39.83 -34.73
N ALA N 10 -5.35 -40.35 -34.49
CA ALA N 10 -4.75 -40.27 -33.16
C ALA N 10 -3.26 -39.97 -33.29
N GLY N 11 -2.61 -39.75 -32.16
CA GLY N 11 -1.20 -39.47 -32.14
C GLY N 11 -0.39 -40.73 -31.87
N GLN N 12 0.47 -40.66 -30.86
CA GLN N 12 1.33 -41.77 -30.53
C GLN N 12 0.61 -42.69 -29.55
N PRO N 13 0.91 -44.00 -29.57
CA PRO N 13 0.21 -44.90 -28.64
C PRO N 13 0.29 -44.42 -27.20
N GLY N 14 -0.84 -44.45 -26.49
CA GLY N 14 -0.87 -44.17 -25.07
C GLY N 14 0.04 -45.16 -24.39
N ARG N 15 0.43 -44.88 -23.15
CA ARG N 15 1.46 -45.71 -22.55
C ARG N 15 0.85 -46.82 -21.69
N GLY N 16 0.03 -46.46 -20.70
CA GLY N 16 -0.53 -47.49 -19.82
C GLY N 16 -1.85 -48.08 -20.28
N ARG N 17 -2.52 -48.78 -19.37
CA ARG N 17 -3.83 -49.36 -19.64
C ARG N 17 -4.80 -48.88 -18.58
N ALA N 18 -6.09 -48.90 -18.87
CA ALA N 18 -7.09 -48.60 -17.83
C ALA N 18 -8.42 -49.31 -18.03
N LEU N 19 -9.08 -49.64 -16.93
CA LEU N 19 -10.48 -50.06 -16.95
C LEU N 19 -11.26 -49.15 -16.04
N VAL N 20 -12.39 -48.64 -16.53
CA VAL N 20 -13.28 -47.82 -15.72
C VAL N 20 -14.73 -48.32 -15.81
N GLY N 21 -15.49 -48.20 -14.72
CA GLY N 21 -16.90 -48.54 -14.72
C GLY N 21 -17.21 -50.02 -14.65
N CYS N 22 -18.47 -50.36 -14.95
CA CYS N 22 -18.86 -51.76 -15.03
C CYS N 22 -20.18 -51.88 -15.77
N VAL N 23 -20.57 -53.10 -16.09
CA VAL N 23 -21.71 -53.33 -16.96
C VAL N 23 -22.95 -53.52 -16.10
N GLY N 24 -23.27 -52.51 -15.31
CA GLY N 24 -24.55 -52.46 -14.60
C GLY N 24 -25.50 -51.63 -15.45
N SER N 25 -26.79 -51.81 -15.25
CA SER N 25 -27.78 -51.09 -16.07
C SER N 25 -27.62 -49.60 -15.88
N GLY N 26 -27.74 -48.86 -16.98
CA GLY N 26 -27.51 -47.42 -16.95
C GLY N 26 -26.04 -47.08 -16.79
N ASP N 27 -25.17 -48.07 -16.95
CA ASP N 27 -23.73 -47.85 -16.83
C ASP N 27 -22.99 -48.61 -17.93
N LEU N 28 -21.67 -48.42 -17.99
CA LEU N 28 -20.81 -49.05 -18.99
C LEU N 28 -19.44 -49.28 -18.40
N GLU N 29 -18.72 -50.28 -18.91
CA GLU N 29 -17.30 -50.34 -18.62
C GLU N 29 -16.53 -49.90 -19.86
N VAL N 30 -15.35 -49.32 -19.64
CA VAL N 30 -14.47 -48.94 -20.73
C VAL N 30 -13.08 -49.50 -20.46
N LEU N 31 -12.53 -50.20 -21.46
CA LEU N 31 -11.18 -50.70 -21.40
C LEU N 31 -10.31 -49.91 -22.36
N LEU N 32 -9.17 -49.45 -21.87
CA LEU N 32 -8.28 -48.64 -22.70
C LEU N 32 -6.87 -49.23 -22.68
N GLU N 33 -6.34 -49.54 -23.87
CA GLU N 33 -4.98 -50.09 -24.02
C GLU N 33 -4.23 -49.31 -25.10
N PRO N 34 -2.88 -49.33 -25.04
CA PRO N 34 -2.09 -48.70 -26.11
C PRO N 34 -2.42 -49.32 -27.47
N GLY N 35 -2.35 -48.52 -28.53
CA GLY N 35 -2.75 -49.02 -29.83
C GLY N 35 -1.80 -48.66 -30.95
N GLN N 36 -2.31 -48.72 -32.18
CA GLN N 36 -1.54 -48.44 -33.39
C GLN N 36 -1.34 -46.94 -33.62
N PRO N 37 -0.08 -46.49 -33.73
CA PRO N 37 0.23 -45.07 -33.93
C PRO N 37 -0.58 -44.41 -35.06
N GLY N 38 -1.07 -43.19 -34.79
CA GLY N 38 -1.91 -42.47 -35.74
C GLY N 38 -3.37 -42.88 -35.77
N LYS N 39 -3.78 -43.80 -34.89
CA LYS N 39 -5.14 -44.30 -34.97
C LYS N 39 -5.72 -44.78 -33.63
N LEU N 40 -6.94 -44.34 -33.36
CA LEU N 40 -7.70 -44.77 -32.20
C LEU N 40 -8.80 -45.72 -32.65
N SER N 41 -8.81 -46.95 -32.14
CA SER N 41 -9.83 -47.92 -32.52
C SER N 41 -10.81 -48.17 -31.39
N ILE N 42 -12.09 -48.00 -31.67
CA ILE N 42 -13.11 -48.16 -30.63
C ILE N 42 -14.10 -49.25 -31.00
N GLN N 43 -14.34 -50.11 -30.04
CA GLN N 43 -15.34 -51.16 -30.17
C GLN N 43 -16.44 -50.90 -29.14
N VAL N 44 -17.69 -50.88 -29.58
CA VAL N 44 -18.81 -50.68 -28.67
C VAL N 44 -19.79 -51.84 -28.73
N GLN N 45 -20.03 -52.44 -27.57
CA GLN N 45 -21.11 -53.38 -27.43
C GLN N 45 -22.12 -52.70 -26.54
N THR N 46 -23.34 -52.49 -27.05
CA THR N 46 -24.35 -51.77 -26.30
C THR N 46 -25.68 -52.51 -26.34
N SER N 47 -26.44 -52.41 -25.26
CA SER N 47 -27.75 -53.05 -25.17
C SER N 47 -28.81 -52.31 -25.96
N VAL N 48 -28.56 -51.03 -26.21
CA VAL N 48 -29.48 -50.16 -26.93
C VAL N 48 -29.31 -50.25 -28.44
N ASN N 49 -30.34 -50.77 -29.11
CA ASN N 49 -30.28 -50.91 -30.56
C ASN N 49 -30.46 -49.59 -31.28
N GLY N 50 -29.87 -49.50 -32.48
CA GLY N 50 -30.02 -48.34 -33.34
C GLY N 50 -29.44 -47.05 -32.76
N SER N 51 -28.39 -47.19 -31.94
CA SER N 51 -27.78 -46.00 -31.31
C SER N 51 -26.47 -45.59 -31.97
N ALA N 52 -26.16 -46.17 -33.13
CA ALA N 52 -24.87 -45.94 -33.78
C ALA N 52 -24.54 -44.46 -34.02
N SER N 53 -25.51 -43.67 -34.48
CA SER N 53 -25.20 -42.28 -34.84
C SER N 53 -25.08 -41.44 -33.58
N ARG N 54 -25.80 -41.83 -32.55
CA ARG N 54 -25.62 -41.24 -31.23
C ARG N 54 -24.18 -41.49 -30.74
N TRP N 55 -23.69 -42.73 -30.86
CA TRP N 55 -22.28 -43.00 -30.48
C TRP N 55 -21.31 -42.16 -31.33
N GLN N 56 -21.56 -42.10 -32.63
CA GLN N 56 -20.73 -41.35 -33.57
C GLN N 56 -20.65 -39.87 -33.17
N HIS N 57 -21.80 -39.26 -32.91
CA HIS N 57 -21.86 -37.88 -32.43
C HIS N 57 -21.02 -37.72 -31.17
N LEU N 58 -21.19 -38.65 -30.23
CA LEU N 58 -20.51 -38.55 -28.94
C LEU N 58 -19.00 -38.50 -29.12
N PHE N 59 -18.47 -39.41 -29.93
CA PHE N 59 -17.03 -39.47 -30.17
C PHE N 59 -16.49 -38.28 -30.97
N GLU N 60 -17.25 -37.84 -31.98
CA GLU N 60 -16.87 -36.67 -32.75
C GLU N 60 -16.63 -35.48 -31.86
N ARG N 61 -17.53 -35.25 -30.91
CA ARG N 61 -17.42 -34.12 -30.02
C ARG N 61 -16.25 -34.29 -29.10
N LEU N 62 -16.08 -35.51 -28.62
CA LEU N 62 -15.00 -35.80 -27.70
C LEU N 62 -13.61 -35.54 -28.32
N PHE N 63 -13.41 -35.93 -29.58
CA PHE N 63 -12.11 -35.78 -30.21
C PHE N 63 -12.01 -34.59 -31.18
N ASP N 64 -12.98 -33.68 -31.09
CA ASP N 64 -13.01 -32.48 -31.93
C ASP N 64 -11.77 -31.57 -31.75
N GLY N 65 -10.91 -31.56 -32.76
CA GLY N 65 -9.71 -30.72 -32.75
C GLY N 65 -8.76 -31.04 -31.60
N GLN N 66 -8.84 -32.25 -31.07
CA GLN N 66 -7.88 -32.66 -30.03
C GLN N 66 -7.50 -34.10 -30.22
N THR N 67 -6.29 -34.29 -30.74
CA THR N 67 -5.74 -35.59 -31.08
C THR N 67 -5.45 -36.39 -29.82
N PRO N 68 -6.27 -37.42 -29.57
CA PRO N 68 -6.11 -38.30 -28.42
C PRO N 68 -4.94 -39.26 -28.64
N PRO N 69 -4.49 -39.93 -27.57
CA PRO N 69 -3.46 -40.96 -27.78
C PRO N 69 -3.98 -42.08 -28.66
N ALA N 70 -3.08 -42.80 -29.31
CA ALA N 70 -3.49 -43.95 -30.10
C ALA N 70 -3.82 -45.10 -29.16
N LEU N 71 -5.11 -45.42 -29.05
CA LEU N 71 -5.52 -46.48 -28.12
C LEU N 71 -6.39 -47.54 -28.77
N LEU N 72 -6.51 -48.66 -28.08
CA LEU N 72 -7.56 -49.61 -28.36
C LEU N 72 -8.55 -49.45 -27.23
N ILE N 73 -9.77 -49.08 -27.58
CA ILE N 73 -10.83 -48.88 -26.59
C ILE N 73 -11.98 -49.85 -26.83
N ASP N 74 -12.31 -50.59 -25.77
CA ASP N 74 -13.39 -51.59 -25.80
C ASP N 74 -14.47 -51.12 -24.83
N ILE N 75 -15.69 -50.94 -25.33
CA ILE N 75 -16.78 -50.44 -24.51
C ILE N 75 -17.88 -51.48 -24.39
N HIS N 76 -18.31 -51.75 -23.16
CA HIS N 76 -19.45 -52.62 -22.91
C HIS N 76 -20.50 -51.81 -22.18
N ASP N 77 -21.54 -51.41 -22.91
CA ASP N 77 -22.54 -50.48 -22.38
C ASP N 77 -23.89 -51.14 -22.15
N PHE N 78 -24.51 -50.84 -21.00
CA PHE N 78 -25.83 -51.36 -20.64
C PHE N 78 -26.80 -50.19 -20.49
N GLY N 79 -26.89 -49.38 -21.55
CA GLY N 79 -27.86 -48.30 -21.58
C GLY N 79 -27.51 -47.04 -20.78
N ALA N 80 -26.22 -46.72 -20.70
CA ALA N 80 -25.82 -45.47 -20.07
C ALA N 80 -26.22 -44.27 -20.95
N THR N 81 -26.53 -43.14 -20.31
CA THR N 81 -26.77 -41.90 -21.03
C THR N 81 -25.46 -41.35 -21.61
N PRO N 82 -25.57 -40.49 -22.65
CA PRO N 82 -24.39 -39.86 -23.26
C PRO N 82 -23.59 -39.09 -22.23
N GLY N 83 -24.28 -38.51 -21.25
CA GLY N 83 -23.61 -37.80 -20.18
C GLY N 83 -22.75 -38.74 -19.36
N VAL N 84 -23.32 -39.87 -18.95
CA VAL N 84 -22.51 -40.87 -18.22
C VAL N 84 -21.41 -41.45 -19.12
N VAL N 85 -21.76 -41.77 -20.37
CA VAL N 85 -20.76 -42.29 -21.31
C VAL N 85 -19.57 -41.35 -21.43
N ARG N 86 -19.86 -40.08 -21.70
CA ARG N 86 -18.81 -39.07 -21.83
C ARG N 86 -17.95 -38.97 -20.57
N LEU N 87 -18.60 -38.93 -19.42
CA LEU N 87 -17.88 -38.77 -18.16
C LEU N 87 -16.92 -39.94 -17.92
N ARG N 88 -17.35 -41.17 -18.20
CA ARG N 88 -16.46 -42.32 -18.07
C ARG N 88 -15.33 -42.34 -19.07
N LEU N 89 -15.61 -41.92 -20.29
CA LEU N 89 -14.57 -41.85 -21.30
C LEU N 89 -13.47 -40.90 -20.81
N GLU N 90 -13.88 -39.76 -20.27
CA GLU N 90 -12.89 -38.81 -19.78
C GLU N 90 -12.14 -39.39 -18.57
N GLN N 91 -12.83 -40.11 -17.67
CA GLN N 91 -12.12 -40.78 -16.55
C GLN N 91 -11.06 -41.77 -17.06
N GLY N 92 -11.45 -42.59 -18.05
CA GLY N 92 -10.53 -43.52 -18.68
C GLY N 92 -9.30 -42.87 -19.34
N PHE N 93 -9.51 -41.81 -20.13
CA PHE N 93 -8.38 -41.08 -20.73
C PHE N 93 -7.49 -40.45 -19.67
N GLU N 94 -8.11 -39.95 -18.60
CA GLU N 94 -7.40 -39.42 -17.46
C GLU N 94 -6.40 -40.42 -16.86
N GLU N 95 -6.86 -41.63 -16.53
CA GLU N 95 -5.98 -42.64 -15.93
C GLU N 95 -4.88 -43.13 -16.88
N ILE N 96 -5.17 -43.19 -18.17
CA ILE N 96 -4.23 -43.70 -19.18
C ILE N 96 -2.96 -42.85 -19.31
N GLY N 97 -3.07 -41.56 -19.01
CA GLY N 97 -1.94 -40.65 -19.09
C GLY N 97 -1.44 -40.25 -17.71
N ASP O 3 17.52 29.96 -17.95
CA ASP O 3 16.63 28.82 -18.17
C ASP O 3 16.95 27.63 -17.22
N VAL O 4 17.46 27.95 -16.03
CA VAL O 4 17.46 27.00 -14.93
C VAL O 4 16.01 26.56 -14.65
N ALA O 5 15.09 27.51 -14.79
CA ALA O 5 13.68 27.28 -14.51
C ALA O 5 13.11 26.21 -15.42
N ARG O 6 13.49 26.29 -16.70
CA ARG O 6 13.07 25.31 -17.69
C ARG O 6 13.62 23.91 -17.39
N LEU O 7 14.89 23.84 -16.99
CA LEU O 7 15.52 22.56 -16.68
C LEU O 7 14.91 21.97 -15.39
N LEU O 8 14.49 22.83 -14.46
CA LEU O 8 13.87 22.32 -13.24
C LEU O 8 12.44 21.85 -13.51
N ALA O 9 11.85 22.32 -14.62
CA ALA O 9 10.47 21.98 -14.95
C ALA O 9 10.33 20.85 -16.00
N LEU O 10 11.46 20.23 -16.36
CA LEU O 10 11.45 19.09 -17.31
C LEU O 10 10.44 18.01 -16.92
N ARG O 11 9.55 17.65 -17.84
CA ARG O 11 8.58 16.59 -17.57
C ARG O 11 8.75 15.41 -18.52
N SER O 12 9.73 14.56 -18.20
CA SER O 12 10.08 13.40 -19.01
C SER O 12 8.91 12.40 -19.18
N PHE O 13 8.81 11.77 -20.35
CA PHE O 13 7.86 10.70 -20.53
C PHE O 13 8.47 9.38 -20.03
N THR O 14 9.75 9.18 -20.29
CA THR O 14 10.38 7.90 -19.95
C THR O 14 10.53 7.67 -18.43
N GLU O 15 10.40 8.74 -17.65
CA GLU O 15 10.45 8.65 -16.19
C GLU O 15 9.26 7.91 -15.59
N LEU O 16 8.13 8.01 -16.28
CA LEU O 16 6.87 7.44 -15.79
C LEU O 16 6.88 5.92 -15.93
N GLY O 17 6.35 5.22 -14.94
CA GLY O 17 6.07 3.79 -15.09
C GLY O 17 4.92 3.57 -16.07
N ALA O 18 4.58 2.32 -16.37
CA ALA O 18 3.55 2.01 -17.37
C ALA O 18 2.16 2.54 -16.98
N ARG O 19 1.71 2.24 -15.76
CA ARG O 19 0.43 2.76 -15.25
C ARG O 19 0.36 4.28 -15.40
N GLN O 20 1.43 4.97 -14.97
CA GLN O 20 1.52 6.43 -15.08
C GLN O 20 1.50 6.93 -16.53
N ARG O 21 2.24 6.25 -17.40
CA ARG O 21 2.20 6.61 -18.82
C ARG O 21 0.78 6.48 -19.36
N ALA O 22 0.08 5.44 -18.92
CA ALA O 22 -1.28 5.18 -19.41
C ALA O 22 -2.26 6.25 -18.96
N ARG O 23 -2.23 6.58 -17.67
CA ARG O 23 -3.10 7.60 -17.10
C ARG O 23 -2.78 9.00 -17.64
N ALA O 24 -1.52 9.27 -17.89
CA ALA O 24 -1.12 10.54 -18.50
C ALA O 24 -1.71 10.72 -19.91
N LEU O 25 -1.67 9.67 -20.73
CA LEU O 25 -2.04 9.81 -22.14
C LEU O 25 -3.56 9.87 -22.38
N LEU O 26 -4.31 8.99 -21.71
CA LEU O 26 -5.76 9.02 -21.77
C LEU O 26 -6.27 10.38 -21.28
N ASP O 27 -7.39 10.85 -21.83
CA ASP O 27 -7.98 12.12 -21.40
C ASP O 27 -8.08 12.19 -19.87
N ALA O 28 -7.84 13.39 -19.33
CA ALA O 28 -7.89 13.55 -17.88
C ALA O 28 -9.21 13.04 -17.33
N GLY O 29 -9.12 12.16 -16.34
CA GLY O 29 -10.29 11.66 -15.66
C GLY O 29 -10.89 10.40 -16.25
N SER O 30 -10.46 10.00 -17.45
CA SER O 30 -11.13 8.89 -18.12
C SER O 30 -10.52 7.51 -17.79
N PHE O 31 -9.28 7.47 -17.29
CA PHE O 31 -8.55 6.23 -17.01
C PHE O 31 -9.37 5.21 -16.20
N ARG O 32 -9.61 4.04 -16.79
CA ARG O 32 -10.28 2.96 -16.07
C ARG O 32 -9.61 1.63 -16.39
N GLU O 33 -8.92 1.08 -15.41
CA GLU O 33 -8.11 -0.10 -15.64
C GLU O 33 -8.91 -1.39 -15.57
N LEU O 34 -8.62 -2.28 -16.50
CA LEU O 34 -9.24 -3.60 -16.55
C LEU O 34 -8.23 -4.61 -16.00
N LEU O 35 -8.71 -5.57 -15.22
CA LEU O 35 -7.82 -6.58 -14.62
C LEU O 35 -6.69 -5.88 -13.86
N ASP O 36 -7.08 -4.90 -13.06
CA ASP O 36 -6.14 -4.12 -12.27
C ASP O 36 -5.48 -5.04 -11.24
N PRO O 37 -4.43 -4.57 -10.55
CA PRO O 37 -3.70 -5.44 -9.62
C PRO O 37 -4.55 -6.17 -8.58
N PHE O 38 -5.63 -5.55 -8.11
CA PHE O 38 -6.44 -6.15 -7.06
C PHE O 38 -7.28 -7.33 -7.57
N ALA O 39 -7.43 -7.47 -8.88
CA ALA O 39 -8.10 -8.65 -9.44
C ALA O 39 -7.27 -9.93 -9.23
N GLY O 40 -5.99 -9.79 -8.97
CA GLY O 40 -5.12 -10.93 -8.74
C GLY O 40 -4.85 -11.82 -9.95
N VAL O 41 -5.21 -11.37 -11.14
CA VAL O 41 -4.99 -12.18 -12.35
C VAL O 41 -3.50 -12.15 -12.74
N GLN O 42 -2.73 -13.07 -12.14
CA GLN O 42 -1.27 -13.02 -12.18
C GLN O 42 -0.82 -14.17 -13.11
N SER O 43 0.47 -14.25 -13.41
CA SER O 43 1.00 -15.42 -14.08
C SER O 43 0.77 -16.74 -13.32
N PRO O 44 0.20 -17.74 -14.00
CA PRO O 44 0.04 -19.02 -13.30
C PRO O 44 1.26 -19.94 -13.44
N TRP O 45 2.35 -19.43 -13.99
CA TRP O 45 3.53 -20.26 -14.27
C TRP O 45 4.77 -19.85 -13.50
N LEU O 46 4.78 -18.63 -12.96
CA LEU O 46 6.05 -18.10 -12.41
C LEU O 46 6.40 -18.69 -11.02
N GLU O 47 5.41 -18.84 -10.14
CA GLU O 47 5.67 -19.34 -8.78
C GLU O 47 6.41 -20.69 -8.75
N ARG O 48 5.84 -21.68 -9.46
CA ARG O 48 6.41 -23.02 -9.55
C ARG O 48 7.87 -23.00 -10.03
N GLN O 49 8.30 -21.89 -10.62
CA GLN O 49 9.70 -21.77 -11.02
C GLN O 49 10.52 -20.91 -10.05
N GLY O 50 9.92 -20.56 -8.91
CA GLY O 50 10.65 -19.77 -7.94
C GLY O 50 10.85 -18.34 -8.38
N ILE O 51 9.93 -17.86 -9.22
CA ILE O 51 9.93 -16.47 -9.61
C ILE O 51 8.70 -15.80 -9.02
N VAL O 52 8.88 -14.64 -8.39
CA VAL O 52 7.79 -13.91 -7.78
C VAL O 52 6.95 -13.16 -8.82
N PRO O 53 5.63 -13.43 -8.86
CA PRO O 53 4.71 -12.81 -9.81
C PRO O 53 4.39 -11.34 -9.53
N GLN O 54 3.98 -10.62 -10.57
CA GLN O 54 3.43 -9.28 -10.38
C GLN O 54 1.93 -9.39 -10.58
N ALA O 55 1.16 -8.61 -9.84
CA ALA O 55 -0.28 -8.81 -9.78
C ALA O 55 -0.97 -8.54 -11.10
N ASP O 56 -0.43 -7.59 -11.88
CA ASP O 56 -1.00 -7.30 -13.20
C ASP O 56 -0.21 -8.00 -14.30
N ASP O 57 0.70 -8.87 -13.88
CA ASP O 57 1.61 -9.60 -14.75
C ASP O 57 2.43 -8.68 -15.67
N GLY O 58 2.59 -7.42 -15.30
CA GLY O 58 3.45 -6.52 -16.03
C GLY O 58 2.84 -5.85 -17.24
N VAL O 59 1.51 -5.85 -17.32
CA VAL O 59 0.81 -5.10 -18.36
C VAL O 59 -0.37 -4.36 -17.75
N VAL O 60 -0.53 -3.09 -18.15
CA VAL O 60 -1.67 -2.28 -17.74
C VAL O 60 -2.63 -2.11 -18.90
N VAL O 61 -3.84 -2.64 -18.78
CA VAL O 61 -4.87 -2.35 -19.78
C VAL O 61 -5.91 -1.40 -19.19
N ALA O 62 -6.15 -0.29 -19.87
CA ALA O 62 -7.12 0.67 -19.33
C ALA O 62 -8.03 1.17 -20.43
N ARG O 63 -9.32 1.30 -20.11
CA ARG O 63 -10.28 1.98 -20.98
C ARG O 63 -10.18 3.46 -20.68
N GLY O 64 -10.60 4.30 -21.62
CA GLY O 64 -10.68 5.73 -21.38
C GLY O 64 -11.09 6.48 -22.64
N LEU O 65 -10.76 7.76 -22.70
CA LEU O 65 -11.02 8.54 -23.89
C LEU O 65 -9.74 9.17 -24.44
N LEU O 66 -9.67 9.27 -25.76
CA LEU O 66 -8.66 10.06 -26.45
C LEU O 66 -9.33 11.10 -27.34
N ASP O 67 -9.27 12.36 -26.93
CA ASP O 67 -10.01 13.45 -27.56
C ASP O 67 -11.51 13.20 -27.50
N GLY O 68 -11.98 12.72 -26.35
CA GLY O 68 -13.39 12.40 -26.17
C GLY O 68 -13.87 11.13 -26.88
N GLN O 69 -13.02 10.55 -27.73
CA GLN O 69 -13.36 9.31 -28.43
C GLN O 69 -13.04 8.07 -27.57
N PRO O 70 -13.85 6.99 -27.72
CA PRO O 70 -13.64 5.78 -26.91
C PRO O 70 -12.33 5.07 -27.26
N ALA O 71 -11.66 4.54 -26.24
CA ALA O 71 -10.32 4.04 -26.45
C ALA O 71 -9.96 2.97 -25.45
N VAL O 72 -8.95 2.19 -25.81
CA VAL O 72 -8.33 1.22 -24.92
C VAL O 72 -6.82 1.40 -25.05
N LEU O 73 -6.12 1.31 -23.93
CA LEU O 73 -4.67 1.49 -23.92
C LEU O 73 -4.06 0.26 -23.29
N ALA O 74 -3.01 -0.28 -23.90
CA ALA O 74 -2.20 -1.32 -23.23
C ALA O 74 -0.76 -0.83 -23.11
N ALA O 75 -0.24 -0.84 -21.89
CA ALA O 75 1.12 -0.39 -21.66
C ALA O 75 1.91 -1.50 -20.95
N ILE O 76 3.04 -1.88 -21.51
CA ILE O 76 3.85 -2.92 -20.89
C ILE O 76 4.83 -2.31 -19.89
N GLU O 77 4.90 -2.89 -18.71
CA GLU O 77 5.80 -2.41 -17.67
C GLU O 77 7.18 -3.07 -17.81
N GLY O 78 8.12 -2.33 -18.38
CA GLY O 78 9.45 -2.86 -18.62
C GLY O 78 10.23 -3.31 -17.38
N ALA O 79 9.84 -2.80 -16.20
CA ALA O 79 10.52 -3.13 -14.95
C ALA O 79 10.21 -4.54 -14.45
N PHE O 80 9.09 -5.12 -14.88
CA PHE O 80 8.80 -6.53 -14.55
C PHE O 80 9.19 -7.48 -15.67
N GLN O 81 10.07 -8.43 -15.37
CA GLN O 81 10.54 -9.40 -16.37
C GLN O 81 11.06 -8.76 -17.67
N GLY O 82 11.60 -7.54 -17.57
CA GLY O 82 12.10 -6.85 -18.74
C GLY O 82 11.01 -6.55 -19.78
N GLY O 83 9.74 -6.58 -19.36
CA GLY O 83 8.62 -6.41 -20.27
C GLY O 83 8.34 -7.61 -21.17
N SER O 84 8.99 -8.75 -20.94
CA SER O 84 8.73 -9.92 -21.78
C SER O 84 7.33 -10.47 -21.48
N LEU O 85 6.59 -10.79 -22.54
CA LEU O 85 5.19 -11.17 -22.37
C LEU O 85 5.06 -12.63 -21.98
N GLY O 86 4.12 -12.90 -21.09
CA GLY O 86 3.76 -14.25 -20.69
C GLY O 86 2.34 -14.56 -21.11
N GLU O 87 1.72 -15.55 -20.47
CA GLU O 87 0.40 -15.97 -20.91
C GLU O 87 -0.64 -14.89 -20.62
N VAL O 88 -0.66 -14.44 -19.37
CA VAL O 88 -1.70 -13.52 -18.94
C VAL O 88 -1.46 -12.13 -19.55
N SER O 89 -0.27 -11.57 -19.36
CA SER O 89 0.04 -10.26 -19.92
C SER O 89 -0.18 -10.20 -21.43
N GLY O 90 0.17 -11.27 -22.15
CA GLY O 90 -0.11 -11.35 -23.58
C GLY O 90 -1.59 -11.38 -23.93
N ALA O 91 -2.37 -12.10 -23.12
CA ALA O 91 -3.81 -12.26 -23.33
C ALA O 91 -4.54 -10.95 -23.09
N LYS O 92 -4.02 -10.17 -22.14
CA LYS O 92 -4.59 -8.88 -21.80
C LYS O 92 -4.49 -7.92 -22.99
N ILE O 93 -3.34 -7.92 -23.67
CA ILE O 93 -3.18 -7.07 -24.83
C ILE O 93 -4.04 -7.58 -26.01
N ALA O 94 -3.89 -8.85 -26.35
CA ALA O 94 -4.64 -9.47 -27.46
C ALA O 94 -6.14 -9.32 -27.23
N GLY O 95 -6.59 -9.65 -26.02
CA GLY O 95 -8.00 -9.60 -25.66
C GLY O 95 -8.59 -8.20 -25.72
N ALA O 96 -7.81 -7.21 -25.33
CA ALA O 96 -8.22 -5.80 -25.43
C ALA O 96 -8.31 -5.37 -26.90
N LEU O 97 -7.33 -5.75 -27.70
CA LEU O 97 -7.35 -5.41 -29.12
C LEU O 97 -8.53 -6.07 -29.80
N GLU O 98 -8.78 -7.34 -29.47
CA GLU O 98 -9.95 -8.08 -29.98
C GLU O 98 -11.28 -7.40 -29.69
N LEU O 99 -11.47 -6.93 -28.44
CA LEU O 99 -12.73 -6.31 -28.02
C LEU O 99 -12.95 -4.97 -28.72
N ALA O 100 -11.88 -4.25 -29.00
CA ALA O 100 -11.99 -2.98 -29.73
C ALA O 100 -12.42 -3.20 -31.20
N ALA O 101 -11.92 -4.25 -31.85
CA ALA O 101 -12.41 -4.60 -33.18
C ALA O 101 -13.91 -4.89 -33.12
N GLU O 102 -14.34 -5.59 -32.08
CA GLU O 102 -15.76 -5.91 -31.97
C GLU O 102 -16.61 -4.66 -31.76
N ASP O 103 -16.10 -3.71 -30.97
CA ASP O 103 -16.75 -2.43 -30.78
C ASP O 103 -17.05 -1.77 -32.12
N ASN O 104 -16.06 -1.83 -33.00
CA ASN O 104 -16.14 -1.17 -34.29
C ASN O 104 -17.15 -1.84 -35.22
N ARG O 105 -17.32 -3.15 -35.06
CA ARG O 105 -18.34 -3.88 -35.81
C ARG O 105 -19.73 -3.55 -35.28
N ASN O 106 -19.80 -3.11 -34.03
CA ASN O 106 -21.07 -2.68 -33.43
C ASN O 106 -21.23 -1.18 -33.39
N GLY O 107 -20.49 -0.46 -34.23
CA GLY O 107 -20.68 0.98 -34.38
C GLY O 107 -19.96 1.91 -33.40
N VAL O 108 -19.16 1.33 -32.50
CA VAL O 108 -18.36 2.11 -31.55
C VAL O 108 -16.91 2.21 -32.03
N PRO O 109 -16.46 3.41 -32.43
CA PRO O 109 -15.16 3.58 -33.07
C PRO O 109 -13.98 3.56 -32.10
N THR O 110 -13.87 2.49 -31.32
CA THR O 110 -12.79 2.34 -30.35
C THR O 110 -11.42 2.20 -31.01
N ARG O 111 -10.45 2.99 -30.51
CA ARG O 111 -9.07 2.94 -30.97
C ARG O 111 -8.13 2.37 -29.90
N ALA O 112 -7.04 1.75 -30.35
CA ALA O 112 -6.12 1.09 -29.46
C ALA O 112 -4.78 1.80 -29.45
N LEU O 113 -4.30 2.10 -28.24
CA LEU O 113 -2.99 2.72 -28.08
C LEU O 113 -2.08 1.73 -27.39
N LEU O 114 -0.96 1.38 -28.04
CA LEU O 114 -0.01 0.41 -27.49
C LEU O 114 1.29 1.07 -27.04
N LEU O 115 1.62 0.92 -25.75
CA LEU O 115 2.87 1.43 -25.20
C LEU O 115 3.82 0.27 -25.04
N LEU O 116 4.77 0.16 -25.96
CA LEU O 116 5.59 -1.04 -26.05
C LEU O 116 6.95 -0.87 -25.39
N GLU O 117 7.06 -1.36 -24.15
CA GLU O 117 8.33 -1.51 -23.43
C GLU O 117 8.56 -2.99 -23.21
N THR O 118 9.27 -3.64 -24.10
CA THR O 118 9.24 -5.09 -24.09
C THR O 118 10.46 -5.67 -24.77
N GLY O 119 10.95 -6.78 -24.23
CA GLY O 119 12.12 -7.46 -24.74
C GLY O 119 11.72 -8.79 -25.38
N GLY O 120 10.46 -8.88 -25.81
CA GLY O 120 9.96 -10.04 -26.53
C GLY O 120 9.12 -11.05 -25.74
N VAL O 121 9.49 -12.33 -25.89
CA VAL O 121 8.82 -13.44 -25.23
C VAL O 121 9.55 -13.82 -23.94
N ARG O 122 8.76 -14.09 -22.90
CA ARG O 122 9.23 -14.58 -21.60
C ARG O 122 9.59 -16.08 -21.63
N LEU O 123 10.85 -16.43 -21.41
CA LEU O 123 11.31 -17.82 -21.55
C LEU O 123 10.57 -18.79 -20.64
N GLN O 124 10.25 -18.36 -19.43
CA GLN O 124 9.62 -19.25 -18.47
C GLN O 124 8.17 -19.55 -18.88
N GLU O 125 7.67 -18.82 -19.88
CA GLU O 125 6.32 -19.06 -20.39
C GLU O 125 6.37 -19.16 -21.92
N ALA O 126 7.56 -19.53 -22.42
CA ALA O 126 7.95 -19.40 -23.84
C ALA O 126 6.82 -19.52 -24.84
N ASN O 127 6.27 -20.71 -25.00
CA ASN O 127 5.30 -20.94 -26.05
C ASN O 127 3.95 -20.26 -25.85
N LEU O 128 3.58 -19.95 -24.60
CA LEU O 128 2.34 -19.24 -24.37
C LEU O 128 2.53 -17.74 -24.63
N GLY O 129 3.73 -17.22 -24.36
CA GLY O 129 4.06 -15.86 -24.74
C GLY O 129 4.05 -15.67 -26.26
N LEU O 130 4.67 -16.62 -26.95
CA LEU O 130 4.76 -16.57 -28.41
C LEU O 130 3.38 -16.72 -29.05
N ALA O 131 2.61 -17.67 -28.56
CA ALA O 131 1.24 -17.84 -29.04
C ALA O 131 0.41 -16.56 -28.81
N ALA O 132 0.60 -15.92 -27.67
CA ALA O 132 -0.15 -14.71 -27.36
C ALA O 132 0.24 -13.58 -28.32
N ILE O 133 1.52 -13.53 -28.67
CA ILE O 133 1.98 -12.51 -29.60
C ILE O 133 1.33 -12.72 -30.98
N ALA O 134 1.18 -13.99 -31.38
CA ALA O 134 0.51 -14.31 -32.63
C ALA O 134 -0.93 -13.76 -32.65
N GLU O 135 -1.62 -13.86 -31.50
CA GLU O 135 -2.99 -13.37 -31.39
C GLU O 135 -3.03 -11.81 -31.28
N ILE O 136 -2.01 -11.21 -30.67
CA ILE O 136 -1.89 -9.75 -30.61
C ILE O 136 -1.75 -9.18 -32.02
N GLN O 137 -0.93 -9.85 -32.82
CA GLN O 137 -0.75 -9.51 -34.23
C GLN O 137 -2.06 -9.70 -35.02
N ALA O 138 -2.71 -10.85 -34.88
CA ALA O 138 -4.01 -11.06 -35.53
C ALA O 138 -4.99 -9.94 -35.18
N ALA O 139 -4.99 -9.53 -33.91
CA ALA O 139 -5.98 -8.55 -33.45
C ALA O 139 -5.66 -7.13 -33.95
N ILE O 140 -4.38 -6.78 -34.07
CA ILE O 140 -4.00 -5.48 -34.64
C ILE O 140 -4.51 -5.38 -36.07
N VAL O 141 -4.25 -6.41 -36.86
CA VAL O 141 -4.67 -6.44 -38.26
C VAL O 141 -6.18 -6.36 -38.40
N ASP O 142 -6.93 -7.15 -37.64
CA ASP O 142 -8.39 -7.10 -37.64
C ASP O 142 -8.90 -5.69 -37.28
N LEU O 143 -8.37 -5.11 -36.20
CA LEU O 143 -8.83 -3.82 -35.76
C LEU O 143 -8.49 -2.69 -36.76
N GLN O 144 -7.40 -2.87 -37.50
CA GLN O 144 -6.99 -1.82 -38.42
C GLN O 144 -7.74 -1.89 -39.76
N ARG O 145 -8.83 -2.64 -39.79
CA ARG O 145 -9.82 -2.50 -40.86
C ARG O 145 -10.81 -1.40 -40.46
N TYR O 146 -10.72 -0.93 -39.22
CA TYR O 146 -11.63 0.10 -38.71
C TYR O 146 -10.91 1.34 -38.17
N GLN O 147 -9.95 1.14 -37.26
CA GLN O 147 -9.22 2.23 -36.64
C GLN O 147 -7.72 1.93 -36.64
N PRO O 148 -6.89 2.96 -36.86
CA PRO O 148 -5.44 2.77 -36.81
C PRO O 148 -4.97 2.44 -35.39
N VAL O 149 -4.04 1.50 -35.25
CA VAL O 149 -3.44 1.29 -33.94
C VAL O 149 -2.21 2.17 -33.85
N VAL O 150 -2.09 2.95 -32.77
CA VAL O 150 -0.88 3.73 -32.61
C VAL O 150 0.02 3.02 -31.62
N ALA O 151 1.26 2.76 -32.03
CA ALA O 151 2.24 2.17 -31.13
C ALA O 151 3.29 3.22 -30.72
N VAL O 152 3.49 3.39 -29.41
CA VAL O 152 4.50 4.30 -28.87
C VAL O 152 5.70 3.55 -28.29
N ILE O 153 6.88 3.81 -28.82
CA ILE O 153 8.10 3.24 -28.29
C ILE O 153 8.98 4.38 -27.75
N ALA O 154 9.24 4.39 -26.44
CA ALA O 154 9.90 5.54 -25.82
C ALA O 154 11.19 5.17 -25.09
N GLY O 155 11.29 3.94 -24.61
CA GLY O 155 12.41 3.54 -23.78
C GLY O 155 12.01 3.62 -22.31
N PRO O 156 12.92 3.21 -21.40
CA PRO O 156 14.29 2.73 -21.65
C PRO O 156 14.43 1.40 -22.37
N VAL O 157 13.52 0.46 -22.16
CA VAL O 157 13.71 -0.88 -22.73
C VAL O 157 13.67 -0.88 -24.26
N GLY O 158 12.74 -0.13 -24.83
CA GLY O 158 12.53 -0.15 -26.27
C GLY O 158 11.65 -1.36 -26.59
N CYS O 159 11.69 -1.81 -27.85
CA CYS O 159 10.78 -2.85 -28.31
C CYS O 159 11.48 -3.88 -29.20
N PHE O 160 11.60 -5.09 -28.70
CA PHE O 160 12.30 -6.16 -29.40
C PHE O 160 11.44 -7.42 -29.52
N GLY O 161 11.88 -8.35 -30.36
CA GLY O 161 11.27 -9.66 -30.45
C GLY O 161 9.96 -9.68 -31.22
N GLY O 162 9.05 -10.56 -30.80
CA GLY O 162 7.75 -10.73 -31.43
C GLY O 162 6.97 -9.44 -31.47
N MET O 163 7.16 -8.61 -30.45
CA MET O 163 6.40 -7.38 -30.34
C MET O 163 6.95 -6.27 -31.23
N SER O 164 8.18 -6.44 -31.72
CA SER O 164 8.71 -5.49 -32.67
C SER O 164 8.00 -5.75 -34.00
N ILE O 165 7.65 -7.01 -34.25
CA ILE O 165 6.84 -7.36 -35.41
C ILE O 165 5.42 -6.82 -35.28
N ALA O 166 4.87 -6.86 -34.08
CA ALA O 166 3.57 -6.27 -33.84
C ALA O 166 3.63 -4.76 -34.10
N ALA O 167 4.74 -4.11 -33.73
CA ALA O 167 4.87 -2.68 -33.96
C ALA O 167 4.88 -2.41 -35.46
N GLY O 168 5.61 -3.24 -36.20
CA GLY O 168 5.59 -3.18 -37.65
C GLY O 168 4.22 -3.23 -38.30
N LEU O 169 3.23 -3.79 -37.61
CA LEU O 169 1.87 -3.94 -38.16
C LEU O 169 1.05 -2.69 -37.97
N CYS O 170 1.41 -1.93 -36.94
CA CYS O 170 0.63 -0.79 -36.51
C CYS O 170 0.63 0.34 -37.51
N SER O 171 -0.53 0.94 -37.71
CA SER O 171 -0.66 2.07 -38.64
C SER O 171 0.43 3.12 -38.42
N TYR O 172 0.64 3.48 -37.15
CA TYR O 172 1.56 4.56 -36.85
C TYR O 172 2.48 4.16 -35.72
N VAL O 173 3.77 4.28 -35.99
CA VAL O 173 4.80 4.00 -35.01
C VAL O 173 5.46 5.30 -34.54
N LEU O 174 5.30 5.61 -33.25
CA LEU O 174 5.84 6.83 -32.67
C LEU O 174 7.03 6.53 -31.76
N VAL O 175 8.17 7.16 -32.05
CA VAL O 175 9.40 6.87 -31.30
C VAL O 175 10.02 8.12 -30.70
N THR O 176 10.74 7.91 -29.61
CA THR O 176 11.65 8.89 -29.08
C THR O 176 13.06 8.57 -29.53
N ARG O 177 13.99 9.43 -29.14
CA ARG O 177 15.40 9.18 -29.41
C ARG O 177 15.88 7.98 -28.60
N GLU O 178 15.40 7.86 -27.37
CA GLU O 178 15.89 6.79 -26.52
C GLU O 178 15.28 5.45 -26.91
N ALA O 179 14.19 5.46 -27.67
CA ALA O 179 13.60 4.20 -28.10
C ALA O 179 14.57 3.43 -28.98
N ARG O 180 14.56 2.11 -28.85
CA ARG O 180 15.08 1.24 -29.90
C ARG O 180 13.98 0.32 -30.40
N LEU O 181 14.09 -0.08 -31.66
CA LEU O 181 13.12 -0.94 -32.30
C LEU O 181 13.91 -1.91 -33.15
N GLY O 182 13.86 -3.19 -32.80
CA GLY O 182 14.73 -4.17 -33.41
C GLY O 182 14.15 -5.54 -33.20
N LEU O 183 14.53 -6.51 -34.04
CA LEU O 183 13.97 -7.84 -33.91
C LEU O 183 14.73 -8.59 -32.84
N ASN O 184 16.05 -8.70 -33.01
CA ASN O 184 16.84 -9.41 -32.00
C ASN O 184 17.66 -8.45 -31.16
N GLY O 185 17.77 -8.77 -29.85
CA GLY O 185 18.60 -8.00 -28.94
C GLY O 185 20.04 -8.08 -29.39
N PRO O 186 20.81 -7.02 -29.11
CA PRO O 186 22.20 -7.00 -29.60
C PRO O 186 23.00 -8.17 -29.07
N GLN O 187 22.76 -8.57 -27.84
CA GLN O 187 23.56 -9.67 -27.26
C GLN O 187 23.33 -10.96 -28.03
N VAL O 188 22.07 -11.26 -28.39
CA VAL O 188 21.73 -12.49 -29.14
C VAL O 188 22.45 -12.57 -30.49
N ILE O 189 22.44 -11.46 -31.23
CA ILE O 189 23.10 -11.40 -32.53
C ILE O 189 24.60 -11.64 -32.37
N GLU O 190 25.20 -11.02 -31.38
CA GLU O 190 26.62 -11.22 -31.13
C GLU O 190 26.95 -12.69 -30.90
N GLN O 191 26.17 -13.38 -30.07
CA GLN O 191 26.41 -14.80 -29.81
C GLN O 191 26.14 -15.67 -31.04
N GLU O 192 25.14 -15.32 -31.85
CA GLU O 192 24.80 -16.17 -33.00
C GLU O 192 25.70 -15.93 -34.20
N ALA O 193 26.02 -14.67 -34.46
CA ALA O 193 26.68 -14.27 -35.69
C ALA O 193 28.09 -13.74 -35.48
N GLY O 194 28.55 -13.73 -34.23
CA GLY O 194 29.90 -13.35 -33.93
C GLY O 194 30.08 -11.86 -33.70
N ILE O 195 31.10 -11.53 -32.92
CA ILE O 195 31.39 -10.15 -32.54
C ILE O 195 31.59 -9.25 -33.75
N ALA O 196 32.17 -9.80 -34.81
CA ALA O 196 32.40 -9.05 -36.04
C ALA O 196 31.09 -8.51 -36.62
N GLU O 197 30.00 -9.26 -36.43
CA GLU O 197 28.69 -8.89 -36.97
C GLU O 197 28.05 -7.74 -36.23
N TYR O 198 28.11 -7.80 -34.90
CA TYR O 198 27.32 -6.93 -34.02
C TYR O 198 27.95 -6.86 -32.63
N ASP O 199 28.33 -5.67 -32.19
CA ASP O 199 28.97 -5.50 -30.90
C ASP O 199 27.95 -5.08 -29.83
N SER O 200 27.61 -5.99 -28.94
CA SER O 200 26.56 -5.75 -27.92
C SER O 200 26.95 -4.66 -26.94
N ARG O 201 28.23 -4.31 -26.92
CA ARG O 201 28.76 -3.31 -26.00
C ARG O 201 28.76 -1.92 -26.58
N ASP O 202 28.81 -1.83 -27.91
CA ASP O 202 28.87 -0.54 -28.57
C ASP O 202 27.49 0.09 -28.65
N ARG O 203 27.09 0.76 -27.57
CA ARG O 203 25.76 1.35 -27.53
C ARG O 203 25.57 2.41 -28.63
N PRO O 204 26.50 3.36 -28.82
CA PRO O 204 26.29 4.27 -29.96
C PRO O 204 26.07 3.58 -31.34
N PHE O 205 26.80 2.49 -31.62
CA PHE O 205 26.57 1.69 -32.80
C PHE O 205 25.14 1.13 -32.85
N ILE O 206 24.75 0.47 -31.76
CA ILE O 206 23.42 -0.12 -31.65
C ILE O 206 22.34 0.89 -31.99
N TRP O 207 22.43 2.07 -31.38
CA TRP O 207 21.40 3.07 -31.56
C TRP O 207 21.49 3.70 -32.93
N SER O 208 22.66 3.59 -33.56
CA SER O 208 22.81 4.21 -34.88
C SER O 208 21.96 3.43 -35.89
N LEU O 209 21.78 2.14 -35.62
CA LEU O 209 21.00 1.28 -36.51
C LEU O 209 19.54 1.09 -36.07
N THR O 210 19.30 0.98 -34.77
CA THR O 210 17.99 0.56 -34.29
C THR O 210 17.31 1.63 -33.44
N GLY O 211 18.00 2.75 -33.25
CA GLY O 211 17.46 3.83 -32.44
C GLY O 211 16.29 4.52 -33.12
N GLY O 212 15.50 5.24 -32.33
CA GLY O 212 14.33 5.95 -32.83
C GLY O 212 14.62 7.01 -33.89
N GLU O 213 15.72 7.74 -33.74
CA GLU O 213 16.09 8.76 -34.72
C GLU O 213 16.30 8.13 -36.11
N GLN O 214 17.07 7.04 -36.14
CA GLN O 214 17.34 6.34 -37.38
C GLN O 214 16.09 5.69 -37.99
N ARG O 215 15.25 5.06 -37.18
CA ARG O 215 14.03 4.44 -37.69
C ARG O 215 13.13 5.48 -38.35
N PHE O 216 13.00 6.63 -37.70
CA PHE O 216 12.26 7.74 -38.28
C PHE O 216 12.89 8.24 -39.57
N ALA O 217 14.19 8.55 -39.51
CA ALA O 217 14.89 9.09 -40.67
C ALA O 217 14.79 8.17 -41.88
N SER O 218 14.77 6.86 -41.66
CA SER O 218 14.68 5.88 -42.75
C SER O 218 13.25 5.38 -43.00
N GLY O 219 12.26 6.07 -42.45
CA GLY O 219 10.87 5.71 -42.67
C GLY O 219 10.30 4.46 -41.98
N LEU O 220 11.02 3.87 -41.03
CA LEU O 220 10.49 2.71 -40.30
C LEU O 220 9.72 3.13 -39.05
N ALA O 221 9.63 4.43 -38.82
CA ALA O 221 8.76 5.00 -37.80
C ALA O 221 8.12 6.25 -38.37
N ASP O 222 6.97 6.66 -37.85
CA ASP O 222 6.24 7.76 -38.48
C ASP O 222 6.34 9.11 -37.77
N ALA O 223 6.81 9.12 -36.52
CA ALA O 223 7.06 10.38 -35.82
C ALA O 223 8.20 10.24 -34.83
N TYR O 224 9.01 11.30 -34.74
CA TYR O 224 10.18 11.31 -33.89
C TYR O 224 9.97 12.38 -32.84
N LEU O 225 9.74 11.94 -31.60
CA LEU O 225 9.22 12.79 -30.54
C LEU O 225 10.22 13.10 -29.44
N ALA O 226 10.08 14.29 -28.87
CA ALA O 226 10.81 14.69 -27.68
C ALA O 226 10.29 13.87 -26.50
N ASP O 227 11.18 13.48 -25.61
CA ASP O 227 10.80 12.74 -24.42
C ASP O 227 10.08 13.67 -23.45
N ASP O 228 8.83 13.98 -23.78
CA ASP O 228 8.08 14.99 -23.03
C ASP O 228 6.60 14.60 -23.06
N LEU O 229 6.00 14.54 -21.88
CA LEU O 229 4.65 14.02 -21.72
C LEU O 229 3.65 14.70 -22.65
N ASP O 230 3.64 16.03 -22.65
CA ASP O 230 2.68 16.80 -23.43
C ASP O 230 2.85 16.57 -24.92
N GLU O 231 4.08 16.49 -25.37
CA GLU O 231 4.39 16.35 -26.78
C GLU O 231 4.02 14.94 -27.25
N VAL O 232 4.25 13.94 -26.41
CA VAL O 232 3.89 12.58 -26.76
C VAL O 232 2.38 12.47 -26.90
N ARG O 233 1.63 12.97 -25.91
CA ARG O 233 0.18 12.92 -25.97
C ARG O 233 -0.36 13.64 -27.21
N THR O 234 0.19 14.82 -27.47
CA THR O 234 -0.21 15.65 -28.60
C THR O 234 -0.07 14.92 -29.92
N SER O 235 1.08 14.29 -30.11
CA SER O 235 1.33 13.49 -31.30
C SER O 235 0.42 12.27 -31.39
N VAL O 236 0.20 11.60 -30.26
CA VAL O 236 -0.68 10.43 -30.22
C VAL O 236 -2.07 10.81 -30.71
N LEU O 237 -2.61 11.91 -30.18
CA LEU O 237 -3.95 12.37 -30.55
C LEU O 237 -4.03 12.76 -32.02
N ALA O 238 -2.94 13.32 -32.54
CA ALA O 238 -2.92 13.77 -33.92
C ALA O 238 -2.84 12.60 -34.91
N TYR O 239 -2.22 11.48 -34.52
CA TYR O 239 -2.23 10.35 -35.43
C TYR O 239 -3.55 9.59 -35.38
N PHE O 240 -4.25 9.59 -34.25
CA PHE O 240 -5.56 8.97 -34.25
C PHE O 240 -6.52 9.79 -35.12
N ALA O 241 -6.40 11.11 -35.03
CA ALA O 241 -7.24 12.01 -35.81
C ALA O 241 -7.05 11.80 -37.31
N LYS O 242 -5.88 11.30 -37.71
CA LYS O 242 -5.61 11.08 -39.13
C LYS O 242 -6.33 9.86 -39.71
N GLY O 243 -6.88 9.01 -38.84
CA GLY O 243 -7.48 7.76 -39.28
C GLY O 243 -6.47 6.85 -39.96
N LEU O 244 -6.97 5.80 -40.62
CA LEU O 244 -6.12 4.83 -41.29
C LEU O 244 -5.25 5.42 -42.40
N PRO O 245 -3.96 5.04 -42.43
CA PRO O 245 -3.05 5.51 -43.49
C PRO O 245 -3.39 4.94 -44.86
N ALA O 246 -3.12 5.72 -45.91
CA ALA O 246 -3.40 5.32 -47.28
C ALA O 246 -2.72 3.99 -47.65
N ARG O 247 -1.40 3.99 -47.67
CA ARG O 247 -0.67 2.75 -47.85
C ARG O 247 0.39 2.64 -46.74
N PRO O 248 0.08 1.85 -45.71
CA PRO O 248 1.06 1.69 -44.61
C PRO O 248 2.25 0.82 -45.03
N ARG O 249 3.37 0.94 -44.30
CA ARG O 249 4.63 0.23 -44.59
C ARG O 249 4.42 -1.23 -44.96
N CYS O 250 3.50 -1.88 -44.25
CA CYS O 250 3.22 -3.30 -44.49
C CYS O 250 2.74 -3.65 -45.87
N ARG O 251 2.08 -2.71 -46.52
CA ARG O 251 1.52 -2.93 -47.85
C ARG O 251 2.46 -2.49 -48.96
N ARG O 252 3.77 -2.43 -48.68
CA ARG O 252 4.74 -2.01 -49.69
C ARG O 252 5.84 -3.06 -49.90
N ALA O 253 5.46 -4.33 -49.91
CA ALA O 253 6.43 -5.42 -50.02
C ALA O 253 7.25 -5.37 -51.32
N GLU O 254 6.57 -5.10 -52.42
CA GLU O 254 7.19 -5.02 -53.73
C GLU O 254 8.25 -3.92 -53.75
N ASP O 255 7.91 -2.74 -53.20
CA ASP O 255 8.85 -1.63 -53.11
C ASP O 255 10.07 -1.95 -52.26
N TYR O 256 9.83 -2.56 -51.09
CA TYR O 256 10.93 -2.94 -50.22
C TYR O 256 11.75 -4.03 -50.87
N LEU O 257 11.08 -4.98 -51.51
CA LEU O 257 11.81 -6.07 -52.16
C LEU O 257 12.69 -5.54 -53.29
N ARG O 258 12.21 -4.53 -54.01
CA ARG O 258 12.98 -3.98 -55.13
C ARG O 258 14.17 -3.16 -54.64
N ARG O 259 13.94 -2.34 -53.62
CA ARG O 259 15.04 -1.58 -53.01
C ARG O 259 16.09 -2.51 -52.42
N LEU O 260 15.65 -3.59 -51.79
CA LEU O 260 16.58 -4.54 -51.19
C LEU O 260 17.32 -5.28 -52.30
N GLY O 261 16.71 -5.35 -53.47
CA GLY O 261 17.35 -5.92 -54.64
C GLY O 261 18.50 -5.05 -55.14
N ASP O 262 18.27 -3.73 -55.20
CA ASP O 262 19.30 -2.80 -55.66
C ASP O 262 20.53 -2.76 -54.75
N LEU O 263 20.37 -3.22 -53.52
CA LEU O 263 21.44 -3.11 -52.54
C LEU O 263 22.61 -4.03 -52.83
N ASP O 264 23.82 -3.49 -52.76
CA ASP O 264 25.01 -4.33 -52.80
C ASP O 264 25.28 -4.84 -51.39
N THR O 265 24.93 -6.09 -51.15
CA THR O 265 24.97 -6.63 -49.79
C THR O 265 26.38 -7.12 -49.42
N ALA O 266 27.32 -6.98 -50.34
CA ALA O 266 28.70 -7.42 -50.11
C ALA O 266 29.28 -6.77 -48.86
N GLU O 267 29.05 -5.47 -48.72
CA GLU O 267 29.49 -4.75 -47.53
C GLU O 267 28.35 -4.57 -46.53
N GLN O 268 28.73 -4.30 -45.28
CA GLN O 268 27.80 -3.98 -44.22
C GLN O 268 27.34 -2.52 -44.29
N PRO O 269 26.04 -2.30 -44.49
CA PRO O 269 25.49 -0.96 -44.64
C PRO O 269 25.68 -0.11 -43.39
N ASP O 270 25.80 1.21 -43.58
CA ASP O 270 25.81 2.19 -42.50
C ASP O 270 24.40 2.63 -42.25
N ALA O 271 24.20 3.40 -41.19
CA ALA O 271 22.94 4.12 -40.99
C ALA O 271 22.65 5.02 -42.20
N ALA O 272 23.69 5.69 -42.69
CA ALA O 272 23.58 6.56 -43.86
C ALA O 272 23.12 5.75 -45.07
N GLY O 273 23.76 4.62 -45.30
CA GLY O 273 23.41 3.72 -46.39
C GLY O 273 21.94 3.34 -46.40
N VAL O 274 21.46 2.89 -45.24
CA VAL O 274 20.05 2.57 -45.07
C VAL O 274 19.15 3.76 -45.39
N ARG O 275 19.48 4.94 -44.86
CA ARG O 275 18.70 6.13 -45.16
C ARG O 275 18.66 6.42 -46.67
N ARG O 276 19.81 6.26 -47.34
CA ARG O 276 19.85 6.43 -48.80
C ARG O 276 18.99 5.38 -49.50
N LEU O 277 19.15 4.12 -49.11
CA LEU O 277 18.43 3.01 -49.76
C LEU O 277 16.92 3.17 -49.68
N TYR O 278 16.44 3.79 -48.61
CA TYR O 278 15.00 3.97 -48.41
C TYR O 278 14.58 5.40 -48.71
N ALA P 22 17.79 -30.99 -48.36
CA ALA P 22 18.25 -29.65 -47.93
C ALA P 22 17.47 -29.12 -46.72
N SER P 23 16.18 -29.48 -46.64
CA SER P 23 15.34 -29.20 -45.47
C SER P 23 14.07 -30.01 -45.55
N ARG P 24 13.44 -30.26 -44.40
CA ARG P 24 12.18 -30.97 -44.38
C ARG P 24 11.15 -30.20 -45.17
N GLY P 25 11.16 -28.88 -45.03
CA GLY P 25 10.25 -28.04 -45.78
C GLY P 25 10.36 -28.25 -47.27
N LEU P 26 11.60 -28.37 -47.77
CA LEU P 26 11.77 -28.52 -49.20
C LEU P 26 11.22 -29.86 -49.64
N ALA P 27 11.60 -30.90 -48.93
CA ALA P 27 11.10 -32.24 -49.22
C ALA P 27 9.57 -32.30 -49.24
N TRP P 28 8.93 -31.63 -48.28
CA TRP P 28 7.48 -31.73 -48.18
C TRP P 28 6.79 -30.87 -49.22
N PHE P 29 7.38 -29.72 -49.55
CA PHE P 29 6.88 -28.92 -50.65
C PHE P 29 6.95 -29.74 -51.95
N GLN P 30 8.05 -30.46 -52.15
CA GLN P 30 8.21 -31.29 -53.35
C GLN P 30 7.14 -32.37 -53.39
N ALA P 31 6.91 -33.02 -52.26
CA ALA P 31 6.01 -34.16 -52.23
C ALA P 31 4.55 -33.76 -52.35
N LEU P 32 4.21 -32.51 -52.02
CA LEU P 32 2.82 -32.09 -51.97
C LEU P 32 2.43 -31.29 -53.21
N ALA P 33 3.33 -30.42 -53.66
CA ALA P 33 3.07 -29.56 -54.81
C ALA P 33 3.50 -30.24 -56.12
N GLY P 34 4.39 -31.22 -56.01
CA GLY P 34 4.95 -31.87 -57.19
C GLY P 34 5.96 -30.98 -57.88
N SER P 35 5.57 -29.73 -58.13
CA SER P 35 6.46 -28.67 -58.59
C SER P 35 7.79 -28.63 -57.82
N LEU P 36 8.74 -27.87 -58.34
CA LEU P 36 9.79 -27.37 -57.46
C LEU P 36 10.31 -25.99 -57.88
N ALA P 37 11.12 -25.95 -58.94
CA ALA P 37 11.83 -24.76 -59.42
C ALA P 37 11.21 -23.46 -58.90
N PRO P 38 11.95 -22.71 -58.07
CA PRO P 38 11.34 -21.51 -57.49
C PRO P 38 10.77 -20.61 -58.57
N ARG P 39 9.63 -19.99 -58.28
CA ARG P 39 9.04 -19.07 -59.22
C ARG P 39 10.00 -17.93 -59.53
N PRO P 40 10.15 -17.60 -60.81
CA PRO P 40 10.91 -16.39 -61.11
C PRO P 40 10.18 -15.23 -60.43
N GLY P 41 10.92 -14.33 -59.82
CA GLY P 41 10.28 -13.22 -59.15
C GLY P 41 10.29 -13.40 -57.65
N ASP P 42 10.29 -14.65 -57.20
CA ASP P 42 10.41 -14.93 -55.78
C ASP P 42 11.87 -14.94 -55.38
N PRO P 43 12.15 -14.58 -54.13
CA PRO P 43 13.48 -14.94 -53.61
C PRO P 43 13.62 -16.45 -53.69
N ALA P 44 14.84 -16.95 -53.81
CA ALA P 44 15.06 -18.40 -53.98
C ALA P 44 14.88 -19.17 -52.67
N SER P 45 14.63 -18.44 -51.59
CA SER P 45 14.36 -19.04 -50.30
C SER P 45 12.87 -19.34 -50.10
N LEU P 46 12.05 -18.98 -51.10
CA LEU P 46 10.63 -19.30 -51.10
C LEU P 46 10.29 -20.32 -52.15
N ARG P 47 9.39 -21.24 -51.83
CA ARG P 47 8.75 -22.08 -52.85
C ARG P 47 7.27 -21.79 -52.81
N VAL P 48 6.73 -21.40 -53.96
CA VAL P 48 5.30 -21.13 -54.12
C VAL P 48 4.78 -21.94 -55.29
N ALA P 49 3.57 -22.51 -55.14
CA ALA P 49 2.97 -23.27 -56.23
C ALA P 49 1.47 -23.35 -55.99
N ASP P 50 0.69 -23.16 -57.03
CA ASP P 50 -0.75 -23.27 -56.91
C ASP P 50 -1.22 -24.65 -57.37
N ALA P 51 -2.26 -25.18 -56.74
CA ALA P 51 -2.85 -26.46 -57.12
C ALA P 51 -4.26 -26.61 -56.58
N GLU P 52 -4.69 -27.86 -56.47
CA GLU P 52 -5.99 -28.18 -55.93
C GLU P 52 -5.88 -29.29 -54.89
N LEU P 53 -6.84 -29.28 -53.98
CA LEU P 53 -6.96 -30.27 -52.94
C LEU P 53 -8.44 -30.59 -52.86
N ASP P 54 -8.82 -31.83 -53.19
CA ASP P 54 -10.23 -32.17 -53.40
C ASP P 54 -10.92 -31.18 -54.33
N GLY P 55 -10.25 -30.75 -55.38
CA GLY P 55 -10.81 -29.75 -56.28
C GLY P 55 -11.00 -28.35 -55.67
N TYR P 56 -10.44 -28.12 -54.49
CA TYR P 56 -10.44 -26.78 -53.92
C TYR P 56 -9.11 -26.12 -54.22
N PRO P 57 -9.15 -24.89 -54.76
CA PRO P 57 -7.91 -24.17 -55.11
C PRO P 57 -7.01 -23.91 -53.88
N VAL P 58 -5.75 -24.32 -54.03
CA VAL P 58 -4.77 -24.25 -52.95
C VAL P 58 -3.47 -23.61 -53.43
N ARG P 59 -2.87 -22.77 -52.60
CA ARG P 59 -1.51 -22.28 -52.84
C ARG P 59 -0.57 -22.75 -51.74
N PHE P 60 0.47 -23.50 -52.13
CA PHE P 60 1.50 -23.95 -51.20
C PHE P 60 2.57 -22.89 -50.97
N LEU P 61 2.93 -22.66 -49.71
CA LEU P 61 4.02 -21.73 -49.39
C LEU P 61 5.00 -22.36 -48.42
N ALA P 62 6.27 -22.33 -48.78
CA ALA P 62 7.34 -22.85 -47.93
C ALA P 62 8.56 -21.93 -47.94
N VAL P 63 9.12 -21.70 -46.76
CA VAL P 63 10.43 -21.07 -46.67
C VAL P 63 11.46 -22.21 -46.63
N VAL P 64 12.52 -22.07 -47.41
CA VAL P 64 13.53 -23.12 -47.55
C VAL P 64 14.91 -22.49 -47.53
N PRO P 65 15.98 -23.31 -47.36
CA PRO P 65 17.34 -22.75 -47.40
C PRO P 65 17.76 -22.27 -48.79
N ASP P 66 18.39 -21.10 -48.83
CA ASP P 66 19.01 -20.57 -50.03
C ASP P 66 20.46 -20.24 -49.70
N PRO P 67 21.38 -21.18 -49.99
CA PRO P 67 22.82 -21.02 -49.72
C PRO P 67 23.40 -19.83 -50.46
N ASP P 68 22.66 -19.32 -51.44
CA ASP P 68 23.07 -18.17 -52.21
C ASP P 68 22.31 -16.90 -51.89
N ASN P 69 21.60 -16.89 -50.76
CA ASN P 69 20.91 -15.69 -50.31
C ASN P 69 21.83 -14.47 -50.35
N PRO P 70 21.42 -13.40 -51.04
CA PRO P 70 22.12 -12.12 -51.05
C PRO P 70 22.48 -11.63 -49.65
N PHE P 71 21.73 -12.05 -48.63
CA PHE P 71 22.07 -11.78 -47.24
C PHE P 71 22.69 -13.02 -46.61
N PRO P 72 23.99 -12.93 -46.29
CA PRO P 72 24.80 -14.05 -45.80
C PRO P 72 24.29 -14.67 -44.51
N ARG P 73 23.51 -13.92 -43.72
CA ARG P 73 23.01 -14.42 -42.44
C ARG P 73 21.67 -15.13 -42.58
N ALA P 74 21.17 -15.21 -43.81
CA ALA P 74 19.91 -15.87 -44.13
C ALA P 74 20.14 -17.01 -45.11
N ARG P 75 21.24 -17.74 -44.93
CA ARG P 75 21.58 -18.80 -45.89
C ARG P 75 21.39 -20.21 -45.35
N GLN P 76 20.85 -20.36 -44.15
CA GLN P 76 20.63 -21.69 -43.63
C GLN P 76 19.18 -21.91 -43.26
N GLY P 77 18.27 -21.36 -44.06
CA GLY P 77 16.85 -21.62 -43.91
C GLY P 77 16.10 -20.57 -43.10
N GLU P 78 16.81 -19.55 -42.62
CA GLU P 78 16.23 -18.51 -41.78
C GLU P 78 15.18 -17.66 -42.51
N VAL P 79 14.24 -17.11 -41.75
CA VAL P 79 13.38 -16.07 -42.27
C VAL P 79 14.05 -14.71 -42.06
N GLY P 80 14.60 -14.16 -43.13
CA GLY P 80 15.24 -12.84 -43.09
C GLY P 80 14.48 -11.81 -43.90
N LEU P 81 15.16 -10.75 -44.31
CA LEU P 81 14.53 -9.65 -45.03
C LEU P 81 13.75 -10.07 -46.29
N LEU P 82 14.37 -10.87 -47.15
CA LEU P 82 13.75 -11.22 -48.41
C LEU P 82 12.59 -12.20 -48.18
N GLU P 83 12.76 -13.07 -47.20
CA GLU P 83 11.75 -14.08 -46.89
C GLU P 83 10.48 -13.44 -46.34
N GLY P 84 10.64 -12.51 -45.41
CA GLY P 84 9.49 -11.79 -44.88
C GLY P 84 8.69 -11.06 -45.94
N TRP P 85 9.36 -10.15 -46.65
CA TRP P 85 8.67 -9.38 -47.69
C TRP P 85 8.17 -10.27 -48.83
N GLY P 86 8.91 -11.34 -49.10
CA GLY P 86 8.58 -12.20 -50.21
C GLY P 86 7.29 -12.95 -49.93
N LEU P 87 7.13 -13.43 -48.69
CA LEU P 87 5.90 -14.14 -48.34
C LEU P 87 4.74 -13.18 -48.39
N ALA P 88 4.97 -11.97 -47.89
CA ALA P 88 3.99 -10.91 -47.97
C ALA P 88 3.49 -10.73 -49.41
N ALA P 89 4.43 -10.66 -50.35
CA ALA P 89 4.09 -10.45 -51.76
C ALA P 89 3.36 -11.65 -52.33
N ALA P 90 3.85 -12.86 -52.06
CA ALA P 90 3.19 -14.08 -52.53
C ALA P 90 1.77 -14.21 -52.00
N VAL P 91 1.55 -13.85 -50.74
CA VAL P 91 0.23 -13.99 -50.15
C VAL P 91 -0.68 -12.92 -50.70
N ASP P 92 -0.14 -11.71 -50.83
CA ASP P 92 -0.89 -10.59 -51.37
C ASP P 92 -1.32 -10.83 -52.82
N GLU P 93 -0.49 -11.58 -53.54
CA GLU P 93 -0.79 -11.96 -54.93
C GLU P 93 -2.05 -12.82 -55.00
N ALA P 94 -2.15 -13.81 -54.11
CA ALA P 94 -3.31 -14.69 -54.06
C ALA P 94 -4.55 -13.94 -53.57
N LEU P 95 -4.35 -13.10 -52.57
CA LEU P 95 -5.41 -12.26 -52.04
C LEU P 95 -6.09 -11.39 -53.11
N GLU P 96 -5.28 -10.78 -53.98
CA GLU P 96 -5.80 -9.91 -55.04
C GLU P 96 -6.42 -10.68 -56.21
N ALA P 97 -5.84 -11.81 -56.56
CA ALA P 97 -6.33 -12.56 -57.71
C ALA P 97 -7.67 -13.22 -57.39
N ASP P 98 -8.02 -13.27 -56.11
CA ASP P 98 -9.17 -14.02 -55.66
C ASP P 98 -10.29 -13.14 -55.12
N ARG P 99 -10.10 -11.82 -55.18
CA ARG P 99 -10.99 -10.90 -54.47
C ARG P 99 -12.44 -10.94 -54.94
N GLU P 100 -12.68 -11.46 -56.14
CA GLU P 100 -14.04 -11.69 -56.62
C GLU P 100 -14.25 -13.13 -57.10
N ALA P 101 -13.23 -13.97 -56.96
CA ALA P 101 -13.31 -15.39 -57.30
C ALA P 101 -14.36 -16.10 -56.45
N PRO P 102 -14.99 -17.16 -57.01
CA PRO P 102 -16.02 -17.88 -56.26
C PRO P 102 -15.48 -18.46 -54.94
N ARG P 103 -14.31 -19.09 -55.00
CA ARG P 103 -13.69 -19.64 -53.80
C ARG P 103 -12.31 -19.02 -53.52
N LYS P 104 -12.16 -18.47 -52.32
CA LYS P 104 -10.86 -17.96 -51.90
C LYS P 104 -9.90 -19.13 -51.71
N ARG P 105 -8.77 -19.10 -52.41
CA ARG P 105 -7.89 -20.24 -52.38
C ARG P 105 -7.27 -20.46 -51.00
N ALA P 106 -7.19 -21.72 -50.60
CA ALA P 106 -6.53 -22.08 -49.35
C ALA P 106 -5.05 -21.73 -49.42
N LEU P 107 -4.49 -21.28 -48.30
CA LEU P 107 -3.05 -21.09 -48.20
C LEU P 107 -2.47 -22.15 -47.24
N LEU P 108 -1.60 -22.98 -47.80
CA LEU P 108 -0.98 -24.06 -47.05
C LEU P 108 0.46 -23.72 -46.76
N ALA P 109 0.70 -23.23 -45.55
CA ALA P 109 2.05 -22.88 -45.12
C ALA P 109 2.76 -24.13 -44.61
N ILE P 110 3.76 -24.57 -45.37
CA ILE P 110 4.58 -25.70 -44.98
C ILE P 110 5.73 -25.14 -44.16
N VAL P 111 5.75 -25.49 -42.88
CA VAL P 111 6.59 -24.78 -41.93
C VAL P 111 7.79 -25.58 -41.49
N ASP P 112 8.97 -25.04 -41.79
CA ASP P 112 10.24 -25.62 -41.33
C ASP P 112 11.28 -24.53 -41.31
N VAL P 113 11.27 -23.74 -40.24
CA VAL P 113 12.10 -22.56 -40.12
C VAL P 113 12.87 -22.62 -38.81
N PRO P 114 14.21 -22.57 -38.91
CA PRO P 114 15.07 -22.73 -37.74
C PRO P 114 15.04 -21.47 -36.87
N SER P 115 14.89 -20.31 -37.47
CA SER P 115 14.91 -19.05 -36.72
C SER P 115 14.70 -17.88 -37.65
N GLN P 116 14.48 -16.71 -37.07
CA GLN P 116 14.64 -15.45 -37.79
C GLN P 116 16.14 -15.29 -38.03
N ALA P 117 16.52 -14.47 -39.00
CA ALA P 117 17.93 -14.25 -39.28
C ALA P 117 18.54 -13.23 -38.32
N TYR P 118 19.70 -13.57 -37.78
CA TYR P 118 20.46 -12.70 -36.89
C TYR P 118 21.57 -11.97 -37.65
N GLY P 119 21.51 -10.64 -37.72
CA GLY P 119 22.53 -9.92 -38.46
C GLY P 119 22.46 -8.42 -38.40
N ARG P 120 23.58 -7.79 -38.73
CA ARG P 120 23.62 -6.33 -38.77
C ARG P 120 22.78 -5.79 -39.94
N ARG P 121 22.88 -6.44 -41.10
CA ARG P 121 22.10 -6.02 -42.26
C ARG P 121 20.62 -6.07 -41.92
N GLU P 122 20.25 -7.17 -41.25
CA GLU P 122 18.88 -7.45 -40.87
C GLU P 122 18.28 -6.37 -39.99
N GLU P 123 19.00 -5.98 -38.93
CA GLU P 123 18.47 -4.99 -38.00
C GLU P 123 18.51 -3.61 -38.60
N ALA P 124 19.61 -3.33 -39.31
CA ALA P 124 19.79 -2.04 -39.99
C ALA P 124 18.68 -1.76 -41.02
N LEU P 125 18.27 -2.79 -41.76
CA LEU P 125 17.27 -2.63 -42.82
C LEU P 125 15.83 -2.89 -42.35
N GLY P 126 15.66 -3.33 -41.10
CA GLY P 126 14.34 -3.46 -40.54
C GLY P 126 13.70 -4.83 -40.73
N ILE P 127 14.41 -5.87 -40.34
CA ILE P 127 13.90 -7.24 -40.45
C ILE P 127 12.58 -7.41 -39.68
N HIS P 128 12.40 -6.66 -38.59
CA HIS P 128 11.13 -6.73 -37.89
C HIS P 128 9.99 -6.24 -38.81
N GLN P 129 10.28 -5.24 -39.63
CA GLN P 129 9.26 -4.71 -40.53
C GLN P 129 8.96 -5.72 -41.63
N ALA P 130 10.00 -6.41 -42.10
CA ALA P 130 9.81 -7.40 -43.16
C ALA P 130 8.90 -8.54 -42.69
N LEU P 131 9.13 -9.04 -41.48
CA LEU P 131 8.32 -10.14 -40.95
C LEU P 131 6.91 -9.64 -40.68
N ALA P 132 6.78 -8.38 -40.31
CA ALA P 132 5.45 -7.79 -40.13
C ALA P 132 4.66 -7.82 -41.44
N GLY P 133 5.36 -7.59 -42.55
CA GLY P 133 4.73 -7.62 -43.87
C GLY P 133 4.10 -8.98 -44.13
N ALA P 134 4.83 -10.04 -43.80
CA ALA P 134 4.34 -11.40 -43.96
C ALA P 134 3.11 -11.65 -43.07
N VAL P 135 3.22 -11.30 -41.80
CA VAL P 135 2.12 -11.51 -40.87
C VAL P 135 0.85 -10.81 -41.34
N ASP P 136 1.01 -9.55 -41.71
CA ASP P 136 -0.10 -8.68 -42.12
C ASP P 136 -0.86 -9.27 -43.31
N ALA P 137 -0.10 -9.81 -44.28
CA ALA P 137 -0.69 -10.37 -45.49
C ALA P 137 -1.48 -11.64 -45.18
N TYR P 138 -0.82 -12.55 -44.46
CA TYR P 138 -1.43 -13.78 -43.98
C TYR P 138 -2.73 -13.51 -43.21
N ALA P 139 -2.67 -12.59 -42.27
CA ALA P 139 -3.81 -12.26 -41.44
C ALA P 139 -4.91 -11.63 -42.29
N ARG P 140 -4.54 -10.73 -43.17
CA ARG P 140 -5.52 -10.07 -44.02
C ARG P 140 -6.18 -11.09 -44.95
N ALA P 141 -5.42 -12.09 -45.40
CA ALA P 141 -5.97 -13.14 -46.24
C ALA P 141 -6.97 -14.00 -45.46
N ARG P 142 -6.58 -14.40 -44.25
CA ARG P 142 -7.47 -15.15 -43.38
C ARG P 142 -8.75 -14.37 -43.08
N LEU P 143 -8.62 -13.07 -42.81
CA LEU P 143 -9.80 -12.27 -42.47
C LEU P 143 -10.75 -12.19 -43.66
N ALA P 144 -10.19 -12.29 -44.87
CA ALA P 144 -10.98 -12.14 -46.10
C ALA P 144 -11.61 -13.46 -46.53
N GLY P 145 -11.27 -14.54 -45.84
CA GLY P 145 -11.90 -15.82 -46.11
C GLY P 145 -11.00 -16.87 -46.75
N HIS P 146 -9.71 -16.59 -46.94
CA HIS P 146 -8.80 -17.66 -47.37
C HIS P 146 -8.59 -18.62 -46.19
N PRO P 147 -8.80 -19.92 -46.43
CA PRO P 147 -8.46 -20.82 -45.33
C PRO P 147 -6.93 -20.94 -45.21
N LEU P 148 -6.38 -20.66 -44.04
CA LEU P 148 -4.96 -20.85 -43.79
C LEU P 148 -4.73 -22.09 -42.98
N ILE P 149 -3.89 -22.98 -43.49
CA ILE P 149 -3.50 -24.17 -42.75
C ILE P 149 -2.00 -24.13 -42.59
N GLY P 150 -1.51 -24.26 -41.37
CA GLY P 150 -0.08 -24.37 -41.14
C GLY P 150 0.25 -25.84 -40.97
N LEU P 151 1.15 -26.36 -41.81
CA LEU P 151 1.60 -27.74 -41.65
C LEU P 151 3.01 -27.75 -41.10
N LEU P 152 3.17 -28.18 -39.86
CA LEU P 152 4.48 -28.12 -39.21
C LEU P 152 5.25 -29.40 -39.45
N VAL P 153 6.22 -29.36 -40.36
CA VAL P 153 6.98 -30.57 -40.70
C VAL P 153 8.34 -30.57 -40.04
N GLY P 154 8.74 -29.43 -39.47
CA GLY P 154 10.05 -29.32 -38.84
C GLY P 154 10.13 -28.31 -37.72
N LYS P 155 11.12 -27.43 -37.77
CA LYS P 155 11.22 -26.36 -36.79
C LYS P 155 10.18 -25.28 -37.04
N ALA P 156 9.58 -24.77 -35.97
CA ALA P 156 8.73 -23.60 -36.03
C ALA P 156 9.16 -22.66 -34.92
N MET P 157 10.10 -21.77 -35.22
CA MET P 157 10.74 -21.01 -34.15
C MET P 157 10.44 -19.52 -34.20
N SER P 158 10.05 -18.95 -33.06
CA SER P 158 10.11 -17.52 -32.83
C SER P 158 9.38 -16.73 -33.94
N GLY P 159 9.96 -15.58 -34.32
CA GLY P 159 9.33 -14.70 -35.29
C GLY P 159 9.33 -15.32 -36.68
N ALA P 160 10.23 -16.25 -36.91
CA ALA P 160 10.19 -17.03 -38.16
C ALA P 160 8.85 -17.75 -38.30
N PHE P 161 8.39 -18.40 -37.23
CA PHE P 161 7.08 -19.05 -37.21
C PHE P 161 5.96 -17.99 -37.21
N LEU P 162 6.13 -16.93 -36.43
CA LEU P 162 5.13 -15.85 -36.45
C LEU P 162 4.86 -15.37 -37.89
N ALA P 163 5.93 -15.17 -38.66
CA ALA P 163 5.82 -14.63 -40.00
C ALA P 163 5.29 -15.68 -40.98
N HIS P 164 5.66 -16.93 -40.74
CA HIS P 164 5.29 -17.99 -41.67
C HIS P 164 4.59 -19.12 -40.91
N GLY P 165 3.27 -19.05 -40.84
CA GLY P 165 2.51 -20.11 -40.22
C GLY P 165 1.57 -19.75 -39.06
N TYR P 166 1.97 -18.87 -38.16
CA TYR P 166 1.23 -18.81 -36.89
C TYR P 166 -0.08 -18.03 -37.05
N GLN P 167 -0.39 -17.58 -38.26
CA GLN P 167 -1.63 -16.85 -38.46
C GLN P 167 -2.71 -17.80 -38.95
N ALA P 168 -2.38 -19.09 -39.00
CA ALA P 168 -3.25 -20.10 -39.59
C ALA P 168 -4.57 -20.30 -38.84
N ASN P 169 -5.65 -20.50 -39.60
CA ASN P 169 -6.92 -20.96 -39.05
C ASN P 169 -6.77 -22.25 -38.27
N ARG P 170 -5.93 -23.15 -38.80
CA ARG P 170 -5.70 -24.44 -38.18
C ARG P 170 -4.24 -24.87 -38.32
N LEU P 171 -3.68 -25.39 -37.22
CA LEU P 171 -2.31 -25.88 -37.23
C LEU P 171 -2.29 -27.39 -37.16
N ILE P 172 -1.48 -28.00 -38.03
CA ILE P 172 -1.30 -29.44 -38.04
C ILE P 172 0.19 -29.72 -37.89
N ALA P 173 0.55 -30.63 -37.00
CA ALA P 173 1.96 -30.95 -36.79
C ALA P 173 2.22 -32.43 -37.06
N LEU P 174 3.31 -32.73 -37.74
CA LEU P 174 3.73 -34.12 -37.84
C LEU P 174 4.24 -34.53 -36.46
N HIS P 175 3.81 -35.70 -36.01
CA HIS P 175 4.20 -36.14 -34.69
C HIS P 175 5.57 -36.78 -34.75
N ASP P 176 6.58 -35.96 -34.62
CA ASP P 176 7.97 -36.36 -34.85
C ASP P 176 8.91 -35.55 -33.95
N PRO P 177 9.97 -36.19 -33.43
CA PRO P 177 10.94 -35.54 -32.52
C PRO P 177 11.66 -34.35 -33.13
N GLY P 178 11.71 -34.28 -34.46
CA GLY P 178 12.29 -33.14 -35.14
C GLY P 178 11.33 -31.97 -35.28
N VAL P 179 10.05 -32.19 -35.00
CA VAL P 179 9.09 -31.10 -35.05
C VAL P 179 9.08 -30.36 -33.71
N MET P 180 9.46 -29.09 -33.74
CA MET P 180 9.62 -28.31 -32.52
C MET P 180 9.08 -26.88 -32.67
N VAL P 181 8.26 -26.49 -31.72
CA VAL P 181 7.77 -25.13 -31.63
C VAL P 181 8.30 -24.48 -30.36
N HIS P 182 8.97 -23.34 -30.49
CA HIS P 182 9.50 -22.65 -29.32
C HIS P 182 9.87 -21.19 -29.64
N ALA P 183 10.36 -20.47 -28.63
CA ALA P 183 10.66 -19.06 -28.79
C ALA P 183 12.15 -18.86 -28.98
N MET P 184 12.95 -19.84 -28.55
CA MET P 184 14.39 -19.78 -28.79
C MET P 184 14.96 -21.19 -28.79
N GLY P 185 16.06 -21.40 -29.50
CA GLY P 185 16.66 -22.71 -29.60
C GLY P 185 17.15 -23.22 -28.27
N LYS P 186 17.26 -24.55 -28.16
CA LYS P 186 17.72 -25.19 -26.92
C LYS P 186 19.06 -24.62 -26.44
N ALA P 187 20.02 -24.47 -27.36
CA ALA P 187 21.35 -23.98 -27.04
C ALA P 187 21.35 -22.62 -26.34
N ALA P 188 20.58 -21.68 -26.90
CA ALA P 188 20.47 -20.34 -26.31
C ALA P 188 19.74 -20.39 -24.98
N ALA P 189 18.71 -21.21 -24.89
CA ALA P 189 17.98 -21.35 -23.63
C ALA P 189 18.88 -21.93 -22.55
N ALA P 190 19.56 -23.03 -22.88
CA ALA P 190 20.45 -23.71 -21.94
C ALA P 190 21.63 -22.84 -21.51
N ARG P 191 22.05 -21.92 -22.38
CA ARG P 191 23.18 -21.04 -22.12
C ARG P 191 22.78 -19.86 -21.21
N ILE P 192 21.54 -19.41 -21.33
CA ILE P 192 21.03 -18.34 -20.46
C ILE P 192 20.49 -18.97 -19.17
N THR P 193 20.92 -20.20 -18.90
CA THR P 193 20.55 -20.94 -17.70
C THR P 193 21.69 -21.90 -17.32
N GLU P 201 18.98 -29.80 -17.81
CA GLU P 201 19.00 -29.54 -19.25
C GLU P 201 17.57 -29.29 -19.78
N ALA P 202 16.89 -30.37 -20.18
CA ALA P 202 15.47 -30.30 -20.47
C ALA P 202 14.67 -30.28 -19.16
N LEU P 203 15.07 -29.36 -18.28
CA LEU P 203 14.33 -28.94 -17.09
C LEU P 203 12.87 -28.67 -17.42
N ALA P 204 12.69 -28.08 -18.61
CA ALA P 204 11.42 -27.57 -19.08
C ALA P 204 10.34 -28.63 -19.28
N ALA P 205 10.58 -29.84 -18.79
CA ALA P 205 9.70 -30.95 -19.11
C ALA P 205 8.51 -31.03 -18.17
N LYS P 206 8.49 -30.20 -17.13
CA LYS P 206 7.30 -30.15 -16.28
C LYS P 206 6.74 -28.72 -16.25
N VAL P 207 7.27 -27.87 -17.11
CA VAL P 207 6.58 -26.63 -17.42
C VAL P 207 6.24 -26.68 -18.89
N PRO P 208 5.00 -27.11 -19.21
CA PRO P 208 4.58 -27.36 -20.60
C PRO P 208 4.83 -26.18 -21.56
N PRO P 209 4.61 -24.92 -21.15
CA PRO P 209 4.96 -23.89 -22.15
C PRO P 209 6.46 -23.75 -22.40
N MET P 210 7.29 -24.42 -21.63
CA MET P 210 8.73 -24.30 -21.79
C MET P 210 9.32 -25.48 -22.55
N ALA P 211 8.54 -26.54 -22.68
CA ALA P 211 9.08 -27.75 -23.31
C ALA P 211 9.22 -27.58 -24.82
N TYR P 212 10.07 -28.41 -25.42
CA TYR P 212 10.34 -28.29 -26.84
C TYR P 212 9.57 -29.30 -27.66
N ASP P 213 9.06 -30.33 -27.00
CA ASP P 213 8.47 -31.46 -27.69
C ASP P 213 7.03 -31.16 -28.09
N ILE P 214 6.58 -31.82 -29.16
CA ILE P 214 5.30 -31.52 -29.78
C ILE P 214 4.09 -31.99 -28.95
N ASP P 215 4.27 -33.02 -28.15
CA ASP P 215 3.22 -33.41 -27.21
C ASP P 215 2.94 -32.30 -26.22
N SER P 216 3.99 -31.61 -25.77
CA SER P 216 3.80 -30.54 -24.80
C SER P 216 3.09 -29.37 -25.47
N TYR P 217 3.57 -29.02 -26.66
CA TYR P 217 2.94 -27.95 -27.43
C TYR P 217 1.47 -28.29 -27.65
N ALA P 218 1.19 -29.56 -27.98
CA ALA P 218 -0.19 -30.00 -28.21
C ALA P 218 -1.07 -29.82 -26.97
N SER P 219 -0.48 -29.97 -25.78
CA SER P 219 -1.23 -29.85 -24.52
C SER P 219 -1.65 -28.40 -24.23
N LEU P 220 -1.10 -27.45 -24.98
CA LEU P 220 -1.48 -26.05 -24.89
C LEU P 220 -2.72 -25.78 -25.71
N GLY P 221 -3.20 -26.81 -26.42
CA GLY P 221 -4.41 -26.70 -27.23
C GLY P 221 -4.29 -25.84 -28.49
N LEU P 222 -3.08 -25.71 -29.01
CA LEU P 222 -2.83 -24.84 -30.15
C LEU P 222 -2.91 -25.55 -31.51
N LEU P 223 -2.81 -26.88 -31.49
CA LEU P 223 -2.89 -27.68 -32.72
C LEU P 223 -4.27 -28.31 -32.94
N TRP P 224 -4.74 -28.28 -34.18
CA TRP P 224 -5.96 -28.96 -34.57
C TRP P 224 -5.77 -30.49 -34.65
N ARG P 225 -4.59 -30.93 -35.09
CA ARG P 225 -4.29 -32.35 -35.20
C ARG P 225 -2.79 -32.61 -35.24
N THR P 226 -2.37 -33.75 -34.70
CA THR P 226 -1.01 -34.25 -34.89
C THR P 226 -1.02 -35.52 -35.72
N LEU P 227 0.00 -35.70 -36.56
CA LEU P 227 0.00 -36.77 -37.53
C LEU P 227 1.30 -37.53 -37.48
N PRO P 228 1.29 -38.74 -36.91
CA PRO P 228 2.60 -39.41 -37.01
C PRO P 228 2.79 -39.93 -38.42
N VAL P 229 4.05 -40.09 -38.86
CA VAL P 229 4.33 -40.57 -40.21
C VAL P 229 5.37 -41.69 -40.25
N GLU P 230 5.39 -42.38 -41.38
CA GLU P 230 6.33 -43.47 -41.61
C GLU P 230 7.74 -42.90 -41.77
N THR P 231 7.95 -42.12 -42.83
CA THR P 231 9.27 -41.54 -43.09
C THR P 231 9.23 -40.02 -43.24
N VAL P 232 9.52 -39.32 -42.15
CA VAL P 232 9.39 -37.86 -42.09
C VAL P 232 10.25 -37.11 -43.09
N GLU P 233 11.45 -37.61 -43.37
CA GLU P 233 12.39 -36.87 -44.18
C GLU P 233 12.01 -36.90 -45.66
N VAL P 234 11.49 -38.05 -46.12
CA VAL P 234 10.92 -38.15 -47.45
C VAL P 234 9.63 -38.97 -47.34
N PRO P 235 8.48 -38.26 -47.28
CA PRO P 235 7.18 -38.88 -47.01
C PRO P 235 6.86 -40.02 -47.97
N SER P 236 6.41 -41.14 -47.40
CA SER P 236 6.01 -42.30 -48.17
C SER P 236 4.74 -42.00 -48.96
N THR P 237 4.27 -43.01 -49.69
CA THR P 237 3.01 -42.89 -50.44
C THR P 237 1.83 -42.96 -49.46
N ALA P 238 1.94 -43.83 -48.46
CA ALA P 238 0.95 -43.90 -47.39
C ALA P 238 0.88 -42.59 -46.59
N ASP P 239 2.05 -42.00 -46.30
CA ASP P 239 2.14 -40.74 -45.57
C ASP P 239 1.43 -39.62 -46.28
N LEU P 240 1.70 -39.51 -47.57
CA LEU P 240 1.19 -38.39 -48.35
C LEU P 240 -0.31 -38.45 -48.45
N VAL P 241 -0.83 -39.68 -48.51
CA VAL P 241 -2.27 -39.92 -48.54
C VAL P 241 -2.90 -39.51 -47.21
N ARG P 242 -2.22 -39.79 -46.11
CA ARG P 242 -2.75 -39.41 -44.80
C ARG P 242 -2.69 -37.90 -44.62
N VAL P 243 -1.59 -37.28 -45.03
CA VAL P 243 -1.43 -35.85 -44.87
C VAL P 243 -2.43 -35.07 -45.77
N ARG P 244 -2.60 -35.51 -47.00
CA ARG P 244 -3.58 -34.88 -47.88
C ARG P 244 -4.99 -35.01 -47.37
N THR P 245 -5.29 -36.19 -46.85
CA THR P 245 -6.59 -36.42 -46.25
C THR P 245 -6.79 -35.48 -45.05
N CYS P 246 -5.76 -35.32 -44.23
CA CYS P 246 -5.84 -34.44 -43.09
C CYS P 246 -6.01 -32.97 -43.53
N LEU P 247 -5.28 -32.56 -44.56
CA LEU P 247 -5.39 -31.19 -45.05
C LEU P 247 -6.79 -30.91 -45.60
N GLY P 248 -7.34 -31.90 -46.31
CA GLY P 248 -8.70 -31.80 -46.81
C GLY P 248 -9.71 -31.62 -45.69
N GLU P 249 -9.53 -32.36 -44.59
CA GLU P 249 -10.45 -32.26 -43.47
C GLU P 249 -10.31 -30.93 -42.72
N ALA P 250 -9.08 -30.40 -42.63
CA ALA P 250 -8.88 -29.09 -42.01
C ALA P 250 -9.56 -28.02 -42.85
N LEU P 251 -9.44 -28.15 -44.17
CA LEU P 251 -10.05 -27.21 -45.09
C LEU P 251 -11.55 -27.15 -44.89
N ALA P 252 -12.16 -28.33 -44.83
CA ALA P 252 -13.61 -28.43 -44.64
C ALA P 252 -14.02 -27.91 -43.27
N ASP P 253 -13.14 -28.09 -42.28
CA ASP P 253 -13.46 -27.66 -40.91
C ASP P 253 -13.45 -26.14 -40.81
N ILE P 254 -12.69 -25.50 -41.69
CA ILE P 254 -12.51 -24.05 -41.68
C ILE P 254 -13.65 -23.32 -42.40
N LEU P 255 -14.01 -23.81 -43.57
CA LEU P 255 -14.99 -23.14 -44.44
C LEU P 255 -16.33 -22.95 -43.76
N GLY P 256 -16.89 -21.74 -43.87
CA GLY P 256 -18.20 -21.46 -43.30
C GLY P 256 -18.22 -21.11 -41.82
N GLY P 257 -17.07 -21.20 -41.15
CA GLY P 257 -17.03 -20.94 -39.72
C GLY P 257 -16.34 -19.64 -39.36
N PRO P 258 -16.19 -19.34 -38.06
CA PRO P 258 -15.45 -18.15 -37.62
C PRO P 258 -14.06 -18.10 -38.24
N ARG P 259 -13.63 -16.91 -38.63
CA ARG P 259 -12.35 -16.78 -39.29
C ARG P 259 -11.24 -16.36 -38.32
N ASP P 260 -11.57 -16.22 -37.03
CA ASP P 260 -10.57 -15.79 -36.06
C ASP P 260 -9.77 -16.97 -35.52
N LEU P 261 -9.01 -16.71 -34.48
CA LEU P 261 -8.11 -17.70 -33.93
C LEU P 261 -8.64 -18.24 -32.60
N GLY P 262 -9.93 -18.04 -32.36
CA GLY P 262 -10.56 -18.42 -31.11
C GLY P 262 -10.51 -19.91 -30.79
N GLY P 263 -10.28 -20.73 -31.82
CA GLY P 263 -10.15 -22.17 -31.62
C GLY P 263 -8.88 -22.56 -30.86
N ARG P 264 -7.98 -21.61 -30.64
CA ARG P 264 -6.74 -21.93 -29.93
C ARG P 264 -6.89 -21.88 -28.41
N LEU P 265 -8.08 -21.55 -27.94
CA LEU P 265 -8.33 -21.33 -26.52
C LEU P 265 -9.07 -22.44 -25.74
N GLY P 266 -8.99 -23.69 -26.18
CA GLY P 266 -9.76 -24.72 -25.50
C GLY P 266 -9.09 -25.53 -24.39
N ALA P 267 -7.76 -25.46 -24.27
CA ALA P 267 -7.06 -26.37 -23.37
C ALA P 267 -6.96 -25.86 -21.93
N ALA P 268 -6.80 -26.80 -21.00
CA ALA P 268 -6.74 -26.48 -19.59
C ALA P 268 -5.45 -25.71 -19.29
N ASN P 269 -4.40 -25.97 -20.06
CA ASN P 269 -3.18 -25.20 -19.92
C ASN P 269 -3.30 -23.76 -20.45
N ARG P 270 -4.37 -23.44 -21.17
CA ARG P 270 -4.59 -22.06 -21.59
C ARG P 270 -5.82 -21.47 -20.90
N GLU P 271 -6.18 -22.09 -19.78
CA GLU P 271 -7.23 -21.60 -18.89
C GLU P 271 -7.17 -20.07 -18.70
N ALA P 272 -5.99 -19.59 -18.28
CA ALA P 272 -5.82 -18.18 -17.96
C ALA P 272 -6.08 -17.28 -19.17
N SER P 273 -5.64 -17.73 -20.35
CA SER P 273 -5.85 -17.01 -21.60
C SER P 273 -7.31 -16.77 -21.88
N ALA P 274 -8.14 -17.79 -21.66
CA ALA P 274 -9.57 -17.64 -21.87
C ALA P 274 -10.21 -16.83 -20.73
N ARG P 275 -9.72 -17.02 -19.50
CA ARG P 275 -10.25 -16.27 -18.35
C ARG P 275 -9.97 -14.78 -18.47
N VAL P 276 -8.74 -14.40 -18.82
CA VAL P 276 -8.45 -13.00 -19.10
C VAL P 276 -9.48 -12.38 -20.05
N ARG P 277 -9.74 -13.07 -21.16
CA ARG P 277 -10.66 -12.55 -22.18
C ARG P 277 -12.09 -12.45 -21.65
N ARG P 278 -12.47 -13.43 -20.84
CA ARG P 278 -13.76 -13.37 -20.20
C ARG P 278 -13.85 -12.15 -19.24
N LEU P 279 -12.83 -11.95 -18.43
CA LEU P 279 -12.86 -10.86 -17.47
C LEU P 279 -12.83 -9.51 -18.17
N LEU P 280 -12.08 -9.44 -19.26
CA LEU P 280 -12.02 -8.24 -20.07
C LEU P 280 -13.38 -7.80 -20.60
N ARG P 281 -14.17 -8.75 -21.08
CA ARG P 281 -15.48 -8.38 -21.61
C ARG P 281 -16.45 -8.01 -20.49
N GLU P 282 -16.34 -8.66 -19.33
CA GLU P 282 -17.20 -8.28 -18.21
C GLU P 282 -17.00 -6.81 -17.84
N GLN P 283 -15.74 -6.37 -17.82
CA GLN P 283 -15.39 -5.03 -17.34
C GLN P 283 -15.28 -3.99 -18.46
N TRP P 284 -15.59 -4.38 -19.69
CA TRP P 284 -15.30 -3.54 -20.84
C TRP P 284 -16.19 -2.31 -20.93
#